data_8SW3
#
_entry.id   8SW3
#
loop_
_entity.id
_entity.type
_entity.pdbx_description
1 polymer 'BG505 GT1.1 SOSIP gp120'
2 polymer 'RM20A3 heavy chain variable region'
3 polymer 'RM20A3 light chain variable region'
4 polymer 'Envelope glycoprotein gp41'
5 polymer '12C11 heavy chain variable region'
6 polymer '12C11 light chain variable region'
7 branched 2-acetamido-2-deoxy-beta-D-glucopyranose-(1-4)-2-acetamido-2-deoxy-beta-D-glucopyranose
8 branched alpha-D-mannopyranose-(1-3)-beta-D-mannopyranose-(1-4)-2-acetamido-2-deoxy-beta-D-glucopyranose-(1-4)-2-acetamido-2-deoxy-beta-D-glucopyranose
9 non-polymer 2-acetamido-2-deoxy-beta-D-glucopyranose
#
loop_
_entity_poly.entity_id
_entity_poly.type
_entity_poly.pdbx_seq_one_letter_code
_entity_poly.pdbx_strand_id
1 'polypeptide(L)'
;MDAMKRGLCCVLLLCGAVFVSPSQEIHARFRRGARAENLWVTVYYGVPVWKDAETTLFCASDAKAYETKKHNVWATHACV
PTDPNPQEIHLENVTEEFNMWKNNMVEQMHTDIISLWDQSLKPCVKLTPLCVTLQCTNVTNNITDDMRGELKNCSFNMTT
ELRDKRQKVHALFYKLDIVPINENQNTSYRLINCNTAAITQACPKVSFEPIPIHYCAPAGFAILKCKDKKFNGTGPCPSV
STVQCTHGIKPVVSTQLLLNGSLAEEEVMIRSKDIRNNAKNILVQFNTPVQINCTRPNNNTRKSIRIGPGQWFYATGDII
GDIRQAHCNVSKATWNETLGKVVKQLRKHFGNNTIIRFANSSGGDLEVTTHSFNCGGEFFYCDTSGLFNSTWISNTSVQG
SNSTGSNDSITLPCRIKQIINMWQRIGQAMYAPPIQGVIRCVSNITGLILTRDGGSTDSTTETFRPSGGDMRDNWRSELY
KYKVVKIEPLGVAPTRCKRRVVGRRRRRR
;
A,C,D
2 'polypeptide(L)'
;EVQLVETGGGLVQPGGSLKLSCRASGYTFSSFAMSWVRQAPGKGLEWVSLINDRGGLTFYVDSVKGRFTISRDNSKNTLS
LQMHSLRDGDTAVYYCATGGMSSALQSSKYYFDFWGQGALVTVSS
;
G,J,K
3 'polypeptide(L)'
;QSALTQPPSVSGSPGQSVTISCTGTSSDIGSYNYVSWYQQHPGKAPKLMIYDVTQRPSGVSDRFSGSKSGNTASLTISGL
QADDEADYYCSAYAGRQTFYIFGGGTRLTVL
;
I,O,P
4 'polypeptide(L)'
;AVGIGAVFLGFLGAAGSTMGAASMTLTVQARNLLSGIVQQQSNLLRAPEAQQHLLKLTVWGIKQLQARVLAVERYLRDQQ
LLGIWGCSGKLICCTNVPWNSSWSNRNLSEIWDNMTWLQWDKEISNYTQIIYGLLEESQNQQEKNEQDLLALD
;
B,E,F
5 'polypeptide(L)'
;QVQLQESGPGLVKPSETLSLTCAVSGNPVTAGFDWTWIRQSPGKGLEWIGHIYGASGSTNYNPSLESRVTISRDASRNQF
SLKLTTVTAADTAVYYCARRGGDHRYSRMLTFTFTNFDFWGQGVLVTVSS
;
H,M,N
6 'polypeptide(L)'
;QSVLTQPPSVSEAARKSVSISCSGSDSNIGSNSVSWFQQFPGTAPKLLIHFNNQRASGVSDRFSGSKSGTSASLAISGLQ
TDDEADYYCAAWDDSLTAAVFGTGTRLTVL
;
L,Q,R
#
loop_
_chem_comp.id
_chem_comp.type
_chem_comp.name
_chem_comp.formula
BMA D-saccharide, beta linking beta-D-mannopyranose 'C6 H12 O6'
MAN D-saccharide, alpha linking alpha-D-mannopyranose 'C6 H12 O6'
NAG D-saccharide, beta linking 2-acetamido-2-deoxy-beta-D-glucopyranose 'C8 H15 N O6'
#
# COMPACT_ATOMS: atom_id res chain seq x y z
N ASN A 38 19.78 42.94 9.05
CA ASN A 38 18.47 43.59 9.09
C ASN A 38 17.39 42.50 9.10
N LEU A 39 17.13 41.88 7.95
CA LEU A 39 16.11 40.84 7.82
C LEU A 39 16.78 39.48 7.65
N TRP A 40 16.12 38.47 8.20
CA TRP A 40 16.59 37.09 8.23
C TRP A 40 15.50 36.18 7.69
N VAL A 41 15.92 35.04 7.13
CA VAL A 41 14.97 34.06 6.61
C VAL A 41 14.29 33.36 7.78
N THR A 42 12.96 33.34 7.77
CA THR A 42 12.17 32.62 8.76
C THR A 42 11.25 31.68 8.00
N VAL A 43 11.17 30.43 8.46
CA VAL A 43 10.31 29.43 7.84
C VAL A 43 9.04 29.21 8.64
N TYR A 44 7.94 29.16 7.91
CA TYR A 44 6.60 28.94 8.44
C TYR A 44 6.10 27.64 7.84
N TYR A 45 5.69 26.70 8.69
CA TYR A 45 5.15 25.43 8.24
C TYR A 45 3.68 25.43 8.63
N GLY A 46 2.83 25.19 7.65
CA GLY A 46 1.39 25.26 7.81
C GLY A 46 0.84 26.46 7.07
N VAL A 47 1.57 26.97 6.10
CA VAL A 47 1.23 28.14 5.28
C VAL A 47 0.03 27.84 4.37
N PRO A 48 -1.03 28.71 4.34
CA PRO A 48 -2.21 28.44 3.50
C PRO A 48 -1.98 28.75 2.02
N VAL A 49 -1.07 27.98 1.41
CA VAL A 49 -0.66 28.13 0.02
C VAL A 49 -0.85 26.80 -0.68
N TRP A 50 -1.24 26.88 -1.95
CA TRP A 50 -1.46 25.69 -2.75
C TRP A 50 -1.10 25.94 -4.20
N LYS A 51 -0.95 24.84 -4.93
CA LYS A 51 -0.68 24.83 -6.36
C LYS A 51 -1.67 23.91 -7.04
N ASP A 52 -1.95 24.17 -8.32
CA ASP A 52 -2.81 23.28 -9.07
C ASP A 52 -2.20 21.88 -9.09
N ALA A 53 -3.02 20.86 -8.88
CA ALA A 53 -2.49 19.50 -8.89
C ALA A 53 -3.57 18.51 -9.29
N GLU A 54 -3.11 17.38 -9.83
CA GLU A 54 -3.96 16.27 -10.25
C GLU A 54 -3.60 15.09 -9.37
N THR A 55 -4.56 14.60 -8.58
CA THR A 55 -4.35 13.46 -7.71
C THR A 55 -5.54 12.53 -7.82
N THR A 56 -5.49 11.43 -7.07
CA THR A 56 -6.57 10.46 -7.02
C THR A 56 -7.47 10.81 -5.84
N LEU A 57 -8.73 11.08 -6.12
CA LEU A 57 -9.71 11.40 -5.08
C LEU A 57 -10.39 10.11 -4.68
N PHE A 58 -10.85 10.02 -3.43
CA PHE A 58 -11.59 8.84 -3.00
C PHE A 58 -13.07 9.19 -3.03
N CYS A 59 -13.90 8.16 -3.14
CA CYS A 59 -15.34 8.37 -3.18
C CYS A 59 -15.99 8.07 -1.84
N ALA A 60 -17.09 8.78 -1.58
CA ALA A 60 -17.90 8.58 -0.39
C ALA A 60 -19.36 8.53 -0.81
N SER A 61 -20.16 7.85 0.01
CA SER A 61 -21.59 7.68 -0.27
C SER A 61 -22.35 7.70 1.04
N ASP A 62 -23.66 7.91 0.94
CA ASP A 62 -24.54 7.89 2.10
C ASP A 62 -25.16 6.50 2.21
N HIS A 71 -26.10 -3.99 -4.23
CA HIS A 71 -27.08 -4.30 -5.26
C HIS A 71 -27.34 -3.08 -6.13
N ASN A 72 -26.24 -2.46 -6.56
CA ASN A 72 -26.26 -1.31 -7.44
C ASN A 72 -25.06 -1.43 -8.37
N VAL A 73 -25.24 -1.07 -9.65
CA VAL A 73 -24.16 -1.22 -10.62
C VAL A 73 -22.96 -0.38 -10.21
N TRP A 74 -23.18 0.72 -9.49
CA TRP A 74 -22.10 1.52 -8.94
C TRP A 74 -21.88 1.01 -7.53
N ALA A 75 -20.62 0.74 -7.16
CA ALA A 75 -20.33 0.13 -5.87
C ALA A 75 -20.36 1.17 -4.75
N THR A 76 -21.57 1.49 -4.31
CA THR A 76 -21.72 2.47 -3.23
C THR A 76 -21.25 1.92 -1.90
N HIS A 77 -21.06 0.60 -1.79
CA HIS A 77 -20.51 -0.02 -0.58
C HIS A 77 -18.99 -0.01 -0.56
N ALA A 78 -18.34 0.25 -1.70
CA ALA A 78 -16.88 0.38 -1.72
C ALA A 78 -16.45 1.76 -1.23
N CYS A 79 -17.29 2.76 -1.46
CA CYS A 79 -17.00 4.12 -1.04
C CYS A 79 -17.13 4.22 0.48
N VAL A 80 -16.37 5.15 1.07
CA VAL A 80 -16.34 5.38 2.51
C VAL A 80 -17.59 6.15 2.94
N PRO A 81 -18.18 5.87 4.11
CA PRO A 81 -19.32 6.68 4.57
C PRO A 81 -18.97 8.16 4.66
N THR A 82 -19.94 9.00 4.28
CA THR A 82 -19.78 10.44 4.32
C THR A 82 -19.89 10.99 5.74
N ASP A 83 -19.41 12.21 5.90
CA ASP A 83 -19.55 12.95 7.14
C ASP A 83 -20.99 13.46 7.23
N PRO A 84 -21.77 13.09 8.26
CA PRO A 84 -23.15 13.58 8.35
C PRO A 84 -23.30 15.09 8.30
N ASN A 85 -22.26 15.85 8.64
CA ASN A 85 -22.30 17.31 8.65
C ASN A 85 -21.05 17.86 7.95
N PRO A 86 -20.99 17.76 6.62
CA PRO A 86 -19.77 18.17 5.89
C PRO A 86 -19.45 19.62 6.13
N GLN A 87 -18.16 19.94 6.17
CA GLN A 87 -17.70 21.30 6.37
C GLN A 87 -17.41 22.00 5.04
N GLU A 88 -17.70 23.29 5.03
CA GLU A 88 -17.39 24.20 3.93
C GLU A 88 -16.85 25.46 4.58
N ILE A 89 -15.66 25.88 4.17
CA ILE A 89 -15.00 27.04 4.75
C ILE A 89 -14.82 28.09 3.67
N HIS A 90 -15.48 29.23 3.83
CA HIS A 90 -15.36 30.28 2.83
C HIS A 90 -13.97 30.88 2.90
N LEU A 91 -13.33 31.01 1.73
CA LEU A 91 -11.98 31.57 1.65
C LEU A 91 -12.11 33.05 1.30
N GLU A 92 -12.34 33.86 2.34
CA GLU A 92 -12.60 35.28 2.13
C GLU A 92 -11.39 35.96 1.50
N ASN A 93 -11.64 36.82 0.51
CA ASN A 93 -10.64 37.59 -0.22
C ASN A 93 -9.72 36.72 -1.05
N VAL A 94 -10.07 35.47 -1.30
CA VAL A 94 -9.31 34.60 -2.19
C VAL A 94 -9.97 34.58 -3.56
N THR A 95 -9.18 34.88 -4.60
CA THR A 95 -9.62 34.79 -5.99
C THR A 95 -8.84 33.64 -6.60
N GLU A 96 -9.54 32.71 -7.25
CA GLU A 96 -8.92 31.51 -7.80
C GLU A 96 -9.36 31.34 -9.24
N GLU A 97 -8.41 31.02 -10.12
CA GLU A 97 -8.73 30.78 -11.52
C GLU A 97 -9.10 29.32 -11.72
N PHE A 98 -10.30 29.11 -12.26
CA PHE A 98 -10.87 27.79 -12.51
C PHE A 98 -10.91 27.53 -14.00
N ASN A 99 -10.88 26.25 -14.38
CA ASN A 99 -11.03 25.87 -15.79
C ASN A 99 -11.73 24.51 -15.85
N MET A 100 -13.03 24.52 -16.13
CA MET A 100 -13.78 23.26 -16.13
C MET A 100 -13.39 22.34 -17.28
N TRP A 101 -12.69 22.87 -18.29
CA TRP A 101 -12.33 22.10 -19.47
C TRP A 101 -10.98 21.41 -19.35
N LYS A 102 -10.25 21.68 -18.25
CA LYS A 102 -8.95 21.09 -17.95
C LYS A 102 -9.07 20.76 -16.47
N ASN A 103 -9.85 19.71 -16.18
CA ASN A 103 -10.25 19.35 -14.82
C ASN A 103 -10.12 17.84 -14.67
N ASN A 104 -9.13 17.41 -13.90
CA ASN A 104 -8.85 15.98 -13.77
C ASN A 104 -9.93 15.24 -12.99
N MET A 105 -10.87 15.97 -12.37
CA MET A 105 -11.93 15.31 -11.62
C MET A 105 -12.91 14.66 -12.58
N VAL A 106 -13.03 15.19 -13.80
CA VAL A 106 -13.97 14.66 -14.76
C VAL A 106 -13.39 13.39 -15.37
N GLU A 107 -12.10 13.42 -15.71
CA GLU A 107 -11.46 12.24 -16.27
C GLU A 107 -11.42 11.12 -15.22
N GLN A 108 -11.18 11.48 -13.95
CA GLN A 108 -11.22 10.44 -12.93
C GLN A 108 -12.61 9.87 -12.78
N MET A 109 -13.64 10.73 -12.77
CA MET A 109 -14.99 10.20 -12.63
C MET A 109 -15.32 9.28 -13.80
N HIS A 110 -14.89 9.66 -15.00
CA HIS A 110 -15.15 8.83 -16.18
C HIS A 110 -14.52 7.46 -16.00
N THR A 111 -13.25 7.43 -15.61
CA THR A 111 -12.53 6.17 -15.43
C THR A 111 -13.18 5.33 -14.32
N ASP A 112 -13.56 5.98 -13.21
CA ASP A 112 -14.13 5.25 -12.08
C ASP A 112 -15.51 4.69 -12.43
N ILE A 113 -16.31 5.44 -13.18
CA ILE A 113 -17.62 4.94 -13.57
C ILE A 113 -17.48 3.75 -14.52
N ILE A 114 -16.54 3.83 -15.47
CA ILE A 114 -16.36 2.68 -16.37
C ILE A 114 -15.89 1.46 -15.57
N SER A 115 -14.95 1.69 -14.66
CA SER A 115 -14.43 0.56 -13.84
C SER A 115 -15.56 -0.07 -13.03
N LEU A 116 -16.39 0.75 -12.38
CA LEU A 116 -17.45 0.22 -11.50
C LEU A 116 -18.45 -0.60 -12.32
N TRP A 117 -18.81 -0.13 -13.51
CA TRP A 117 -19.76 -0.85 -14.38
C TRP A 117 -19.17 -2.20 -14.77
N ASP A 118 -17.89 -2.22 -15.12
CA ASP A 118 -17.21 -3.48 -15.50
C ASP A 118 -17.18 -4.42 -14.29
N GLN A 119 -16.93 -3.88 -13.10
CA GLN A 119 -16.85 -4.70 -11.86
C GLN A 119 -18.21 -5.37 -11.61
N SER A 120 -19.30 -4.63 -11.82
CA SER A 120 -20.66 -5.17 -11.60
C SER A 120 -20.96 -6.31 -12.58
N LEU A 121 -20.52 -6.17 -13.82
CA LEU A 121 -20.86 -7.17 -14.86
C LEU A 121 -19.97 -8.42 -14.77
N LYS A 122 -18.78 -8.32 -14.21
CA LYS A 122 -17.87 -9.46 -14.21
C LYS A 122 -18.47 -10.73 -13.60
N PRO A 123 -19.16 -10.70 -12.45
CA PRO A 123 -19.73 -11.93 -11.89
C PRO A 123 -21.10 -12.32 -12.44
N CYS A 124 -21.62 -11.65 -13.45
CA CYS A 124 -22.98 -11.92 -13.92
C CYS A 124 -22.97 -12.96 -15.03
N VAL A 125 -24.14 -13.54 -15.28
CA VAL A 125 -24.27 -14.63 -16.25
C VAL A 125 -23.88 -14.18 -17.65
N LYS A 126 -22.99 -14.95 -18.27
CA LYS A 126 -22.54 -14.70 -19.63
C LYS A 126 -23.53 -15.37 -20.58
N LEU A 127 -23.82 -14.70 -21.69
CA LEU A 127 -24.82 -15.18 -22.65
C LEU A 127 -24.18 -15.74 -23.91
N THR A 128 -23.04 -16.41 -23.74
CA THR A 128 -22.37 -17.13 -24.83
C THR A 128 -23.32 -18.05 -25.61
N PRO A 129 -24.13 -18.90 -24.97
CA PRO A 129 -25.02 -19.80 -25.74
C PRO A 129 -26.09 -19.10 -26.58
N LEU A 130 -26.26 -17.79 -26.47
CA LEU A 130 -27.28 -17.10 -27.25
C LEU A 130 -26.89 -16.82 -28.70
N CYS A 131 -25.61 -16.88 -29.06
CA CYS A 131 -25.24 -16.65 -30.46
C CYS A 131 -25.47 -17.94 -31.23
N VAL A 132 -26.74 -18.13 -31.57
CA VAL A 132 -27.26 -19.23 -32.36
C VAL A 132 -28.16 -18.60 -33.40
N THR A 133 -28.50 -19.36 -34.44
CA THR A 133 -29.45 -18.87 -35.43
C THR A 133 -30.81 -18.77 -34.77
N LEU A 134 -31.47 -17.63 -34.97
CA LEU A 134 -32.82 -17.39 -34.46
C LEU A 134 -33.82 -17.53 -35.58
N GLN A 135 -34.99 -18.09 -35.28
CA GLN A 135 -36.11 -18.21 -36.21
C GLN A 135 -37.17 -17.23 -35.76
N CYS A 136 -37.19 -16.04 -36.36
CA CYS A 136 -37.99 -14.91 -35.88
C CYS A 136 -39.18 -14.68 -36.79
N THR A 137 -40.37 -14.65 -36.20
CA THR A 137 -41.61 -14.38 -36.90
C THR A 137 -42.29 -13.15 -36.30
N ASN A 138 -43.37 -12.71 -36.92
CA ASN A 138 -44.10 -11.56 -36.42
C ASN A 138 -44.83 -11.90 -35.13
N VAL A 139 -44.81 -10.93 -34.20
CA VAL A 139 -45.53 -11.05 -32.94
C VAL A 139 -47.04 -11.02 -33.25
N THR A 140 -47.78 -11.94 -32.64
CA THR A 140 -49.21 -12.13 -32.92
C THR A 140 -50.14 -11.27 -32.09
N ASN A 141 -49.62 -10.39 -31.23
CA ASN A 141 -50.46 -9.55 -30.40
C ASN A 141 -50.94 -8.34 -31.22
N ASN A 142 -51.74 -7.48 -30.60
CA ASN A 142 -52.27 -6.30 -31.28
C ASN A 142 -51.22 -5.21 -31.16
N ILE A 143 -50.58 -4.88 -32.28
CA ILE A 143 -49.47 -3.93 -32.32
C ILE A 143 -49.91 -2.66 -33.03
N THR A 144 -49.71 -1.53 -32.37
CA THR A 144 -50.03 -0.24 -32.98
C THR A 144 -49.12 -0.02 -34.17
N ASP A 145 -49.60 0.74 -35.16
CA ASP A 145 -48.81 0.98 -36.37
C ASP A 145 -47.44 1.56 -36.03
N ASP A 146 -47.34 2.37 -34.97
CA ASP A 146 -46.08 2.97 -34.59
C ASP A 146 -45.01 1.93 -34.29
N MET A 147 -45.40 0.73 -33.86
CA MET A 147 -44.46 -0.35 -33.54
C MET A 147 -44.59 -1.56 -34.47
N ARG A 148 -45.16 -1.43 -35.66
CA ARG A 148 -45.27 -2.60 -36.50
C ARG A 148 -43.87 -2.99 -36.95
N GLY A 149 -43.46 -4.22 -36.63
CA GLY A 149 -42.14 -4.72 -36.95
C GLY A 149 -41.10 -4.48 -35.89
N GLU A 150 -41.42 -3.75 -34.81
CA GLU A 150 -40.44 -3.45 -33.77
C GLU A 150 -40.10 -4.66 -32.91
N LEU A 151 -41.02 -5.59 -32.73
CA LEU A 151 -40.79 -6.80 -31.96
C LEU A 151 -40.92 -8.02 -32.85
N LYS A 152 -40.06 -9.00 -32.61
CA LYS A 152 -40.13 -10.28 -33.29
C LYS A 152 -40.13 -11.41 -32.26
N ASN A 153 -40.86 -12.48 -32.59
CA ASN A 153 -40.97 -13.67 -31.77
C ASN A 153 -39.97 -14.68 -32.31
N CYS A 154 -38.83 -14.82 -31.62
CA CYS A 154 -37.70 -15.61 -32.10
C CYS A 154 -37.62 -16.92 -31.33
N SER A 155 -37.55 -18.03 -32.08
CA SER A 155 -37.38 -19.36 -31.54
C SER A 155 -35.93 -19.78 -31.76
N PHE A 156 -35.38 -20.54 -30.81
CA PHE A 156 -34.00 -20.98 -30.93
C PHE A 156 -33.74 -22.21 -30.05
N ASN A 157 -32.67 -22.92 -30.38
CA ASN A 157 -32.21 -24.09 -29.64
C ASN A 157 -31.18 -23.65 -28.60
N MET A 158 -31.62 -23.62 -27.35
CA MET A 158 -30.82 -23.16 -26.23
C MET A 158 -30.26 -24.34 -25.45
N THR A 159 -29.12 -24.10 -24.81
CA THR A 159 -28.50 -25.11 -23.97
C THR A 159 -29.28 -25.25 -22.66
N THR A 160 -28.99 -26.33 -21.94
CA THR A 160 -29.65 -26.66 -20.69
C THR A 160 -28.59 -26.94 -19.63
N GLU A 161 -29.06 -27.31 -18.43
CA GLU A 161 -28.15 -27.68 -17.36
C GLU A 161 -27.33 -28.92 -17.68
N LEU A 162 -27.77 -29.74 -18.65
CA LEU A 162 -27.04 -30.92 -19.06
C LEU A 162 -26.51 -30.68 -20.47
N ARG A 163 -25.22 -30.97 -20.66
CA ARG A 163 -24.54 -30.68 -21.92
C ARG A 163 -24.98 -31.58 -23.05
N ASP A 164 -25.64 -32.70 -22.77
CA ASP A 164 -26.15 -33.61 -23.80
C ASP A 164 -27.61 -33.37 -24.11
N LYS A 165 -28.20 -32.30 -23.57
CA LYS A 165 -29.61 -31.97 -23.77
C LYS A 165 -29.73 -30.53 -24.25
N ARG A 166 -30.70 -30.30 -25.12
CA ARG A 166 -31.04 -28.99 -25.66
C ARG A 166 -32.52 -28.77 -25.44
N GLN A 167 -32.90 -27.49 -25.40
CA GLN A 167 -34.28 -27.09 -25.23
C GLN A 167 -34.67 -26.11 -26.32
N LYS A 168 -35.94 -26.13 -26.71
CA LYS A 168 -36.47 -25.16 -27.65
C LYS A 168 -37.04 -24.02 -26.82
N VAL A 169 -36.56 -22.81 -27.10
CA VAL A 169 -36.91 -21.62 -26.35
C VAL A 169 -37.44 -20.60 -27.34
N HIS A 170 -38.37 -19.77 -26.89
CA HIS A 170 -38.80 -18.65 -27.70
C HIS A 170 -38.81 -17.44 -26.80
N ALA A 171 -38.58 -16.28 -27.41
CA ALA A 171 -38.55 -15.01 -26.70
C ALA A 171 -38.88 -13.90 -27.66
N LEU A 172 -39.35 -12.79 -27.11
CA LEU A 172 -39.52 -11.60 -27.93
C LEU A 172 -38.22 -10.82 -27.88
N PHE A 173 -37.84 -10.27 -29.03
CA PHE A 173 -36.68 -9.42 -29.14
C PHE A 173 -37.07 -8.16 -29.90
N TYR A 174 -36.36 -7.07 -29.62
CA TYR A 174 -36.56 -5.84 -30.35
C TYR A 174 -35.84 -5.94 -31.68
N LYS A 175 -36.39 -5.28 -32.70
CA LYS A 175 -35.76 -5.24 -34.01
C LYS A 175 -34.33 -4.73 -33.91
N LEU A 176 -34.08 -3.78 -33.00
CA LEU A 176 -32.75 -3.21 -32.84
C LEU A 176 -31.70 -4.21 -32.39
N ASP A 177 -32.11 -5.30 -31.76
CA ASP A 177 -31.19 -6.30 -31.25
C ASP A 177 -31.00 -7.47 -32.21
N ILE A 178 -31.77 -7.51 -33.29
CA ILE A 178 -31.83 -8.63 -34.22
C ILE A 178 -31.36 -8.16 -35.58
N VAL A 179 -30.43 -8.89 -36.17
CA VAL A 179 -29.86 -8.58 -37.48
C VAL A 179 -30.14 -9.74 -38.43
N PRO A 180 -30.71 -9.50 -39.62
CA PRO A 180 -30.91 -10.61 -40.57
C PRO A 180 -29.60 -11.28 -40.94
N ILE A 181 -29.66 -12.58 -41.22
CA ILE A 181 -28.48 -13.29 -41.69
C ILE A 181 -28.36 -13.16 -43.21
N ASN A 182 -29.47 -13.25 -43.94
CA ASN A 182 -29.50 -13.14 -45.39
C ASN A 182 -30.63 -12.18 -45.78
N GLU A 183 -30.76 -11.92 -47.09
CA GLU A 183 -31.88 -11.12 -47.56
C GLU A 183 -33.17 -11.95 -47.61
N ASN A 184 -33.05 -13.23 -47.95
CA ASN A 184 -34.23 -14.08 -48.08
C ASN A 184 -34.98 -14.09 -46.75
N GLN A 185 -36.27 -13.81 -46.81
CA GLN A 185 -37.07 -13.73 -45.59
C GLN A 185 -37.46 -15.13 -45.14
N ASN A 186 -36.45 -15.85 -44.66
CA ASN A 186 -36.56 -17.22 -44.22
C ASN A 186 -36.59 -17.33 -42.70
N THR A 187 -36.75 -16.21 -42.00
CA THR A 187 -36.82 -16.09 -40.54
C THR A 187 -35.48 -16.25 -39.85
N SER A 188 -34.38 -16.49 -40.57
CA SER A 188 -33.09 -16.68 -39.90
C SER A 188 -32.46 -15.33 -39.55
N TYR A 189 -32.25 -15.11 -38.25
CA TYR A 189 -31.68 -13.88 -37.71
C TYR A 189 -30.63 -14.24 -36.67
N ARG A 190 -29.76 -13.27 -36.36
CA ARG A 190 -28.76 -13.41 -35.31
C ARG A 190 -28.82 -12.19 -34.40
N LEU A 191 -28.24 -12.31 -33.20
CA LEU A 191 -28.15 -11.12 -32.36
C LEU A 191 -27.13 -10.17 -32.96
N ILE A 192 -27.38 -8.87 -32.79
CA ILE A 192 -26.51 -7.85 -33.35
C ILE A 192 -25.04 -7.96 -32.92
N ASN A 193 -24.77 -8.42 -31.70
CA ASN A 193 -23.39 -8.52 -31.21
C ASN A 193 -22.60 -9.74 -31.67
N CYS A 194 -23.23 -10.76 -32.25
CA CYS A 194 -22.54 -12.03 -32.44
C CYS A 194 -21.32 -11.97 -33.35
N ASN A 195 -21.26 -11.01 -34.28
CA ASN A 195 -20.08 -10.96 -35.14
C ASN A 195 -18.90 -10.26 -34.50
N THR A 196 -19.12 -9.33 -33.54
CA THR A 196 -18.04 -8.50 -33.03
C THR A 196 -17.80 -8.55 -31.54
N ALA A 197 -18.74 -9.01 -30.72
CA ALA A 197 -18.55 -8.93 -29.29
C ALA A 197 -19.25 -10.04 -28.52
N ALA A 198 -18.67 -10.40 -27.39
CA ALA A 198 -19.30 -11.30 -26.44
C ALA A 198 -20.32 -10.48 -25.67
N ILE A 199 -21.45 -11.09 -25.33
CA ILE A 199 -22.50 -10.41 -24.58
C ILE A 199 -22.70 -11.05 -23.21
N THR A 200 -22.74 -10.20 -22.18
CA THR A 200 -22.91 -10.61 -20.79
C THR A 200 -24.24 -10.06 -20.26
N GLN A 201 -25.00 -10.89 -19.56
CA GLN A 201 -26.27 -10.46 -18.99
C GLN A 201 -26.05 -9.68 -17.70
N ALA A 202 -26.70 -8.53 -17.57
CA ALA A 202 -26.64 -7.79 -16.32
C ALA A 202 -27.37 -8.58 -15.24
N CYS A 203 -26.84 -8.53 -14.02
CA CYS A 203 -27.51 -9.21 -12.91
C CYS A 203 -28.86 -8.56 -12.64
N PRO A 204 -29.97 -9.31 -12.60
CA PRO A 204 -31.28 -8.67 -12.41
C PRO A 204 -31.47 -8.02 -11.06
N LYS A 205 -30.64 -8.37 -10.08
CA LYS A 205 -30.73 -7.85 -8.72
C LYS A 205 -29.84 -6.64 -8.50
N VAL A 206 -29.08 -6.20 -9.50
CA VAL A 206 -28.16 -5.09 -9.37
C VAL A 206 -28.80 -3.91 -10.08
N SER A 207 -29.13 -2.88 -9.30
CA SER A 207 -29.81 -1.70 -9.79
C SER A 207 -28.91 -0.82 -10.65
N PHE A 208 -29.53 -0.15 -11.63
CA PHE A 208 -28.88 0.83 -12.47
C PHE A 208 -29.25 2.25 -12.06
N GLU A 209 -29.88 2.43 -10.90
CA GLU A 209 -30.29 3.75 -10.46
C GLU A 209 -29.09 4.56 -9.99
N PRO A 210 -28.83 5.75 -10.56
CA PRO A 210 -27.72 6.57 -10.06
C PRO A 210 -27.89 6.95 -8.59
N ILE A 211 -26.81 6.77 -7.82
CA ILE A 211 -26.76 7.13 -6.42
C ILE A 211 -25.68 8.19 -6.28
N PRO A 212 -25.94 9.33 -5.63
CA PRO A 212 -24.92 10.39 -5.56
C PRO A 212 -23.59 9.94 -4.98
N ILE A 213 -22.52 10.27 -5.69
CA ILE A 213 -21.14 9.96 -5.29
C ILE A 213 -20.44 11.26 -4.93
N HIS A 214 -19.82 11.30 -3.76
CA HIS A 214 -19.09 12.47 -3.29
C HIS A 214 -17.60 12.22 -3.49
N TYR A 215 -16.91 13.14 -4.17
CA TYR A 215 -15.47 12.99 -4.35
C TYR A 215 -14.73 13.81 -3.31
N CYS A 216 -13.82 13.16 -2.60
CA CYS A 216 -13.12 13.68 -1.45
C CYS A 216 -11.62 13.70 -1.71
N ALA A 217 -10.96 14.77 -1.27
CA ALA A 217 -9.52 14.90 -1.45
C ALA A 217 -8.75 14.09 -0.40
N PRO A 218 -7.62 13.49 -0.77
CA PRO A 218 -6.75 12.89 0.25
C PRO A 218 -6.05 13.98 1.05
N ALA A 219 -5.55 13.61 2.23
CA ALA A 219 -4.86 14.57 3.07
C ALA A 219 -3.69 15.19 2.32
N GLY A 220 -3.50 16.50 2.52
CA GLY A 220 -2.49 17.26 1.83
C GLY A 220 -2.99 17.94 0.58
N PHE A 221 -4.23 17.66 0.18
CA PHE A 221 -4.91 18.21 -0.98
C PHE A 221 -6.21 18.84 -0.50
N ALA A 222 -6.77 19.74 -1.31
CA ALA A 222 -8.05 20.35 -0.99
C ALA A 222 -8.85 20.57 -2.26
N ILE A 223 -10.18 20.55 -2.09
CA ILE A 223 -11.11 20.87 -3.18
C ILE A 223 -11.63 22.27 -2.95
N LEU A 224 -11.47 23.11 -3.95
CA LEU A 224 -11.95 24.49 -3.93
C LEU A 224 -13.23 24.52 -4.76
N LYS A 225 -14.26 25.18 -4.23
CA LYS A 225 -15.56 25.32 -4.88
C LYS A 225 -15.76 26.79 -5.22
N CYS A 226 -16.20 27.05 -6.45
CA CYS A 226 -16.52 28.38 -6.92
C CYS A 226 -17.98 28.68 -6.59
N LYS A 227 -18.21 29.71 -5.78
CA LYS A 227 -19.53 30.08 -5.32
C LYS A 227 -20.14 31.22 -6.11
N ASP A 228 -19.48 31.66 -7.19
CA ASP A 228 -19.98 32.76 -8.01
C ASP A 228 -21.10 32.23 -8.91
N LYS A 229 -22.32 32.72 -8.67
CA LYS A 229 -23.50 32.25 -9.38
C LYS A 229 -23.47 32.51 -10.88
N LYS A 230 -22.64 33.46 -11.33
CA LYS A 230 -22.52 33.80 -12.74
C LYS A 230 -21.26 33.22 -13.38
N PHE A 231 -20.56 32.33 -12.68
CA PHE A 231 -19.34 31.74 -13.20
C PHE A 231 -19.66 30.82 -14.38
N ASN A 232 -18.96 31.02 -15.49
CA ASN A 232 -19.21 30.32 -16.74
C ASN A 232 -18.26 29.15 -16.99
N GLY A 233 -17.55 28.68 -15.97
CA GLY A 233 -16.68 27.53 -16.10
C GLY A 233 -15.20 27.82 -16.28
N THR A 234 -14.83 29.03 -16.66
CA THR A 234 -13.42 29.38 -16.85
C THR A 234 -13.14 30.74 -16.23
N GLY A 235 -11.87 30.96 -15.89
CA GLY A 235 -11.41 32.25 -15.45
C GLY A 235 -11.49 32.48 -13.95
N PRO A 236 -11.17 33.72 -13.55
CA PRO A 236 -11.16 34.06 -12.11
C PRO A 236 -12.52 33.88 -11.45
N CYS A 237 -12.47 33.40 -10.20
CA CYS A 237 -13.65 33.23 -9.37
C CYS A 237 -13.36 34.01 -8.09
N PRO A 238 -14.06 35.13 -7.83
CA PRO A 238 -13.77 35.94 -6.63
C PRO A 238 -14.34 35.40 -5.33
N SER A 239 -15.16 34.36 -5.37
CA SER A 239 -15.83 33.82 -4.19
C SER A 239 -15.62 32.31 -4.19
N VAL A 240 -14.64 31.88 -3.40
CA VAL A 240 -14.15 30.51 -3.38
C VAL A 240 -14.19 30.00 -1.95
N SER A 241 -14.62 28.75 -1.79
CA SER A 241 -14.63 28.07 -0.50
C SER A 241 -13.90 26.75 -0.64
N THR A 242 -13.39 26.21 0.46
CA THR A 242 -12.78 24.90 0.46
C THR A 242 -13.72 23.91 1.13
N VAL A 243 -13.88 22.73 0.51
CA VAL A 243 -14.80 21.71 1.01
C VAL A 243 -14.04 20.40 1.22
N GLN A 244 -14.55 19.59 2.14
CA GLN A 244 -13.98 18.26 2.35
C GLN A 244 -14.24 17.37 1.15
N CYS A 245 -15.43 17.48 0.57
CA CYS A 245 -15.88 16.63 -0.52
C CYS A 245 -16.80 17.45 -1.41
N THR A 246 -17.05 16.94 -2.60
CA THR A 246 -17.99 17.56 -3.51
C THR A 246 -19.41 17.23 -3.07
N HIS A 247 -20.38 17.89 -3.68
CA HIS A 247 -21.77 17.55 -3.41
C HIS A 247 -22.04 16.18 -4.00
N GLY A 248 -23.22 15.63 -3.74
CA GLY A 248 -23.46 14.32 -4.28
C GLY A 248 -23.81 14.47 -5.75
N ILE A 249 -22.99 13.83 -6.58
CA ILE A 249 -23.13 13.85 -8.03
C ILE A 249 -23.67 12.50 -8.47
N LYS A 250 -24.86 12.49 -9.02
CA LYS A 250 -25.43 11.24 -9.48
C LYS A 250 -24.73 10.82 -10.77
N PRO A 251 -24.28 9.57 -10.92
CA PRO A 251 -23.67 9.17 -12.20
C PRO A 251 -24.69 8.91 -13.29
N VAL A 252 -25.43 9.95 -13.67
CA VAL A 252 -26.46 9.83 -14.68
C VAL A 252 -25.78 9.86 -16.05
N VAL A 253 -26.09 8.88 -16.88
CA VAL A 253 -25.55 8.79 -18.23
C VAL A 253 -26.70 9.06 -19.18
N SER A 254 -26.53 10.04 -20.06
CA SER A 254 -27.54 10.40 -21.03
C SER A 254 -26.85 11.13 -22.18
N THR A 255 -27.57 11.29 -23.27
CA THR A 255 -27.13 12.08 -24.41
C THR A 255 -28.11 13.20 -24.66
N GLN A 256 -27.63 14.26 -25.32
CA GLN A 256 -28.45 15.40 -25.73
C GLN A 256 -29.03 16.19 -24.57
N LEU A 257 -29.86 15.56 -23.74
CA LEU A 257 -30.49 16.20 -22.59
C LEU A 257 -29.83 15.73 -21.30
N LEU A 258 -29.53 16.68 -20.41
CA LEU A 258 -28.94 16.39 -19.11
C LEU A 258 -30.08 16.18 -18.13
N LEU A 259 -30.12 15.01 -17.48
CA LEU A 259 -31.19 14.67 -16.57
C LEU A 259 -30.72 14.63 -15.12
N ASN A 260 -31.60 15.06 -14.21
CA ASN A 260 -31.40 14.96 -12.76
C ASN A 260 -30.08 15.59 -12.30
N GLY A 261 -29.70 16.71 -12.92
CA GLY A 261 -28.49 17.42 -12.55
C GLY A 261 -28.78 18.64 -11.70
N SER A 262 -27.80 19.52 -11.62
CA SER A 262 -27.92 20.75 -10.85
C SER A 262 -28.51 21.84 -11.75
N LEU A 263 -29.24 22.76 -11.14
CA LEU A 263 -29.79 23.91 -11.81
C LEU A 263 -28.95 25.17 -11.57
N ALA A 264 -28.99 26.08 -12.53
CA ALA A 264 -28.30 27.35 -12.39
C ALA A 264 -28.96 28.16 -11.28
N GLU A 265 -28.13 28.83 -10.47
CA GLU A 265 -28.69 29.61 -9.36
C GLU A 265 -29.53 30.80 -9.82
N GLU A 266 -29.14 31.48 -10.90
CA GLU A 266 -29.86 32.68 -11.33
C GLU A 266 -30.38 32.62 -12.77
N GLU A 267 -29.50 32.41 -13.75
CA GLU A 267 -29.83 32.49 -15.17
C GLU A 267 -29.38 31.22 -15.86
N VAL A 268 -29.95 30.96 -17.04
CA VAL A 268 -29.47 29.84 -17.83
C VAL A 268 -28.03 30.14 -18.22
N MET A 269 -27.14 29.19 -18.00
CA MET A 269 -25.72 29.36 -18.29
C MET A 269 -25.31 28.64 -19.57
N ILE A 270 -24.55 29.33 -20.41
CA ILE A 270 -24.01 28.78 -21.64
C ILE A 270 -22.51 28.63 -21.42
N ARG A 271 -22.00 27.39 -21.51
CA ARG A 271 -20.59 27.14 -21.26
C ARG A 271 -19.99 26.34 -22.41
N SER A 272 -18.81 26.74 -22.85
CA SER A 272 -18.13 26.02 -23.91
C SER A 272 -16.63 26.23 -23.75
N LYS A 273 -15.84 25.34 -24.35
CA LYS A 273 -14.36 25.45 -24.26
C LYS A 273 -13.94 26.59 -25.17
N ASP A 274 -14.64 26.77 -26.28
CA ASP A 274 -14.38 27.88 -27.20
C ASP A 274 -15.70 28.10 -27.93
N ILE A 275 -16.41 29.17 -27.59
CA ILE A 275 -17.75 29.39 -28.12
C ILE A 275 -17.75 29.62 -29.63
N ARG A 276 -16.61 29.97 -30.23
CA ARG A 276 -16.54 30.21 -31.67
C ARG A 276 -15.96 29.03 -32.43
N ASN A 277 -15.61 27.94 -31.74
CA ASN A 277 -15.04 26.74 -32.35
C ASN A 277 -16.18 25.75 -32.47
N ASN A 278 -16.58 25.41 -33.69
CA ASN A 278 -17.77 24.59 -33.87
C ASN A 278 -17.51 23.11 -33.62
N ALA A 279 -16.28 22.72 -33.30
CA ALA A 279 -15.96 21.34 -32.95
C ALA A 279 -16.17 21.05 -31.48
N LYS A 280 -16.51 22.07 -30.68
CA LYS A 280 -16.70 21.96 -29.25
C LYS A 280 -18.19 21.90 -28.95
N ASN A 281 -18.53 21.25 -27.85
CA ASN A 281 -19.92 21.20 -27.41
C ASN A 281 -20.21 22.38 -26.50
N ILE A 282 -21.49 22.77 -26.49
CA ILE A 282 -22.01 23.83 -25.65
C ILE A 282 -22.88 23.18 -24.60
N LEU A 283 -22.57 23.40 -23.33
CA LEU A 283 -23.33 22.87 -22.23
C LEU A 283 -24.24 23.98 -21.73
N VAL A 284 -25.55 23.73 -21.79
CA VAL A 284 -26.56 24.71 -21.40
C VAL A 284 -27.10 24.22 -20.08
N GLN A 285 -26.97 25.03 -19.03
CA GLN A 285 -27.45 24.69 -17.70
C GLN A 285 -28.69 25.50 -17.41
N PHE A 286 -29.80 24.83 -17.16
CA PHE A 286 -31.07 25.49 -16.94
C PHE A 286 -31.13 26.03 -15.52
N ASN A 287 -31.90 27.11 -15.33
CA ASN A 287 -32.12 27.64 -13.99
C ASN A 287 -33.44 27.16 -13.40
N THR A 288 -34.22 26.39 -14.17
CA THR A 288 -35.47 25.77 -13.75
C THR A 288 -35.48 24.41 -14.42
N PRO A 289 -36.03 23.38 -13.78
CA PRO A 289 -36.09 22.08 -14.44
C PRO A 289 -37.22 22.04 -15.44
N VAL A 290 -37.08 21.21 -16.46
CA VAL A 290 -38.21 20.86 -17.33
C VAL A 290 -38.54 19.41 -17.04
N GLN A 291 -39.77 19.15 -16.60
CA GLN A 291 -40.12 17.79 -16.22
C GLN A 291 -40.39 16.96 -17.48
N ILE A 292 -39.81 15.76 -17.53
CA ILE A 292 -40.02 14.83 -18.63
C ILE A 292 -40.54 13.53 -18.06
N ASN A 293 -41.70 13.10 -18.56
CA ASN A 293 -42.38 11.89 -18.11
C ASN A 293 -42.22 10.80 -19.17
N CYS A 294 -41.40 9.80 -18.88
CA CYS A 294 -41.07 8.75 -19.83
C CYS A 294 -41.77 7.47 -19.40
N THR A 295 -42.27 6.71 -20.37
CA THR A 295 -42.92 5.46 -20.06
C THR A 295 -42.70 4.39 -21.11
N ARG A 296 -42.83 3.15 -20.63
CA ARG A 296 -42.79 1.91 -21.40
C ARG A 296 -44.15 1.27 -21.12
N PRO A 297 -45.17 1.62 -21.92
CA PRO A 297 -46.56 1.26 -21.57
C PRO A 297 -46.86 -0.22 -21.63
N ASN A 298 -45.99 -1.05 -22.21
CA ASN A 298 -46.26 -2.46 -22.37
C ASN A 298 -46.01 -3.22 -21.08
N ASN A 299 -47.03 -4.00 -20.68
CA ASN A 299 -47.00 -4.78 -19.45
C ASN A 299 -46.23 -6.08 -19.76
N ASN A 300 -44.91 -5.97 -19.71
CA ASN A 300 -44.03 -7.06 -20.10
C ASN A 300 -43.90 -8.12 -19.03
N THR A 301 -43.71 -9.35 -19.48
CA THR A 301 -43.42 -10.50 -18.63
C THR A 301 -41.91 -10.76 -18.64
N ARG A 302 -41.49 -11.70 -17.80
CA ARG A 302 -40.10 -12.18 -17.80
C ARG A 302 -40.13 -13.69 -17.76
N LYS A 303 -39.37 -14.29 -18.68
CA LYS A 303 -39.27 -15.73 -18.87
C LYS A 303 -37.87 -16.16 -18.48
N SER A 304 -37.75 -17.02 -17.47
CA SER A 304 -36.45 -17.47 -17.00
C SER A 304 -36.11 -18.81 -17.63
N ILE A 305 -35.02 -18.84 -18.40
CA ILE A 305 -34.54 -20.03 -19.10
C ILE A 305 -33.22 -20.44 -18.45
N ARG A 306 -33.13 -21.68 -17.98
CA ARG A 306 -31.85 -22.12 -17.41
C ARG A 306 -30.96 -22.55 -18.57
N ILE A 307 -29.77 -21.97 -18.66
CA ILE A 307 -28.82 -22.21 -19.73
C ILE A 307 -27.59 -22.95 -19.25
N GLY A 308 -27.48 -23.24 -17.96
CA GLY A 308 -26.34 -23.94 -17.40
C GLY A 308 -26.53 -24.10 -15.91
N PRO A 309 -25.57 -24.69 -15.22
CA PRO A 309 -25.75 -24.92 -13.77
C PRO A 309 -25.80 -23.60 -13.00
N GLY A 310 -27.02 -23.13 -12.76
CA GLY A 310 -27.27 -21.89 -12.04
C GLY A 310 -27.18 -20.65 -12.89
N GLN A 311 -27.12 -20.80 -14.20
CA GLN A 311 -27.01 -19.71 -15.17
C GLN A 311 -28.38 -19.49 -15.76
N TRP A 312 -29.05 -18.39 -15.41
CA TRP A 312 -30.38 -18.11 -15.92
C TRP A 312 -30.34 -16.95 -16.90
N PHE A 313 -31.05 -17.13 -18.01
CA PHE A 313 -31.26 -16.13 -19.04
C PHE A 313 -32.66 -15.57 -18.87
N TYR A 314 -32.76 -14.25 -18.81
CA TYR A 314 -34.05 -13.59 -18.60
C TYR A 314 -34.52 -12.99 -19.92
N ALA A 315 -35.56 -13.58 -20.49
CA ALA A 315 -36.14 -13.25 -21.78
C ALA A 315 -37.44 -12.47 -21.58
N THR A 316 -37.84 -11.74 -22.61
CA THR A 316 -39.10 -11.01 -22.53
C THR A 316 -40.28 -11.96 -22.37
N GLY A 317 -40.26 -13.08 -23.10
CA GLY A 317 -41.36 -14.03 -23.02
C GLY A 317 -42.58 -13.60 -23.83
N ASP A 318 -43.39 -12.71 -23.27
CA ASP A 318 -44.59 -12.24 -23.95
C ASP A 318 -44.96 -10.88 -23.38
N ILE A 319 -46.02 -10.28 -23.93
CA ILE A 319 -46.54 -8.99 -23.49
C ILE A 319 -48.02 -9.19 -23.16
N ILE A 320 -48.41 -8.73 -21.98
CA ILE A 320 -49.79 -8.82 -21.52
C ILE A 320 -50.53 -7.59 -22.05
N GLY A 321 -51.66 -7.81 -22.71
CA GLY A 321 -52.39 -6.69 -23.27
C GLY A 321 -51.83 -6.34 -24.64
N ASP A 322 -52.12 -5.13 -25.09
CA ASP A 322 -51.73 -4.74 -26.44
C ASP A 322 -50.30 -4.20 -26.38
N ILE A 323 -49.74 -3.85 -27.53
CA ILE A 323 -48.39 -3.33 -27.64
C ILE A 323 -48.44 -1.88 -28.10
N ARG A 324 -47.88 -0.98 -27.29
CA ARG A 324 -47.86 0.46 -27.52
C ARG A 324 -46.41 0.94 -27.49
N GLN A 325 -46.15 2.06 -28.15
CA GLN A 325 -44.79 2.59 -28.22
C GLN A 325 -44.38 3.34 -26.96
N ALA A 326 -43.13 3.11 -26.55
CA ALA A 326 -42.55 3.86 -25.44
C ALA A 326 -42.41 5.31 -25.85
N HIS A 327 -42.55 6.21 -24.89
CA HIS A 327 -42.47 7.62 -25.25
C HIS A 327 -42.18 8.47 -24.03
N CYS A 328 -41.78 9.71 -24.29
CA CYS A 328 -41.59 10.72 -23.24
C CYS A 328 -42.41 11.96 -23.54
N ASN A 329 -43.02 12.53 -22.51
CA ASN A 329 -43.79 13.76 -22.64
C ASN A 329 -43.06 14.88 -21.92
N VAL A 330 -43.09 16.08 -22.52
CA VAL A 330 -42.67 17.30 -21.84
C VAL A 330 -43.78 18.33 -22.01
N SER A 331 -43.87 19.26 -21.06
CA SER A 331 -44.83 20.33 -21.21
C SER A 331 -44.40 21.22 -22.38
N LYS A 332 -45.34 21.52 -23.27
CA LYS A 332 -45.01 22.33 -24.44
C LYS A 332 -44.66 23.76 -24.06
N ALA A 333 -45.43 24.36 -23.14
CA ALA A 333 -45.18 25.73 -22.73
C ALA A 333 -43.88 25.85 -21.94
N THR A 334 -43.60 24.89 -21.06
CA THR A 334 -42.40 24.99 -20.25
C THR A 334 -41.17 24.87 -21.14
N TRP A 335 -41.20 23.92 -22.08
CA TRP A 335 -40.09 23.76 -23.00
C TRP A 335 -39.89 25.02 -23.85
N ASN A 336 -40.98 25.61 -24.34
CA ASN A 336 -40.83 26.81 -25.17
C ASN A 336 -40.27 27.97 -24.36
N GLU A 337 -40.67 28.10 -23.09
CA GLU A 337 -40.11 29.15 -22.23
C GLU A 337 -38.63 28.90 -21.97
N THR A 338 -38.27 27.63 -21.78
CA THR A 338 -36.88 27.26 -21.55
C THR A 338 -36.04 27.61 -22.76
N LEU A 339 -36.53 27.28 -23.97
CA LEU A 339 -35.76 27.62 -25.14
C LEU A 339 -35.70 29.13 -25.35
N GLY A 340 -36.74 29.87 -24.97
CA GLY A 340 -36.66 31.32 -25.08
C GLY A 340 -35.50 31.85 -24.24
N LYS A 341 -35.35 31.30 -23.02
CA LYS A 341 -34.24 31.69 -22.17
C LYS A 341 -32.90 31.27 -22.77
N VAL A 342 -32.86 30.08 -23.38
CA VAL A 342 -31.63 29.60 -23.99
C VAL A 342 -31.23 30.50 -25.16
N VAL A 343 -32.18 30.90 -25.99
CA VAL A 343 -31.82 31.74 -27.13
C VAL A 343 -31.39 33.12 -26.66
N LYS A 344 -31.99 33.64 -25.58
CA LYS A 344 -31.51 34.94 -25.08
C LYS A 344 -30.06 34.83 -24.65
N GLN A 345 -29.71 33.73 -23.98
CA GLN A 345 -28.33 33.58 -23.52
C GLN A 345 -27.40 33.28 -24.69
N LEU A 346 -27.89 32.59 -25.72
CA LEU A 346 -27.06 32.36 -26.90
C LEU A 346 -26.83 33.65 -27.66
N ARG A 347 -27.86 34.51 -27.75
CA ARG A 347 -27.70 35.78 -28.44
C ARG A 347 -26.67 36.64 -27.72
N LYS A 348 -26.55 36.48 -26.40
CA LYS A 348 -25.50 37.22 -25.69
C LYS A 348 -24.10 36.89 -26.21
N HIS A 349 -23.92 35.74 -26.87
CA HIS A 349 -22.64 35.33 -27.44
C HIS A 349 -22.57 35.46 -28.95
N PHE A 350 -23.67 35.25 -29.66
CA PHE A 350 -23.71 35.23 -31.11
C PHE A 350 -24.33 36.46 -31.77
N GLY A 351 -24.81 37.42 -30.98
CA GLY A 351 -25.39 38.64 -31.53
C GLY A 351 -26.85 38.84 -31.20
N ASN A 352 -27.20 40.07 -30.81
CA ASN A 352 -28.55 40.39 -30.39
C ASN A 352 -29.58 40.27 -31.50
N ASN A 353 -29.16 40.36 -32.77
CA ASN A 353 -30.07 40.28 -33.92
C ASN A 353 -29.84 39.02 -34.75
N THR A 354 -29.35 37.95 -34.12
CA THR A 354 -29.13 36.68 -34.80
C THR A 354 -30.37 35.82 -34.66
N ILE A 355 -30.69 35.10 -35.73
CA ILE A 355 -31.80 34.15 -35.73
C ILE A 355 -31.25 32.83 -35.20
N ILE A 356 -31.65 32.45 -33.99
CA ILE A 356 -31.22 31.20 -33.39
C ILE A 356 -32.19 30.11 -33.84
N ARG A 357 -31.71 29.16 -34.64
CA ARG A 357 -32.50 28.02 -35.05
C ARG A 357 -32.10 26.78 -34.26
N PHE A 358 -33.09 26.01 -33.82
CA PHE A 358 -32.88 24.71 -33.20
C PHE A 358 -33.35 23.65 -34.18
N ALA A 359 -32.41 22.83 -34.65
CA ALA A 359 -32.68 21.73 -35.56
C ALA A 359 -32.37 20.41 -34.87
N ASN A 360 -32.83 19.33 -35.47
CA ASN A 360 -32.69 18.01 -34.88
C ASN A 360 -31.32 17.41 -35.21
N SER A 361 -31.06 16.27 -34.59
CA SER A 361 -29.81 15.55 -34.80
C SER A 361 -29.70 15.22 -36.29
N SER A 362 -28.50 15.46 -36.85
CA SER A 362 -28.30 15.32 -38.28
C SER A 362 -28.52 13.89 -38.75
N GLY A 363 -27.90 12.92 -38.07
CA GLY A 363 -28.22 11.53 -38.31
C GLY A 363 -27.02 10.63 -38.30
N GLY A 364 -27.23 9.44 -38.84
CA GLY A 364 -26.27 8.35 -38.83
C GLY A 364 -26.73 7.05 -38.19
N ASP A 365 -27.00 7.06 -36.87
CA ASP A 365 -27.41 5.83 -36.19
C ASP A 365 -28.32 6.19 -35.03
N LEU A 366 -28.84 5.16 -34.36
CA LEU A 366 -29.78 5.37 -33.27
C LEU A 366 -29.17 6.11 -32.08
N GLU A 367 -27.96 5.72 -31.68
CA GLU A 367 -27.36 6.29 -30.48
C GLU A 367 -26.99 7.76 -30.63
N VAL A 368 -26.47 8.15 -31.78
CA VAL A 368 -26.06 9.54 -31.96
C VAL A 368 -27.23 10.48 -32.20
N THR A 369 -28.34 9.97 -32.71
CA THR A 369 -29.52 10.77 -33.04
C THR A 369 -30.56 10.86 -31.95
N THR A 370 -30.39 10.18 -30.82
CA THR A 370 -31.43 10.14 -29.81
C THR A 370 -30.90 10.53 -28.44
N HIS A 371 -31.88 10.76 -27.58
CA HIS A 371 -31.69 11.01 -26.16
C HIS A 371 -31.71 9.65 -25.50
N SER A 372 -30.57 9.17 -25.03
CA SER A 372 -30.52 7.85 -24.43
C SER A 372 -30.55 8.01 -22.93
N PHE A 373 -31.18 7.05 -22.26
CA PHE A 373 -31.17 7.04 -20.79
C PHE A 373 -31.63 5.69 -20.27
N ASN A 374 -31.28 5.42 -19.02
CA ASN A 374 -31.75 4.24 -18.30
C ASN A 374 -32.93 4.63 -17.42
N CYS A 375 -34.11 4.10 -17.75
CA CYS A 375 -35.38 4.36 -17.08
C CYS A 375 -35.92 3.08 -16.46
N GLY A 376 -35.69 2.92 -15.16
CA GLY A 376 -36.19 1.75 -14.47
C GLY A 376 -35.53 0.46 -14.84
N GLY A 377 -34.32 0.53 -15.40
CA GLY A 377 -33.63 -0.64 -15.88
C GLY A 377 -33.75 -0.85 -17.37
N GLU A 378 -34.64 -0.12 -18.05
CA GLU A 378 -34.81 -0.20 -19.49
C GLU A 378 -34.02 0.92 -20.13
N PHE A 379 -33.47 0.67 -21.31
CA PHE A 379 -32.68 1.67 -22.02
C PHE A 379 -33.51 2.27 -23.15
N PHE A 380 -33.85 3.56 -22.98
CA PHE A 380 -34.67 4.31 -23.89
C PHE A 380 -33.77 5.10 -24.82
N TYR A 381 -34.18 5.20 -26.09
CA TYR A 381 -33.53 5.96 -27.15
C TYR A 381 -34.61 6.83 -27.80
N CYS A 382 -34.80 8.03 -27.26
CA CYS A 382 -35.94 8.89 -27.61
C CYS A 382 -35.59 9.87 -28.72
N ASP A 383 -36.55 10.04 -29.63
CA ASP A 383 -36.42 10.94 -30.77
C ASP A 383 -36.82 12.34 -30.33
N THR A 384 -35.83 13.21 -30.19
CA THR A 384 -36.01 14.56 -29.67
C THR A 384 -36.17 15.58 -30.78
N SER A 385 -36.40 15.14 -32.01
CA SER A 385 -36.58 16.06 -33.13
C SER A 385 -37.80 16.94 -32.95
N GLY A 386 -38.73 16.55 -32.08
CA GLY A 386 -39.90 17.36 -31.79
C GLY A 386 -39.64 18.47 -30.78
N LEU A 387 -38.46 18.46 -30.15
CA LEU A 387 -38.06 19.47 -29.18
C LEU A 387 -37.19 20.53 -29.79
N PHE A 388 -36.33 20.13 -30.73
CA PHE A 388 -35.36 21.00 -31.38
C PHE A 388 -35.79 21.24 -32.81
N ASN A 389 -36.93 21.90 -32.98
CA ASN A 389 -37.52 22.17 -34.29
C ASN A 389 -38.18 23.54 -34.18
N SER A 390 -37.36 24.59 -34.22
CA SER A 390 -37.90 25.94 -34.09
C SER A 390 -36.90 26.95 -34.65
N THR A 391 -37.42 28.11 -35.06
CA THR A 391 -36.58 29.24 -35.45
C THR A 391 -36.99 30.44 -34.61
N TRP A 392 -36.03 31.02 -33.90
CA TRP A 392 -36.22 32.15 -33.02
C TRP A 392 -35.64 33.38 -33.70
N ILE A 393 -36.51 34.33 -34.06
CA ILE A 393 -36.14 35.52 -34.79
C ILE A 393 -36.20 36.69 -33.82
N SER A 394 -35.10 37.43 -33.70
CA SER A 394 -35.05 38.55 -32.77
C SER A 394 -35.94 39.68 -33.27
N ASN A 395 -36.76 40.20 -32.37
CA ASN A 395 -37.69 41.29 -32.71
C ASN A 395 -38.40 41.79 -31.45
N ASP A 408 -50.90 21.78 -23.49
CA ASP A 408 -50.54 20.66 -24.35
C ASP A 408 -49.16 20.14 -23.95
N SER A 409 -48.72 19.07 -24.62
CA SER A 409 -47.45 18.44 -24.34
C SER A 409 -46.81 18.00 -25.66
N ILE A 410 -45.50 17.79 -25.62
CA ILE A 410 -44.73 17.31 -26.74
C ILE A 410 -44.36 15.86 -26.43
N THR A 411 -44.79 14.95 -27.30
CA THR A 411 -44.53 13.52 -27.15
C THR A 411 -43.35 13.16 -28.03
N LEU A 412 -42.35 12.53 -27.42
CA LEU A 412 -41.13 12.10 -28.07
C LEU A 412 -41.18 10.59 -28.25
N PRO A 413 -41.25 10.06 -29.47
CA PRO A 413 -41.23 8.60 -29.62
C PRO A 413 -39.91 8.04 -29.11
N CYS A 414 -39.97 6.88 -28.49
CA CYS A 414 -38.76 6.23 -27.96
C CYS A 414 -38.71 4.78 -28.41
N ARG A 415 -37.48 4.32 -28.66
CA ARG A 415 -37.18 2.93 -28.95
C ARG A 415 -36.49 2.35 -27.73
N ILE A 416 -36.62 1.04 -27.56
CA ILE A 416 -35.96 0.33 -26.46
C ILE A 416 -35.11 -0.76 -27.06
N LYS A 417 -33.90 -0.89 -26.52
CA LYS A 417 -32.91 -1.86 -26.97
C LYS A 417 -32.44 -2.64 -25.76
N GLN A 418 -32.28 -3.95 -25.91
CA GLN A 418 -31.79 -4.80 -24.83
C GLN A 418 -30.30 -5.10 -24.90
N ILE A 419 -29.66 -4.93 -26.05
CA ILE A 419 -28.22 -5.17 -26.18
C ILE A 419 -27.56 -3.79 -26.17
N ILE A 420 -26.84 -3.54 -25.07
CA ILE A 420 -26.32 -2.22 -24.73
C ILE A 420 -24.79 -2.26 -24.86
N ASN A 421 -24.23 -1.23 -25.48
CA ASN A 421 -22.77 -1.10 -25.59
C ASN A 421 -22.42 0.33 -25.19
N MET A 422 -22.23 0.54 -23.88
CA MET A 422 -21.90 1.85 -23.34
C MET A 422 -20.41 2.12 -23.51
N TRP A 423 -20.07 3.39 -23.77
CA TRP A 423 -18.69 3.84 -23.97
C TRP A 423 -18.04 3.22 -25.20
N GLN A 424 -18.86 2.74 -26.15
CA GLN A 424 -18.43 2.12 -27.40
C GLN A 424 -17.18 1.26 -27.20
N ARG A 425 -17.36 0.11 -26.55
CA ARG A 425 -16.27 -0.81 -26.26
C ARG A 425 -16.21 -1.84 -27.37
N ILE A 426 -15.01 -2.41 -27.58
CA ILE A 426 -14.79 -3.43 -28.59
C ILE A 426 -14.59 -4.76 -27.88
N GLY A 427 -15.36 -5.77 -28.30
CA GLY A 427 -15.28 -7.10 -27.75
C GLY A 427 -16.24 -7.42 -26.63
N GLN A 428 -17.00 -6.44 -26.12
CA GLN A 428 -17.95 -6.69 -25.06
C GLN A 428 -19.23 -5.92 -25.29
N ALA A 429 -20.33 -6.51 -24.81
CA ALA A 429 -21.65 -5.89 -24.84
C ALA A 429 -22.43 -6.41 -23.63
N MET A 430 -23.44 -5.65 -23.24
CA MET A 430 -24.31 -6.03 -22.13
C MET A 430 -25.72 -6.28 -22.61
N TYR A 431 -26.36 -7.28 -22.03
CA TYR A 431 -27.77 -7.58 -22.23
C TYR A 431 -28.52 -7.06 -21.02
N ALA A 432 -29.54 -6.24 -21.26
CA ALA A 432 -30.35 -5.71 -20.17
C ALA A 432 -31.56 -6.61 -19.97
N PRO A 433 -31.70 -7.30 -18.84
CA PRO A 433 -32.86 -8.16 -18.65
C PRO A 433 -34.14 -7.36 -18.75
N PRO A 434 -35.24 -7.97 -19.21
CA PRO A 434 -36.51 -7.26 -19.21
C PRO A 434 -36.96 -6.92 -17.80
N ILE A 435 -37.61 -5.78 -17.67
CA ILE A 435 -38.23 -5.35 -16.42
C ILE A 435 -39.73 -5.58 -16.58
N GLN A 436 -40.32 -6.26 -15.60
CA GLN A 436 -41.72 -6.64 -15.68
C GLN A 436 -42.62 -5.45 -15.39
N GLY A 437 -43.83 -5.51 -15.95
CA GLY A 437 -44.81 -4.46 -15.73
C GLY A 437 -44.64 -3.29 -16.69
N VAL A 438 -45.02 -2.11 -16.21
CA VAL A 438 -45.05 -0.88 -17.00
C VAL A 438 -44.02 0.06 -16.39
N ILE A 439 -43.16 0.63 -17.23
CA ILE A 439 -42.10 1.50 -16.75
C ILE A 439 -42.58 2.94 -16.77
N ARG A 440 -42.35 3.66 -15.68
CA ARG A 440 -42.64 5.09 -15.61
C ARG A 440 -41.49 5.79 -14.89
N CYS A 441 -41.00 6.87 -15.47
CA CYS A 441 -39.97 7.72 -14.90
C CYS A 441 -40.40 9.17 -15.04
N VAL A 442 -40.14 9.96 -13.99
CA VAL A 442 -40.34 11.40 -14.04
C VAL A 442 -38.97 11.99 -13.71
N SER A 443 -38.36 12.66 -14.67
CA SER A 443 -37.03 13.21 -14.54
C SER A 443 -37.05 14.71 -14.76
N ASN A 444 -36.03 15.38 -14.25
CA ASN A 444 -35.81 16.80 -14.47
C ASN A 444 -34.78 16.98 -15.56
N ILE A 445 -35.11 17.74 -16.59
CA ILE A 445 -34.14 18.15 -17.60
C ILE A 445 -33.50 19.40 -17.03
N THR A 446 -32.20 19.33 -16.78
CA THR A 446 -31.45 20.39 -16.14
C THR A 446 -30.46 21.04 -17.11
N GLY A 447 -30.49 20.67 -18.37
CA GLY A 447 -29.55 21.25 -19.32
C GLY A 447 -29.54 20.48 -20.62
N LEU A 448 -28.79 21.05 -21.57
CA LEU A 448 -28.66 20.52 -22.92
C LEU A 448 -27.19 20.39 -23.30
N ILE A 449 -26.92 19.46 -24.21
CA ILE A 449 -25.63 19.36 -24.89
C ILE A 449 -25.91 19.72 -26.33
N LEU A 450 -25.44 20.89 -26.76
CA LEU A 450 -25.68 21.42 -28.10
C LEU A 450 -24.39 21.50 -28.90
N THR A 451 -24.52 21.41 -30.21
CA THR A 451 -23.42 21.64 -31.14
C THR A 451 -23.94 22.66 -32.15
N ARG A 452 -23.05 23.53 -32.62
CA ARG A 452 -23.45 24.53 -33.60
C ARG A 452 -23.25 23.97 -34.99
N ASP A 453 -24.23 24.25 -35.87
CA ASP A 453 -24.26 23.66 -37.21
C ASP A 453 -22.97 23.93 -37.99
N GLY A 454 -22.43 25.12 -37.87
CA GLY A 454 -21.16 25.40 -38.50
C GLY A 454 -21.29 25.70 -39.98
N GLY A 455 -20.15 25.60 -40.67
CA GLY A 455 -20.07 25.97 -42.06
C GLY A 455 -20.41 27.43 -42.31
N THR A 460 -25.82 35.79 -40.09
CA THR A 460 -27.23 36.14 -40.15
C THR A 460 -28.01 35.17 -39.26
N THR A 461 -27.77 33.88 -39.46
CA THR A 461 -28.47 32.84 -38.73
C THR A 461 -27.45 31.89 -38.11
N GLU A 462 -27.84 31.26 -37.01
CA GLU A 462 -27.08 30.17 -36.41
C GLU A 462 -28.05 29.03 -36.16
N THR A 463 -27.58 27.81 -36.37
CA THR A 463 -28.38 26.61 -36.14
C THR A 463 -27.68 25.73 -35.12
N PHE A 464 -28.41 25.28 -34.11
CA PHE A 464 -27.92 24.41 -33.07
C PHE A 464 -28.63 23.07 -33.16
N ARG A 465 -27.90 22.00 -32.87
CA ARG A 465 -28.45 20.66 -32.90
C ARG A 465 -28.08 19.94 -31.61
N PRO A 466 -28.91 19.00 -31.15
CA PRO A 466 -28.48 18.15 -30.05
C PRO A 466 -27.25 17.35 -30.45
N SER A 467 -26.35 17.18 -29.50
CA SER A 467 -25.16 16.37 -29.70
C SER A 467 -25.07 15.37 -28.56
N GLY A 468 -24.57 14.18 -28.88
CA GLY A 468 -24.37 13.23 -27.81
C GLY A 468 -23.13 13.51 -27.01
N GLY A 469 -22.22 14.33 -27.55
CA GLY A 469 -20.99 14.64 -26.86
C GLY A 469 -20.26 13.36 -26.53
N ASP A 470 -19.85 13.30 -25.26
CA ASP A 470 -19.18 12.19 -24.64
C ASP A 470 -19.78 12.13 -23.25
N MET A 471 -19.33 11.19 -22.42
CA MET A 471 -19.88 11.17 -21.08
C MET A 471 -19.18 12.17 -20.18
N ARG A 472 -18.07 12.76 -20.62
CA ARG A 472 -17.37 13.80 -19.86
C ARG A 472 -17.94 15.17 -20.22
N ASP A 473 -19.27 15.23 -20.15
CA ASP A 473 -20.15 16.37 -20.37
C ASP A 473 -21.30 16.40 -19.37
N ASN A 474 -21.75 15.24 -18.90
CA ASN A 474 -22.88 15.13 -17.98
C ASN A 474 -22.35 15.39 -16.58
N TRP A 475 -21.17 14.84 -16.32
CA TRP A 475 -20.47 14.95 -15.05
C TRP A 475 -19.70 16.26 -15.02
N ARG A 476 -19.25 16.72 -16.19
CA ARG A 476 -18.53 17.96 -16.31
C ARG A 476 -19.42 19.13 -15.89
N SER A 477 -20.73 18.98 -16.08
CA SER A 477 -21.69 20.03 -15.74
C SER A 477 -21.95 20.11 -14.25
N GLU A 478 -21.49 19.11 -13.48
CA GLU A 478 -21.61 19.09 -12.04
C GLU A 478 -20.29 19.42 -11.36
N LEU A 479 -19.19 19.00 -11.96
CA LEU A 479 -17.84 19.19 -11.44
C LEU A 479 -17.22 20.51 -11.91
N TYR A 480 -17.95 21.31 -12.68
CA TYR A 480 -17.40 22.53 -13.25
C TYR A 480 -16.97 23.52 -12.18
N LYS A 481 -17.57 23.47 -11.00
CA LYS A 481 -17.28 24.42 -9.94
C LYS A 481 -16.23 23.93 -8.96
N TYR A 482 -15.65 22.75 -9.16
CA TYR A 482 -14.66 22.20 -8.26
C TYR A 482 -13.30 22.12 -8.92
N LYS A 483 -12.27 22.40 -8.11
CA LYS A 483 -10.88 22.33 -8.51
C LYS A 483 -10.11 21.59 -7.42
N VAL A 484 -9.14 20.78 -7.79
CA VAL A 484 -8.28 20.08 -6.83
C VAL A 484 -6.93 20.79 -6.79
N VAL A 485 -6.48 21.12 -5.58
CA VAL A 485 -5.18 21.75 -5.38
C VAL A 485 -4.37 20.97 -4.35
N LYS A 486 -3.06 21.12 -4.43
CA LYS A 486 -2.11 20.51 -3.51
C LYS A 486 -1.63 21.59 -2.56
N ILE A 487 -1.56 21.26 -1.27
CA ILE A 487 -1.17 22.20 -0.23
C ILE A 487 0.35 22.25 -0.15
N GLU A 488 0.89 23.47 -0.08
CA GLU A 488 2.33 23.73 -0.01
C GLU A 488 2.59 24.42 1.32
N PRO A 489 2.65 23.64 2.41
CA PRO A 489 2.64 24.23 3.77
C PRO A 489 3.94 24.91 4.18
N LEU A 490 5.03 24.72 3.44
CA LEU A 490 6.35 25.20 3.84
C LEU A 490 6.68 26.48 3.07
N GLY A 491 6.83 27.59 3.81
CA GLY A 491 7.12 28.88 3.22
C GLY A 491 8.29 29.54 3.91
N VAL A 492 8.89 30.50 3.18
CA VAL A 492 10.02 31.31 3.63
C VAL A 492 9.63 32.76 3.55
N ALA A 493 9.98 33.55 4.56
CA ALA A 493 9.69 34.98 4.50
C ALA A 493 10.67 35.73 5.38
N PRO A 494 10.98 36.99 5.04
CA PRO A 494 11.86 37.79 5.92
C PRO A 494 11.19 38.24 7.20
N THR A 495 11.92 38.14 8.30
CA THR A 495 11.50 38.68 9.59
C THR A 495 12.74 39.27 10.22
N ARG A 496 12.58 39.93 11.36
CA ARG A 496 13.74 40.43 12.09
C ARG A 496 14.24 39.42 13.12
N CYS A 497 13.69 38.22 13.12
CA CYS A 497 14.02 37.18 14.07
C CYS A 497 15.29 36.47 13.64
N LYS A 498 16.32 36.49 14.49
CA LYS A 498 17.59 35.83 14.21
C LYS A 498 17.76 34.68 15.18
N ARG A 499 18.31 33.57 14.70
CA ARG A 499 18.60 32.44 15.57
C ARG A 499 19.77 32.79 16.49
N ARG A 500 19.65 32.37 17.76
CA ARG A 500 20.70 32.56 18.75
C ARG A 500 22.06 32.09 18.24
N GLU B 1 -3.44 62.99 16.75
CA GLU B 1 -4.71 62.28 17.11
C GLU B 1 -4.50 61.26 18.21
N VAL B 2 -3.25 60.84 18.42
CA VAL B 2 -2.92 59.87 19.46
C VAL B 2 -2.86 60.58 20.81
N GLN B 3 -3.58 60.04 21.80
CA GLN B 3 -3.60 60.60 23.13
C GLN B 3 -3.45 59.48 24.16
N LEU B 4 -2.54 59.68 25.11
CA LEU B 4 -2.30 58.77 26.22
C LEU B 4 -2.54 59.55 27.51
N VAL B 5 -3.38 59.04 28.39
CA VAL B 5 -3.72 59.73 29.64
C VAL B 5 -3.46 58.80 30.83
N GLU B 6 -2.50 59.19 31.68
CA GLU B 6 -2.17 58.43 32.88
C GLU B 6 -3.07 58.88 34.03
N THR B 7 -3.49 57.92 34.86
CA THR B 7 -4.18 58.19 36.11
C THR B 7 -3.63 57.24 37.17
N GLY B 8 -4.20 57.33 38.37
CA GLY B 8 -3.81 56.48 39.47
C GLY B 8 -2.60 56.94 40.26
N GLY B 9 -2.24 58.22 40.19
CA GLY B 9 -1.10 58.73 40.91
C GLY B 9 -1.49 59.06 42.35
N GLY B 10 -0.56 59.70 43.07
CA GLY B 10 -0.82 60.03 44.46
C GLY B 10 0.33 59.82 45.43
N LEU B 11 0.06 60.14 46.70
CA LEU B 11 1.03 60.03 47.79
C LEU B 11 0.79 58.73 48.54
N VAL B 12 1.83 57.91 48.65
CA VAL B 12 1.81 56.63 49.34
C VAL B 12 2.96 56.59 50.33
N GLN B 13 2.74 55.91 51.45
CA GLN B 13 3.80 55.78 52.44
C GLN B 13 4.86 54.80 51.95
N PRO B 14 6.12 54.94 52.39
CA PRO B 14 7.14 53.95 52.01
C PRO B 14 6.70 52.54 52.39
N GLY B 15 6.93 51.61 51.48
CA GLY B 15 6.53 50.23 51.67
C GLY B 15 5.14 49.91 51.17
N GLY B 16 4.38 50.91 50.74
CA GLY B 16 3.03 50.71 50.26
C GLY B 16 3.03 50.37 48.78
N SER B 17 1.83 50.40 48.19
CA SER B 17 1.66 50.06 46.79
C SER B 17 0.76 51.06 46.08
N LEU B 18 0.98 51.19 44.78
CA LEU B 18 0.18 52.09 43.94
C LEU B 18 0.05 51.50 42.56
N LYS B 19 -1.15 51.52 41.98
CA LYS B 19 -1.36 51.05 40.62
C LYS B 19 -1.69 52.22 39.70
N LEU B 20 -0.87 52.39 38.65
CA LEU B 20 -1.03 53.43 37.65
C LEU B 20 -1.77 52.83 36.47
N SER B 21 -2.53 53.66 35.74
CA SER B 21 -3.23 53.18 34.57
C SER B 21 -3.21 54.24 33.47
N CYS B 22 -2.80 53.83 32.29
CA CYS B 22 -2.69 54.67 31.10
C CYS B 22 -3.72 54.25 30.07
N ARG B 23 -4.63 55.15 29.74
CA ARG B 23 -5.65 54.91 28.74
C ARG B 23 -5.11 55.50 27.46
N ALA B 24 -5.46 54.90 26.32
CA ALA B 24 -4.94 55.35 25.05
C ALA B 24 -5.98 55.32 23.95
N SER B 25 -5.86 56.27 23.03
CA SER B 25 -6.74 56.32 21.88
C SER B 25 -6.02 56.99 20.72
N GLY B 26 -6.59 56.85 19.52
CA GLY B 26 -6.08 57.44 18.31
C GLY B 26 -5.21 56.51 17.48
N TYR B 27 -5.01 55.27 17.91
CA TYR B 27 -4.20 54.29 17.21
C TYR B 27 -4.68 52.92 17.66
N THR B 28 -4.26 51.88 16.96
CA THR B 28 -4.62 50.54 17.39
C THR B 28 -3.68 50.15 18.53
N PHE B 29 -4.27 49.96 19.72
CA PHE B 29 -3.49 49.70 20.92
C PHE B 29 -2.70 48.40 20.80
N SER B 30 -3.35 47.34 20.34
CA SER B 30 -2.74 46.01 20.22
C SER B 30 -1.62 45.93 19.18
N SER B 31 -1.40 46.96 18.35
CA SER B 31 -0.36 46.93 17.34
C SER B 31 0.97 47.50 17.80
N PHE B 32 1.05 48.12 18.98
CA PHE B 32 2.27 48.77 19.45
C PHE B 32 2.65 48.25 20.83
N ALA B 33 3.95 48.22 21.08
CA ALA B 33 4.48 47.95 22.41
C ALA B 33 4.35 49.19 23.26
N MET B 34 4.28 49.00 24.58
CA MET B 34 4.15 50.11 25.51
C MET B 34 5.26 50.06 26.54
N SER B 35 5.65 51.24 27.01
CA SER B 35 6.69 51.38 28.04
C SER B 35 6.23 52.34 29.13
N TRP B 36 6.87 52.21 30.30
CA TRP B 36 6.76 53.20 31.35
C TRP B 36 8.16 53.78 31.56
N VAL B 37 8.23 55.10 31.62
CA VAL B 37 9.44 55.87 31.81
C VAL B 37 9.17 56.84 32.95
N ARG B 38 10.13 57.03 33.86
CA ARG B 38 9.91 57.93 34.98
C ARG B 38 10.98 59.01 35.01
N GLN B 39 10.59 60.15 35.58
CA GLN B 39 11.48 61.29 35.79
C GLN B 39 11.37 61.80 37.22
N ALA B 40 12.44 61.68 37.99
CA ALA B 40 12.40 62.17 39.36
C ALA B 40 12.24 63.69 39.29
N PRO B 41 11.64 64.33 40.30
CA PRO B 41 11.42 65.79 40.22
C PRO B 41 12.65 66.61 39.83
N GLY B 42 13.86 66.22 40.23
CA GLY B 42 15.07 66.93 39.89
C GLY B 42 16.01 66.25 38.93
N LYS B 43 15.60 65.15 38.28
CA LYS B 43 16.47 64.35 37.42
C LYS B 43 15.91 64.28 36.01
N GLY B 44 16.63 63.54 35.16
CA GLY B 44 16.23 63.31 33.78
C GLY B 44 15.34 62.09 33.66
N LEU B 45 15.16 61.65 32.43
CA LEU B 45 14.25 60.53 32.17
C LEU B 45 14.95 59.21 32.47
N GLU B 46 14.21 58.28 33.04
CA GLU B 46 14.68 56.92 33.28
C GLU B 46 13.67 55.90 32.78
N TRP B 47 14.11 54.93 32.00
CA TRP B 47 13.20 53.90 31.54
C TRP B 47 12.92 52.98 32.72
N VAL B 48 11.66 52.58 32.88
CA VAL B 48 11.23 51.70 33.98
C VAL B 48 10.84 50.32 33.49
N SER B 49 9.95 50.24 32.50
CA SER B 49 9.47 48.93 32.08
C SER B 49 9.01 48.95 30.63
N LEU B 50 8.96 47.76 30.04
CA LEU B 50 8.53 47.57 28.66
C LEU B 50 7.66 46.33 28.56
N ILE B 51 6.54 46.43 27.85
CA ILE B 51 5.65 45.31 27.59
C ILE B 51 5.41 45.28 26.07
N ASN B 52 5.38 44.08 25.50
CA ASN B 52 5.18 43.93 24.06
C ASN B 52 3.73 44.16 23.66
N ASP B 53 3.50 44.09 22.34
CA ASP B 53 2.19 44.38 21.79
C ASP B 53 1.11 43.40 22.24
N ARG B 54 1.48 42.16 22.53
CA ARG B 54 0.52 41.15 22.96
C ARG B 54 0.40 41.04 24.47
N GLY B 55 1.22 41.77 25.23
CA GLY B 55 1.16 41.69 26.67
C GLY B 55 1.75 40.43 27.28
N GLY B 56 2.65 39.74 26.58
CA GLY B 56 3.20 38.49 27.07
C GLY B 56 4.65 38.56 27.50
N LEU B 57 5.38 39.56 27.02
CA LEU B 57 6.80 39.76 27.31
C LEU B 57 6.95 41.05 28.10
N THR B 58 7.51 40.96 29.31
CA THR B 58 7.70 42.11 30.18
C THR B 58 9.17 42.22 30.55
N PHE B 59 9.68 43.46 30.55
CA PHE B 59 11.06 43.75 30.89
C PHE B 59 11.06 44.90 31.90
N TYR B 60 12.03 44.86 32.82
CA TYR B 60 12.13 45.87 33.87
C TYR B 60 13.59 46.26 34.09
N VAL B 61 13.80 47.45 34.64
CA VAL B 61 15.12 47.80 35.16
C VAL B 61 15.34 47.04 36.46
N ASP B 62 16.60 46.69 36.72
CA ASP B 62 16.95 45.92 37.92
C ASP B 62 16.40 46.56 39.19
N SER B 63 16.40 47.89 39.25
CA SER B 63 15.95 48.57 40.48
C SER B 63 14.48 48.33 40.81
N VAL B 64 13.69 47.86 39.84
CA VAL B 64 12.27 47.57 40.05
C VAL B 64 11.90 46.16 39.64
N LYS B 65 12.88 45.34 39.24
CA LYS B 65 12.58 44.08 38.57
C LYS B 65 11.73 43.15 39.42
N GLY B 66 11.95 43.14 40.73
CA GLY B 66 11.19 42.29 41.62
C GLY B 66 10.04 42.99 42.33
N ARG B 67 9.73 44.24 41.96
CA ARG B 67 8.73 45.04 42.66
C ARG B 67 7.59 45.51 41.76
N PHE B 68 7.87 45.84 40.49
CA PHE B 68 6.85 46.37 39.60
C PHE B 68 6.38 45.30 38.63
N THR B 69 5.10 45.36 38.30
CA THR B 69 4.48 44.51 37.28
C THR B 69 3.83 45.40 36.21
N ILE B 70 4.12 45.11 34.94
CA ILE B 70 3.54 45.85 33.81
C ILE B 70 2.53 44.93 33.14
N SER B 71 1.35 45.45 32.84
CA SER B 71 0.28 44.64 32.27
C SER B 71 -0.53 45.45 31.27
N ARG B 72 -1.18 44.74 30.35
CA ARG B 72 -2.02 45.33 29.33
C ARG B 72 -3.35 44.59 29.22
N ASP B 73 -4.38 45.35 28.86
CA ASP B 73 -5.69 44.82 28.50
C ASP B 73 -5.99 45.44 27.16
N ASN B 74 -5.88 44.63 26.09
CA ASN B 74 -6.02 45.15 24.74
C ASN B 74 -7.46 45.32 24.31
N SER B 75 -8.43 44.88 25.13
CA SER B 75 -9.83 45.07 24.80
C SER B 75 -10.32 46.40 25.35
N LYS B 76 -9.74 46.79 26.49
CA LYS B 76 -10.05 48.04 27.17
C LYS B 76 -9.10 49.15 26.77
N ASN B 77 -8.12 48.87 25.90
CA ASN B 77 -7.11 49.83 25.49
C ASN B 77 -6.46 50.46 26.71
N THR B 78 -6.10 49.61 27.69
CA THR B 78 -5.56 50.08 28.96
C THR B 78 -4.24 49.40 29.28
N LEU B 79 -3.27 50.21 29.67
CA LEU B 79 -1.95 49.80 30.13
C LEU B 79 -1.93 50.08 31.63
N SER B 80 -1.34 49.19 32.42
CA SER B 80 -1.24 49.47 33.85
C SER B 80 0.10 49.03 34.39
N LEU B 81 0.47 49.66 35.51
CA LEU B 81 1.69 49.35 36.24
C LEU B 81 1.35 49.18 37.71
N GLN B 82 1.62 48.01 38.27
CA GLN B 82 1.37 47.73 39.67
C GLN B 82 2.72 47.88 40.38
N MET B 83 2.82 48.88 41.25
CA MET B 83 4.05 49.23 41.94
C MET B 83 3.94 48.76 43.38
N HIS B 84 4.73 47.74 43.73
CA HIS B 84 4.75 47.19 45.08
C HIS B 84 6.02 47.65 45.79
N SER B 85 5.97 47.64 47.12
CA SER B 85 7.12 47.95 47.98
C SER B 85 7.77 49.28 47.59
N LEU B 86 6.95 50.32 47.47
CA LEU B 86 7.45 51.62 47.02
C LEU B 86 8.54 52.15 47.94
N ARG B 87 9.60 52.66 47.32
CA ARG B 87 10.77 53.22 47.99
C ARG B 87 10.79 54.73 47.81
N ASP B 88 11.56 55.42 48.66
CA ASP B 88 11.66 56.87 48.53
C ASP B 88 12.28 57.25 47.19
N GLY B 89 13.14 56.39 46.66
CA GLY B 89 13.78 56.59 45.37
C GLY B 89 12.84 56.49 44.18
N ASP B 90 11.60 56.04 44.41
CA ASP B 90 10.61 55.90 43.36
C ASP B 90 9.73 57.13 43.17
N THR B 91 9.95 58.21 43.92
CA THR B 91 9.16 59.41 43.70
C THR B 91 9.51 59.97 42.34
N ALA B 92 8.51 60.13 41.47
CA ALA B 92 8.77 60.59 40.12
C ALA B 92 7.46 60.81 39.39
N VAL B 93 7.53 61.51 38.26
CA VAL B 93 6.42 61.54 37.32
C VAL B 93 6.62 60.32 36.42
N TYR B 94 5.60 59.49 36.34
CA TYR B 94 5.61 58.26 35.54
C TYR B 94 4.79 58.45 34.27
N TYR B 95 5.46 58.39 33.13
CA TYR B 95 4.85 58.58 31.84
C TYR B 95 4.66 57.22 31.20
N CYS B 96 3.55 57.05 30.50
CA CYS B 96 3.33 55.89 29.66
C CYS B 96 3.70 56.32 28.25
N ALA B 97 4.22 55.38 27.46
CA ALA B 97 4.56 55.75 26.09
C ALA B 97 4.37 54.57 25.15
N THR B 98 4.10 54.92 23.90
CA THR B 98 3.93 53.98 22.82
C THR B 98 5.28 53.85 22.14
N GLY B 99 5.73 52.61 22.01
CA GLY B 99 7.00 52.26 21.40
C GLY B 99 7.95 51.65 22.43
N GLY B 100 9.12 51.26 21.94
CA GLY B 100 10.15 50.60 22.72
C GLY B 100 10.54 49.23 22.19
N MET B 101 9.71 48.61 21.37
CA MET B 101 10.01 47.34 20.72
C MET B 101 8.90 47.11 19.72
N SER B 102 9.05 46.05 18.94
CA SER B 102 8.02 45.69 17.98
C SER B 102 8.14 44.20 17.70
N SER B 103 7.13 43.68 17.01
CA SER B 103 7.11 42.29 16.59
C SER B 103 8.17 42.04 15.52
N ALA B 104 8.59 40.78 15.41
CA ALA B 104 9.61 40.42 14.42
C ALA B 104 9.10 40.63 13.00
N LEU B 105 7.79 40.76 12.83
CA LEU B 105 7.13 40.96 11.56
C LEU B 105 6.91 42.44 11.28
N GLN B 106 7.34 43.32 12.18
CA GLN B 106 7.21 44.76 12.11
C GLN B 106 8.59 45.39 12.02
N SER B 107 8.63 46.64 11.58
CA SER B 107 9.88 47.39 11.57
C SER B 107 10.31 47.66 13.01
N SER B 108 11.61 47.87 13.20
CA SER B 108 12.13 48.15 14.53
C SER B 108 11.53 49.43 15.08
N LYS B 109 11.24 49.42 16.37
CA LYS B 109 10.70 50.57 17.11
C LYS B 109 11.46 50.80 18.40
N TYR B 110 12.79 50.89 18.35
CA TYR B 110 13.58 51.04 19.58
C TYR B 110 13.65 52.53 19.96
N TYR B 111 12.46 53.07 20.18
CA TYR B 111 12.24 54.47 20.53
C TYR B 111 10.83 54.57 21.09
N PHE B 112 10.52 55.71 21.71
CA PHE B 112 9.20 55.96 22.27
C PHE B 112 8.45 56.92 21.35
N ASP B 113 7.51 56.37 20.59
CA ASP B 113 6.86 57.10 19.52
C ASP B 113 5.87 58.13 20.04
N PHE B 114 5.10 57.78 21.08
CA PHE B 114 4.13 58.69 21.66
C PHE B 114 4.24 58.70 23.18
N TRP B 115 3.99 59.86 23.78
CA TRP B 115 4.04 60.03 25.22
C TRP B 115 2.75 60.62 25.77
N GLY B 116 2.42 60.24 27.00
CA GLY B 116 1.31 60.82 27.73
C GLY B 116 1.83 62.02 28.49
N GLN B 117 1.03 62.49 29.46
CA GLN B 117 1.42 63.68 30.22
C GLN B 117 2.01 63.35 31.58
N GLY B 118 1.74 62.17 32.12
CA GLY B 118 2.37 61.69 33.34
C GLY B 118 1.61 61.76 34.65
N ALA B 119 1.65 60.65 35.40
CA ALA B 119 1.05 60.58 36.72
C ALA B 119 2.16 60.89 37.72
N LEU B 120 1.85 61.62 38.78
CA LEU B 120 2.85 61.93 39.80
C LEU B 120 2.73 60.93 40.94
N VAL B 121 3.82 60.20 41.22
CA VAL B 121 3.88 59.23 42.30
C VAL B 121 4.82 59.81 43.34
N THR B 122 4.31 60.00 44.57
CA THR B 122 5.10 60.54 45.67
C THR B 122 5.14 59.47 46.76
N VAL B 123 6.35 59.18 47.25
CA VAL B 123 6.56 58.21 48.31
C VAL B 123 7.10 58.97 49.52
N SER B 124 6.34 58.94 50.62
CA SER B 124 6.65 59.71 51.82
C SER B 124 5.54 59.51 52.86
N ALA C 3 23.94 55.25 32.76
CA ALA C 3 23.50 56.49 32.13
C ALA C 3 24.47 56.92 31.06
N LEU C 4 24.01 57.81 30.17
CA LEU C 4 24.83 58.39 29.12
C LEU C 4 25.35 59.74 29.58
N THR C 5 26.48 60.16 29.01
CA THR C 5 27.10 61.43 29.34
C THR C 5 26.67 62.47 28.32
N GLN C 6 26.12 63.59 28.81
CA GLN C 6 25.65 64.66 27.96
C GLN C 6 25.89 65.93 28.77
N PRO C 7 26.46 67.00 28.20
CA PRO C 7 26.75 68.18 29.02
C PRO C 7 25.48 68.94 29.35
N PRO C 8 25.43 69.61 30.51
CA PRO C 8 24.35 70.56 30.77
C PRO C 8 24.60 71.94 30.18
N SER C 9 23.55 72.76 30.22
CA SER C 9 23.63 74.20 29.95
C SER C 9 24.28 74.56 28.61
N VAL C 10 23.91 73.85 27.55
CA VAL C 10 24.39 74.18 26.21
C VAL C 10 23.48 75.29 25.69
N SER C 11 24.05 76.32 25.06
CA SER C 11 23.25 77.43 24.56
C SER C 11 23.78 77.92 23.21
N GLY C 12 22.86 78.51 22.45
CA GLY C 12 23.12 79.10 21.16
C GLY C 12 22.72 80.57 21.07
N SER C 13 22.20 80.96 19.90
CA SER C 13 21.82 82.33 19.60
C SER C 13 20.82 82.26 18.45
N PRO C 14 19.77 83.09 18.43
CA PRO C 14 18.75 82.99 17.36
C PRO C 14 19.34 82.99 15.96
N GLY C 15 18.86 82.04 15.16
CA GLY C 15 19.31 81.90 13.78
C GLY C 15 20.61 81.15 13.59
N GLN C 16 21.27 80.73 14.68
CA GLN C 16 22.55 80.04 14.60
C GLN C 16 22.36 78.55 14.79
N SER C 17 23.46 77.80 14.67
CA SER C 17 23.47 76.35 14.82
C SER C 17 24.11 75.95 16.14
N VAL C 18 23.48 75.02 16.86
CA VAL C 18 23.98 74.50 18.13
C VAL C 18 24.01 72.98 18.06
N THR C 19 25.00 72.37 18.71
CA THR C 19 25.13 70.92 18.78
C THR C 19 25.08 70.44 20.22
N ILE C 20 24.22 69.46 20.49
CA ILE C 20 24.09 68.80 21.78
C ILE C 20 24.70 67.42 21.59
N SER C 21 25.77 67.11 22.34
CA SER C 21 26.53 65.88 22.15
C SER C 21 26.34 64.93 23.33
N CYS C 22 25.87 63.72 23.03
CA CYS C 22 25.59 62.65 23.99
C CYS C 22 26.66 61.58 23.81
N THR C 23 27.44 61.34 24.85
CA THR C 23 28.53 60.38 24.82
C THR C 23 28.14 59.16 25.66
N GLY C 24 28.25 57.99 25.03
CA GLY C 24 27.95 56.72 25.67
C GLY C 24 29.17 55.83 25.73
N THR C 25 28.94 54.52 25.64
CA THR C 25 30.02 53.54 25.70
C THR C 25 29.94 52.59 24.51
N SER C 26 30.80 51.56 24.49
CA SER C 26 30.88 50.66 23.35
C SER C 26 29.79 49.60 23.32
N SER C 27 29.05 49.43 24.42
CA SER C 27 27.97 48.46 24.49
C SER C 27 26.62 49.02 24.07
N ASP C 28 26.47 50.35 23.96
CA ASP C 28 25.19 50.95 23.61
C ASP C 28 25.24 51.84 22.37
N ILE C 29 25.69 53.10 22.44
CA ILE C 29 25.71 53.96 21.26
C ILE C 29 26.63 53.39 20.19
N GLY C 30 27.76 52.82 20.59
CA GLY C 30 28.70 52.23 19.66
C GLY C 30 28.39 50.85 19.14
N SER C 31 27.31 50.22 19.59
CA SER C 31 26.96 48.87 19.17
C SER C 31 25.67 48.79 18.37
N TYR C 32 24.70 49.68 18.60
CA TYR C 32 23.43 49.65 17.88
C TYR C 32 23.13 51.04 17.34
N ASN C 33 22.54 51.09 16.15
CA ASN C 33 22.11 52.35 15.55
C ASN C 33 20.69 52.72 15.97
N TYR C 34 20.48 52.83 17.30
CA TYR C 34 19.16 53.17 17.86
C TYR C 34 19.35 54.21 18.95
N VAL C 35 19.64 55.45 18.56
CA VAL C 35 19.88 56.55 19.49
C VAL C 35 18.83 57.62 19.22
N SER C 36 17.91 57.81 20.16
CA SER C 36 16.79 58.72 19.98
C SER C 36 17.05 60.00 20.76
N TRP C 37 16.44 61.09 20.28
CA TRP C 37 16.49 62.39 20.94
C TRP C 37 15.08 62.85 21.24
N TYR C 38 14.90 63.43 22.43
CA TYR C 38 13.62 63.92 22.92
C TYR C 38 13.75 65.39 23.34
N GLN C 39 12.68 66.15 23.11
CA GLN C 39 12.59 67.57 23.50
C GLN C 39 11.47 67.72 24.52
N GLN C 40 11.84 68.07 25.77
CA GLN C 40 10.89 68.22 26.87
C GLN C 40 10.81 69.67 27.31
N HIS C 41 9.67 70.31 27.09
CA HIS C 41 9.53 71.67 27.60
C HIS C 41 9.22 71.56 29.10
N PRO C 42 9.77 72.43 29.96
CA PRO C 42 9.46 72.29 31.39
C PRO C 42 7.97 72.28 31.65
N GLY C 43 7.55 71.33 32.50
CA GLY C 43 6.16 71.18 32.85
C GLY C 43 5.39 70.23 31.94
N LYS C 44 5.98 69.82 30.83
CA LYS C 44 5.36 68.95 29.84
C LYS C 44 6.14 67.65 29.67
N ALA C 45 5.46 66.66 29.11
CA ALA C 45 6.09 65.40 28.75
C ALA C 45 7.06 65.58 27.57
N PRO C 46 8.09 64.75 27.47
CA PRO C 46 8.98 64.85 26.32
C PRO C 46 8.32 64.45 25.02
N LYS C 47 8.73 65.13 23.95
CA LYS C 47 8.30 64.84 22.58
C LYS C 47 9.45 64.13 21.87
N LEU C 48 9.13 63.14 21.04
CA LEU C 48 10.16 62.49 20.25
C LEU C 48 10.58 63.40 19.11
N MET C 49 11.88 63.64 18.99
CA MET C 49 12.44 64.46 17.93
C MET C 49 13.21 63.65 16.90
N ILE C 50 14.02 62.70 17.35
CA ILE C 50 14.84 61.88 16.45
C ILE C 50 14.76 60.43 16.93
N TYR C 51 14.77 59.50 15.98
CA TYR C 51 14.78 58.07 16.28
C TYR C 51 15.76 57.41 15.32
N ASP C 52 16.16 56.19 15.68
CA ASP C 52 17.22 55.45 14.99
C ASP C 52 18.44 56.34 15.16
N VAL C 53 19.04 56.88 14.11
CA VAL C 53 20.16 57.82 14.23
C VAL C 53 19.84 59.15 13.57
N THR C 54 19.33 59.10 12.33
CA THR C 54 19.11 60.28 11.50
C THR C 54 17.64 60.53 11.16
N GLN C 55 16.70 59.75 11.69
CA GLN C 55 15.31 59.83 11.27
C GLN C 55 14.53 60.80 12.15
N ARG C 56 13.53 61.45 11.55
CA ARG C 56 12.62 62.33 12.27
C ARG C 56 11.18 61.82 12.21
N PRO C 57 10.40 61.95 13.29
CA PRO C 57 8.97 61.65 13.17
C PRO C 57 8.30 62.67 12.26
N SER C 58 7.21 62.26 11.62
CA SER C 58 6.44 63.21 10.83
C SER C 58 5.94 64.30 11.76
N GLY C 59 5.98 65.54 11.28
CA GLY C 59 5.53 66.68 12.06
C GLY C 59 6.67 67.43 12.73
N VAL C 60 7.87 66.86 12.71
CA VAL C 60 9.08 67.47 13.29
C VAL C 60 9.86 68.17 12.18
N SER C 61 10.21 69.43 12.44
CA SER C 61 10.91 70.25 11.46
C SER C 61 12.29 69.66 11.15
N ASP C 62 12.77 69.94 9.95
CA ASP C 62 14.04 69.42 9.44
C ASP C 62 15.25 70.19 9.97
N ARG C 63 15.04 71.10 10.91
CA ARG C 63 16.13 71.81 11.56
C ARG C 63 16.83 70.94 12.59
N PHE C 64 16.21 69.82 13.00
CA PHE C 64 16.75 68.90 14.00
C PHE C 64 17.38 67.73 13.25
N SER C 65 18.71 67.67 13.23
CA SER C 65 19.45 66.69 12.45
C SER C 65 20.36 65.87 13.36
N GLY C 66 20.16 64.56 13.38
CA GLY C 66 20.93 63.67 14.22
C GLY C 66 22.13 63.11 13.50
N SER C 67 23.12 62.69 14.27
CA SER C 67 24.28 62.02 13.70
C SER C 67 24.95 61.18 14.77
N LYS C 68 25.82 60.27 14.32
CA LYS C 68 26.58 59.42 15.22
C LYS C 68 27.96 59.15 14.64
N SER C 69 28.97 59.17 15.51
CA SER C 69 30.34 58.81 15.16
C SER C 69 30.97 58.11 16.35
N GLY C 70 31.49 56.91 16.12
CA GLY C 70 32.09 56.17 17.22
C GLY C 70 31.04 55.89 18.27
N ASN C 71 31.34 56.28 19.51
CA ASN C 71 30.45 56.08 20.63
C ASN C 71 29.73 57.38 21.02
N THR C 72 29.80 58.41 20.18
CA THR C 72 29.20 59.71 20.46
C THR C 72 28.14 60.03 19.41
N ALA C 73 26.96 60.42 19.89
CA ALA C 73 25.82 60.80 19.07
C ALA C 73 25.57 62.28 19.29
N SER C 74 25.02 62.97 18.30
CA SER C 74 24.72 64.39 18.50
C SER C 74 23.46 64.81 17.78
N LEU C 75 22.90 65.89 18.32
CA LEU C 75 21.73 66.60 17.80
C LEU C 75 22.15 67.99 17.37
N THR C 76 21.99 68.30 16.09
CA THR C 76 22.32 69.62 15.57
C THR C 76 21.01 70.34 15.31
N ILE C 77 20.85 71.52 15.89
CA ILE C 77 19.68 72.36 15.69
C ILE C 77 20.17 73.59 14.94
N SER C 78 19.71 73.74 13.70
CA SER C 78 20.14 74.80 12.80
C SER C 78 19.00 75.79 12.63
N GLY C 79 19.23 77.04 13.02
CA GLY C 79 18.19 78.05 12.92
C GLY C 79 17.34 78.14 14.18
N LEU C 80 18.01 78.30 15.32
CA LEU C 80 17.31 78.29 16.61
C LEU C 80 16.20 79.33 16.69
N GLN C 81 15.06 78.88 17.20
CA GLN C 81 13.85 79.67 17.39
C GLN C 81 13.65 79.90 18.88
N ALA C 82 12.85 80.93 19.21
CA ALA C 82 12.50 81.16 20.60
C ALA C 82 11.76 79.96 21.19
N ASP C 83 11.01 79.23 20.36
CA ASP C 83 10.22 78.09 20.81
C ASP C 83 11.05 76.82 20.97
N ASP C 84 12.36 76.88 20.72
CA ASP C 84 13.25 75.74 20.87
C ASP C 84 13.87 75.64 22.25
N GLU C 85 13.55 76.55 23.17
CA GLU C 85 14.12 76.47 24.51
C GLU C 85 13.49 75.29 25.23
N ALA C 86 14.31 74.30 25.59
CA ALA C 86 13.75 73.08 26.17
C ALA C 86 14.87 72.24 26.75
N ASP C 87 14.49 71.25 27.56
CA ASP C 87 15.43 70.25 28.05
C ASP C 87 15.48 69.09 27.06
N TYR C 88 16.63 68.85 26.46
CA TYR C 88 16.83 67.80 25.48
C TYR C 88 17.46 66.59 26.14
N TYR C 89 16.96 65.40 25.77
CA TYR C 89 17.46 64.15 26.29
C TYR C 89 17.86 63.23 25.14
N CYS C 90 18.87 62.41 25.40
CA CYS C 90 19.31 61.35 24.51
C CYS C 90 19.00 60.01 25.18
N SER C 91 18.72 59.00 24.35
CA SER C 91 18.58 57.65 24.88
C SER C 91 19.11 56.68 23.85
N ALA C 92 19.59 55.54 24.33
CA ALA C 92 20.06 54.50 23.43
C ALA C 92 19.63 53.12 23.90
N TYR C 93 19.34 52.27 22.92
CA TYR C 93 19.07 50.86 23.17
C TYR C 93 20.40 50.21 23.53
N ALA C 94 20.43 49.41 24.59
CA ALA C 94 21.69 48.82 25.06
C ALA C 94 21.60 47.32 25.32
N GLY C 95 20.84 46.57 24.54
CA GLY C 95 20.80 45.12 24.70
C GLY C 95 19.49 44.62 25.28
N ARG C 96 19.55 43.36 25.73
CA ARG C 96 18.40 42.66 26.30
C ARG C 96 18.47 42.56 27.81
N GLN C 97 19.65 42.69 28.40
CA GLN C 97 19.77 42.58 29.86
C GLN C 97 19.25 43.87 30.49
N THR C 98 19.46 44.97 29.77
CA THR C 98 18.98 46.31 30.06
C THR C 98 18.38 46.75 28.74
N PHE C 99 17.71 47.89 28.69
CA PHE C 99 17.14 48.32 27.42
C PHE C 99 17.46 49.75 27.02
N TYR C 100 16.88 50.75 27.67
CA TYR C 100 17.09 52.13 27.28
C TYR C 100 17.86 52.87 28.35
N ILE C 101 19.01 53.42 27.96
CA ILE C 101 19.87 54.17 28.85
C ILE C 101 19.76 55.62 28.41
N PHE C 102 19.33 56.48 29.34
CA PHE C 102 19.16 57.90 29.08
C PHE C 102 20.35 58.68 29.62
N GLY C 103 20.64 59.81 28.99
CA GLY C 103 21.63 60.74 29.49
C GLY C 103 20.99 61.79 30.36
N GLY C 104 21.82 62.71 30.86
CA GLY C 104 21.29 63.81 31.63
C GLY C 104 20.69 64.81 30.68
N GLY C 105 19.75 65.62 31.16
CA GLY C 105 19.15 66.59 30.27
C GLY C 105 20.02 67.80 30.05
N THR C 106 19.97 68.32 28.82
CA THR C 106 20.63 69.55 28.43
C THR C 106 19.57 70.63 28.32
N ARG C 107 19.67 71.68 29.12
CA ARG C 107 18.68 72.75 29.04
C ARG C 107 19.20 73.74 28.01
N LEU C 108 18.53 73.78 26.86
CA LEU C 108 18.94 74.61 25.75
C LEU C 108 18.15 75.90 25.80
N THR C 109 18.88 77.02 25.82
CA THR C 109 18.31 78.36 25.82
C THR C 109 18.71 79.04 24.52
N VAL C 110 17.99 80.10 24.17
CA VAL C 110 18.21 80.80 22.91
C VAL C 110 18.12 82.29 23.16
N VAL D 7 -10.79 17.62 11.77
CA VAL D 7 -9.87 18.75 11.90
C VAL D 7 -10.05 19.77 10.77
N PHE D 8 -11.11 19.62 9.97
CA PHE D 8 -11.36 20.53 8.83
C PHE D 8 -12.15 21.75 9.30
N LEU D 9 -11.57 22.47 10.26
CA LEU D 9 -12.19 23.65 10.85
C LEU D 9 -11.20 24.79 10.72
N GLY D 10 -11.54 25.79 9.90
CA GLY D 10 -10.65 26.90 9.66
C GLY D 10 -9.58 26.62 8.63
N PHE D 11 -9.57 25.43 8.03
CA PHE D 11 -8.54 25.06 7.06
C PHE D 11 -8.56 26.00 5.87
N LEU D 12 -7.41 26.64 5.62
CA LEU D 12 -7.20 27.65 4.60
C LEU D 12 -8.05 28.90 4.79
N GLY D 13 -8.68 29.07 5.96
CA GLY D 13 -9.50 30.25 6.17
C GLY D 13 -8.70 31.53 6.06
N ALA D 14 -7.43 31.48 6.43
CA ALA D 14 -6.53 32.62 6.38
C ALA D 14 -5.85 32.78 5.03
N ALA D 15 -6.20 31.94 4.04
CA ALA D 15 -5.54 32.01 2.73
C ALA D 15 -5.64 33.40 2.11
N GLY D 16 -6.76 34.10 2.34
CA GLY D 16 -6.92 35.44 1.83
C GLY D 16 -6.50 36.52 2.80
N SER D 17 -5.99 36.13 3.97
CA SER D 17 -5.57 37.06 5.01
C SER D 17 -4.13 37.45 4.76
N THR D 18 -3.67 38.48 5.47
CA THR D 18 -2.30 38.89 5.24
C THR D 18 -1.37 37.86 5.88
N MET D 19 -0.09 37.91 5.49
CA MET D 19 0.86 36.93 5.99
C MET D 19 0.97 36.96 7.51
N GLY D 20 0.89 38.15 8.10
CA GLY D 20 0.93 38.24 9.55
C GLY D 20 -0.25 37.54 10.19
N ALA D 21 -1.45 37.93 9.79
CA ALA D 21 -2.67 37.32 10.32
C ALA D 21 -2.70 35.82 10.03
N ALA D 22 -2.18 35.41 8.89
CA ALA D 22 -2.20 34.02 8.46
C ALA D 22 -1.10 33.18 9.11
N SER D 23 -0.23 33.77 9.93
CA SER D 23 0.83 33.03 10.61
C SER D 23 0.39 32.51 11.97
N MET D 24 -0.82 32.86 12.41
CA MET D 24 -1.36 32.44 13.69
C MET D 24 -2.25 31.22 13.55
N THR D 25 -2.41 30.70 12.33
CA THR D 25 -3.26 29.56 12.00
C THR D 25 -2.45 28.39 11.43
N LEU D 26 -1.14 28.37 11.68
CA LEU D 26 -0.29 27.34 11.10
C LEU D 26 -0.68 25.92 11.54
N THR D 27 -1.23 25.78 12.74
CA THR D 27 -1.58 24.44 13.19
C THR D 27 -2.85 23.95 12.53
N VAL D 28 -3.64 24.88 11.98
CA VAL D 28 -4.90 24.52 11.36
C VAL D 28 -4.62 23.79 10.06
N GLN D 29 -3.67 24.32 9.28
CA GLN D 29 -3.30 23.67 8.03
C GLN D 29 -2.42 22.47 8.32
N ALA D 30 -1.53 22.57 9.31
CA ALA D 30 -0.63 21.46 9.64
C ALA D 30 -1.42 20.20 10.00
N ARG D 31 -2.54 20.35 10.70
CA ARG D 31 -3.33 19.19 11.09
C ARG D 31 -4.06 18.54 9.92
N ASN D 32 -4.15 19.21 8.78
CA ASN D 32 -4.86 18.72 7.61
C ASN D 32 -3.94 18.21 6.52
N LEU D 33 -2.65 18.05 6.81
CA LEU D 33 -1.67 17.54 5.86
C LEU D 33 -1.49 16.04 6.00
N LEU D 34 -1.73 15.51 7.18
CA LEU D 34 -1.48 14.12 7.53
C LEU D 34 -2.83 13.45 7.78
N SER D 35 -3.12 12.43 6.97
CA SER D 35 -4.37 11.63 6.96
C SER D 35 -5.55 12.12 7.79
N THR D 58 -8.16 -5.91 -5.81
CA THR D 58 -9.07 -4.78 -5.71
C THR D 58 -8.28 -3.50 -6.01
N VAL D 59 -8.46 -2.97 -7.23
CA VAL D 59 -7.74 -1.76 -7.64
C VAL D 59 -8.13 -0.56 -6.77
N TRP D 60 -9.39 -0.53 -6.30
CA TRP D 60 -9.81 0.57 -5.45
C TRP D 60 -9.05 0.60 -4.14
N GLY D 61 -8.56 -0.56 -3.70
CA GLY D 61 -7.84 -0.65 -2.46
C GLY D 61 -6.37 -0.37 -2.64
N ILE D 62 -5.91 -0.16 -3.88
CA ILE D 62 -4.52 0.12 -4.17
C ILE D 62 -4.31 1.59 -4.46
N LYS D 63 -5.13 2.16 -5.34
CA LYS D 63 -4.96 3.57 -5.73
C LYS D 63 -5.11 4.49 -4.55
N GLN D 64 -6.10 4.22 -3.68
CA GLN D 64 -6.27 5.12 -2.56
C GLN D 64 -5.19 4.86 -1.53
N LEU D 65 -4.69 3.63 -1.50
CA LEU D 65 -3.61 3.32 -0.58
C LEU D 65 -2.36 4.04 -1.05
N GLN D 66 -2.16 4.10 -2.37
CA GLN D 66 -1.01 4.82 -2.89
C GLN D 66 -1.12 6.28 -2.51
N ALA D 67 -2.34 6.83 -2.57
CA ALA D 67 -2.52 8.22 -2.18
C ALA D 67 -2.18 8.42 -0.72
N ARG D 68 -2.55 7.46 0.12
CA ARG D 68 -2.22 7.60 1.54
C ARG D 68 -0.72 7.54 1.73
N VAL D 69 -0.06 6.62 1.01
CA VAL D 69 1.38 6.52 1.14
C VAL D 69 2.01 7.80 0.62
N LEU D 70 1.50 8.32 -0.49
CA LEU D 70 2.07 9.54 -1.04
C LEU D 70 1.94 10.68 -0.04
N ALA D 71 0.77 10.79 0.61
CA ALA D 71 0.59 11.87 1.59
C ALA D 71 1.61 11.75 2.71
N VAL D 72 1.87 10.52 3.15
CA VAL D 72 2.84 10.31 4.20
C VAL D 72 4.23 10.72 3.73
N GLU D 73 4.57 10.31 2.50
CA GLU D 73 5.89 10.65 1.98
C GLU D 73 6.04 12.15 1.84
N ARG D 74 4.98 12.84 1.40
CA ARG D 74 5.12 14.27 1.24
C ARG D 74 5.30 14.94 2.59
N TYR D 75 4.55 14.47 3.58
CA TYR D 75 4.67 15.02 4.92
C TYR D 75 6.09 14.84 5.41
N LEU D 76 6.61 13.62 5.29
CA LEU D 76 7.93 13.35 5.82
C LEU D 76 8.99 14.13 5.07
N ARG D 77 8.84 14.34 3.76
CA ARG D 77 9.86 15.10 3.07
C ARG D 77 9.91 16.53 3.59
N ASP D 78 8.76 17.12 3.90
CA ASP D 78 8.82 18.46 4.45
C ASP D 78 9.39 18.42 5.85
N GLN D 79 9.07 17.36 6.59
CA GLN D 79 9.62 17.24 7.93
C GLN D 79 11.11 17.00 7.84
N GLN D 80 11.54 16.27 6.80
CA GLN D 80 12.97 16.04 6.65
C GLN D 80 13.69 17.35 6.40
N LEU D 81 13.10 18.24 5.59
CA LEU D 81 13.77 19.52 5.38
C LEU D 81 13.81 20.29 6.69
N LEU D 82 12.64 20.57 7.25
CA LEU D 82 12.58 21.35 8.51
C LEU D 82 13.67 20.85 9.45
N GLY D 83 13.88 19.54 9.60
CA GLY D 83 14.95 18.96 10.42
C GLY D 83 16.37 19.25 9.92
N ILE D 84 16.59 19.23 8.61
CA ILE D 84 17.93 19.50 8.01
C ILE D 84 18.31 20.94 8.36
N TRP D 85 17.38 21.89 8.33
CA TRP D 85 17.58 23.24 8.91
C TRP D 85 17.30 22.96 10.39
N GLY D 86 17.77 23.72 11.36
CA GLY D 86 17.43 23.26 12.73
C GLY D 86 16.06 23.73 13.12
N CYS D 87 15.05 23.33 12.36
CA CYS D 87 13.66 23.82 12.57
C CYS D 87 12.75 22.66 12.97
N SER D 88 13.33 21.53 13.32
CA SER D 88 12.57 20.32 13.70
C SER D 88 11.63 20.59 14.87
N GLY D 89 10.42 20.05 14.80
CA GLY D 89 9.43 20.28 15.84
C GLY D 89 8.92 21.68 15.96
N LYS D 90 9.20 22.55 15.00
CA LYS D 90 8.77 23.94 15.04
C LYS D 90 7.94 24.28 13.81
N LEU D 91 6.95 25.16 14.03
CA LEU D 91 6.17 25.71 12.93
C LEU D 91 6.69 27.07 12.51
N ILE D 92 7.30 27.81 13.42
CA ILE D 92 7.96 29.07 13.13
C ILE D 92 9.39 28.86 13.61
N CYS D 93 10.35 29.02 12.72
CA CYS D 93 11.74 28.77 13.05
C CYS D 93 12.65 29.81 12.41
N CYS D 94 13.51 30.40 13.22
CA CYS D 94 14.42 31.45 12.79
C CYS D 94 15.81 30.86 12.56
N THR D 95 16.55 31.45 11.63
CA THR D 95 17.93 31.08 11.34
C THR D 95 18.85 32.29 11.25
N ASN D 96 20.09 31.97 10.88
CA ASN D 96 21.20 32.90 10.70
C ASN D 96 21.49 33.18 9.23
N VAL D 97 20.55 32.90 8.34
CA VAL D 97 20.71 33.18 6.92
C VAL D 97 20.12 34.57 6.65
N PRO D 98 20.93 35.55 6.25
CA PRO D 98 20.38 36.89 5.97
C PRO D 98 19.45 36.86 4.77
N TRP D 99 18.51 37.80 4.77
CA TRP D 99 17.63 37.95 3.62
C TRP D 99 18.36 38.80 2.59
N ASN D 100 18.39 38.31 1.36
CA ASN D 100 19.01 39.00 0.24
C ASN D 100 17.98 39.86 -0.49
N SER D 101 18.30 41.15 -0.65
CA SER D 101 17.38 42.07 -1.31
C SER D 101 17.16 41.70 -2.78
N SER D 102 18.00 40.85 -3.34
CA SER D 102 17.79 40.39 -4.71
C SER D 102 16.63 39.40 -4.80
N TRP D 103 16.25 38.79 -3.67
CA TRP D 103 15.14 37.85 -3.65
C TRP D 103 13.84 38.62 -3.55
N SER D 104 13.79 39.60 -2.64
CA SER D 104 12.67 40.51 -2.50
C SER D 104 13.19 41.77 -1.82
N ASN D 105 12.63 42.92 -2.20
CA ASN D 105 13.03 44.22 -1.66
C ASN D 105 11.92 44.89 -0.88
N ARG D 106 10.73 44.32 -0.86
CA ARG D 106 9.55 44.80 -0.16
C ARG D 106 9.87 45.01 1.32
N ASN D 107 9.10 45.85 2.01
CA ASN D 107 9.41 46.16 3.39
C ASN D 107 8.72 45.09 4.24
N LEU D 108 8.62 45.30 5.55
CA LEU D 108 8.02 44.33 6.45
C LEU D 108 6.53 44.58 6.55
N SER D 109 6.09 45.80 6.22
CA SER D 109 4.68 46.17 6.20
C SER D 109 4.04 45.73 4.89
N GLU D 110 4.83 45.63 3.83
CA GLU D 110 4.36 45.25 2.50
C GLU D 110 4.36 43.74 2.31
N ILE D 111 4.75 42.99 3.36
CA ILE D 111 4.86 41.55 3.34
C ILE D 111 3.91 40.93 4.36
N TRP D 112 3.89 41.49 5.57
CA TRP D 112 3.18 40.89 6.68
C TRP D 112 1.87 41.60 6.98
N ASP D 113 1.62 42.76 6.37
CA ASP D 113 0.47 43.59 6.68
C ASP D 113 -0.34 43.93 5.43
N ASN D 114 0.23 43.75 4.24
CA ASN D 114 -0.41 44.14 2.98
C ASN D 114 -0.21 43.08 1.89
N MET D 115 0.15 41.85 2.27
CA MET D 115 0.33 40.78 1.30
C MET D 115 -0.10 39.45 1.92
N THR D 116 -0.57 38.55 1.06
CA THR D 116 -0.97 37.20 1.47
C THR D 116 0.15 36.21 1.14
N TRP D 117 0.02 35.01 1.71
CA TRP D 117 1.03 33.99 1.45
C TRP D 117 0.99 33.47 0.02
N LEU D 118 -0.18 33.51 -0.64
CA LEU D 118 -0.23 33.08 -2.03
C LEU D 118 0.53 34.05 -2.92
N GLN D 119 0.37 35.35 -2.67
CA GLN D 119 1.07 36.36 -3.45
C GLN D 119 2.56 36.28 -3.19
N TRP D 120 2.93 36.09 -1.93
CA TRP D 120 4.35 35.97 -1.59
C TRP D 120 4.95 34.74 -2.24
N ASP D 121 4.25 33.60 -2.18
CA ASP D 121 4.77 32.38 -2.78
C ASP D 121 4.98 32.56 -4.26
N LYS D 122 4.09 33.30 -4.93
CA LYS D 122 4.29 33.55 -6.35
C LYS D 122 5.49 34.46 -6.58
N GLU D 123 5.65 35.48 -5.74
CA GLU D 123 6.76 36.42 -5.85
C GLU D 123 8.11 35.75 -5.61
N ILE D 124 8.19 34.81 -4.65
CA ILE D 124 9.45 34.22 -4.23
C ILE D 124 9.71 32.84 -4.86
N SER D 125 8.82 32.36 -5.74
CA SER D 125 8.95 31.00 -6.25
C SER D 125 10.25 30.77 -7.02
N ASN D 126 10.87 31.80 -7.58
CA ASN D 126 12.12 31.62 -8.31
C ASN D 126 13.34 31.49 -7.41
N TYR D 127 13.20 31.72 -6.10
CA TYR D 127 14.31 31.73 -5.17
C TYR D 127 14.24 30.64 -4.11
N THR D 128 13.18 29.82 -4.10
CA THR D 128 13.02 28.87 -3.00
C THR D 128 14.08 27.78 -3.03
N GLN D 129 14.67 27.49 -4.18
CA GLN D 129 15.71 26.47 -4.22
C GLN D 129 17.08 27.04 -3.88
N ILE D 130 17.18 28.36 -3.75
CA ILE D 130 18.42 29.00 -3.35
C ILE D 130 18.43 29.16 -1.83
N ILE D 131 17.29 29.63 -1.31
CA ILE D 131 17.14 29.86 0.11
C ILE D 131 17.28 28.54 0.85
N TYR D 132 16.61 27.50 0.35
CA TYR D 132 16.67 26.20 0.99
C TYR D 132 18.10 25.70 1.01
N GLY D 133 18.85 25.95 -0.07
CA GLY D 133 20.24 25.53 -0.08
C GLY D 133 21.01 26.24 1.00
N LEU D 134 20.76 27.54 1.15
CA LEU D 134 21.45 28.30 2.19
C LEU D 134 21.03 27.78 3.55
N LEU D 135 19.78 27.35 3.68
CA LEU D 135 19.32 26.81 4.96
C LEU D 135 20.00 25.49 5.27
N GLU D 136 20.21 24.64 4.26
CA GLU D 136 20.85 23.34 4.42
C GLU D 136 22.36 23.35 4.19
N GLU D 137 22.81 23.94 3.10
CA GLU D 137 24.17 23.83 2.61
C GLU D 137 25.13 24.87 3.17
N SER D 138 24.65 25.77 4.03
CA SER D 138 25.51 26.79 4.61
C SER D 138 25.25 26.77 6.11
N GLN D 139 24.10 27.25 6.55
CA GLN D 139 23.82 27.24 7.97
C GLN D 139 23.40 25.82 8.36
N ASN D 140 23.19 25.63 9.66
CA ASN D 140 22.89 24.35 10.28
C ASN D 140 24.06 23.38 10.20
N GLN D 141 24.62 23.12 9.02
CA GLN D 141 25.80 22.28 8.97
C GLN D 141 26.93 22.95 9.72
N GLN D 142 27.07 24.26 9.51
CA GLN D 142 28.07 25.02 10.24
C GLN D 142 27.68 25.10 11.70
N GLU D 143 26.39 25.30 11.97
CA GLU D 143 25.92 25.40 13.34
C GLU D 143 26.16 24.10 14.09
N LYS D 144 25.89 22.97 13.43
CA LYS D 144 26.09 21.68 14.08
C LYS D 144 27.56 21.41 14.34
N ASN D 145 28.44 21.79 13.39
CA ASN D 145 29.86 21.60 13.67
C ASN D 145 30.34 22.55 14.77
N GLU D 146 29.81 23.77 14.80
CA GLU D 146 30.19 24.71 15.85
C GLU D 146 29.72 24.24 17.21
N GLN D 147 28.52 23.67 17.29
CA GLN D 147 28.04 23.15 18.57
C GLN D 147 28.89 21.95 18.98
N ASP D 148 29.28 21.13 18.00
CA ASP D 148 30.11 19.97 18.27
C ASP D 148 31.46 20.42 18.82
N LEU D 149 31.98 21.54 18.31
CA LEU D 149 33.25 22.10 18.78
C LEU D 149 33.15 22.90 20.07
N LEU D 150 31.98 23.44 20.40
CA LEU D 150 31.81 24.12 21.68
C LEU D 150 31.61 23.14 22.82
N ALA D 151 31.01 21.98 22.52
CA ALA D 151 30.76 20.96 23.52
C ALA D 151 32.02 20.22 23.96
N LEU D 152 33.08 20.17 23.14
CA LEU D 152 34.33 19.58 23.59
C LEU D 152 35.06 20.43 24.61
N ASP D 153 34.88 21.75 24.57
CA ASP D 153 35.57 22.62 25.51
C ASP D 153 35.00 22.41 26.91
N GLN E 1 -30.02 17.85 -51.22
CA GLN E 1 -29.85 17.27 -49.86
C GLN E 1 -28.48 17.60 -49.27
N VAL E 2 -27.47 16.80 -49.62
CA VAL E 2 -26.11 16.96 -49.12
C VAL E 2 -25.20 17.08 -50.34
N GLN E 3 -24.40 18.15 -50.38
CA GLN E 3 -23.48 18.40 -51.48
C GLN E 3 -22.04 18.28 -50.97
N LEU E 4 -21.27 17.38 -51.57
CA LEU E 4 -19.86 17.19 -51.25
C LEU E 4 -19.05 17.77 -52.40
N GLN E 5 -17.93 18.41 -52.08
CA GLN E 5 -17.05 18.92 -53.14
C GLN E 5 -15.60 18.80 -52.75
N GLU E 6 -14.84 18.03 -53.54
CA GLU E 6 -13.41 17.86 -53.31
C GLU E 6 -12.64 19.06 -53.83
N SER E 7 -11.58 19.42 -53.12
CA SER E 7 -10.66 20.46 -53.56
C SER E 7 -9.27 20.16 -53.06
N GLY E 8 -8.28 20.28 -53.94
CA GLY E 8 -6.91 20.08 -53.57
C GLY E 8 -5.98 20.01 -54.77
N PRO E 9 -4.68 19.85 -54.52
CA PRO E 9 -3.72 19.79 -55.62
C PRO E 9 -4.04 18.67 -56.59
N GLY E 10 -3.90 18.96 -57.88
CA GLY E 10 -4.10 17.96 -58.91
C GLY E 10 -2.84 17.22 -59.28
N LEU E 11 -1.70 17.60 -58.72
CA LEU E 11 -0.42 16.95 -59.00
C LEU E 11 0.41 17.02 -57.73
N VAL E 12 0.97 15.89 -57.33
CA VAL E 12 1.85 15.79 -56.17
C VAL E 12 3.12 15.07 -56.62
N LYS E 13 4.26 15.47 -56.06
CA LYS E 13 5.50 14.82 -56.45
C LYS E 13 5.77 13.60 -55.59
N PRO E 14 6.58 12.65 -56.07
CA PRO E 14 6.95 11.49 -55.24
C PRO E 14 7.55 11.87 -53.89
N SER E 15 7.17 11.10 -52.87
CA SER E 15 7.58 11.25 -51.47
C SER E 15 7.01 12.46 -50.75
N GLU E 16 6.11 13.22 -51.39
CA GLU E 16 5.45 14.33 -50.70
C GLU E 16 4.14 13.84 -50.12
N THR E 17 3.44 14.73 -49.41
CA THR E 17 2.15 14.41 -48.81
C THR E 17 1.03 15.03 -49.63
N LEU E 18 0.02 14.23 -49.94
CA LEU E 18 -1.16 14.66 -50.68
C LEU E 18 -2.23 15.07 -49.68
N SER E 19 -2.75 16.28 -49.83
CA SER E 19 -3.77 16.80 -48.92
C SER E 19 -4.98 17.23 -49.74
N LEU E 20 -6.10 16.53 -49.54
CA LEU E 20 -7.35 16.80 -50.25
C LEU E 20 -8.42 17.12 -49.22
N THR E 21 -9.17 18.21 -49.44
CA THR E 21 -10.21 18.63 -48.51
C THR E 21 -11.56 18.55 -49.20
N CYS E 22 -12.54 17.95 -48.52
CA CYS E 22 -13.91 17.81 -48.99
C CYS E 22 -14.78 18.77 -48.20
N ALA E 23 -15.42 19.70 -48.90
CA ALA E 23 -16.34 20.64 -48.30
C ALA E 23 -17.72 19.99 -48.29
N VAL E 24 -18.44 20.17 -47.19
CA VAL E 24 -19.77 19.60 -47.03
C VAL E 24 -20.77 20.74 -46.89
N SER E 25 -21.76 20.79 -47.77
CA SER E 25 -22.83 21.77 -47.73
C SER E 25 -24.13 21.04 -47.49
N GLY E 26 -24.89 21.45 -46.48
CA GLY E 26 -26.16 20.84 -46.17
C GLY E 26 -26.15 19.82 -45.06
N ASN E 27 -24.99 19.53 -44.46
CA ASN E 27 -24.92 18.53 -43.41
C ASN E 27 -23.67 18.75 -42.54
N PRO E 28 -23.81 18.94 -41.21
CA PRO E 28 -22.62 19.16 -40.38
C PRO E 28 -21.63 18.01 -40.41
N VAL E 29 -20.33 18.36 -40.36
CA VAL E 29 -19.30 17.32 -40.29
C VAL E 29 -19.21 16.73 -38.88
N THR E 30 -19.94 17.30 -37.92
CA THR E 30 -20.02 16.81 -36.55
C THR E 30 -21.16 15.84 -36.41
N ALA E 31 -21.88 15.56 -37.49
CA ALA E 31 -22.95 14.59 -37.51
C ALA E 31 -22.36 13.20 -37.39
N GLY E 32 -23.13 12.30 -36.80
CA GLY E 32 -22.64 10.95 -36.63
C GLY E 32 -22.64 10.11 -37.89
N PHE E 33 -21.97 10.59 -38.92
CA PHE E 33 -21.83 9.89 -40.20
C PHE E 33 -20.35 9.60 -40.39
N ASP E 34 -20.07 8.53 -41.12
CA ASP E 34 -18.72 8.19 -41.50
C ASP E 34 -18.37 8.93 -42.76
N TRP E 35 -17.45 9.89 -42.65
CA TRP E 35 -17.02 10.72 -43.76
C TRP E 35 -15.85 9.94 -44.34
N THR E 36 -15.97 9.53 -45.60
CA THR E 36 -15.04 8.57 -46.16
C THR E 36 -14.25 9.16 -47.33
N TRP E 37 -13.11 8.54 -47.57
CA TRP E 37 -12.30 8.76 -48.76
C TRP E 37 -12.17 7.43 -49.47
N ILE E 38 -12.42 7.47 -50.78
CA ILE E 38 -12.38 6.33 -51.70
C ILE E 38 -11.62 6.79 -52.93
N ARG E 39 -10.78 5.92 -53.50
CA ARG E 39 -10.06 6.28 -54.73
C ARG E 39 -10.22 5.19 -55.77
N GLN E 40 -10.09 5.60 -57.03
CA GLN E 40 -10.15 4.69 -58.17
C GLN E 40 -8.99 4.94 -59.12
N SER E 41 -8.05 3.98 -59.18
CA SER E 41 -6.90 4.13 -60.06
C SER E 41 -7.40 4.08 -61.49
N PRO E 42 -6.77 4.79 -62.44
CA PRO E 42 -7.25 4.74 -63.83
C PRO E 42 -7.29 3.31 -64.35
N GLY E 43 -8.43 2.95 -64.93
CA GLY E 43 -8.59 1.62 -65.48
C GLY E 43 -8.91 0.55 -64.45
N LYS E 44 -9.01 0.91 -63.18
CA LYS E 44 -9.23 0.00 -62.06
C LYS E 44 -10.55 0.31 -61.38
N GLY E 45 -10.94 -0.57 -60.46
CA GLY E 45 -12.14 -0.42 -59.69
C GLY E 45 -11.93 0.50 -58.49
N LEU E 46 -12.97 0.58 -57.66
CA LEU E 46 -12.95 1.48 -56.52
C LEU E 46 -12.18 0.88 -55.37
N GLU E 47 -11.39 1.70 -54.69
CA GLU E 47 -10.67 1.30 -53.48
C GLU E 47 -11.00 2.26 -52.35
N TRP E 48 -11.47 1.71 -51.23
CA TRP E 48 -11.78 2.50 -50.06
C TRP E 48 -10.49 2.88 -49.36
N ILE E 49 -10.36 4.13 -48.94
CA ILE E 49 -9.18 4.60 -48.22
C ILE E 49 -9.43 4.62 -46.72
N GLY E 50 -10.55 5.16 -46.30
CA GLY E 50 -10.78 5.25 -44.87
C GLY E 50 -11.92 6.18 -44.55
N HIS E 51 -12.20 6.31 -43.26
CA HIS E 51 -13.25 7.21 -42.82
C HIS E 51 -12.94 7.76 -41.44
N ILE E 52 -13.66 8.85 -41.13
CA ILE E 52 -13.71 9.45 -39.79
C ILE E 52 -15.17 9.57 -39.38
N TYR E 53 -15.48 9.18 -38.15
CA TYR E 53 -16.85 9.30 -37.66
C TYR E 53 -17.02 10.70 -37.11
N GLY E 54 -17.93 11.47 -37.73
CA GLY E 54 -18.07 12.88 -37.40
C GLY E 54 -18.43 13.21 -35.97
N ALA E 55 -19.24 12.38 -35.32
CA ALA E 55 -19.68 12.68 -33.97
C ALA E 55 -18.69 12.33 -32.87
N SER E 56 -17.57 11.66 -33.18
CA SER E 56 -16.60 11.30 -32.15
C SER E 56 -15.16 11.58 -32.56
N GLY E 57 -14.89 11.62 -33.85
CA GLY E 57 -13.54 11.77 -34.34
C GLY E 57 -12.80 10.46 -34.53
N SER E 58 -13.45 9.33 -34.23
CA SER E 58 -12.82 8.03 -34.39
C SER E 58 -12.64 7.76 -35.87
N THR E 59 -11.51 7.15 -36.22
CA THR E 59 -11.21 6.84 -37.62
C THR E 59 -10.90 5.38 -37.82
N ASN E 60 -11.02 4.97 -39.07
CA ASN E 60 -10.72 3.63 -39.55
C ASN E 60 -10.06 3.76 -40.91
N TYR E 61 -8.97 3.03 -41.14
CA TYR E 61 -8.24 3.12 -42.39
C TYR E 61 -8.07 1.74 -43.01
N ASN E 62 -7.96 1.72 -44.33
CA ASN E 62 -7.67 0.51 -45.07
C ASN E 62 -6.35 -0.04 -44.58
N PRO E 63 -6.28 -1.28 -44.06
CA PRO E 63 -5.00 -1.78 -43.51
C PRO E 63 -3.79 -1.68 -44.43
N SER E 64 -4.00 -1.66 -45.76
CA SER E 64 -2.86 -1.54 -46.66
C SER E 64 -2.35 -0.11 -46.76
N LEU E 65 -3.16 0.87 -46.38
CA LEU E 65 -2.83 2.29 -46.45
C LEU E 65 -2.65 2.95 -45.09
N GLU E 66 -3.19 2.36 -44.02
CA GLU E 66 -3.29 2.96 -42.70
C GLU E 66 -2.04 3.69 -42.20
N SER E 67 -0.85 3.12 -42.41
CA SER E 67 0.36 3.75 -41.91
C SER E 67 0.68 5.07 -42.61
N ARG E 68 0.08 5.31 -43.78
CA ARG E 68 0.32 6.53 -44.56
C ARG E 68 -0.90 7.43 -44.69
N VAL E 69 -2.00 7.15 -43.97
CA VAL E 69 -3.25 7.89 -44.13
C VAL E 69 -3.71 8.47 -42.81
N THR E 70 -4.01 9.78 -42.84
CA THR E 70 -4.63 10.49 -41.73
C THR E 70 -5.90 11.11 -42.28
N ILE E 71 -7.03 10.95 -41.57
CA ILE E 71 -8.29 11.57 -41.94
C ILE E 71 -8.74 12.41 -40.76
N SER E 72 -9.19 13.63 -41.05
CA SER E 72 -9.60 14.55 -39.99
C SER E 72 -10.77 15.39 -40.46
N ARG E 73 -11.38 16.10 -39.51
CA ARG E 73 -12.50 16.99 -39.77
C ARG E 73 -12.24 18.35 -39.11
N ASP E 74 -12.88 19.38 -39.67
CA ASP E 74 -12.79 20.75 -39.15
C ASP E 74 -14.19 21.34 -39.16
N ALA E 75 -14.81 21.33 -37.97
CA ALA E 75 -16.18 21.78 -37.77
C ALA E 75 -16.38 23.25 -38.05
N SER E 76 -15.31 24.07 -37.96
CA SER E 76 -15.46 25.52 -38.12
C SER E 76 -15.52 25.94 -39.58
N ARG E 77 -15.25 25.00 -40.48
CA ARG E 77 -15.28 25.15 -41.92
C ARG E 77 -16.26 24.16 -42.52
N ASN E 78 -16.66 23.15 -41.75
CA ASN E 78 -17.52 22.05 -42.18
C ASN E 78 -16.83 21.30 -43.31
N GLN E 79 -15.55 21.01 -43.09
CA GLN E 79 -14.73 20.30 -44.06
C GLN E 79 -14.14 19.05 -43.40
N PHE E 80 -13.79 18.08 -44.22
CA PHE E 80 -13.00 16.95 -43.75
C PHE E 80 -11.91 16.74 -44.78
N SER E 81 -10.81 16.12 -44.38
CA SER E 81 -9.69 15.99 -45.31
C SER E 81 -8.90 14.70 -45.12
N LEU E 82 -8.25 14.35 -46.22
CA LEU E 82 -7.35 13.21 -46.37
C LEU E 82 -5.92 13.69 -46.52
N LYS E 83 -5.04 13.16 -45.67
CA LYS E 83 -3.60 13.41 -45.71
C LYS E 83 -2.92 12.07 -46.00
N LEU E 84 -2.49 11.87 -47.25
CA LEU E 84 -1.86 10.63 -47.71
C LEU E 84 -0.37 10.87 -47.86
N THR E 85 0.43 10.23 -47.01
CA THR E 85 1.86 10.51 -46.99
C THR E 85 2.61 9.58 -47.95
N THR E 86 3.87 9.94 -48.21
CA THR E 86 4.82 9.22 -49.07
C THR E 86 4.17 8.66 -50.33
N VAL E 87 3.64 9.57 -51.14
CA VAL E 87 2.94 9.14 -52.36
C VAL E 87 3.93 8.54 -53.35
N THR E 88 3.50 7.49 -54.05
CA THR E 88 4.29 6.83 -55.09
C THR E 88 3.47 6.76 -56.37
N ALA E 89 4.04 6.12 -57.40
CA ALA E 89 3.37 6.02 -58.68
C ALA E 89 2.03 5.30 -58.56
N ALA E 90 1.95 4.33 -57.65
CA ALA E 90 0.75 3.54 -57.43
C ALA E 90 -0.39 4.36 -56.83
N ASP E 91 -0.13 5.57 -56.35
CA ASP E 91 -1.14 6.42 -55.72
C ASP E 91 -1.85 7.32 -56.72
N THR E 92 -1.54 7.25 -58.02
CA THR E 92 -2.28 8.04 -58.98
C THR E 92 -3.70 7.50 -59.07
N ALA E 93 -4.69 8.37 -58.88
CA ALA E 93 -6.06 7.90 -58.89
C ALA E 93 -7.00 9.09 -58.89
N VAL E 94 -8.27 8.83 -59.20
CA VAL E 94 -9.30 9.81 -58.94
C VAL E 94 -9.72 9.59 -57.50
N TYR E 95 -9.59 10.61 -56.68
CA TYR E 95 -9.94 10.56 -55.27
C TYR E 95 -11.32 11.18 -55.08
N TYR E 96 -12.21 10.47 -54.40
CA TYR E 96 -13.55 10.91 -54.12
C TYR E 96 -13.73 10.97 -52.61
N CYS E 97 -14.54 11.93 -52.19
CA CYS E 97 -15.02 12.00 -50.82
C CYS E 97 -16.47 11.54 -50.86
N ALA E 98 -16.90 10.87 -49.79
CA ALA E 98 -18.29 10.37 -49.72
C ALA E 98 -18.83 10.42 -48.29
N ARG E 99 -20.13 10.22 -48.12
CA ARG E 99 -20.73 10.11 -46.77
C ARG E 99 -21.18 8.66 -46.68
N ARG E 100 -20.66 7.90 -45.72
CA ARG E 100 -21.11 6.50 -45.52
C ARG E 100 -22.59 6.50 -45.11
N GLY E 101 -23.05 7.50 -44.37
CA GLY E 101 -24.48 7.57 -44.01
C GLY E 101 -24.84 6.62 -42.89
N GLY E 102 -25.57 5.55 -43.18
CA GLY E 102 -26.02 4.67 -42.14
C GLY E 102 -27.53 4.65 -42.22
N ASP E 103 -28.15 4.28 -41.10
CA ASP E 103 -29.59 4.40 -40.94
C ASP E 103 -29.84 4.80 -39.50
N HIS E 104 -30.56 5.90 -39.30
CA HIS E 104 -30.76 6.35 -37.93
C HIS E 104 -31.72 5.43 -37.17
N ARG E 105 -32.37 4.49 -37.86
CA ARG E 105 -33.31 3.57 -37.23
C ARG E 105 -32.61 2.36 -36.62
N TYR E 106 -31.33 2.16 -36.93
CA TYR E 106 -30.56 1.00 -36.49
C TYR E 106 -29.45 1.43 -35.55
N SER E 107 -29.05 0.50 -34.69
CA SER E 107 -27.92 0.69 -33.79
C SER E 107 -26.60 0.81 -34.54
N ARG E 108 -25.67 1.57 -33.95
CA ARG E 108 -24.33 1.73 -34.52
C ARG E 108 -23.65 0.38 -34.72
N MET E 109 -23.94 -0.62 -33.87
CA MET E 109 -23.36 -1.94 -34.04
C MET E 109 -23.61 -2.52 -35.43
N LEU E 110 -24.65 -2.05 -36.13
CA LEU E 110 -25.03 -2.55 -37.44
C LEU E 110 -24.67 -1.56 -38.53
N THR E 111 -24.94 -0.27 -38.30
CA THR E 111 -24.70 0.75 -39.31
C THR E 111 -23.20 1.01 -39.47
N PHE E 112 -22.38 0.53 -38.53
CA PHE E 112 -20.93 0.61 -38.68
C PHE E 112 -20.46 -0.19 -39.87
N THR E 113 -21.16 -1.27 -40.20
CA THR E 113 -20.74 -2.19 -41.24
C THR E 113 -21.45 -1.92 -42.57
N PHE E 114 -22.20 -0.82 -42.68
CA PHE E 114 -22.85 -0.48 -43.92
C PHE E 114 -21.86 0.13 -44.90
N THR E 115 -22.12 -0.08 -46.19
CA THR E 115 -21.35 0.49 -47.28
C THR E 115 -22.25 1.32 -48.20
N ASN E 116 -23.29 1.91 -47.63
CA ASN E 116 -24.28 2.69 -48.38
C ASN E 116 -23.81 4.13 -48.61
N PHE E 117 -22.86 4.29 -49.52
CA PHE E 117 -22.27 5.61 -49.73
C PHE E 117 -23.31 6.39 -50.52
N ASP E 118 -24.22 7.05 -49.77
CA ASP E 118 -25.37 7.72 -50.36
C ASP E 118 -24.98 8.93 -51.18
N PHE E 119 -24.01 9.71 -50.73
CA PHE E 119 -23.59 10.94 -51.41
C PHE E 119 -22.12 10.90 -51.78
N TRP E 120 -21.86 11.25 -53.03
CA TRP E 120 -20.53 11.29 -53.62
C TRP E 120 -20.28 12.66 -54.22
N GLY E 121 -19.01 13.06 -54.23
CA GLY E 121 -18.58 14.24 -54.93
C GLY E 121 -18.28 13.85 -56.37
N GLN E 122 -17.48 14.67 -57.06
CA GLN E 122 -17.16 14.39 -58.45
C GLN E 122 -15.76 13.81 -58.61
N GLY E 123 -14.88 14.09 -57.66
CA GLY E 123 -13.54 13.55 -57.60
C GLY E 123 -12.48 14.48 -58.16
N VAL E 124 -11.25 14.27 -57.68
CA VAL E 124 -10.06 15.00 -58.10
C VAL E 124 -9.10 13.97 -58.67
N LEU E 125 -8.67 14.18 -59.92
CA LEU E 125 -7.69 13.26 -60.49
C LEU E 125 -6.32 13.72 -60.04
N VAL E 126 -5.61 12.86 -59.31
CA VAL E 126 -4.30 13.20 -58.77
C VAL E 126 -3.28 12.30 -59.46
N THR E 127 -2.31 12.95 -60.10
CA THR E 127 -1.21 12.29 -60.78
C THR E 127 0.05 12.44 -59.93
N VAL E 128 0.76 11.34 -59.71
CA VAL E 128 2.01 11.37 -58.98
C VAL E 128 3.11 11.37 -60.02
N SER E 129 3.80 12.48 -60.16
CA SER E 129 4.78 12.68 -61.23
C SER E 129 5.61 13.91 -60.88
N SER F 2 -8.51 -7.99 -49.48
CA SER F 2 -9.52 -8.81 -50.12
C SER F 2 -10.27 -7.98 -51.15
N VAL F 3 -10.87 -8.69 -52.11
CA VAL F 3 -11.71 -8.10 -53.14
C VAL F 3 -12.88 -9.05 -53.37
N LEU F 4 -14.03 -8.48 -53.73
CA LEU F 4 -15.20 -9.29 -54.05
C LEU F 4 -15.19 -9.59 -55.55
N THR F 5 -15.44 -10.86 -55.88
CA THR F 5 -15.38 -11.28 -57.27
C THR F 5 -16.70 -10.99 -57.98
N GLN F 6 -16.60 -10.38 -59.16
CA GLN F 6 -17.72 -10.07 -60.02
C GLN F 6 -17.36 -10.51 -61.43
N PRO F 7 -18.35 -10.77 -62.29
CA PRO F 7 -18.04 -11.01 -63.70
C PRO F 7 -17.31 -9.81 -64.29
N PRO F 8 -16.34 -10.00 -65.19
CA PRO F 8 -15.70 -8.82 -65.78
C PRO F 8 -16.62 -8.03 -66.69
N SER F 9 -17.63 -8.67 -67.27
CA SER F 9 -18.60 -7.98 -68.10
C SER F 9 -19.84 -8.86 -68.25
N VAL F 10 -20.96 -8.21 -68.56
CA VAL F 10 -22.19 -8.89 -68.94
C VAL F 10 -22.76 -8.19 -70.16
N SER F 11 -23.56 -8.93 -70.92
CA SER F 11 -24.23 -8.40 -72.11
C SER F 11 -25.60 -9.05 -72.24
N GLU F 12 -26.61 -8.23 -72.47
CA GLU F 12 -27.97 -8.73 -72.62
C GLU F 12 -28.75 -7.77 -73.50
N ALA F 13 -29.83 -8.29 -74.10
CA ALA F 13 -30.69 -7.49 -74.97
C ALA F 13 -31.53 -6.50 -74.17
N ALA F 14 -31.86 -5.38 -74.83
CA ALA F 14 -32.74 -4.38 -74.25
C ALA F 14 -34.10 -4.98 -73.94
N ARG F 15 -34.71 -4.51 -72.85
CA ARG F 15 -36.01 -4.96 -72.33
C ARG F 15 -35.98 -6.36 -71.74
N LYS F 16 -34.81 -6.96 -71.59
CA LYS F 16 -34.62 -8.25 -70.95
C LYS F 16 -33.98 -8.04 -69.59
N SER F 17 -33.95 -9.09 -68.78
CA SER F 17 -33.35 -9.03 -67.45
C SER F 17 -31.92 -9.56 -67.47
N VAL F 18 -31.06 -8.92 -66.66
CA VAL F 18 -29.68 -9.34 -66.46
C VAL F 18 -29.43 -9.44 -64.96
N SER F 19 -28.54 -10.35 -64.57
CA SER F 19 -28.17 -10.53 -63.17
C SER F 19 -26.65 -10.46 -63.04
N ILE F 20 -26.17 -9.50 -62.25
CA ILE F 20 -24.74 -9.27 -62.02
C ILE F 20 -24.41 -9.85 -60.65
N SER F 21 -23.59 -10.90 -60.62
CA SER F 21 -23.24 -11.55 -59.36
C SER F 21 -22.09 -10.85 -58.66
N CYS F 22 -21.95 -11.15 -57.36
CA CYS F 22 -20.88 -10.69 -56.50
C CYS F 22 -20.57 -11.86 -55.58
N SER F 23 -19.30 -12.24 -55.47
CA SER F 23 -18.89 -13.40 -54.68
C SER F 23 -17.76 -13.01 -53.73
N GLY F 24 -18.03 -13.15 -52.43
CA GLY F 24 -17.12 -12.78 -51.36
C GLY F 24 -16.75 -13.96 -50.49
N SER F 25 -16.61 -13.71 -49.20
CA SER F 25 -16.19 -14.71 -48.22
C SER F 25 -17.01 -14.53 -46.96
N ASP F 26 -16.71 -15.33 -45.94
CA ASP F 26 -17.48 -15.28 -44.71
C ASP F 26 -17.12 -14.08 -43.82
N SER F 27 -16.12 -13.29 -44.19
CA SER F 27 -15.75 -12.12 -43.41
C SER F 27 -16.46 -10.85 -43.89
N ASN F 28 -17.17 -10.92 -45.01
CA ASN F 28 -17.82 -9.73 -45.58
C ASN F 28 -19.25 -10.05 -46.06
N ILE F 29 -19.46 -10.64 -47.24
CA ILE F 29 -20.82 -10.88 -47.70
C ILE F 29 -21.53 -11.87 -46.79
N GLY F 30 -20.80 -12.87 -46.29
CA GLY F 30 -21.44 -13.83 -45.42
C GLY F 30 -21.66 -13.35 -44.01
N SER F 31 -21.24 -12.12 -43.71
CA SER F 31 -21.39 -11.51 -42.39
C SER F 31 -22.24 -10.25 -42.48
N ASN F 32 -21.83 -9.28 -43.29
CA ASN F 32 -22.46 -7.99 -43.42
C ASN F 32 -23.36 -7.94 -44.66
N SER F 33 -24.01 -6.80 -44.86
CA SER F 33 -24.88 -6.60 -46.01
C SER F 33 -24.07 -6.11 -47.22
N VAL F 34 -24.70 -6.18 -48.39
CA VAL F 34 -24.08 -5.80 -49.65
C VAL F 34 -24.81 -4.61 -50.26
N SER F 35 -24.05 -3.64 -50.75
CA SER F 35 -24.57 -2.49 -51.47
C SER F 35 -24.09 -2.57 -52.91
N TRP F 36 -24.84 -1.94 -53.81
CA TRP F 36 -24.51 -1.87 -55.23
C TRP F 36 -24.50 -0.43 -55.71
N PHE F 37 -23.55 -0.14 -56.60
CA PHE F 37 -23.33 1.17 -57.19
C PHE F 37 -23.32 1.09 -58.71
N GLN F 38 -23.75 2.19 -59.35
CA GLN F 38 -23.74 2.37 -60.80
C GLN F 38 -22.82 3.52 -61.15
N GLN F 39 -21.74 3.24 -61.87
CA GLN F 39 -20.76 4.26 -62.26
C GLN F 39 -20.75 4.42 -63.77
N PHE F 40 -20.89 5.66 -64.22
CA PHE F 40 -20.81 6.01 -65.62
C PHE F 40 -19.43 6.61 -65.89
N PRO F 41 -18.82 6.40 -67.06
CA PRO F 41 -17.49 7.01 -67.29
C PRO F 41 -17.52 8.52 -67.11
N GLY F 42 -16.48 9.04 -66.45
CA GLY F 42 -16.34 10.46 -66.24
C GLY F 42 -16.90 11.02 -64.94
N THR F 43 -17.69 10.26 -64.19
CA THR F 43 -18.28 10.75 -62.95
C THR F 43 -18.12 9.74 -61.81
N ALA F 44 -18.58 10.17 -60.63
CA ALA F 44 -18.58 9.35 -59.42
C ALA F 44 -19.67 8.27 -59.47
N PRO F 45 -19.46 7.14 -58.81
CA PRO F 45 -20.50 6.11 -58.78
C PRO F 45 -21.75 6.56 -58.02
N LYS F 46 -22.91 6.14 -58.54
CA LYS F 46 -24.20 6.38 -57.91
C LYS F 46 -24.60 5.15 -57.12
N LEU F 47 -25.05 5.34 -55.88
CA LEU F 47 -25.55 4.22 -55.10
C LEU F 47 -26.88 3.76 -55.64
N LEU F 48 -27.00 2.44 -55.86
CA LEU F 48 -28.24 1.84 -56.33
C LEU F 48 -28.99 1.14 -55.21
N ILE F 49 -28.31 0.18 -54.56
CA ILE F 49 -28.93 -0.70 -53.57
C ILE F 49 -28.08 -0.66 -52.31
N HIS F 50 -28.74 -0.70 -51.15
CA HIS F 50 -28.03 -0.80 -49.89
C HIS F 50 -28.79 -1.75 -48.99
N PHE F 51 -28.09 -2.26 -47.98
CA PHE F 51 -28.64 -3.19 -47.00
C PHE F 51 -29.31 -4.37 -47.71
N ASN F 52 -28.59 -4.87 -48.72
CA ASN F 52 -28.90 -6.01 -49.56
C ASN F 52 -30.03 -5.76 -50.57
N ASN F 53 -31.20 -5.29 -50.13
CA ASN F 53 -32.29 -5.00 -51.07
C ASN F 53 -33.00 -3.66 -50.80
N GLN F 54 -32.33 -2.67 -50.21
CA GLN F 54 -32.98 -1.38 -50.00
C GLN F 54 -32.60 -0.48 -51.17
N ARG F 55 -33.61 0.06 -51.84
CA ARG F 55 -33.42 0.89 -53.01
C ARG F 55 -33.21 2.34 -52.62
N ALA F 56 -32.12 2.94 -53.12
CA ALA F 56 -31.82 4.32 -52.81
C ALA F 56 -32.78 5.25 -53.52
N SER F 57 -33.02 6.42 -52.91
CA SER F 57 -33.90 7.39 -53.55
C SER F 57 -33.34 7.79 -54.90
N GLY F 58 -34.22 7.92 -55.88
CA GLY F 58 -33.81 8.29 -57.22
C GLY F 58 -33.51 7.11 -58.12
N VAL F 59 -33.59 5.89 -57.58
CA VAL F 59 -33.31 4.66 -58.32
C VAL F 59 -34.64 4.05 -58.76
N SER F 60 -34.72 3.70 -60.03
CA SER F 60 -35.92 3.13 -60.61
C SER F 60 -36.13 1.69 -60.14
N ASP F 61 -37.36 1.21 -60.36
CA ASP F 61 -37.78 -0.12 -59.94
C ASP F 61 -37.11 -1.22 -60.76
N ARG F 62 -36.41 -0.87 -61.84
CA ARG F 62 -35.69 -1.86 -62.63
C ARG F 62 -34.60 -2.55 -61.82
N PHE F 63 -34.03 -1.86 -60.83
CA PHE F 63 -32.92 -2.38 -60.06
C PHE F 63 -33.42 -2.99 -58.76
N SER F 64 -32.92 -4.19 -58.45
CA SER F 64 -33.23 -4.89 -57.21
C SER F 64 -32.07 -5.81 -56.92
N GLY F 65 -32.01 -6.36 -55.72
CA GLY F 65 -30.93 -7.30 -55.46
C GLY F 65 -31.20 -8.17 -54.26
N SER F 66 -30.26 -9.07 -54.00
CA SER F 66 -30.39 -9.99 -52.89
C SER F 66 -29.02 -10.51 -52.46
N LYS F 67 -29.00 -11.15 -51.28
CA LYS F 67 -27.82 -11.75 -50.69
C LYS F 67 -28.21 -13.11 -50.14
N SER F 68 -27.40 -14.13 -50.42
CA SER F 68 -27.60 -15.47 -49.90
C SER F 68 -26.24 -16.08 -49.60
N GLY F 69 -26.01 -16.39 -48.32
CA GLY F 69 -24.71 -16.93 -47.94
C GLY F 69 -23.65 -15.89 -48.17
N THR F 70 -22.63 -16.27 -48.94
CA THR F 70 -21.51 -15.41 -49.27
C THR F 70 -21.64 -14.85 -50.67
N SER F 71 -22.78 -15.05 -51.33
CA SER F 71 -23.03 -14.57 -52.67
C SER F 71 -24.11 -13.50 -52.64
N ALA F 72 -24.09 -12.62 -53.64
CA ALA F 72 -25.11 -11.59 -53.75
C ALA F 72 -25.28 -11.30 -55.23
N SER F 73 -26.42 -10.72 -55.60
CA SER F 73 -26.62 -10.37 -57.00
C SER F 73 -27.52 -9.17 -57.14
N LEU F 74 -27.32 -8.47 -58.25
CA LEU F 74 -28.11 -7.32 -58.68
C LEU F 74 -28.91 -7.72 -59.92
N ALA F 75 -30.22 -7.64 -59.82
CA ALA F 75 -31.11 -7.97 -60.94
C ALA F 75 -31.57 -6.67 -61.55
N ILE F 76 -31.40 -6.54 -62.86
CA ILE F 76 -31.81 -5.35 -63.61
C ILE F 76 -32.78 -5.82 -64.69
N SER F 77 -34.06 -5.56 -64.49
CA SER F 77 -35.10 -5.97 -65.43
C SER F 77 -35.41 -4.80 -66.37
N GLY F 78 -35.98 -5.11 -67.53
CA GLY F 78 -36.44 -4.03 -68.39
C GLY F 78 -35.31 -3.16 -68.90
N LEU F 79 -34.15 -3.75 -69.23
CA LEU F 79 -32.96 -3.00 -69.60
C LEU F 79 -33.19 -1.95 -70.67
N GLN F 80 -32.73 -0.74 -70.38
CA GLN F 80 -32.77 0.41 -71.25
C GLN F 80 -31.38 0.65 -71.82
N THR F 81 -31.30 1.39 -72.92
CA THR F 81 -29.97 1.64 -73.48
C THR F 81 -29.17 2.64 -72.65
N ASP F 82 -29.79 3.30 -71.68
CA ASP F 82 -29.14 4.25 -70.78
C ASP F 82 -28.54 3.58 -69.55
N ASP F 83 -28.68 2.26 -69.42
CA ASP F 83 -28.18 1.49 -68.30
C ASP F 83 -26.78 0.93 -68.53
N GLU F 84 -26.12 1.29 -69.63
CA GLU F 84 -24.77 0.80 -69.86
C GLU F 84 -23.83 1.48 -68.87
N ALA F 85 -23.22 0.69 -67.99
CA ALA F 85 -22.43 1.28 -66.91
C ALA F 85 -21.58 0.20 -66.24
N ASP F 86 -20.62 0.66 -65.43
CA ASP F 86 -19.85 -0.23 -64.57
C ASP F 86 -20.55 -0.36 -63.22
N TYR F 87 -21.00 -1.56 -62.91
CA TYR F 87 -21.72 -1.85 -61.68
C TYR F 87 -20.75 -2.47 -60.67
N TYR F 88 -20.77 -1.96 -59.45
CA TYR F 88 -19.88 -2.43 -58.39
C TYR F 88 -20.68 -2.88 -57.19
N CYS F 89 -20.18 -3.92 -56.53
CA CYS F 89 -20.72 -4.37 -55.25
C CYS F 89 -19.75 -3.94 -54.16
N ALA F 90 -20.26 -3.81 -52.94
CA ALA F 90 -19.40 -3.53 -51.81
C ALA F 90 -19.97 -4.16 -50.55
N ALA F 91 -19.07 -4.54 -49.66
CA ALA F 91 -19.44 -5.07 -48.35
C ALA F 91 -18.36 -4.70 -47.35
N TRP F 92 -18.75 -4.61 -46.08
CA TRP F 92 -17.78 -4.34 -45.03
C TRP F 92 -17.10 -5.64 -44.64
N ASP F 93 -15.77 -5.66 -44.65
CA ASP F 93 -14.98 -6.82 -44.29
C ASP F 93 -14.55 -6.68 -42.84
N ASP F 94 -15.06 -7.59 -41.99
CA ASP F 94 -14.84 -7.55 -40.55
C ASP F 94 -13.44 -8.01 -40.17
N SER F 95 -12.74 -8.73 -41.05
CA SER F 95 -11.41 -9.22 -40.72
C SER F 95 -10.39 -8.12 -40.98
N LEU F 96 -10.71 -7.21 -41.89
CA LEU F 96 -9.90 -6.06 -42.24
C LEU F 96 -10.39 -4.82 -41.51
N THR F 97 -11.68 -4.80 -41.16
CA THR F 97 -12.34 -3.60 -40.65
C THR F 97 -12.24 -2.53 -41.71
N ALA F 98 -12.70 -2.88 -42.91
CA ALA F 98 -12.64 -1.96 -44.03
C ALA F 98 -13.72 -2.30 -45.04
N ALA F 99 -14.20 -1.30 -45.76
CA ALA F 99 -15.13 -1.61 -46.84
C ALA F 99 -14.32 -2.15 -48.01
N VAL F 100 -14.88 -3.16 -48.66
CA VAL F 100 -14.26 -3.80 -49.82
C VAL F 100 -15.22 -3.69 -51.00
N PHE F 101 -14.72 -3.20 -52.12
CA PHE F 101 -15.46 -3.08 -53.37
C PHE F 101 -15.12 -4.27 -54.25
N GLY F 102 -16.05 -4.61 -55.15
CA GLY F 102 -15.80 -5.68 -56.09
C GLY F 102 -14.98 -5.22 -57.28
N THR F 103 -14.73 -6.18 -58.17
CA THR F 103 -13.91 -5.90 -59.35
C THR F 103 -14.60 -4.96 -60.32
N GLY F 104 -15.93 -5.04 -60.41
CA GLY F 104 -16.71 -4.21 -61.30
C GLY F 104 -17.13 -4.96 -62.55
N THR F 105 -18.41 -4.87 -62.90
CA THR F 105 -18.97 -5.55 -64.06
C THR F 105 -19.45 -4.50 -65.05
N ARG F 106 -18.95 -4.56 -66.27
CA ARG F 106 -19.37 -3.63 -67.32
C ARG F 106 -20.62 -4.22 -67.97
N LEU F 107 -21.74 -3.51 -67.85
CA LEU F 107 -23.00 -3.93 -68.46
C LEU F 107 -23.23 -3.09 -69.70
N THR F 108 -23.46 -3.78 -70.82
CA THR F 108 -23.83 -3.18 -72.09
C THR F 108 -25.18 -3.76 -72.48
N VAL F 109 -25.96 -2.97 -73.21
CA VAL F 109 -27.30 -3.37 -73.65
C VAL F 109 -27.31 -3.40 -75.17
N ASN G 38 0.52 25.36 40.92
CA ASN G 38 0.74 24.15 41.70
C ASN G 38 1.07 22.99 40.76
N LEU G 39 0.06 22.45 40.08
CA LEU G 39 0.23 21.33 39.16
C LEU G 39 0.09 21.81 37.72
N TRP G 40 0.85 21.17 36.84
CA TRP G 40 0.95 21.50 35.44
C TRP G 40 0.72 20.24 34.61
N VAL G 41 0.22 20.43 33.39
CA VAL G 41 0.00 19.30 32.49
C VAL G 41 1.34 18.79 31.98
N THR G 42 1.58 17.49 32.12
CA THR G 42 2.77 16.85 31.58
C THR G 42 2.29 15.72 30.69
N VAL G 43 2.89 15.60 29.51
CA VAL G 43 2.57 14.54 28.56
C VAL G 43 3.60 13.44 28.57
N TYR G 44 3.10 12.21 28.59
CA TYR G 44 3.89 11.00 28.57
C TYR G 44 3.54 10.24 27.30
N TYR G 45 4.54 9.93 26.49
CA TYR G 45 4.35 9.19 25.26
C TYR G 45 5.00 7.83 25.47
N GLY G 46 4.23 6.78 25.25
CA GLY G 46 4.64 5.42 25.49
C GLY G 46 3.89 4.85 26.69
N VAL G 47 2.75 5.43 27.02
CA VAL G 47 1.90 5.05 28.14
C VAL G 47 1.26 3.67 27.91
N PRO G 48 1.33 2.72 28.90
CA PRO G 48 0.76 1.37 28.70
C PRO G 48 -0.76 1.34 28.85
N VAL G 49 -1.43 2.02 27.93
CA VAL G 49 -2.89 2.17 27.91
C VAL G 49 -3.40 1.72 26.55
N TRP G 50 -4.57 1.09 26.56
CA TRP G 50 -5.18 0.60 25.34
C TRP G 50 -6.70 0.69 25.42
N LYS G 51 -7.32 0.59 24.25
CA LYS G 51 -8.76 0.56 24.09
C LYS G 51 -9.14 -0.63 23.23
N ASP G 52 -10.37 -1.13 23.42
CA ASP G 52 -10.84 -2.22 22.58
C ASP G 52 -10.82 -1.75 21.12
N ALA G 53 -10.35 -2.62 20.23
CA ALA G 53 -10.32 -2.25 18.82
C ALA G 53 -10.41 -3.47 17.93
N GLU G 54 -10.90 -3.24 16.71
CA GLU G 54 -11.03 -4.26 15.68
C GLU G 54 -10.11 -3.86 14.54
N THR G 55 -9.11 -4.69 14.24
CA THR G 55 -8.17 -4.42 13.16
C THR G 55 -7.96 -5.69 12.37
N THR G 56 -7.12 -5.60 11.35
CA THR G 56 -6.77 -6.75 10.53
C THR G 56 -5.48 -7.35 11.07
N LEU G 57 -5.54 -8.62 11.47
CA LEU G 57 -4.38 -9.33 11.98
C LEU G 57 -3.72 -10.05 10.82
N PHE G 58 -2.41 -10.26 10.90
CA PHE G 58 -1.72 -11.02 9.87
C PHE G 58 -1.52 -12.43 10.39
N CYS G 59 -1.36 -13.37 9.46
CA CYS G 59 -1.15 -14.76 9.83
C CYS G 59 0.31 -15.15 9.72
N ALA G 60 0.69 -16.10 10.57
CA ALA G 60 2.02 -16.67 10.58
C ALA G 60 1.89 -18.19 10.66
N SER G 61 2.92 -18.89 10.16
CA SER G 61 2.93 -20.34 10.14
C SER G 61 4.35 -20.83 10.36
N ASP G 62 4.47 -22.10 10.71
CA ASP G 62 5.77 -22.73 10.90
C ASP G 62 6.15 -23.46 9.61
N HIS G 71 1.17 -26.69 -1.21
CA HIS G 71 0.37 -27.87 -1.50
C HIS G 71 -0.56 -28.18 -0.34
N ASN G 72 -1.25 -27.14 0.11
CA ASN G 72 -2.23 -27.21 1.18
C ASN G 72 -3.35 -26.24 0.85
N VAL G 73 -4.59 -26.63 1.10
CA VAL G 73 -5.74 -25.78 0.74
C VAL G 73 -5.65 -24.44 1.46
N TRP G 74 -5.02 -24.41 2.64
CA TRP G 74 -4.79 -23.16 3.35
C TRP G 74 -3.38 -22.72 2.94
N ALA G 75 -3.23 -21.45 2.57
CA ALA G 75 -1.96 -20.96 2.03
C ALA G 75 -0.97 -20.68 3.16
N THR G 76 -0.35 -21.73 3.66
CA THR G 76 0.62 -21.57 4.74
C THR G 76 1.90 -20.90 4.25
N HIS G 77 2.12 -20.84 2.93
CA HIS G 77 3.26 -20.12 2.37
C HIS G 77 2.99 -18.63 2.19
N ALA G 78 1.73 -18.20 2.28
CA ALA G 78 1.43 -16.77 2.22
C ALA G 78 1.68 -16.11 3.58
N CYS G 79 1.50 -16.87 4.66
CA CYS G 79 1.72 -16.38 6.00
C CYS G 79 3.21 -16.19 6.25
N VAL G 80 3.53 -15.24 7.13
CA VAL G 80 4.91 -14.91 7.48
C VAL G 80 5.49 -15.96 8.43
N PRO G 81 6.77 -16.33 8.32
CA PRO G 81 7.34 -17.27 9.30
C PRO G 81 7.20 -16.77 10.73
N THR G 82 6.93 -17.70 11.64
CA THR G 82 6.77 -17.40 13.05
C THR G 82 8.12 -17.17 13.72
N ASP G 83 8.05 -16.55 14.89
CA ASP G 83 9.22 -16.37 15.74
C ASP G 83 9.52 -17.70 16.43
N PRO G 84 10.71 -18.29 16.24
CA PRO G 84 11.00 -19.58 16.90
C PRO G 84 10.82 -19.58 18.41
N ASN G 85 10.88 -18.42 19.07
CA ASN G 85 10.73 -18.32 20.52
C ASN G 85 9.76 -17.18 20.85
N PRO G 86 8.45 -17.40 20.64
CA PRO G 86 7.49 -16.31 20.82
C PRO G 86 7.49 -15.80 22.26
N GLN G 87 7.25 -14.50 22.41
CA GLN G 87 7.22 -13.87 23.72
C GLN G 87 5.80 -13.79 24.26
N GLU G 88 5.70 -13.95 25.57
CA GLU G 88 4.47 -13.78 26.35
C GLU G 88 4.88 -12.99 27.58
N ILE G 89 4.20 -11.87 27.82
CA ILE G 89 4.52 -10.99 28.93
C ILE G 89 3.31 -10.92 29.86
N HIS G 90 3.47 -11.43 31.08
CA HIS G 90 2.36 -11.41 32.02
C HIS G 90 2.10 -9.97 32.45
N LEU G 91 0.83 -9.57 32.41
CA LEU G 91 0.44 -8.21 32.80
C LEU G 91 -0.03 -8.25 34.24
N GLU G 92 0.93 -8.20 35.16
CA GLU G 92 0.62 -8.35 36.58
C GLU G 92 -0.28 -7.23 37.05
N ASN G 93 -1.30 -7.58 37.85
CA ASN G 93 -2.28 -6.67 38.43
C ASN G 93 -3.19 -6.02 37.39
N VAL G 94 -3.22 -6.54 36.17
CA VAL G 94 -4.13 -6.06 35.14
C VAL G 94 -5.36 -6.97 35.08
N THR G 95 -6.54 -6.38 35.19
CA THR G 95 -7.80 -7.09 35.04
C THR G 95 -8.42 -6.57 33.75
N GLU G 96 -8.82 -7.47 32.86
CA GLU G 96 -9.35 -7.09 31.55
C GLU G 96 -10.67 -7.82 31.32
N GLU G 97 -11.65 -7.11 30.80
CA GLU G 97 -12.94 -7.72 30.49
C GLU G 97 -12.91 -8.26 29.07
N PHE G 98 -13.20 -9.55 28.96
CA PHE G 98 -13.19 -10.29 27.69
C PHE G 98 -14.61 -10.66 27.32
N ASN G 99 -14.85 -10.83 26.02
CA ASN G 99 -16.16 -11.30 25.54
C ASN G 99 -15.93 -12.11 24.26
N MET G 100 -15.97 -13.44 24.40
CA MET G 100 -15.69 -14.30 23.25
C MET G 100 -16.79 -14.23 22.19
N TRP G 101 -17.96 -13.70 22.54
CA TRP G 101 -19.10 -13.66 21.64
C TRP G 101 -19.16 -12.39 20.81
N LYS G 102 -18.26 -11.43 21.08
CA LYS G 102 -18.14 -10.17 20.37
C LYS G 102 -16.63 -10.02 20.18
N ASN G 103 -16.09 -10.83 19.27
CA ASN G 103 -14.65 -10.99 19.07
C ASN G 103 -14.37 -10.99 17.58
N ASN G 104 -13.75 -9.91 17.10
CA ASN G 104 -13.52 -9.75 15.67
C ASN G 104 -12.48 -10.73 15.13
N MET G 105 -11.78 -11.45 16.02
CA MET G 105 -10.78 -12.40 15.56
C MET G 105 -11.46 -13.61 14.95
N VAL G 106 -12.69 -13.91 15.38
CA VAL G 106 -13.40 -15.07 14.88
C VAL G 106 -13.96 -14.75 13.50
N GLU G 107 -14.54 -13.56 13.36
CA GLU G 107 -15.07 -13.15 12.05
C GLU G 107 -13.94 -13.04 11.04
N GLN G 108 -12.78 -12.51 11.47
CA GLN G 108 -11.67 -12.44 10.54
C GLN G 108 -11.19 -13.83 10.16
N MET G 109 -11.09 -14.74 11.12
CA MET G 109 -10.63 -16.09 10.77
C MET G 109 -11.62 -16.73 9.81
N HIS G 110 -12.92 -16.52 10.03
CA HIS G 110 -13.93 -17.08 9.13
C HIS G 110 -13.73 -16.57 7.71
N THR G 111 -13.58 -15.25 7.57
CA THR G 111 -13.39 -14.66 6.25
C THR G 111 -12.10 -15.15 5.60
N ASP G 112 -11.01 -15.23 6.37
CA ASP G 112 -9.74 -15.64 5.82
C ASP G 112 -9.76 -17.11 5.40
N ILE G 113 -10.42 -17.96 6.18
CA ILE G 113 -10.51 -19.37 5.81
C ILE G 113 -11.33 -19.54 4.53
N ILE G 114 -12.43 -18.81 4.41
CA ILE G 114 -13.22 -18.92 3.18
C ILE G 114 -12.41 -18.42 1.98
N SER G 115 -11.71 -17.30 2.17
CA SER G 115 -10.89 -16.75 1.07
C SER G 115 -9.82 -17.75 0.65
N LEU G 116 -9.12 -18.35 1.62
CA LEU G 116 -8.00 -19.26 1.29
C LEU G 116 -8.53 -20.48 0.53
N TRP G 117 -9.68 -21.02 0.94
CA TRP G 117 -10.27 -22.20 0.26
C TRP G 117 -10.62 -21.83 -1.19
N ASP G 118 -11.19 -20.65 -1.39
CA ASP G 118 -11.55 -20.18 -2.74
C ASP G 118 -10.28 -20.01 -3.57
N GLN G 119 -9.22 -19.49 -2.96
CA GLN G 119 -7.94 -19.24 -3.68
C GLN G 119 -7.37 -20.58 -4.15
N SER G 120 -7.44 -21.61 -3.31
CA SER G 120 -6.92 -22.96 -3.66
C SER G 120 -7.70 -23.55 -4.84
N LEU G 121 -9.01 -23.35 -4.87
CA LEU G 121 -9.85 -23.99 -5.91
C LEU G 121 -9.79 -23.23 -7.23
N LYS G 122 -9.48 -21.94 -7.23
CA LYS G 122 -9.52 -21.17 -8.47
C LYS G 122 -8.68 -21.77 -9.61
N PRO G 123 -7.43 -22.21 -9.39
CA PRO G 123 -6.65 -22.78 -10.48
C PRO G 123 -6.89 -24.26 -10.76
N CYS G 124 -7.85 -24.91 -10.12
CA CYS G 124 -8.03 -26.35 -10.27
C CYS G 124 -9.01 -26.65 -11.40
N VAL G 125 -8.97 -27.91 -11.85
CA VAL G 125 -9.77 -28.34 -12.99
C VAL G 125 -11.26 -28.18 -12.72
N LYS G 126 -11.95 -27.52 -13.64
CA LYS G 126 -13.39 -27.31 -13.57
C LYS G 126 -14.06 -28.54 -14.18
N LEU G 127 -15.16 -28.97 -13.59
CA LEU G 127 -15.86 -30.18 -14.03
C LEU G 127 -17.15 -29.85 -14.77
N THR G 128 -17.12 -28.78 -15.56
CA THR G 128 -18.24 -28.42 -16.44
C THR G 128 -18.71 -29.59 -17.30
N PRO G 129 -17.85 -30.34 -17.99
CA PRO G 129 -18.35 -31.44 -18.85
C PRO G 129 -19.03 -32.59 -18.10
N LEU G 130 -19.04 -32.61 -16.77
CA LEU G 130 -19.69 -33.68 -16.04
C LEU G 130 -21.20 -33.56 -15.93
N CYS G 131 -21.79 -32.39 -16.18
CA CYS G 131 -23.24 -32.28 -16.12
C CYS G 131 -23.82 -32.78 -17.43
N VAL G 132 -23.89 -34.11 -17.49
CA VAL G 132 -24.45 -34.88 -18.59
C VAL G 132 -25.37 -35.91 -17.94
N THR G 133 -26.23 -36.51 -18.76
CA THR G 133 -27.07 -37.58 -18.24
C THR G 133 -26.19 -38.78 -17.92
N LEU G 134 -26.38 -39.35 -16.73
CA LEU G 134 -25.66 -40.53 -16.29
C LEU G 134 -26.56 -41.75 -16.40
N GLN G 135 -25.97 -42.88 -16.80
CA GLN G 135 -26.67 -44.17 -16.86
C GLN G 135 -26.14 -45.02 -15.72
N CYS G 136 -26.84 -45.03 -14.60
CA CYS G 136 -26.35 -45.61 -13.35
C CYS G 136 -27.04 -46.93 -13.06
N THR G 137 -26.25 -47.97 -12.83
CA THR G 137 -26.73 -49.29 -12.48
C THR G 137 -26.15 -49.70 -11.14
N ASN G 138 -26.60 -50.84 -10.63
CA ASN G 138 -26.10 -51.34 -9.36
C ASN G 138 -24.66 -51.84 -9.49
N VAL G 139 -23.87 -51.53 -8.46
CA VAL G 139 -22.50 -52.01 -8.38
C VAL G 139 -22.52 -53.52 -8.20
N THR G 140 -21.68 -54.22 -8.97
CA THR G 140 -21.68 -55.69 -9.01
C THR G 140 -20.77 -56.35 -7.98
N ASN G 141 -20.13 -55.59 -7.09
CA ASN G 141 -19.26 -56.16 -6.08
C ASN G 141 -20.10 -56.66 -4.91
N ASN G 142 -19.44 -57.25 -3.91
CA ASN G 142 -20.13 -57.78 -2.74
C ASN G 142 -20.32 -56.62 -1.77
N ILE G 143 -21.57 -56.19 -1.61
CA ILE G 143 -21.92 -55.01 -0.81
C ILE G 143 -22.66 -55.46 0.43
N THR G 144 -22.18 -55.02 1.59
CA THR G 144 -22.85 -55.32 2.85
C THR G 144 -24.22 -54.64 2.85
N ASP G 145 -25.17 -55.23 3.57
CA ASP G 145 -26.52 -54.67 3.61
C ASP G 145 -26.52 -53.22 4.06
N ASP G 146 -25.58 -52.83 4.93
CA ASP G 146 -25.52 -51.46 5.42
C ASP G 146 -25.31 -50.46 4.28
N MET G 147 -24.68 -50.87 3.17
CA MET G 147 -24.43 -50.01 2.02
C MET G 147 -25.18 -50.43 0.76
N ARG G 148 -26.25 -51.22 0.87
CA ARG G 148 -26.93 -51.61 -0.36
C ARG G 148 -27.59 -50.37 -0.95
N GLY G 149 -27.21 -50.03 -2.19
CA GLY G 149 -27.72 -48.86 -2.86
C GLY G 149 -26.90 -47.61 -2.66
N GLU G 150 -25.88 -47.63 -1.81
CA GLU G 150 -25.07 -46.44 -1.53
C GLU G 150 -24.17 -46.06 -2.70
N LEU G 151 -23.71 -47.02 -3.50
CA LEU G 151 -22.87 -46.76 -4.66
C LEU G 151 -23.60 -47.18 -5.92
N LYS G 152 -23.41 -46.39 -6.97
CA LYS G 152 -23.93 -46.72 -8.29
C LYS G 152 -22.80 -46.64 -9.31
N ASN G 153 -22.87 -47.51 -10.31
CA ASN G 153 -21.92 -47.58 -11.40
C ASN G 153 -22.52 -46.81 -12.57
N CYS G 154 -22.05 -45.59 -12.78
CA CYS G 154 -22.63 -44.66 -13.74
C CYS G 154 -21.76 -44.55 -14.98
N SER G 155 -22.38 -44.75 -16.15
CA SER G 155 -21.75 -44.60 -17.45
C SER G 155 -22.19 -43.27 -18.06
N PHE G 156 -21.29 -42.62 -18.78
CA PHE G 156 -21.60 -41.35 -19.39
C PHE G 156 -20.67 -41.05 -20.56
N ASN G 157 -21.11 -40.13 -21.43
CA ASN G 157 -20.34 -39.67 -22.57
C ASN G 157 -19.56 -38.42 -22.17
N MET G 158 -18.27 -38.59 -21.99
CA MET G 158 -17.38 -37.54 -21.52
C MET G 158 -16.58 -36.96 -22.69
N THR G 159 -16.20 -35.70 -22.53
CA THR G 159 -15.39 -35.02 -23.53
C THR G 159 -13.96 -35.54 -23.46
N THR G 160 -13.18 -35.22 -24.50
CA THR G 160 -11.80 -35.65 -24.64
C THR G 160 -10.93 -34.44 -24.95
N GLU G 161 -9.64 -34.70 -25.16
CA GLU G 161 -8.73 -33.64 -25.53
C GLU G 161 -9.06 -33.02 -26.89
N LEU G 162 -9.83 -33.73 -27.73
CA LEU G 162 -10.24 -33.21 -29.03
C LEU G 162 -11.74 -32.95 -28.97
N ARG G 163 -12.13 -31.76 -29.43
CA ARG G 163 -13.52 -31.32 -29.34
C ARG G 163 -14.45 -32.06 -30.28
N ASP G 164 -13.93 -32.76 -31.27
CA ASP G 164 -14.75 -33.55 -32.20
C ASP G 164 -14.80 -35.02 -31.81
N LYS G 165 -14.28 -35.38 -30.64
CA LYS G 165 -14.25 -36.75 -30.16
C LYS G 165 -14.85 -36.82 -28.77
N ARG G 166 -15.55 -37.92 -28.50
CA ARG G 166 -16.15 -38.22 -27.21
C ARG G 166 -15.69 -39.60 -26.80
N GLN G 167 -15.71 -39.84 -25.49
CA GLN G 167 -15.33 -41.11 -24.91
C GLN G 167 -16.43 -41.61 -23.98
N LYS G 168 -16.56 -42.93 -23.90
CA LYS G 168 -17.50 -43.53 -22.95
C LYS G 168 -16.70 -43.81 -21.69
N VAL G 169 -17.19 -43.27 -20.58
CA VAL G 169 -16.53 -43.35 -19.28
C VAL G 169 -17.51 -43.95 -18.30
N HIS G 170 -16.98 -44.69 -17.33
CA HIS G 170 -17.81 -45.17 -16.24
C HIS G 170 -17.05 -44.88 -14.96
N ALA G 171 -17.82 -44.66 -13.89
CA ALA G 171 -17.27 -44.36 -12.60
C ALA G 171 -18.26 -44.76 -11.52
N LEU G 172 -17.77 -44.99 -10.32
CA LEU G 172 -18.65 -45.21 -9.20
C LEU G 172 -18.94 -43.85 -8.57
N PHE G 173 -20.19 -43.65 -8.18
CA PHE G 173 -20.61 -42.46 -7.48
C PHE G 173 -21.42 -42.86 -6.26
N TYR G 174 -21.38 -42.00 -5.25
CA TYR G 174 -22.19 -42.22 -4.07
C TYR G 174 -23.62 -41.79 -4.36
N LYS G 175 -24.58 -42.47 -3.74
CA LYS G 175 -25.98 -42.10 -3.88
C LYS G 175 -26.20 -40.63 -3.54
N LEU G 176 -25.47 -40.12 -2.55
CA LEU G 176 -25.63 -38.74 -2.12
C LEU G 176 -25.27 -37.72 -3.20
N ASP G 177 -24.46 -38.10 -4.18
CA ASP G 177 -24.02 -37.21 -5.24
C ASP G 177 -24.87 -37.33 -6.50
N ILE G 178 -25.78 -38.29 -6.53
CA ILE G 178 -26.55 -38.65 -7.72
C ILE G 178 -28.02 -38.42 -7.43
N VAL G 179 -28.69 -37.69 -8.31
CA VAL G 179 -30.11 -37.37 -8.19
C VAL G 179 -30.86 -37.94 -9.38
N PRO G 180 -31.95 -38.71 -9.19
CA PRO G 180 -32.71 -39.20 -10.34
C PRO G 180 -33.26 -38.06 -11.19
N ILE G 181 -33.37 -38.30 -12.49
CA ILE G 181 -33.97 -37.32 -13.38
C ILE G 181 -35.50 -37.48 -13.40
N ASN G 182 -35.98 -38.73 -13.41
CA ASN G 182 -37.42 -39.03 -13.42
C ASN G 182 -37.69 -40.10 -12.38
N GLU G 183 -38.97 -40.47 -12.22
CA GLU G 183 -39.31 -41.58 -11.33
C GLU G 183 -39.03 -42.92 -12.00
N ASN G 184 -39.25 -43.00 -13.31
CA ASN G 184 -39.06 -44.26 -14.03
C ASN G 184 -37.62 -44.73 -13.84
N GLN G 185 -37.46 -45.98 -13.41
CA GLN G 185 -36.13 -46.51 -13.12
C GLN G 185 -35.47 -46.95 -14.43
N ASN G 186 -35.11 -45.93 -15.22
CA ASN G 186 -34.50 -46.10 -16.53
C ASN G 186 -33.01 -45.83 -16.50
N THR G 187 -32.42 -45.74 -15.31
CA THR G 187 -31.00 -45.51 -15.05
C THR G 187 -30.55 -44.07 -15.32
N SER G 188 -31.44 -43.17 -15.74
CA SER G 188 -31.00 -41.81 -16.02
C SER G 188 -30.92 -40.99 -14.74
N TYR G 189 -29.71 -40.51 -14.43
CA TYR G 189 -29.42 -39.73 -13.23
C TYR G 189 -28.57 -38.52 -13.62
N ARG G 190 -28.53 -37.52 -12.74
CA ARG G 190 -27.68 -36.35 -12.90
C ARG G 190 -26.90 -36.11 -11.62
N LEU G 191 -25.84 -35.31 -11.70
CA LEU G 191 -25.16 -34.95 -10.45
C LEU G 191 -26.04 -33.97 -9.69
N ILE G 192 -25.96 -34.05 -8.36
CA ILE G 192 -26.79 -33.21 -7.50
C ILE G 192 -26.62 -31.71 -7.75
N ASN G 193 -25.43 -31.25 -8.13
CA ASN G 193 -25.20 -29.82 -8.35
C ASN G 193 -25.67 -29.26 -9.69
N CYS G 194 -26.00 -30.09 -10.67
CA CYS G 194 -26.17 -29.58 -12.04
C CYS G 194 -27.31 -28.57 -12.19
N ASN G 195 -28.33 -28.60 -11.33
CA ASN G 195 -29.38 -27.60 -11.50
C ASN G 195 -29.06 -26.25 -10.89
N THR G 196 -28.19 -26.19 -9.86
CA THR G 196 -27.99 -24.95 -9.13
C THR G 196 -26.57 -24.42 -9.08
N ALA G 197 -25.54 -25.23 -9.35
CA ALA G 197 -24.17 -24.75 -9.17
C ALA G 197 -23.19 -25.40 -10.12
N ALA G 198 -22.15 -24.64 -10.45
CA ALA G 198 -21.01 -25.16 -11.18
C ALA G 198 -20.15 -25.92 -10.18
N ILE G 199 -19.54 -27.02 -10.62
CA ILE G 199 -18.68 -27.83 -9.75
C ILE G 199 -17.24 -27.82 -10.24
N THR G 200 -16.32 -27.56 -9.32
CA THR G 200 -14.89 -27.51 -9.58
C THR G 200 -14.19 -28.64 -8.83
N GLN G 201 -13.27 -29.32 -9.50
CA GLN G 201 -12.53 -30.41 -8.87
C GLN G 201 -11.39 -29.86 -8.02
N ALA G 202 -11.26 -30.35 -6.79
CA ALA G 202 -10.13 -29.97 -5.96
C ALA G 202 -8.86 -30.55 -6.56
N CYS G 203 -7.76 -29.79 -6.46
CA CYS G 203 -6.50 -30.29 -6.96
C CYS G 203 -6.04 -31.50 -6.13
N PRO G 204 -5.72 -32.64 -6.74
CA PRO G 204 -5.36 -33.82 -5.94
C PRO G 204 -4.08 -33.67 -5.16
N LYS G 205 -3.23 -32.70 -5.52
CA LYS G 205 -1.95 -32.46 -4.88
C LYS G 205 -2.02 -31.44 -3.76
N VAL G 206 -3.19 -30.84 -3.51
CA VAL G 206 -3.35 -29.81 -2.51
C VAL G 206 -4.05 -30.46 -1.32
N SER G 207 -3.35 -30.53 -0.20
CA SER G 207 -3.82 -31.18 1.01
C SER G 207 -4.92 -30.38 1.70
N PHE G 208 -5.83 -31.11 2.35
CA PHE G 208 -6.89 -30.54 3.17
C PHE G 208 -6.57 -30.67 4.65
N GLU G 209 -5.34 -31.04 5.01
CA GLU G 209 -4.97 -31.24 6.40
C GLU G 209 -4.83 -29.88 7.10
N PRO G 210 -5.55 -29.63 8.19
CA PRO G 210 -5.37 -28.36 8.92
C PRO G 210 -3.95 -28.20 9.44
N ILE G 211 -3.37 -27.02 9.21
CA ILE G 211 -2.05 -26.66 9.68
C ILE G 211 -2.23 -25.47 10.60
N PRO G 212 -1.67 -25.48 11.83
CA PRO G 212 -1.91 -24.36 12.76
C PRO G 212 -1.54 -23.00 12.20
N ILE G 213 -2.48 -22.05 12.34
CA ILE G 213 -2.30 -20.67 11.90
C ILE G 213 -2.22 -19.79 13.14
N HIS G 214 -1.20 -18.95 13.21
CA HIS G 214 -1.00 -18.02 14.32
C HIS G 214 -1.44 -16.64 13.88
N TYR G 215 -2.34 -16.00 14.64
CA TYR G 215 -2.77 -14.64 14.30
C TYR G 215 -1.98 -13.64 15.13
N CYS G 216 -1.38 -12.67 14.43
CA CYS G 216 -0.44 -11.72 14.97
C CYS G 216 -0.98 -10.31 14.78
N ALA G 217 -0.79 -9.47 15.80
CA ALA G 217 -1.25 -8.09 15.74
C ALA G 217 -0.28 -7.20 14.94
N PRO G 218 -0.78 -6.23 14.18
CA PRO G 218 0.12 -5.25 13.57
C PRO G 218 0.65 -4.30 14.63
N ALA G 219 1.74 -3.61 14.31
CA ALA G 219 2.33 -2.68 15.26
C ALA G 219 1.31 -1.62 15.67
N GLY G 220 1.33 -1.27 16.96
CA GLY G 220 0.39 -0.35 17.53
C GLY G 220 -0.81 -1.02 18.16
N PHE G 221 -0.94 -2.34 17.98
CA PHE G 221 -2.00 -3.17 18.52
C PHE G 221 -1.35 -4.28 19.32
N ALA G 222 -2.15 -4.89 20.21
CA ALA G 222 -1.65 -6.01 20.99
C ALA G 222 -2.77 -7.03 21.20
N ILE G 223 -2.36 -8.29 21.35
CA ILE G 223 -3.28 -9.38 21.68
C ILE G 223 -3.11 -9.71 23.15
N LEU G 224 -4.22 -9.66 23.89
CA LEU G 224 -4.25 -9.99 25.30
C LEU G 224 -4.83 -11.40 25.42
N LYS G 225 -4.19 -12.23 26.23
CA LYS G 225 -4.59 -13.61 26.47
C LYS G 225 -5.05 -13.73 27.92
N CYS G 226 -6.20 -14.37 28.11
CA CYS G 226 -6.74 -14.64 29.44
C CYS G 226 -6.18 -15.98 29.93
N LYS G 227 -5.46 -15.94 31.04
CA LYS G 227 -4.79 -17.10 31.61
C LYS G 227 -5.59 -17.73 32.75
N ASP G 228 -6.80 -17.26 33.01
CA ASP G 228 -7.63 -17.79 34.08
C ASP G 228 -8.24 -19.12 33.61
N LYS G 229 -7.84 -20.21 34.26
CA LYS G 229 -8.25 -21.55 33.87
C LYS G 229 -9.75 -21.79 34.01
N LYS G 230 -10.45 -20.98 34.80
CA LYS G 230 -11.89 -21.10 35.00
C LYS G 230 -12.68 -20.06 34.23
N PHE G 231 -12.04 -19.33 33.32
CA PHE G 231 -12.71 -18.30 32.55
C PHE G 231 -13.70 -18.93 31.57
N ASN G 232 -14.95 -18.45 31.59
CA ASN G 232 -16.04 -19.01 30.82
C ASN G 232 -16.34 -18.25 29.54
N GLY G 233 -15.42 -17.40 29.06
CA GLY G 233 -15.57 -16.69 27.81
C GLY G 233 -16.06 -15.26 27.91
N THR G 234 -16.64 -14.84 29.03
CA THR G 234 -17.12 -13.48 29.20
C THR G 234 -16.71 -12.95 30.56
N GLY G 235 -16.64 -11.62 30.65
CA GLY G 235 -16.44 -10.96 31.91
C GLY G 235 -14.98 -10.73 32.29
N PRO G 236 -14.78 -10.21 33.51
CA PRO G 236 -13.43 -9.88 33.97
C PRO G 236 -12.49 -11.08 34.00
N CYS G 237 -11.24 -10.84 33.63
CA CYS G 237 -10.18 -11.85 33.67
C CYS G 237 -9.07 -11.23 34.53
N PRO G 238 -8.81 -11.75 35.74
CA PRO G 238 -7.79 -11.16 36.61
C PRO G 238 -6.35 -11.50 36.26
N SER G 239 -6.12 -12.42 35.33
CA SER G 239 -4.78 -12.89 34.97
C SER G 239 -4.67 -12.83 33.45
N VAL G 240 -4.03 -11.76 32.97
CA VAL G 240 -3.96 -11.42 31.56
C VAL G 240 -2.50 -11.23 31.18
N SER G 241 -2.12 -11.74 30.01
CA SER G 241 -0.79 -11.57 29.46
C SER G 241 -0.92 -11.01 28.05
N THR G 242 0.12 -10.36 27.56
CA THR G 242 0.15 -9.88 26.18
C THR G 242 1.08 -10.78 25.38
N VAL G 243 0.63 -11.16 24.18
CA VAL G 243 1.40 -12.07 23.32
C VAL G 243 1.60 -11.42 21.96
N GLN G 244 2.70 -11.82 21.29
CA GLN G 244 2.93 -11.35 19.93
C GLN G 244 1.90 -11.93 18.97
N CYS G 245 1.54 -13.20 19.17
CA CYS G 245 0.65 -13.93 18.29
C CYS G 245 -0.13 -14.92 19.13
N THR G 246 -1.19 -15.45 18.55
CA THR G 246 -1.97 -16.49 19.20
C THR G 246 -1.23 -17.82 19.08
N HIS G 247 -1.72 -18.82 19.80
CA HIS G 247 -1.17 -20.16 19.65
C HIS G 247 -1.54 -20.67 18.27
N GLY G 248 -1.00 -21.83 17.90
CA GLY G 248 -1.35 -22.30 16.58
C GLY G 248 -2.74 -22.90 16.64
N ILE G 249 -3.64 -22.34 15.84
CA ILE G 249 -5.03 -22.76 15.75
C ILE G 249 -5.20 -23.50 14.44
N LYS G 250 -5.52 -24.78 14.52
CA LYS G 250 -5.73 -25.54 13.30
C LYS G 250 -7.08 -25.16 12.71
N PRO G 251 -7.17 -24.88 11.40
CA PRO G 251 -8.50 -24.57 10.83
C PRO G 251 -9.34 -25.82 10.59
N VAL G 252 -9.68 -26.50 11.68
CA VAL G 252 -10.47 -27.72 11.59
C VAL G 252 -11.93 -27.33 11.42
N VAL G 253 -12.58 -27.89 10.42
CA VAL G 253 -13.99 -27.63 10.15
C VAL G 253 -14.74 -28.92 10.47
N SER G 254 -15.72 -28.83 11.35
CA SER G 254 -16.53 -29.97 11.73
C SER G 254 -17.85 -29.45 12.27
N THR G 255 -18.81 -30.35 12.42
CA THR G 255 -20.08 -30.06 13.05
C THR G 255 -20.28 -30.96 14.26
N GLN G 256 -21.12 -30.51 15.19
CA GLN G 256 -21.49 -31.28 16.38
C GLN G 256 -20.33 -31.54 17.34
N LEU G 257 -19.29 -32.26 16.89
CA LEU G 257 -18.11 -32.57 17.69
C LEU G 257 -16.94 -31.72 17.26
N LEU G 258 -16.22 -31.16 18.24
CA LEU G 258 -15.04 -30.36 17.99
C LEU G 258 -13.84 -31.30 18.00
N LEU G 259 -13.08 -31.32 16.91
CA LEU G 259 -11.94 -32.23 16.78
C LEU G 259 -10.61 -31.48 16.80
N ASN G 260 -9.62 -32.11 17.42
CA ASN G 260 -8.23 -31.65 17.42
C ASN G 260 -8.08 -30.21 17.92
N GLY G 261 -8.88 -29.85 18.92
CA GLY G 261 -8.83 -28.53 19.53
C GLY G 261 -8.07 -28.52 20.84
N SER G 262 -8.27 -27.45 21.60
CA SER G 262 -7.64 -27.30 22.90
C SER G 262 -8.52 -27.93 23.97
N LEU G 263 -7.87 -28.44 25.02
CA LEU G 263 -8.57 -29.00 26.17
C LEU G 263 -8.62 -28.00 27.32
N ALA G 264 -9.65 -28.15 28.16
CA ALA G 264 -9.77 -27.31 29.34
C ALA G 264 -8.66 -27.65 30.31
N GLU G 265 -8.10 -26.62 30.96
CA GLU G 265 -6.99 -26.87 31.88
C GLU G 265 -7.40 -27.67 33.11
N GLU G 266 -8.61 -27.44 33.65
CA GLU G 266 -9.02 -28.10 34.89
C GLU G 266 -10.33 -28.89 34.77
N GLU G 267 -11.42 -28.25 34.37
CA GLU G 267 -12.75 -28.84 34.36
C GLU G 267 -13.38 -28.67 33.00
N VAL G 268 -14.40 -29.48 32.70
CA VAL G 268 -15.14 -29.28 31.47
C VAL G 268 -15.81 -27.92 31.56
N MET G 269 -15.67 -27.10 30.53
CA MET G 269 -16.24 -25.76 30.52
C MET G 269 -17.48 -25.70 29.65
N ILE G 270 -18.52 -25.04 30.16
CA ILE G 270 -19.76 -24.80 29.44
C ILE G 270 -19.80 -23.32 29.14
N ARG G 271 -19.86 -22.97 27.85
CA ARG G 271 -19.85 -21.57 27.45
C ARG G 271 -21.00 -21.29 26.49
N SER G 272 -21.69 -20.18 26.71
CA SER G 272 -22.77 -19.80 25.81
C SER G 272 -22.92 -18.28 25.86
N LYS G 273 -23.54 -17.72 24.83
CA LYS G 273 -23.76 -16.26 24.78
C LYS G 273 -24.84 -15.91 25.79
N ASP G 274 -25.83 -16.78 25.94
CA ASP G 274 -26.89 -16.60 26.92
C ASP G 274 -27.39 -18.01 27.24
N ILE G 275 -27.02 -18.53 28.41
CA ILE G 275 -27.32 -19.92 28.74
C ILE G 275 -28.82 -20.19 28.84
N ARG G 276 -29.66 -19.17 29.00
CA ARG G 276 -31.09 -19.36 29.10
C ARG G 276 -31.83 -19.06 27.80
N ASN G 277 -31.10 -18.69 26.74
CA ASN G 277 -31.68 -18.38 25.44
C ASN G 277 -31.47 -19.61 24.57
N ASN G 278 -32.56 -20.26 24.18
CA ASN G 278 -32.43 -21.55 23.50
C ASN G 278 -32.06 -21.40 22.02
N ALA G 279 -31.93 -20.17 21.52
CA ALA G 279 -31.51 -19.93 20.15
C ALA G 279 -29.99 -19.88 20.02
N LYS G 280 -29.27 -19.95 21.14
CA LYS G 280 -27.82 -19.86 21.17
C LYS G 280 -27.24 -21.26 21.32
N ASN G 281 -26.03 -21.45 20.81
CA ASN G 281 -25.34 -22.71 20.96
C ASN G 281 -24.52 -22.71 22.25
N ILE G 282 -24.32 -23.90 22.77
CA ILE G 282 -23.52 -24.14 23.97
C ILE G 282 -22.26 -24.86 23.51
N LEU G 283 -21.10 -24.27 23.81
CA LEU G 283 -19.83 -24.85 23.46
C LEU G 283 -19.29 -25.53 24.72
N VAL G 284 -19.08 -26.84 24.63
CA VAL G 284 -18.61 -27.65 25.74
C VAL G 284 -17.16 -27.97 25.43
N GLN G 285 -16.25 -27.55 26.31
CA GLN G 285 -14.83 -27.79 26.14
C GLN G 285 -14.40 -28.87 27.13
N PHE G 286 -13.88 -29.97 26.61
CA PHE G 286 -13.50 -31.10 27.44
C PHE G 286 -12.17 -30.83 28.11
N ASN G 287 -11.95 -31.43 29.27
CA ASN G 287 -10.66 -31.33 29.95
C ASN G 287 -9.79 -32.55 29.67
N THR G 288 -10.30 -33.54 28.94
CA THR G 288 -9.60 -34.73 28.51
C THR G 288 -10.10 -35.02 27.11
N PRO G 289 -9.26 -35.52 26.21
CA PRO G 289 -9.75 -35.84 24.87
C PRO G 289 -10.51 -37.16 24.89
N VAL G 290 -11.45 -37.30 23.95
CA VAL G 290 -12.06 -38.60 23.67
C VAL G 290 -11.55 -39.02 22.29
N GLN G 291 -10.87 -40.15 22.22
CA GLN G 291 -10.28 -40.55 20.95
C GLN G 291 -11.37 -41.15 20.06
N ILE G 292 -11.40 -40.71 18.80
CA ILE G 292 -12.34 -41.22 17.81
C ILE G 292 -11.54 -41.75 16.62
N ASN G 293 -11.76 -43.02 16.30
CA ASN G 293 -11.07 -43.72 15.22
C ASN G 293 -12.02 -43.88 14.04
N CYS G 294 -11.78 -43.12 12.97
CA CYS G 294 -12.66 -43.09 11.80
C CYS G 294 -11.96 -43.82 10.66
N THR G 295 -12.74 -44.57 9.90
CA THR G 295 -12.17 -45.28 8.75
C THR G 295 -13.14 -45.36 7.58
N ARG G 296 -12.51 -45.52 6.42
CA ARG G 296 -13.13 -45.76 5.12
C ARG G 296 -12.54 -47.09 4.67
N PRO G 297 -13.16 -48.21 5.06
CA PRO G 297 -12.53 -49.53 4.91
C PRO G 297 -12.37 -49.98 3.46
N ASN G 298 -13.01 -49.33 2.50
CA ASN G 298 -12.96 -49.77 1.12
C ASN G 298 -11.66 -49.36 0.45
N ASN G 299 -11.00 -50.34 -0.17
CA ASN G 299 -9.72 -50.14 -0.84
C ASN G 299 -10.02 -49.60 -2.23
N ASN G 300 -10.23 -48.28 -2.29
CA ASN G 300 -10.67 -47.61 -3.50
C ASN G 300 -9.52 -47.38 -4.47
N THR G 301 -9.86 -47.40 -5.76
CA THR G 301 -8.97 -47.06 -6.85
C THR G 301 -9.23 -45.62 -7.28
N ARG G 302 -8.39 -45.14 -8.19
CA ARG G 302 -8.59 -43.84 -8.83
C ARG G 302 -8.40 -44.01 -10.32
N LYS G 303 -9.36 -43.51 -11.08
CA LYS G 303 -9.41 -43.58 -12.53
C LYS G 303 -9.25 -42.18 -13.09
N SER G 304 -8.19 -41.96 -13.87
CA SER G 304 -7.92 -40.64 -14.43
C SER G 304 -8.46 -40.56 -15.85
N ILE G 305 -9.42 -39.66 -16.07
CA ILE G 305 -10.05 -39.44 -17.37
C ILE G 305 -9.62 -38.07 -17.87
N ARG G 306 -9.05 -38.02 -19.07
CA ARG G 306 -8.68 -36.70 -19.61
C ARG G 306 -9.94 -36.11 -20.24
N ILE G 307 -10.30 -34.90 -19.81
CA ILE G 307 -11.50 -34.21 -20.26
C ILE G 307 -11.19 -32.98 -21.10
N GLY G 308 -9.91 -32.66 -21.29
CA GLY G 308 -9.51 -31.51 -22.05
C GLY G 308 -8.00 -31.42 -22.06
N PRO G 309 -7.44 -30.40 -22.70
CA PRO G 309 -5.97 -30.31 -22.78
C PRO G 309 -5.35 -30.08 -21.41
N GLY G 310 -4.93 -31.18 -20.78
CA GLY G 310 -4.31 -31.15 -19.46
C GLY G 310 -5.29 -31.12 -18.32
N GLN G 311 -6.58 -31.33 -18.59
CA GLN G 311 -7.65 -31.30 -17.61
C GLN G 311 -8.01 -32.74 -17.27
N TRP G 312 -7.65 -33.20 -16.08
CA TRP G 312 -7.93 -34.58 -15.69
C TRP G 312 -9.01 -34.62 -14.63
N PHE G 313 -9.96 -35.54 -14.82
CA PHE G 313 -11.04 -35.85 -13.89
C PHE G 313 -10.67 -37.13 -13.15
N TYR G 314 -10.72 -37.08 -11.83
CA TYR G 314 -10.36 -38.23 -11.01
C TYR G 314 -11.62 -38.88 -10.48
N ALA G 315 -11.91 -40.08 -10.99
CA ALA G 315 -13.10 -40.86 -10.70
C ALA G 315 -12.75 -42.01 -9.76
N THR G 316 -13.76 -42.53 -9.08
CA THR G 316 -13.53 -43.67 -8.20
C THR G 316 -13.06 -44.88 -8.99
N GLY G 317 -13.64 -45.12 -10.15
CA GLY G 317 -13.27 -46.28 -10.95
C GLY G 317 -13.87 -47.58 -10.46
N ASP G 318 -13.26 -48.18 -9.44
CA ASP G 318 -13.76 -49.44 -8.89
C ASP G 318 -13.29 -49.54 -7.45
N ILE G 319 -13.68 -50.62 -6.78
CA ILE G 319 -13.30 -50.92 -5.41
C ILE G 319 -12.68 -52.31 -5.40
N ILE G 320 -11.50 -52.42 -4.79
CA ILE G 320 -10.79 -53.68 -4.67
C ILE G 320 -11.30 -54.37 -3.42
N GLY G 321 -11.71 -55.64 -3.56
CA GLY G 321 -12.24 -56.35 -2.41
C GLY G 321 -13.72 -56.04 -2.26
N ASP G 322 -14.24 -56.29 -1.06
CA ASP G 322 -15.67 -56.13 -0.84
C ASP G 322 -15.93 -54.67 -0.48
N ILE G 323 -17.20 -54.32 -0.28
CA ILE G 323 -17.61 -52.97 0.06
C ILE G 323 -18.21 -52.98 1.47
N ARG G 324 -17.62 -52.17 2.35
CA ARG G 324 -18.01 -52.06 3.75
C ARG G 324 -18.30 -50.59 4.06
N GLN G 325 -19.11 -50.35 5.08
CA GLN G 325 -19.50 -48.99 5.44
C GLN G 325 -18.42 -48.26 6.24
N ALA G 326 -18.23 -46.99 5.91
CA ALA G 326 -17.33 -46.13 6.66
C ALA G 326 -17.91 -45.92 8.04
N HIS G 327 -17.04 -45.78 9.04
CA HIS G 327 -17.57 -45.64 10.39
C HIS G 327 -16.53 -45.02 11.30
N CYS G 328 -16.98 -44.57 12.46
CA CYS G 328 -16.09 -44.07 13.52
C CYS G 328 -16.37 -44.80 14.82
N ASN G 329 -15.31 -45.14 15.55
CA ASN G 329 -15.44 -45.80 16.85
C ASN G 329 -14.99 -44.84 17.94
N VAL G 330 -15.70 -44.86 19.07
CA VAL G 330 -15.24 -44.19 20.29
C VAL G 330 -15.31 -45.20 21.42
N SER G 331 -14.47 -45.01 22.43
CA SER G 331 -14.56 -45.88 23.60
C SER G 331 -15.86 -45.60 24.32
N LYS G 332 -16.60 -46.66 24.66
CA LYS G 332 -17.89 -46.49 25.32
C LYS G 332 -17.74 -45.93 26.72
N ALA G 333 -16.76 -46.43 27.48
CA ALA G 333 -16.55 -45.97 28.84
C ALA G 333 -16.04 -44.55 28.88
N THR G 334 -15.13 -44.19 27.97
CA THR G 334 -14.56 -42.85 27.99
C THR G 334 -15.65 -41.84 27.65
N TRP G 335 -16.46 -42.15 26.65
CA TRP G 335 -17.55 -41.27 26.27
C TRP G 335 -18.55 -41.11 27.42
N ASN G 336 -18.90 -42.21 28.09
CA ASN G 336 -19.85 -42.11 29.18
C ASN G 336 -19.30 -41.29 30.35
N GLU G 337 -17.99 -41.42 30.62
CA GLU G 337 -17.38 -40.59 31.67
C GLU G 337 -17.37 -39.12 31.26
N THR G 338 -17.12 -38.86 29.99
CA THR G 338 -17.12 -37.50 29.48
C THR G 338 -18.49 -36.88 29.61
N LEU G 339 -19.53 -37.64 29.25
CA LEU G 339 -20.87 -37.08 29.40
C LEU G 339 -21.24 -36.90 30.86
N GLY G 340 -20.76 -37.78 31.74
CA GLY G 340 -21.03 -37.57 33.16
C GLY G 340 -20.48 -36.23 33.62
N LYS G 341 -19.28 -35.90 33.17
CA LYS G 341 -18.69 -34.60 33.49
C LYS G 341 -19.48 -33.45 32.87
N VAL G 342 -19.94 -33.66 31.63
CA VAL G 342 -20.73 -32.63 30.96
C VAL G 342 -22.04 -32.38 31.69
N VAL G 343 -22.72 -33.43 32.14
CA VAL G 343 -23.99 -33.21 32.82
C VAL G 343 -23.76 -32.57 34.18
N LYS G 344 -22.65 -32.89 34.87
CA LYS G 344 -22.39 -32.19 36.13
C LYS G 344 -22.23 -30.70 35.89
N GLN G 345 -21.52 -30.34 34.82
CA GLN G 345 -21.31 -28.92 34.55
C GLN G 345 -22.59 -28.27 34.04
N LEU G 346 -23.44 -29.02 33.32
CA LEU G 346 -24.71 -28.46 32.89
C LEU G 346 -25.64 -28.26 34.07
N ARG G 347 -25.63 -29.20 35.04
CA ARG G 347 -26.46 -29.05 36.22
C ARG G 347 -26.06 -27.82 37.01
N LYS G 348 -24.77 -27.45 36.95
CA LYS G 348 -24.36 -26.22 37.62
C LYS G 348 -25.09 -24.99 37.09
N HIS G 349 -25.64 -25.06 35.87
CA HIS G 349 -26.38 -23.96 35.25
C HIS G 349 -27.90 -24.17 35.25
N PHE G 350 -28.36 -25.42 35.12
CA PHE G 350 -29.77 -25.74 34.97
C PHE G 350 -30.41 -26.36 36.20
N GLY G 351 -29.67 -26.57 37.28
CA GLY G 351 -30.22 -27.12 38.51
C GLY G 351 -29.65 -28.47 38.90
N ASN G 352 -29.35 -28.60 40.20
CA ASN G 352 -28.71 -29.81 40.71
C ASN G 352 -29.59 -31.04 40.62
N ASN G 353 -30.92 -30.88 40.54
CA ASN G 353 -31.86 -31.99 40.47
C ASN G 353 -32.57 -32.06 39.13
N THR G 354 -31.94 -31.57 38.06
CA THR G 354 -32.51 -31.60 36.73
C THR G 354 -32.05 -32.88 36.04
N ILE G 355 -32.95 -33.48 35.27
CA ILE G 355 -32.64 -34.66 34.46
C ILE G 355 -32.09 -34.14 33.14
N ILE G 356 -30.80 -34.33 32.92
CA ILE G 356 -30.16 -33.91 31.67
C ILE G 356 -30.29 -35.06 30.67
N ARG G 357 -31.06 -34.84 29.61
CA ARG G 357 -31.19 -35.81 28.54
C ARG G 357 -30.37 -35.39 27.33
N PHE G 358 -29.67 -36.34 26.73
CA PHE G 358 -28.97 -36.14 25.47
C PHE G 358 -29.72 -36.90 24.39
N ALA G 359 -30.26 -36.16 23.43
CA ALA G 359 -30.98 -36.72 22.30
C ALA G 359 -30.23 -36.40 21.01
N ASN G 360 -30.61 -37.08 19.95
CA ASN G 360 -29.91 -36.96 18.67
C ASN G 360 -30.42 -35.75 17.89
N SER G 361 -29.74 -35.49 16.79
CA SER G 361 -30.11 -34.38 15.91
C SER G 361 -31.54 -34.60 15.43
N SER G 362 -32.34 -33.53 15.49
CA SER G 362 -33.76 -33.62 15.20
C SER G 362 -34.03 -34.06 13.77
N GLY G 363 -33.38 -33.42 12.81
CA GLY G 363 -33.40 -33.92 11.44
C GLY G 363 -33.51 -32.83 10.40
N GLY G 364 -33.87 -33.28 9.21
CA GLY G 364 -33.93 -32.44 8.02
C GLY G 364 -33.07 -32.89 6.85
N ASP G 365 -31.74 -32.90 7.00
CA ASP G 365 -30.87 -33.29 5.90
C ASP G 365 -29.59 -33.91 6.45
N LEU G 366 -28.74 -34.38 5.55
CA LEU G 366 -27.52 -35.07 5.97
C LEU G 366 -26.55 -34.17 6.73
N GLU G 367 -26.34 -32.95 6.23
CA GLU G 367 -25.34 -32.06 6.83
C GLU G 367 -25.72 -31.59 8.23
N VAL G 368 -26.98 -31.27 8.46
CA VAL G 368 -27.38 -30.76 9.76
C VAL G 368 -27.50 -31.86 10.81
N THR G 369 -27.74 -33.09 10.39
CA THR G 369 -27.93 -34.23 11.29
C THR G 369 -26.67 -35.02 11.60
N THR G 370 -25.53 -34.70 11.01
CA THR G 370 -24.35 -35.52 11.18
C THR G 370 -23.15 -34.70 11.62
N HIS G 371 -22.15 -35.46 12.04
CA HIS G 371 -20.84 -34.96 12.38
C HIS G 371 -20.04 -34.99 11.10
N SER G 372 -19.74 -33.83 10.53
CA SER G 372 -19.02 -33.80 9.28
C SER G 372 -17.56 -33.51 9.56
N PHE G 373 -16.68 -34.09 8.74
CA PHE G 373 -15.26 -33.79 8.86
C PHE G 373 -14.52 -34.27 7.63
N ASN G 374 -13.33 -33.72 7.43
CA ASN G 374 -12.41 -34.15 6.38
C ASN G 374 -11.37 -35.09 6.98
N CYS G 375 -11.42 -36.36 6.58
CA CYS G 375 -10.55 -37.44 7.04
C CYS G 375 -9.71 -37.97 5.88
N GLY G 376 -8.46 -37.51 5.81
CA GLY G 376 -7.57 -37.98 4.77
C GLY G 376 -7.92 -37.53 3.39
N GLY G 377 -8.71 -36.46 3.27
CA GLY G 377 -9.17 -35.99 1.99
C GLY G 377 -10.58 -36.42 1.66
N GLU G 378 -11.16 -37.35 2.43
CA GLU G 378 -12.53 -37.81 2.25
C GLU G 378 -13.42 -37.05 3.21
N PHE G 379 -14.64 -36.77 2.80
CA PHE G 379 -15.60 -36.05 3.62
C PHE G 379 -16.61 -37.02 4.22
N PHE G 380 -16.52 -37.19 5.54
CA PHE G 380 -17.34 -38.10 6.31
C PHE G 380 -18.50 -37.32 6.90
N TYR G 381 -19.67 -37.96 6.94
CA TYR G 381 -20.91 -37.46 7.53
C TYR G 381 -21.43 -38.55 8.46
N CYS G 382 -21.01 -38.51 9.72
CA CYS G 382 -21.23 -39.60 10.67
C CYS G 382 -22.49 -39.39 11.50
N ASP G 383 -23.20 -40.49 11.71
CA ASP G 383 -24.44 -40.50 12.48
C ASP G 383 -24.08 -40.66 13.95
N THR G 384 -24.23 -39.58 14.71
CA THR G 384 -23.83 -39.52 16.10
C THR G 384 -24.99 -39.78 17.04
N SER G 385 -26.11 -40.30 16.52
CA SER G 385 -27.27 -40.60 17.36
C SER G 385 -26.96 -41.68 18.39
N GLY G 386 -25.89 -42.45 18.20
CA GLY G 386 -25.48 -43.44 19.16
C GLY G 386 -24.66 -42.89 20.31
N LEU G 387 -24.27 -41.62 20.22
CA LEU G 387 -23.50 -40.93 21.25
C LEU G 387 -24.38 -40.09 22.14
N PHE G 388 -25.41 -39.48 21.56
CA PHE G 388 -26.31 -38.58 22.25
C PHE G 388 -27.66 -39.25 22.42
N ASN G 389 -27.69 -40.33 23.19
CA ASN G 389 -28.88 -41.13 23.41
C ASN G 389 -28.81 -41.62 24.85
N SER G 390 -29.10 -40.73 25.79
CA SER G 390 -29.03 -41.09 27.21
C SER G 390 -29.86 -40.14 28.04
N THR G 391 -30.29 -40.60 29.21
CA THR G 391 -30.95 -39.75 30.19
C THR G 391 -30.19 -39.87 31.51
N TRP G 392 -29.74 -38.72 32.02
CA TRP G 392 -28.96 -38.63 33.24
C TRP G 392 -29.86 -38.08 34.34
N ILE G 393 -30.15 -38.90 35.34
CA ILE G 393 -31.08 -38.56 36.42
C ILE G 393 -30.24 -38.31 37.66
N SER G 394 -30.41 -37.14 38.27
CA SER G 394 -29.63 -36.79 39.46
C SER G 394 -30.07 -37.65 40.63
N ASN G 395 -29.10 -38.22 41.33
CA ASN G 395 -29.37 -39.08 42.48
C ASN G 395 -28.06 -39.47 43.17
N ASP G 408 -15.80 -52.10 25.56
CA ASP G 408 -16.58 -52.03 24.32
C ASP G 408 -16.39 -50.66 23.68
N SER G 409 -17.02 -50.47 22.51
CA SER G 409 -16.92 -49.23 21.76
C SER G 409 -18.27 -48.92 21.14
N ILE G 410 -18.45 -47.66 20.78
CA ILE G 410 -19.66 -47.16 20.12
C ILE G 410 -19.26 -46.89 18.67
N THR G 411 -19.93 -47.58 17.75
CA THR G 411 -19.67 -47.44 16.31
C THR G 411 -20.71 -46.49 15.73
N LEU G 412 -20.24 -45.46 15.04
CA LEU G 412 -21.05 -44.44 14.42
C LEU G 412 -21.06 -44.67 12.92
N PRO G 413 -22.18 -45.03 12.29
CA PRO G 413 -22.18 -45.19 10.83
C PRO G 413 -21.86 -43.86 10.17
N CYS G 414 -21.11 -43.91 9.08
CA CYS G 414 -20.75 -42.70 8.35
C CYS G 414 -21.04 -42.87 6.86
N ARG G 415 -21.48 -41.77 6.24
CA ARG G 415 -21.66 -41.68 4.81
C ARG G 415 -20.53 -40.82 4.25
N ILE G 416 -20.20 -41.04 2.99
CA ILE G 416 -19.18 -40.26 2.31
C ILE G 416 -19.80 -39.64 1.07
N LYS G 417 -19.49 -38.37 0.84
CA LYS G 417 -20.01 -37.60 -0.26
C LYS G 417 -18.83 -36.98 -0.99
N GLN G 418 -18.86 -36.99 -2.32
CA GLN G 418 -17.81 -36.38 -3.12
C GLN G 418 -18.12 -34.97 -3.60
N ILE G 419 -19.38 -34.55 -3.62
CA ILE G 419 -19.75 -33.19 -4.03
C ILE G 419 -20.00 -32.41 -2.75
N ILE G 420 -19.10 -31.48 -2.48
CA ILE G 420 -19.00 -30.76 -1.21
C ILE G 420 -19.40 -29.32 -1.44
N ASN G 421 -20.24 -28.77 -0.55
CA ASN G 421 -20.63 -27.36 -0.60
C ASN G 421 -20.45 -26.80 0.81
N MET G 422 -19.24 -26.33 1.10
CA MET G 422 -18.92 -25.77 2.41
C MET G 422 -19.38 -24.33 2.49
N TRP G 423 -19.84 -23.92 3.67
CA TRP G 423 -20.34 -22.58 3.94
C TRP G 423 -21.59 -22.24 3.15
N GLN G 424 -22.32 -23.27 2.68
CA GLN G 424 -23.55 -23.16 1.91
C GLN G 424 -23.49 -21.99 0.93
N ARG G 425 -22.70 -22.15 -0.13
CA ARG G 425 -22.52 -21.13 -1.14
C ARG G 425 -23.51 -21.39 -2.26
N ILE G 426 -23.87 -20.32 -2.98
CA ILE G 426 -24.79 -20.40 -4.12
C ILE G 426 -24.00 -20.20 -5.40
N GLY G 427 -24.15 -21.15 -6.33
CA GLY G 427 -23.49 -21.08 -7.62
C GLY G 427 -22.18 -21.83 -7.72
N GLN G 428 -21.65 -22.37 -6.61
CA GLN G 428 -20.41 -23.12 -6.65
C GLN G 428 -20.48 -24.34 -5.75
N ALA G 429 -19.74 -25.37 -6.17
CA ALA G 429 -19.59 -26.60 -5.41
C ALA G 429 -18.21 -27.17 -5.73
N MET G 430 -17.71 -28.01 -4.82
CA MET G 430 -16.43 -28.67 -4.99
C MET G 430 -16.61 -30.17 -5.11
N TYR G 431 -15.81 -30.77 -5.98
CA TYR G 431 -15.71 -32.22 -6.12
C TYR G 431 -14.45 -32.67 -5.42
N ALA G 432 -14.58 -33.63 -4.51
CA ALA G 432 -13.43 -34.14 -3.79
C ALA G 432 -12.91 -35.37 -4.53
N PRO G 433 -11.70 -35.36 -5.09
CA PRO G 433 -11.21 -36.54 -5.79
C PRO G 433 -11.15 -37.72 -4.86
N PRO G 434 -11.34 -38.95 -5.37
CA PRO G 434 -11.18 -40.12 -4.51
C PRO G 434 -9.75 -40.25 -4.00
N ILE G 435 -9.63 -40.73 -2.78
CA ILE G 435 -8.34 -41.05 -2.17
C ILE G 435 -8.19 -42.57 -2.23
N GLN G 436 -7.05 -43.02 -2.76
CA GLN G 436 -6.82 -44.45 -2.97
C GLN G 436 -6.51 -45.15 -1.66
N GLY G 437 -6.82 -46.45 -1.62
CA GLY G 437 -6.53 -47.25 -0.46
C GLY G 437 -7.62 -47.16 0.60
N VAL G 438 -7.22 -47.31 1.85
CA VAL G 438 -8.11 -47.38 3.00
C VAL G 438 -7.81 -46.16 3.86
N ILE G 439 -8.85 -45.42 4.25
CA ILE G 439 -8.67 -44.20 5.03
C ILE G 439 -8.76 -44.54 6.51
N ARG G 440 -7.81 -44.03 7.29
CA ARG G 440 -7.85 -44.15 8.74
C ARG G 440 -7.43 -42.82 9.36
N CYS G 441 -8.21 -42.36 10.33
CA CYS G 441 -7.93 -41.14 11.09
C CYS G 441 -8.14 -41.46 12.56
N VAL G 442 -7.25 -40.92 13.40
CA VAL G 442 -7.43 -40.97 14.84
C VAL G 442 -7.42 -39.52 15.30
N SER G 443 -8.55 -39.04 15.81
CA SER G 443 -8.72 -37.66 16.20
C SER G 443 -9.10 -37.58 17.67
N ASN G 444 -8.86 -36.41 18.26
CA ASN G 444 -9.27 -36.11 19.62
C ASN G 444 -10.55 -35.29 19.57
N ILE G 445 -11.58 -35.75 20.29
CA ILE G 445 -12.78 -34.95 20.48
C ILE G 445 -12.47 -34.10 21.70
N THR G 446 -12.47 -32.78 21.50
CA THR G 446 -12.10 -31.82 22.51
C THR G 446 -13.29 -30.98 22.95
N GLY G 447 -14.49 -31.29 22.47
CA GLY G 447 -15.65 -30.51 22.85
C GLY G 447 -16.84 -30.83 21.98
N LEU G 448 -17.97 -30.23 22.38
CA LEU G 448 -19.26 -30.42 21.71
C LEU G 448 -19.89 -29.07 21.38
N ILE G 449 -20.72 -29.08 20.35
CA ILE G 449 -21.61 -27.97 20.03
C ILE G 449 -23.01 -28.49 20.31
N LEU G 450 -23.65 -28.00 21.36
CA LEU G 450 -24.96 -28.45 21.80
C LEU G 450 -26.00 -27.34 21.67
N THR G 451 -27.25 -27.74 21.47
CA THR G 451 -28.38 -26.83 21.49
C THR G 451 -29.38 -27.42 22.48
N ARG G 452 -30.10 -26.56 23.19
CA ARG G 452 -31.08 -27.05 24.14
C ARG G 452 -32.42 -27.19 23.44
N ASP G 453 -33.13 -28.28 23.75
CA ASP G 453 -34.37 -28.63 23.06
C ASP G 453 -35.39 -27.51 23.11
N GLY G 454 -35.51 -26.83 24.23
CA GLY G 454 -36.39 -25.69 24.30
C GLY G 454 -37.85 -26.08 24.49
N GLY G 455 -38.72 -25.12 24.19
CA GLY G 455 -40.14 -25.28 24.43
C GLY G 455 -40.48 -25.51 25.89
N THR G 460 -38.19 -29.51 35.00
CA THR G 460 -38.03 -30.87 35.50
C THR G 460 -36.92 -31.55 34.72
N THR G 461 -37.01 -31.49 33.40
CA THR G 461 -36.06 -32.12 32.51
C THR G 461 -35.54 -31.10 31.50
N GLU G 462 -34.33 -31.33 31.02
CA GLU G 462 -33.75 -30.58 29.91
C GLU G 462 -33.22 -31.59 28.92
N THR G 463 -33.37 -31.29 27.63
CA THR G 463 -32.87 -32.15 26.56
C THR G 463 -31.91 -31.35 25.69
N PHE G 464 -30.75 -31.92 25.43
CA PHE G 464 -29.72 -31.31 24.59
C PHE G 464 -29.54 -32.15 23.34
N ARG G 465 -29.27 -31.49 22.23
CA ARG G 465 -29.05 -32.18 20.97
C ARG G 465 -27.79 -31.63 20.32
N PRO G 466 -27.09 -32.44 19.52
CA PRO G 466 -25.99 -31.89 18.73
C PRO G 466 -26.52 -30.85 17.76
N SER G 467 -25.75 -29.80 17.57
CA SER G 467 -26.07 -28.76 16.61
C SER G 467 -24.88 -28.55 15.71
N GLY G 468 -25.16 -28.24 14.44
CA GLY G 468 -24.05 -27.93 13.57
C GLY G 468 -23.52 -26.54 13.77
N GLY G 469 -24.31 -25.68 14.43
CA GLY G 469 -23.89 -24.30 14.64
C GLY G 469 -23.57 -23.65 13.32
N ASP G 470 -22.41 -23.01 13.33
CA ASP G 470 -21.80 -22.34 12.19
C ASP G 470 -20.32 -22.66 12.33
N MET G 471 -19.49 -22.16 11.42
CA MET G 471 -18.08 -22.43 11.58
C MET G 471 -17.44 -21.47 12.57
N ARG G 472 -18.16 -20.41 12.99
CA ARG G 472 -17.64 -19.48 13.99
C ARG G 472 -18.04 -19.98 15.38
N ASP G 473 -17.72 -21.25 15.61
CA ASP G 473 -17.90 -22.04 16.82
C ASP G 473 -16.71 -22.96 17.08
N ASN G 474 -16.05 -23.42 16.02
CA ASN G 474 -14.93 -24.35 16.12
C ASN G 474 -13.68 -23.53 16.44
N TRP G 475 -13.60 -22.38 15.78
CA TRP G 475 -12.50 -21.44 15.91
C TRP G 475 -12.75 -20.55 17.12
N ARG G 476 -14.02 -20.31 17.42
CA ARG G 476 -14.41 -19.50 18.56
C ARG G 476 -13.96 -20.16 19.85
N SER G 477 -13.89 -21.49 19.85
CA SER G 477 -13.49 -22.26 21.02
C SER G 477 -11.99 -22.20 21.26
N GLU G 478 -11.23 -21.70 20.29
CA GLU G 478 -9.78 -21.55 20.40
C GLU G 478 -9.40 -20.09 20.63
N LEU G 479 -10.16 -19.17 20.03
CA LEU G 479 -9.92 -17.74 20.10
C LEU G 479 -10.63 -17.09 21.30
N TYR G 480 -11.33 -17.89 22.12
CA TYR G 480 -12.13 -17.33 23.21
C TYR G 480 -11.27 -16.61 24.23
N LYS G 481 -9.99 -16.97 24.35
CA LYS G 481 -9.12 -16.37 25.35
C LYS G 481 -8.31 -15.20 24.82
N TYR G 482 -8.48 -14.80 23.57
CA TYR G 482 -7.72 -13.71 22.98
C TYR G 482 -8.62 -12.51 22.68
N LYS G 483 -8.05 -11.33 22.91
CA LYS G 483 -8.69 -10.05 22.64
C LYS G 483 -7.68 -9.17 21.91
N VAL G 484 -8.15 -8.37 20.96
CA VAL G 484 -7.29 -7.42 20.26
C VAL G 484 -7.58 -6.03 20.80
N VAL G 485 -6.52 -5.31 21.17
CA VAL G 485 -6.64 -3.94 21.67
C VAL G 485 -5.69 -3.04 20.88
N LYS G 486 -6.03 -1.75 20.86
CA LYS G 486 -5.25 -0.70 20.23
C LYS G 486 -4.52 0.06 21.33
N ILE G 487 -3.25 0.35 21.10
CA ILE G 487 -2.40 1.03 22.08
C ILE G 487 -2.61 2.54 21.95
N GLU G 488 -2.77 3.20 23.10
CA GLU G 488 -3.01 4.63 23.19
C GLU G 488 -1.82 5.22 23.96
N PRO G 489 -0.68 5.41 23.28
CA PRO G 489 0.57 5.74 23.98
C PRO G 489 0.66 7.15 24.54
N LEU G 490 -0.24 8.04 24.15
CA LEU G 490 -0.16 9.46 24.52
C LEU G 490 -1.10 9.76 25.67
N GLY G 491 -0.52 10.16 26.81
CA GLY G 491 -1.30 10.46 27.99
C GLY G 491 -0.91 11.81 28.58
N VAL G 492 -1.83 12.34 29.38
CA VAL G 492 -1.69 13.62 30.08
C VAL G 492 -1.87 13.36 31.57
N ALA G 493 -1.03 13.98 32.40
CA ALA G 493 -1.18 13.82 33.84
C ALA G 493 -0.59 15.03 34.55
N PRO G 494 -1.10 15.40 35.72
CA PRO G 494 -0.50 16.51 36.48
C PRO G 494 0.82 16.15 37.12
N THR G 495 1.77 17.07 37.03
CA THR G 495 3.05 16.96 37.72
C THR G 495 3.38 18.36 38.22
N ARG G 496 4.45 18.50 38.98
CA ARG G 496 4.89 19.82 39.40
C ARG G 496 5.91 20.41 38.45
N CYS G 497 6.14 19.75 37.31
CA CYS G 497 7.13 20.15 36.33
C CYS G 497 6.54 21.24 35.43
N LYS G 498 7.17 22.41 35.42
CA LYS G 498 6.74 23.53 34.59
C LYS G 498 7.78 23.77 33.50
N ARG G 499 7.32 24.10 32.30
CA ARG G 499 8.24 24.45 31.23
C ARG G 499 8.90 25.80 31.52
N ARG G 500 10.19 25.89 31.23
CA ARG G 500 10.95 27.13 31.37
C ARG G 500 10.24 28.30 30.70
N GLU H 1 10.21 6.23 64.16
CA GLU H 1 10.87 4.99 63.65
C GLU H 1 12.02 5.32 62.70
N VAL H 2 12.04 6.53 62.16
CA VAL H 2 13.10 6.96 61.25
C VAL H 2 14.32 7.35 62.06
N GLN H 3 15.48 6.80 61.70
CA GLN H 3 16.73 7.09 62.37
C GLN H 3 17.83 7.32 61.34
N LEU H 4 18.55 8.42 61.52
CA LEU H 4 19.69 8.80 60.67
C LEU H 4 20.91 8.89 61.59
N VAL H 5 21.99 8.19 61.26
CA VAL H 5 23.20 8.17 62.08
C VAL H 5 24.41 8.57 61.25
N GLU H 6 25.02 9.71 61.58
CA GLU H 6 26.22 10.19 60.91
C GLU H 6 27.46 9.58 61.56
N THR H 7 28.44 9.25 60.73
CA THR H 7 29.77 8.84 61.17
C THR H 7 30.80 9.50 60.27
N GLY H 8 32.07 9.18 60.53
CA GLY H 8 33.17 9.70 59.74
C GLY H 8 33.66 11.08 60.11
N GLY H 9 33.39 11.54 61.33
CA GLY H 9 33.83 12.84 61.77
C GLY H 9 35.27 12.79 62.26
N GLY H 10 35.73 13.89 62.85
CA GLY H 10 37.10 13.95 63.33
C GLY H 10 37.86 15.24 63.07
N LEU H 11 39.11 15.26 63.52
CA LEU H 11 40.00 16.41 63.39
C LEU H 11 40.93 16.20 62.19
N VAL H 12 40.92 17.16 61.28
CA VAL H 12 41.74 17.14 60.07
C VAL H 12 42.50 18.45 59.98
N GLN H 13 43.70 18.39 59.43
CA GLN H 13 44.49 19.60 59.27
C GLN H 13 43.92 20.44 58.13
N PRO H 14 44.09 21.77 58.16
CA PRO H 14 43.64 22.60 57.02
C PRO H 14 44.25 22.10 55.71
N GLY H 15 43.41 22.05 54.69
CA GLY H 15 43.83 21.56 53.38
C GLY H 15 43.63 20.08 53.18
N GLY H 16 43.24 19.35 54.23
CA GLY H 16 43.05 17.91 54.16
C GLY H 16 41.64 17.59 53.69
N SER H 17 41.29 16.31 53.81
CA SER H 17 39.99 15.83 53.37
C SER H 17 39.35 14.92 54.41
N LEU H 18 38.02 14.89 54.40
CA LEU H 18 37.26 14.04 55.31
C LEU H 18 36.00 13.58 54.61
N LYS H 19 35.65 12.30 54.74
CA LYS H 19 34.42 11.77 54.17
C LYS H 19 33.45 11.39 55.30
N LEU H 20 32.26 12.00 55.27
CA LEU H 20 31.21 11.74 56.24
C LEU H 20 30.24 10.74 55.62
N SER H 21 29.60 9.94 56.47
CA SER H 21 28.63 8.97 55.98
C SER H 21 27.44 8.87 56.93
N CYS H 22 26.25 9.01 56.37
CA CYS H 22 24.98 8.96 57.09
C CYS H 22 24.21 7.72 56.70
N ARG H 23 23.96 6.85 57.68
CA ARG H 23 23.21 5.63 57.47
C ARG H 23 21.79 5.97 57.88
N ALA H 24 20.81 5.34 57.22
CA ALA H 24 19.42 5.64 57.51
C ALA H 24 18.55 4.41 57.51
N SER H 25 17.51 4.44 58.35
CA SER H 25 16.54 3.36 58.40
C SER H 25 15.20 3.90 58.88
N GLY H 26 14.16 3.09 58.71
CA GLY H 26 12.82 3.42 59.12
C GLY H 26 11.94 4.01 58.03
N TYR H 27 12.46 4.16 56.82
CA TYR H 27 11.73 4.72 55.69
C TYR H 27 12.41 4.19 54.44
N THR H 28 11.76 4.36 53.29
CA THR H 28 12.39 3.96 52.04
C THR H 28 13.37 5.06 51.65
N PHE H 29 14.66 4.71 51.63
CA PHE H 29 15.72 5.68 51.38
C PHE H 29 15.60 6.30 50.00
N SER H 30 15.38 5.47 48.98
CA SER H 30 15.29 5.91 47.60
C SER H 30 14.08 6.78 47.29
N SER H 31 13.13 6.93 48.21
CA SER H 31 11.94 7.75 47.97
C SER H 31 12.08 9.19 48.41
N PHE H 32 13.15 9.57 49.12
CA PHE H 32 13.32 10.91 49.65
C PHE H 32 14.65 11.50 49.22
N ALA H 33 14.65 12.82 49.05
CA ALA H 33 15.87 13.58 48.83
C ALA H 33 16.60 13.73 50.16
N MET H 34 17.92 13.91 50.08
CA MET H 34 18.73 14.08 51.29
C MET H 34 19.55 15.36 51.19
N SER H 35 19.80 15.95 52.35
CA SER H 35 20.59 17.17 52.46
C SER H 35 21.64 17.04 53.55
N TRP H 36 22.67 17.88 53.45
CA TRP H 36 23.62 18.09 54.53
C TRP H 36 23.50 19.54 54.95
N VAL H 37 23.40 19.76 56.26
CA VAL H 37 23.28 21.06 56.89
C VAL H 37 24.34 21.11 57.99
N ARG H 38 25.03 22.24 58.14
CA ARG H 38 26.07 22.34 59.16
C ARG H 38 25.79 23.49 60.10
N GLN H 39 26.29 23.34 61.32
CA GLN H 39 26.20 24.37 62.36
C GLN H 39 27.56 24.58 63.01
N ALA H 40 28.14 25.78 62.82
CA ALA H 40 29.41 26.05 63.43
C ALA H 40 29.21 26.03 64.95
N PRO H 41 30.25 25.71 65.74
CA PRO H 41 30.06 25.64 67.20
C PRO H 41 29.35 26.83 67.84
N GLY H 42 29.57 28.05 67.34
CA GLY H 42 28.93 29.24 67.87
C GLY H 42 27.90 29.91 66.99
N LYS H 43 27.45 29.26 65.91
CA LYS H 43 26.54 29.85 64.94
C LYS H 43 25.27 29.03 64.81
N GLY H 44 24.38 29.49 63.92
CA GLY H 44 23.14 28.80 63.62
C GLY H 44 23.32 27.79 62.51
N LEU H 45 22.20 27.32 61.98
CA LEU H 45 22.23 26.28 60.97
C LEU H 45 22.53 26.89 59.61
N GLU H 46 23.34 26.18 58.81
CA GLU H 46 23.63 26.56 57.43
C GLU H 46 23.43 25.37 56.52
N TRP H 47 22.69 25.56 55.43
CA TRP H 47 22.53 24.47 54.48
C TRP H 47 23.84 24.33 53.70
N VAL H 48 24.27 23.10 53.47
CA VAL H 48 25.51 22.81 52.75
C VAL H 48 25.27 22.19 51.38
N SER H 49 24.47 21.12 51.32
CA SER H 49 24.28 20.45 50.05
C SER H 49 22.96 19.71 50.00
N LEU H 50 22.51 19.42 48.78
CA LEU H 50 21.26 18.72 48.52
C LEU H 50 21.47 17.73 47.38
N ILE H 51 20.98 16.50 47.56
CA ILE H 51 21.00 15.47 46.54
C ILE H 51 19.57 14.93 46.40
N ASN H 52 19.15 14.67 45.17
CA ASN H 52 17.80 14.18 44.93
C ASN H 52 17.65 12.71 45.29
N ASP H 53 16.41 12.22 45.13
CA ASP H 53 16.08 10.85 45.53
C ASP H 53 16.82 9.80 44.73
N ARG H 54 17.18 10.10 43.48
CA ARG H 54 17.89 9.13 42.63
C ARG H 54 19.40 9.31 42.66
N GLY H 55 19.91 10.32 43.36
CA GLY H 55 21.34 10.55 43.40
C GLY H 55 21.95 11.12 42.15
N GLY H 56 21.17 11.79 41.30
CA GLY H 56 21.69 12.30 40.03
C GLY H 56 21.83 13.81 39.97
N LEU H 57 21.11 14.52 40.84
CA LEU H 57 21.12 15.98 40.89
C LEU H 57 21.72 16.41 42.22
N THR H 58 22.81 17.19 42.16
CA THR H 58 23.49 17.66 43.35
C THR H 58 23.58 19.18 43.32
N PHE H 59 23.35 19.79 44.49
CA PHE H 59 23.38 21.24 44.64
C PHE H 59 24.26 21.55 45.86
N TYR H 60 24.97 22.68 45.78
CA TYR H 60 25.87 23.08 46.86
C TYR H 60 25.76 24.59 47.10
N VAL H 61 26.14 25.02 48.31
CA VAL H 61 26.36 26.45 48.53
C VAL H 61 27.67 26.84 47.87
N ASP H 62 27.73 28.09 47.39
CA ASP H 62 28.91 28.58 46.70
C ASP H 62 30.19 28.37 47.50
N SER H 63 30.12 28.51 48.82
CA SER H 63 31.32 28.39 49.64
C SER H 63 31.94 26.99 49.62
N VAL H 64 31.20 25.97 49.17
CA VAL H 64 31.70 24.61 49.07
C VAL H 64 31.51 24.03 47.68
N LYS H 65 31.04 24.82 46.72
CA LYS H 65 30.57 24.26 45.45
C LYS H 65 31.66 23.51 44.71
N GLY H 66 32.90 23.98 44.77
CA GLY H 66 34.01 23.34 44.11
C GLY H 66 34.83 22.43 45.00
N ARG H 67 34.40 22.18 46.23
CA ARG H 67 35.17 21.42 47.21
C ARG H 67 34.45 20.18 47.73
N PHE H 68 33.13 20.23 47.92
CA PHE H 68 32.39 19.12 48.48
C PHE H 68 31.65 18.36 47.39
N THR H 69 31.56 17.04 47.58
CA THR H 69 30.77 16.16 46.73
C THR H 69 29.75 15.40 47.58
N ILE H 70 28.49 15.40 47.16
CA ILE H 70 27.42 14.70 47.86
C ILE H 70 27.05 13.49 47.00
N SER H 71 26.92 12.32 47.64
CA SER H 71 26.65 11.09 46.91
C SER H 71 25.73 10.18 47.73
N ARG H 72 25.04 9.30 47.02
CA ARG H 72 24.14 8.33 47.62
C ARG H 72 24.36 6.94 47.04
N ASP H 73 24.11 5.94 47.87
CA ASP H 73 24.07 4.54 47.47
C ASP H 73 22.73 4.05 48.01
N ASN H 74 21.77 3.85 47.11
CA ASN H 74 20.41 3.51 47.52
C ASN H 74 20.25 2.04 47.82
N SER H 75 21.27 1.21 47.57
CA SER H 75 21.19 -0.21 47.90
C SER H 75 21.69 -0.43 49.31
N LYS H 76 22.63 0.38 49.74
CA LYS H 76 23.22 0.35 51.06
C LYS H 76 22.54 1.30 52.02
N ASN H 77 21.54 2.06 51.54
CA ASN H 77 20.85 3.06 52.34
C ASN H 77 21.85 4.00 52.99
N THR H 78 22.83 4.45 52.19
CA THR H 78 23.92 5.28 52.70
C THR H 78 24.06 6.56 51.90
N LEU H 79 24.17 7.67 52.62
CA LEU H 79 24.42 9.00 52.10
C LEU H 79 25.85 9.34 52.50
N SER H 80 26.60 10.00 51.62
CA SER H 80 27.95 10.39 52.01
C SER H 80 28.28 11.77 51.46
N LEU H 81 29.23 12.41 52.14
CA LEU H 81 29.75 13.71 51.75
C LEU H 81 31.27 13.65 51.76
N GLN H 82 31.89 13.91 50.61
CA GLN H 82 33.34 13.92 50.48
C GLN H 82 33.75 15.39 50.54
N MET H 83 34.49 15.76 51.58
CA MET H 83 34.89 17.12 51.85
C MET H 83 36.37 17.26 51.51
N HIS H 84 36.68 18.00 50.44
CA HIS H 84 38.05 18.23 50.01
C HIS H 84 38.46 19.65 50.38
N SER H 85 39.77 19.86 50.49
CA SER H 85 40.36 21.18 50.74
C SER H 85 39.71 21.87 51.94
N LEU H 86 39.63 21.16 53.06
CA LEU H 86 38.97 21.68 54.24
C LEU H 86 39.60 22.98 54.72
N ARG H 87 38.74 23.94 55.05
CA ARG H 87 39.12 25.27 55.52
C ARG H 87 38.78 25.40 57.00
N ASP H 88 39.40 26.39 57.66
CA ASP H 88 39.09 26.61 59.07
C ASP H 88 37.63 26.99 59.26
N GLY H 89 37.03 27.64 58.26
CA GLY H 89 35.64 28.03 58.27
C GLY H 89 34.67 26.86 58.18
N ASP H 90 35.16 25.66 57.90
CA ASP H 90 34.33 24.47 57.79
C ASP H 90 34.19 23.70 59.09
N THR H 91 34.75 24.17 60.20
CA THR H 91 34.56 23.47 61.46
C THR H 91 33.10 23.61 61.87
N ALA H 92 32.43 22.48 62.06
CA ALA H 92 31.01 22.51 62.36
C ALA H 92 30.52 21.10 62.67
N VAL H 93 29.33 21.03 63.26
CA VAL H 93 28.62 19.76 63.34
C VAL H 93 27.83 19.66 62.04
N TYR H 94 28.03 18.56 61.33
CA TYR H 94 27.38 18.29 60.04
C TYR H 94 26.27 17.26 60.21
N TYR H 95 25.04 17.68 59.98
CA TYR H 95 23.86 16.85 60.13
C TYR H 95 23.43 16.41 58.75
N CYS H 96 22.97 15.17 58.65
CA CYS H 96 22.31 14.68 57.45
C CYS H 96 20.83 14.79 57.72
N ALA H 97 20.05 15.05 56.66
CA ALA H 97 18.62 15.15 56.86
C ALA H 97 17.87 14.66 55.63
N THR H 98 16.66 14.18 55.91
CA THR H 98 15.74 13.71 54.91
C THR H 98 14.84 14.88 54.56
N GLY H 99 14.75 15.18 53.27
CA GLY H 99 13.96 16.26 52.71
C GLY H 99 14.85 17.32 52.09
N GLY H 100 14.20 18.33 51.52
CA GLY H 100 14.84 19.42 50.81
C GLY H 100 14.40 19.56 49.37
N MET H 101 13.82 18.53 48.78
CA MET H 101 13.27 18.57 47.44
C MET H 101 12.52 17.26 47.25
N SER H 102 11.85 17.15 46.11
CA SER H 102 11.13 15.92 45.80
C SER H 102 11.00 15.83 44.29
N SER H 103 10.58 14.66 43.83
CA SER H 103 10.32 14.43 42.42
C SER H 103 9.10 15.22 41.96
N ALA H 104 9.04 15.49 40.65
CA ALA H 104 7.93 16.25 40.09
C ALA H 104 6.61 15.49 40.24
N LEU H 105 6.68 14.19 40.51
CA LEU H 105 5.55 13.32 40.67
C LEU H 105 5.15 13.20 42.14
N GLN H 106 5.86 13.88 43.03
CA GLN H 106 5.65 13.88 44.47
C GLN H 106 5.24 15.28 44.92
N SER H 107 4.67 15.36 46.11
CA SER H 107 4.35 16.64 46.70
C SER H 107 5.64 17.37 47.05
N SER H 108 5.56 18.70 47.11
CA SER H 108 6.74 19.50 47.45
C SER H 108 7.25 19.14 48.84
N LYS H 109 8.57 19.12 48.97
CA LYS H 109 9.25 18.86 50.23
C LYS H 109 10.36 19.87 50.48
N TYR H 110 10.04 21.17 50.41
CA TYR H 110 11.08 22.19 50.58
C TYR H 110 11.29 22.49 52.06
N TYR H 111 11.67 21.43 52.76
CA TYR H 111 11.89 21.42 54.21
C TYR H 111 12.70 20.16 54.52
N PHE H 112 13.23 20.09 55.74
CA PHE H 112 14.01 18.94 56.19
C PHE H 112 13.14 18.14 57.14
N ASP H 113 12.63 17.00 56.64
CA ASP H 113 11.62 16.24 57.36
C ASP H 113 12.21 15.47 58.53
N PHE H 114 13.40 14.90 58.37
CA PHE H 114 14.06 14.15 59.45
C PHE H 114 15.52 14.56 59.57
N TRP H 115 16.03 14.55 60.80
CA TRP H 115 17.41 14.91 61.08
C TRP H 115 18.11 13.81 61.86
N GLY H 116 19.42 13.69 61.63
CA GLY H 116 20.28 12.82 62.40
C GLY H 116 20.81 13.58 63.59
N GLN H 117 21.84 13.04 64.24
CA GLN H 117 22.38 13.69 65.43
C GLN H 117 23.64 14.51 65.16
N GLY H 118 24.35 14.23 64.07
CA GLY H 118 25.47 15.03 63.63
C GLY H 118 26.88 14.57 63.89
N ALA H 119 27.72 14.64 62.86
CA ALA H 119 29.14 14.31 62.97
C ALA H 119 29.87 15.61 63.25
N LEU H 120 30.88 15.59 64.09
CA LEU H 120 31.65 16.81 64.36
C LEU H 120 32.91 16.81 63.49
N VAL H 121 33.05 17.85 62.67
CA VAL H 121 34.20 18.04 61.78
C VAL H 121 34.98 19.21 62.35
N THR H 122 36.24 18.97 62.70
CA THR H 122 37.12 20.01 63.23
C THR H 122 38.29 20.17 62.27
N VAL H 123 38.57 21.41 61.88
CA VAL H 123 39.67 21.73 60.98
C VAL H 123 40.67 22.57 61.77
N SER H 124 41.88 22.04 61.93
CA SER H 124 42.92 22.66 62.75
C SER H 124 44.17 21.76 62.79
N ALA I 3 21.58 35.31 54.65
CA ALA I 3 20.92 34.88 55.87
C ALA I 3 19.63 35.67 56.09
N LEU I 4 18.75 35.13 56.94
CA LEU I 4 17.52 35.78 57.33
C LEU I 4 17.72 36.52 58.65
N THR I 5 16.91 37.54 58.88
CA THR I 5 16.98 38.35 60.09
C THR I 5 15.95 37.83 61.08
N GLN I 6 16.41 37.50 62.29
CA GLN I 6 15.56 36.98 63.33
C GLN I 6 16.16 37.50 64.63
N PRO I 7 15.39 38.05 65.57
CA PRO I 7 16.01 38.61 66.77
C PRO I 7 16.48 37.51 67.71
N PRO I 8 17.55 37.76 68.48
CA PRO I 8 17.91 36.85 69.57
C PRO I 8 17.13 37.12 70.85
N SER I 9 17.27 36.19 71.80
CA SER I 9 16.83 36.35 73.19
C SER I 9 15.37 36.76 73.34
N VAL I 10 14.49 36.12 72.59
CA VAL I 10 13.05 36.35 72.76
C VAL I 10 12.60 35.47 73.91
N SER I 11 11.76 36.01 74.81
CA SER I 11 11.30 35.24 75.96
C SER I 11 9.84 35.54 76.25
N GLY I 12 9.21 34.55 76.89
CA GLY I 12 7.82 34.61 77.33
C GLY I 12 7.65 34.36 78.82
N SER I 13 6.57 33.65 79.17
CA SER I 13 6.19 33.36 80.54
C SER I 13 5.26 32.15 80.49
N PRO I 14 5.35 31.21 81.44
CA PRO I 14 4.52 29.99 81.36
C PRO I 14 3.04 30.28 81.17
N GLY I 15 2.44 29.57 80.22
CA GLY I 15 1.03 29.72 79.92
C GLY I 15 0.68 30.87 79.01
N GLN I 16 1.66 31.69 78.60
CA GLN I 16 1.43 32.85 77.77
C GLN I 16 1.81 32.56 76.32
N SER I 17 1.57 33.53 75.44
CA SER I 17 1.87 33.43 74.02
C SER I 17 3.09 34.28 73.66
N VAL I 18 4.01 33.70 72.88
CA VAL I 18 5.20 34.40 72.41
C VAL I 18 5.30 34.25 70.90
N THR I 19 5.81 35.30 70.24
CA THR I 19 6.01 35.29 68.79
C THR I 19 7.48 35.47 68.46
N ILE I 20 8.01 34.58 67.61
CA ILE I 20 9.37 34.65 67.08
C ILE I 20 9.22 35.07 65.62
N SER I 21 9.77 36.23 65.26
CA SER I 21 9.58 36.81 63.93
C SER I 21 10.87 36.76 63.12
N CYS I 22 10.79 36.13 61.95
CA CYS I 22 11.89 35.94 61.01
C CYS I 22 11.64 36.83 59.82
N THR I 23 12.54 37.78 59.57
CA THR I 23 12.42 38.74 58.48
C THR I 23 13.43 38.41 57.40
N GLY I 24 12.93 38.27 56.17
CA GLY I 24 13.75 37.98 55.01
C GLY I 24 13.67 39.09 53.99
N THR I 25 13.76 38.72 52.71
CA THR I 25 13.73 39.69 51.61
C THR I 25 12.68 39.28 50.59
N SER I 26 12.62 40.00 49.47
CA SER I 26 11.59 39.78 48.46
C SER I 26 11.88 38.60 47.55
N SER I 27 13.10 38.08 47.56
CA SER I 27 13.49 36.94 46.73
C SER I 27 13.26 35.59 47.42
N ASP I 28 13.03 35.56 48.73
CA ASP I 28 12.87 34.30 49.45
C ASP I 28 11.54 34.20 50.22
N ILE I 29 11.40 34.79 51.41
CA ILE I 29 10.15 34.65 52.16
C ILE I 29 8.99 35.28 51.40
N GLY I 30 9.24 36.41 50.73
CA GLY I 30 8.22 37.08 49.96
C GLY I 30 7.91 36.54 48.59
N SER I 31 8.63 35.51 48.14
CA SER I 31 8.43 34.95 46.80
C SER I 31 7.90 33.52 46.81
N TYR I 32 8.21 32.71 47.82
CA TYR I 32 7.75 31.33 47.87
C TYR I 32 7.12 31.07 49.24
N ASN I 33 6.06 30.26 49.26
CA ASN I 33 5.42 29.86 50.51
C ASN I 33 6.06 28.59 51.08
N TYR I 34 7.38 28.65 51.32
CA TYR I 34 8.14 27.51 51.86
C TYR I 34 9.06 28.01 52.97
N VAL I 35 8.49 28.34 54.13
CA VAL I 35 9.24 28.87 55.27
C VAL I 35 9.05 27.90 56.43
N SER I 36 10.12 27.21 56.80
CA SER I 36 10.05 26.17 57.81
C SER I 36 10.62 26.71 59.13
N TRP I 37 10.16 26.12 60.23
CA TRP I 37 10.65 26.44 61.56
C TRP I 37 11.16 25.16 62.22
N TYR I 38 12.29 25.28 62.92
CA TYR I 38 12.95 24.17 63.60
C TYR I 38 13.18 24.53 65.07
N GLN I 39 13.07 23.53 65.93
CA GLN I 39 13.32 23.66 67.37
C GLN I 39 14.51 22.78 67.74
N GLN I 40 15.62 23.41 68.16
CA GLN I 40 16.86 22.72 68.51
C GLN I 40 17.14 22.88 70.00
N HIS I 41 17.08 21.78 70.74
CA HIS I 41 17.46 21.89 72.15
C HIS I 41 18.98 21.86 72.21
N PRO I 42 19.63 22.66 73.07
CA PRO I 42 21.09 22.63 73.10
C PRO I 42 21.64 21.22 73.29
N GLY I 43 22.63 20.88 72.48
CA GLY I 43 23.26 19.58 72.52
C GLY I 43 22.62 18.56 71.60
N LYS I 44 21.46 18.87 71.02
CA LYS I 44 20.71 17.98 70.15
C LYS I 44 20.54 18.58 68.76
N ALA I 45 20.23 17.71 67.81
CA ALA I 45 19.89 18.13 66.46
C ALA I 45 18.55 18.85 66.42
N PRO I 46 18.33 19.77 65.46
CA PRO I 46 17.03 20.42 65.35
C PRO I 46 15.93 19.47 64.92
N LYS I 47 14.74 19.72 65.46
CA LYS I 47 13.52 19.02 65.10
C LYS I 47 12.68 19.92 64.21
N LEU I 48 12.04 19.35 63.19
CA LEU I 48 11.15 20.14 62.36
C LEU I 48 9.85 20.41 63.12
N MET I 49 9.46 21.68 63.18
CA MET I 49 8.23 22.10 63.84
C MET I 49 7.18 22.56 62.86
N ILE I 50 7.56 23.36 61.86
CA ILE I 50 6.63 23.89 60.86
C ILE I 50 7.27 23.75 59.49
N TYR I 51 6.44 23.49 58.49
CA TYR I 51 6.87 23.42 57.10
C TYR I 51 5.83 24.12 56.24
N ASP I 52 6.24 24.46 55.02
CA ASP I 52 5.45 25.28 54.10
C ASP I 52 5.30 26.60 54.85
N VAL I 53 4.09 27.03 55.23
CA VAL I 53 3.91 28.23 56.03
C VAL I 53 3.17 27.93 57.33
N THR I 54 2.06 27.18 57.23
CA THR I 54 1.17 26.92 58.36
C THR I 54 1.08 25.45 58.74
N GLN I 55 1.86 24.55 58.13
CA GLN I 55 1.70 23.12 58.34
C GLN I 55 2.60 22.64 59.46
N ARG I 56 2.14 21.60 60.18
CA ARG I 56 2.91 20.94 61.22
C ARG I 56 3.17 19.48 60.88
N PRO I 57 4.36 18.94 61.20
CA PRO I 57 4.55 17.49 61.06
C PRO I 57 3.68 16.76 62.06
N SER I 58 3.30 15.53 61.73
CA SER I 58 2.56 14.73 62.69
C SER I 58 3.44 14.52 63.92
N GLY I 59 2.83 14.59 65.10
CA GLY I 59 3.56 14.43 66.34
C GLY I 59 3.92 15.74 67.01
N VAL I 60 3.73 16.86 66.30
CA VAL I 60 4.02 18.20 66.82
C VAL I 60 2.71 18.81 67.32
N SER I 61 2.76 19.34 68.54
CA SER I 61 1.59 19.91 69.18
C SER I 61 1.09 21.13 68.41
N ASP I 62 -0.21 21.39 68.54
CA ASP I 62 -0.88 22.48 67.82
C ASP I 62 -0.68 23.83 68.49
N ARG I 63 0.19 23.91 69.50
CA ARG I 63 0.54 25.18 70.12
C ARG I 63 1.51 25.98 69.25
N PHE I 64 2.14 25.34 68.26
CA PHE I 64 3.11 25.97 67.38
C PHE I 64 2.40 26.32 66.07
N SER I 65 2.14 27.60 65.86
CA SER I 65 1.35 28.08 64.73
C SER I 65 2.16 29.06 63.89
N GLY I 66 2.36 28.74 62.62
CA GLY I 66 3.13 29.57 61.73
C GLY I 66 2.26 30.54 60.97
N SER I 67 2.87 31.62 60.49
CA SER I 67 2.16 32.57 59.65
C SER I 67 3.18 33.35 58.83
N LYS I 68 2.67 34.01 57.79
CA LYS I 68 3.50 34.86 56.94
C LYS I 68 2.70 36.06 56.45
N SER I 69 3.37 37.22 56.42
CA SER I 69 2.80 38.45 55.88
C SER I 69 3.93 39.22 55.22
N GLY I 70 3.74 39.57 53.95
CA GLY I 70 4.78 40.30 53.24
C GLY I 70 6.04 39.45 53.18
N ASN I 71 7.14 40.03 53.64
CA ASN I 71 8.43 39.35 53.65
C ASN I 71 8.80 38.86 55.05
N THR I 72 7.85 38.86 55.99
CA THR I 72 8.10 38.46 57.37
C THR I 72 7.24 37.25 57.72
N ALA I 73 7.89 36.24 58.29
CA ALA I 73 7.25 35.01 58.73
C ALA I 73 7.36 34.95 60.24
N SER I 74 6.42 34.28 60.90
CA SER I 74 6.52 34.18 62.35
C SER I 74 6.01 32.85 62.86
N LEU I 75 6.52 32.51 64.04
CA LEU I 75 6.16 31.34 64.83
C LEU I 75 5.50 31.81 66.12
N THR I 76 4.25 31.44 66.34
CA THR I 76 3.54 31.78 67.57
C THR I 76 3.46 30.52 68.41
N ILE I 77 3.92 30.60 69.65
CA ILE I 77 3.85 29.50 70.60
C ILE I 77 2.90 29.95 71.69
N SER I 78 1.76 29.28 71.79
CA SER I 78 0.68 29.63 72.70
C SER I 78 0.62 28.58 73.80
N GLY I 79 0.83 29.00 75.05
CA GLY I 79 0.81 28.07 76.17
C GLY I 79 2.19 27.51 76.46
N LEU I 80 3.17 28.39 76.64
CA LEU I 80 4.55 27.98 76.82
C LEU I 80 4.74 27.00 77.99
N GLN I 81 5.49 25.94 77.72
CA GLN I 81 5.81 24.89 78.67
C GLN I 81 7.29 24.99 79.05
N ALA I 82 7.63 24.40 80.18
CA ALA I 82 9.04 24.35 80.57
C ALA I 82 9.88 23.63 79.52
N ASP I 83 9.29 22.66 78.82
CA ASP I 83 10.00 21.87 77.83
C ASP I 83 10.13 22.58 76.49
N ASP I 84 9.64 23.80 76.37
CA ASP I 84 9.75 24.59 75.15
C ASP I 84 10.99 25.46 75.10
N GLU I 85 11.84 25.42 76.12
CA GLU I 85 13.06 26.23 76.09
C GLU I 85 14.01 25.64 75.05
N ALA I 86 14.31 26.41 74.02
CA ALA I 86 15.11 25.86 72.92
C ALA I 86 15.57 26.98 72.01
N ASP I 87 16.53 26.68 71.15
CA ASP I 87 16.94 27.59 70.08
C ASP I 87 16.10 27.32 68.85
N TYR I 88 15.31 28.31 68.42
CA TYR I 88 14.44 28.20 67.27
C TYR I 88 15.09 28.82 66.06
N TYR I 89 14.95 28.15 64.91
CA TYR I 89 15.50 28.62 63.65
C TYR I 89 14.41 28.68 62.60
N CYS I 90 14.56 29.64 61.70
CA CYS I 90 13.72 29.78 60.51
C CYS I 90 14.58 29.47 59.29
N SER I 91 13.93 28.94 58.25
CA SER I 91 14.62 28.77 56.98
C SER I 91 13.62 28.99 55.87
N ALA I 92 14.12 29.44 54.72
CA ALA I 92 13.27 29.62 53.55
C ALA I 92 13.95 29.15 52.28
N TYR I 93 13.14 28.59 51.39
CA TYR I 93 13.58 28.24 50.05
C TYR I 93 13.76 29.55 49.29
N ALA I 94 14.88 29.71 48.58
CA ALA I 94 15.17 30.96 47.88
C ALA I 94 15.59 30.78 46.43
N GLY I 95 15.05 29.80 45.72
CA GLY I 95 15.38 29.65 44.31
C GLY I 95 16.25 28.44 44.01
N ARG I 96 16.81 28.46 42.80
CA ARG I 96 17.65 27.39 42.28
C ARG I 96 19.14 27.74 42.31
N GLN I 97 19.48 29.03 42.34
CA GLN I 97 20.88 29.42 42.36
C GLN I 97 21.45 29.16 43.75
N THR I 98 20.60 29.33 44.75
CA THR I 98 20.83 29.05 46.16
C THR I 98 19.60 28.26 46.55
N PHE I 99 19.55 27.70 47.75
CA PHE I 99 18.37 26.94 48.14
C PHE I 99 17.77 27.32 49.48
N TYR I 100 18.40 26.98 50.59
CA TYR I 100 17.83 27.25 51.90
C TYR I 100 18.66 28.28 52.63
N ILE I 101 18.00 29.38 53.00
CA ILE I 101 18.62 30.48 53.71
C ILE I 101 18.07 30.41 55.13
N PHE I 102 18.96 30.27 56.11
CA PHE I 102 18.58 30.20 57.52
C PHE I 102 18.82 31.55 58.19
N GLY I 103 18.02 31.81 59.22
CA GLY I 103 18.22 32.97 60.06
C GLY I 103 19.07 32.62 61.26
N GLY I 104 19.30 33.63 62.11
CA GLY I 104 20.03 33.37 63.32
C GLY I 104 19.11 32.69 64.31
N GLY I 105 19.67 31.95 65.26
CA GLY I 105 18.81 31.28 66.21
C GLY I 105 18.29 32.22 67.29
N THR I 106 17.06 31.97 67.70
CA THR I 106 16.42 32.66 68.81
C THR I 106 16.40 31.71 69.99
N ARG I 107 17.04 32.07 71.09
CA ARG I 107 17.03 31.20 72.25
C ARG I 107 15.83 31.61 73.09
N LEU I 108 14.82 30.73 73.10
CA LEU I 108 13.57 30.99 73.78
C LEU I 108 13.63 30.36 75.16
N THR I 109 13.39 31.18 76.18
CA THR I 109 13.35 30.77 77.57
C THR I 109 11.93 30.97 78.08
N VAL I 110 11.61 30.30 79.19
CA VAL I 110 10.26 30.33 79.74
C VAL I 110 10.37 30.44 81.26
N VAL J 7 11.61 -6.45 19.73
CA VAL J 7 11.44 -5.42 20.75
C VAL J 7 10.26 -5.71 21.68
N PHE J 8 9.69 -6.92 21.59
CA PHE J 8 8.53 -7.29 22.42
C PHE J 8 9.00 -7.85 23.76
N LEU J 9 9.75 -7.02 24.49
CA LEU J 9 10.32 -7.39 25.78
C LEU J 9 9.88 -6.33 26.78
N GLY J 10 9.04 -6.73 27.73
CA GLY J 10 8.52 -5.80 28.71
C GLY J 10 7.34 -4.98 28.22
N PHE J 11 6.88 -5.21 26.99
CA PHE J 11 5.79 -4.44 26.41
C PHE J 11 4.52 -4.59 27.24
N LEU J 12 4.00 -3.46 27.71
CA LEU J 12 2.85 -3.35 28.60
C LEU J 12 3.07 -4.03 29.96
N GLY J 13 4.30 -4.39 30.30
CA GLY J 13 4.54 -5.04 31.58
C GLY J 13 4.14 -4.15 32.75
N ALA J 14 4.27 -2.84 32.58
CA ALA J 14 3.93 -1.85 33.58
C ALA J 14 2.47 -1.44 33.55
N ALA J 15 1.65 -2.06 32.68
CA ALA J 15 0.26 -1.67 32.55
C ALA J 15 -0.48 -1.76 33.89
N GLY J 16 -0.13 -2.73 34.73
CA GLY J 16 -0.75 -2.85 36.03
C GLY J 16 0.01 -2.15 37.14
N SER J 17 1.10 -1.46 36.80
CA SER J 17 1.95 -0.75 37.75
C SER J 17 1.38 0.64 37.95
N THR J 18 1.87 1.33 38.97
CA THR J 18 1.36 2.67 39.19
C THR J 18 1.91 3.60 38.12
N MET J 19 1.29 4.77 37.98
CA MET J 19 1.70 5.71 36.94
C MET J 19 3.17 6.11 37.10
N GLY J 20 3.63 6.27 38.34
CA GLY J 20 5.03 6.62 38.53
C GLY J 20 5.95 5.52 38.04
N ALA J 21 5.74 4.29 38.54
CA ALA J 21 6.55 3.16 38.12
C ALA J 21 6.45 2.91 36.62
N ALA J 22 5.26 3.16 36.05
CA ALA J 22 5.01 2.92 34.64
C ALA J 22 5.53 4.04 33.74
N SER J 23 6.09 5.11 34.29
CA SER J 23 6.63 6.20 33.50
C SER J 23 8.11 5.98 33.15
N MET J 24 8.73 4.93 33.68
CA MET J 24 10.12 4.61 33.43
C MET J 24 10.28 3.59 32.32
N THR J 25 9.18 3.15 31.72
CA THR J 25 9.13 2.13 30.66
C THR J 25 8.56 2.69 29.37
N LEU J 26 8.56 4.02 29.21
CA LEU J 26 7.94 4.63 28.03
C LEU J 26 8.60 4.20 26.73
N THR J 27 9.90 3.88 26.76
CA THR J 27 10.53 3.50 25.51
C THR J 27 10.19 2.08 25.12
N VAL J 28 9.69 1.30 26.08
CA VAL J 28 9.37 -0.10 25.82
C VAL J 28 8.12 -0.15 24.95
N GLN J 29 7.12 0.67 25.30
CA GLN J 29 5.91 0.72 24.50
C GLN J 29 6.14 1.52 23.23
N ALA J 30 6.95 2.59 23.31
CA ALA J 30 7.22 3.42 22.14
C ALA J 30 7.85 2.60 21.02
N ARG J 31 8.74 1.66 21.36
CA ARG J 31 9.38 0.85 20.34
C ARG J 31 8.45 -0.15 19.68
N ASN J 32 7.28 -0.40 20.26
CA ASN J 32 6.32 -1.38 19.75
C ASN J 32 5.13 -0.73 19.04
N LEU J 33 5.21 0.56 18.75
CA LEU J 33 4.14 1.27 18.05
C LEU J 33 4.40 1.33 16.56
N LEU J 34 5.67 1.27 16.17
CA LEU J 34 6.10 1.45 14.80
C LEU J 34 6.68 0.12 14.31
N SER J 35 6.04 -0.43 13.27
CA SER J 35 6.35 -1.73 12.63
C SER J 35 7.34 -2.67 13.33
N THR J 58 -3.52 -9.69 -5.38
CA THR J 58 -3.38 -10.44 -4.14
C THR J 58 -3.95 -9.62 -3.00
N VAL J 59 -5.17 -9.98 -2.56
CA VAL J 59 -5.82 -9.23 -1.49
C VAL J 59 -5.04 -9.32 -0.18
N TRP J 60 -4.35 -10.45 0.04
CA TRP J 60 -3.55 -10.59 1.26
C TRP J 60 -2.41 -9.59 1.31
N GLY J 61 -1.95 -9.13 0.14
CA GLY J 61 -0.87 -8.19 0.08
C GLY J 61 -1.35 -6.76 0.17
N ILE J 62 -2.67 -6.55 0.21
CA ILE J 62 -3.25 -5.21 0.29
C ILE J 62 -3.73 -4.92 1.71
N LYS J 63 -4.50 -5.85 2.29
CA LYS J 63 -5.06 -5.61 3.62
C LYS J 63 -3.97 -5.44 4.66
N GLN J 64 -2.92 -6.25 4.58
CA GLN J 64 -1.88 -6.11 5.58
C GLN J 64 -1.05 -4.88 5.29
N LEU J 65 -0.98 -4.51 4.01
CA LEU J 65 -0.25 -3.31 3.67
C LEU J 65 -1.01 -2.11 4.18
N GLN J 66 -2.36 -2.16 4.10
CA GLN J 66 -3.15 -1.08 4.64
C GLN J 66 -2.92 -0.96 6.13
N ALA J 67 -2.81 -2.12 6.81
CA ALA J 67 -2.54 -2.08 8.24
C ALA J 67 -1.20 -1.43 8.53
N ARG J 68 -0.21 -1.72 7.70
CA ARG J 68 1.09 -1.11 7.92
C ARG J 68 1.02 0.39 7.69
N VAL J 69 0.28 0.80 6.65
CA VAL J 69 0.15 2.22 6.39
C VAL J 69 -0.61 2.87 7.52
N LEU J 70 -1.65 2.19 8.01
CA LEU J 70 -2.42 2.76 9.10
C LEU J 70 -1.55 2.95 10.33
N ALA J 71 -0.71 1.94 10.64
CA ALA J 71 0.16 2.08 11.80
C ALA J 71 1.08 3.27 11.67
N VAL J 72 1.59 3.50 10.45
CA VAL J 72 2.46 4.64 10.22
C VAL J 72 1.70 5.92 10.42
N GLU J 73 0.48 5.98 9.87
CA GLU J 73 -0.31 7.20 10.01
C GLU J 73 -0.63 7.46 11.46
N ARG J 74 -0.95 6.42 12.23
CA ARG J 74 -1.29 6.66 13.62
C ARG J 74 -0.07 7.17 14.37
N TYR J 75 1.09 6.59 14.08
CA TYR J 75 2.32 7.02 14.73
C TYR J 75 2.56 8.48 14.42
N LEU J 76 2.46 8.85 13.14
CA LEU J 76 2.77 10.21 12.77
C LEU J 76 1.75 11.18 13.35
N ARG J 77 0.48 10.79 13.46
CA ARG J 77 -0.47 11.73 14.04
C ARG J 77 -0.13 12.03 15.48
N ASP J 78 0.33 11.02 16.23
CA ASP J 78 0.71 11.32 17.61
C ASP J 78 1.98 12.15 17.61
N GLN J 79 2.87 11.88 16.67
CA GLN J 79 4.09 12.67 16.60
C GLN J 79 3.75 14.08 16.17
N GLN J 80 2.73 14.22 15.32
CA GLN J 80 2.35 15.56 14.90
C GLN J 80 1.82 16.34 16.09
N LEU J 81 1.05 15.70 16.97
CA LEU J 81 0.59 16.44 18.14
C LEU J 81 1.78 16.81 19.00
N LEU J 82 2.51 15.81 19.47
CA LEU J 82 3.67 16.07 20.36
C LEU J 82 4.43 17.28 19.82
N GLY J 83 4.68 17.37 18.52
CA GLY J 83 5.34 18.53 17.88
C GLY J 83 4.56 19.84 17.96
N ILE J 84 3.24 19.79 17.80
CA ILE J 84 2.37 21.02 17.85
C ILE J 84 2.49 21.59 19.26
N TRP J 85 2.53 20.77 20.32
CA TRP J 85 2.93 21.22 21.67
C TRP J 85 4.44 21.21 21.56
N GLY J 86 5.23 21.93 22.34
CA GLY J 86 6.67 21.84 22.04
C GLY J 86 7.26 20.62 22.70
N CYS J 87 6.75 19.43 22.36
CA CYS J 87 7.16 18.18 23.02
C CYS J 87 7.85 17.25 22.02
N SER J 88 8.21 17.78 20.86
CA SER J 88 8.84 16.98 19.80
C SER J 88 10.14 16.33 20.28
N GLY J 89 10.35 15.07 19.89
CA GLY J 89 11.53 14.34 20.31
C GLY J 89 11.59 14.00 21.77
N LYS J 90 10.51 14.18 22.51
CA LYS J 90 10.46 13.91 23.93
C LYS J 90 9.40 12.88 24.27
N LEU J 91 9.70 12.05 25.27
CA LEU J 91 8.71 11.13 25.82
C LEU J 91 8.05 11.70 27.06
N ILE J 92 8.75 12.54 27.80
CA ILE J 92 8.21 13.25 28.95
C ILE J 92 8.43 14.72 28.62
N CYS J 93 7.35 15.50 28.59
CA CYS J 93 7.45 16.90 28.19
C CYS J 93 6.55 17.76 29.06
N CYS J 94 7.12 18.82 29.61
CA CYS J 94 6.41 19.73 30.50
C CYS J 94 6.00 20.97 29.73
N THR J 95 4.89 21.56 30.16
CA THR J 95 4.38 22.82 29.60
C THR J 95 3.99 23.82 30.68
N ASN J 96 3.43 24.93 30.18
CA ASN J 96 2.96 26.06 30.96
C ASN J 96 1.43 26.09 31.07
N VAL J 97 0.77 24.96 30.84
CA VAL J 97 -0.68 24.87 30.96
C VAL J 97 -0.98 24.39 32.38
N PRO J 98 -1.63 25.19 33.23
CA PRO J 98 -1.95 24.73 34.59
C PRO J 98 -2.93 23.58 34.57
N TRP J 99 -2.87 22.76 35.61
CA TRP J 99 -3.84 21.69 35.76
C TRP J 99 -5.08 22.28 36.43
N ASN J 100 -6.23 22.03 35.83
CA ASN J 100 -7.52 22.48 36.34
C ASN J 100 -8.13 21.42 37.25
N SER J 101 -8.48 21.82 38.48
CA SER J 101 -9.05 20.89 39.43
C SER J 101 -10.40 20.34 38.97
N SER J 102 -11.03 20.97 37.98
CA SER J 102 -12.27 20.45 37.44
C SER J 102 -12.03 19.20 36.59
N TRP J 103 -10.80 19.00 36.13
CA TRP J 103 -10.46 17.82 35.33
C TRP J 103 -10.21 16.64 36.26
N SER J 104 -9.43 16.88 37.31
CA SER J 104 -9.17 15.91 38.35
C SER J 104 -8.73 16.67 39.60
N ASN J 105 -9.13 16.16 40.77
CA ASN J 105 -8.82 16.79 42.05
C ASN J 105 -7.93 15.93 42.92
N ARG J 106 -7.62 14.72 42.49
CA ARG J 106 -6.76 13.75 43.17
C ARG J 106 -5.41 14.38 43.46
N ASN J 107 -4.68 13.85 44.44
CA ASN J 107 -3.42 14.45 44.83
C ASN J 107 -2.35 13.84 43.93
N LEU J 108 -1.07 14.02 44.27
CA LEU J 108 0.02 13.51 43.46
C LEU J 108 0.37 12.10 43.89
N SER J 109 0.00 11.73 45.12
CA SER J 109 0.20 10.39 45.64
C SER J 109 -0.91 9.46 45.18
N GLU J 110 -2.09 10.02 44.90
CA GLU J 110 -3.25 9.25 44.46
C GLU J 110 -3.27 9.07 42.95
N ILE J 111 -2.24 9.58 42.26
CA ILE J 111 -2.13 9.54 40.81
C ILE J 111 -0.89 8.76 40.41
N TRP J 112 0.24 9.03 41.07
CA TRP J 112 1.52 8.50 40.65
C TRP J 112 1.98 7.34 41.53
N ASP J 113 1.31 7.11 42.66
CA ASP J 113 1.74 6.13 43.63
C ASP J 113 0.63 5.13 43.96
N ASN J 114 -0.63 5.43 43.61
CA ASN J 114 -1.77 4.60 43.96
C ASN J 114 -2.75 4.47 42.79
N MET J 115 -2.32 4.77 41.57
CA MET J 115 -3.19 4.65 40.41
C MET J 115 -2.37 4.21 39.20
N THR J 116 -3.01 3.50 38.29
CA THR J 116 -2.40 3.06 37.04
C THR J 116 -2.81 3.97 35.90
N TRP J 117 -2.11 3.85 34.78
CA TRP J 117 -2.44 4.68 33.62
C TRP J 117 -3.78 4.30 33.00
N LEU J 118 -4.21 3.05 33.11
CA LEU J 118 -5.51 2.68 32.57
C LEU J 118 -6.63 3.34 33.37
N GLN J 119 -6.49 3.35 34.69
CA GLN J 119 -7.49 3.98 35.54
C GLN J 119 -7.51 5.49 35.31
N TRP J 120 -6.32 6.08 35.19
CA TRP J 120 -6.23 7.51 34.93
C TRP J 120 -6.86 7.85 33.58
N ASP J 121 -6.55 7.07 32.54
CA ASP J 121 -7.10 7.34 31.22
C ASP J 121 -8.61 7.27 31.24
N LYS J 122 -9.17 6.34 32.03
CA LYS J 122 -10.62 6.28 32.12
C LYS J 122 -11.16 7.50 32.87
N GLU J 123 -10.48 7.91 33.93
CA GLU J 123 -10.90 9.07 34.71
C GLU J 123 -10.84 10.37 33.91
N ILE J 124 -9.82 10.54 33.07
CA ILE J 124 -9.58 11.80 32.35
C ILE J 124 -10.09 11.79 30.91
N SER J 125 -10.74 10.70 30.47
CA SER J 125 -11.12 10.59 29.07
C SER J 125 -12.08 11.68 28.60
N ASN J 126 -12.86 12.28 29.51
CA ASN J 126 -13.78 13.34 29.11
C ASN J 126 -13.12 14.69 28.92
N TYR J 127 -11.84 14.83 29.29
CA TYR J 127 -11.13 16.11 29.24
C TYR J 127 -9.97 16.13 28.26
N THR J 128 -9.67 15.02 27.57
CA THR J 128 -8.47 14.99 26.75
C THR J 128 -8.58 15.91 25.54
N GLN J 129 -9.78 16.23 25.09
CA GLN J 129 -9.91 17.13 23.95
C GLN J 129 -9.89 18.59 24.38
N ILE J 130 -9.93 18.84 25.69
CA ILE J 130 -9.83 20.20 26.21
C ILE J 130 -8.37 20.52 26.50
N ILE J 131 -7.70 19.57 27.13
CA ILE J 131 -6.30 19.72 27.51
C ILE J 131 -5.46 19.86 26.25
N TYR J 132 -5.73 19.01 25.26
CA TYR J 132 -4.96 19.07 24.02
C TYR J 132 -5.16 20.42 23.36
N GLY J 133 -6.38 20.95 23.42
CA GLY J 133 -6.60 22.27 22.85
C GLY J 133 -5.78 23.31 23.56
N LEU J 134 -5.72 23.22 24.88
CA LEU J 134 -4.91 24.17 25.63
C LEU J 134 -3.44 23.98 25.30
N LEU J 135 -3.04 22.74 25.02
CA LEU J 135 -1.65 22.49 24.66
C LEU J 135 -1.33 23.09 23.29
N GLU J 136 -2.27 23.01 22.35
CA GLU J 136 -2.09 23.54 21.00
C GLU J 136 -2.60 24.97 20.80
N GLU J 137 -3.81 25.24 21.25
CA GLU J 137 -4.53 26.47 20.93
C GLU J 137 -4.27 27.61 21.89
N SER J 138 -3.44 27.41 22.92
CA SER J 138 -3.14 28.46 23.87
C SER J 138 -1.63 28.51 24.01
N GLN J 139 -1.04 27.52 24.66
CA GLN J 139 0.41 27.51 24.81
C GLN J 139 1.03 27.04 23.49
N ASN J 140 2.35 27.07 23.44
CA ASN J 140 3.15 26.77 22.26
C ASN J 140 2.96 27.81 21.15
N GLN J 141 1.73 28.10 20.73
CA GLN J 141 1.55 29.15 19.74
C GLN J 141 2.00 30.48 20.35
N GLN J 142 1.63 30.69 21.61
CA GLN J 142 2.07 31.89 22.30
C GLN J 142 3.56 31.80 22.56
N GLU J 143 4.05 30.62 22.93
CA GLU J 143 5.47 30.44 23.21
C GLU J 143 6.28 30.70 21.95
N LYS J 144 5.81 30.19 20.81
CA LYS J 144 6.55 30.38 19.56
C LYS J 144 6.56 31.84 19.15
N ASN J 145 5.44 32.55 19.34
CA ASN J 145 5.47 33.97 19.00
C ASN J 145 6.33 34.75 19.99
N GLU J 146 6.34 34.36 21.25
CA GLU J 146 7.18 35.03 22.23
C GLU J 146 8.66 34.80 21.94
N GLN J 147 9.02 33.58 21.53
CA GLN J 147 10.41 33.31 21.18
C GLN J 147 10.78 34.10 19.93
N ASP J 148 9.85 34.21 18.99
CA ASP J 148 10.08 34.96 17.76
C ASP J 148 10.32 36.43 18.09
N LEU J 149 9.61 36.95 19.10
CA LEU J 149 9.76 38.33 19.54
C LEU J 149 10.95 38.57 20.46
N LEU J 150 11.44 37.54 21.16
CA LEU J 150 12.64 37.71 21.96
C LEU J 150 13.89 37.64 21.10
N ALA J 151 13.84 36.87 20.02
CA ALA J 151 14.97 36.73 19.12
C ALA J 151 15.25 37.97 18.27
N LEU J 152 14.26 38.83 18.03
CA LEU J 152 14.52 40.09 17.33
C LEU J 152 15.30 41.08 18.18
N ASP J 153 15.15 41.03 19.50
CA ASP J 153 15.85 41.97 20.36
C ASP J 153 17.34 41.68 20.34
N GLN K 1 -46.35 -37.59 16.79
CA GLN K 1 -44.99 -37.22 16.31
C GLN K 1 -44.71 -35.73 16.52
N VAL K 2 -45.14 -34.90 15.58
CA VAL K 2 -44.94 -33.46 15.63
C VAL K 2 -46.31 -32.80 15.53
N GLN K 3 -46.61 -31.93 16.49
CA GLN K 3 -47.88 -31.20 16.53
C GLN K 3 -47.64 -29.72 16.29
N LEU K 4 -48.27 -29.17 15.26
CA LEU K 4 -48.20 -27.76 14.93
C LEU K 4 -49.53 -27.14 15.30
N GLN K 5 -49.51 -25.92 15.83
CA GLN K 5 -50.75 -25.23 16.15
C GLN K 5 -50.63 -23.73 15.87
N GLU K 6 -51.47 -23.22 14.97
CA GLU K 6 -51.49 -21.81 14.64
C GLU K 6 -52.26 -21.04 15.69
N SER K 7 -51.81 -19.82 15.98
CA SER K 7 -52.52 -18.91 16.87
C SER K 7 -52.26 -17.49 16.44
N GLY K 8 -53.31 -16.68 16.37
CA GLY K 8 -53.19 -15.29 16.04
C GLY K 8 -54.52 -14.64 15.76
N PRO K 9 -54.50 -13.33 15.46
CA PRO K 9 -55.76 -12.62 15.20
C PRO K 9 -56.52 -13.23 14.04
N GLY K 10 -57.84 -13.32 14.21
CA GLY K 10 -58.69 -13.82 13.16
C GLY K 10 -59.22 -12.74 12.24
N LEU K 11 -58.93 -11.48 12.52
CA LEU K 11 -59.37 -10.35 11.71
C LEU K 11 -58.30 -9.28 11.79
N VAL K 12 -57.88 -8.77 10.64
CA VAL K 12 -56.90 -7.70 10.53
C VAL K 12 -57.50 -6.62 9.64
N LYS K 13 -57.20 -5.35 9.95
CA LYS K 13 -57.75 -4.28 9.12
C LYS K 13 -56.82 -3.97 7.96
N PRO K 14 -57.34 -3.37 6.88
CA PRO K 14 -56.48 -2.97 5.76
C PRO K 14 -55.31 -2.07 6.18
N SER K 15 -54.16 -2.32 5.55
CA SER K 15 -52.89 -1.62 5.76
C SER K 15 -52.21 -1.92 7.10
N GLU K 16 -52.74 -2.85 7.90
CA GLU K 16 -52.08 -3.25 9.14
C GLU K 16 -51.21 -4.47 8.86
N THR K 17 -50.48 -4.92 9.88
CA THR K 17 -49.62 -6.09 9.77
C THR K 17 -50.28 -7.28 10.45
N LEU K 18 -50.30 -8.41 9.75
CA LEU K 18 -50.85 -9.66 10.25
C LEU K 18 -49.72 -10.47 10.87
N SER K 19 -49.89 -10.88 12.12
CA SER K 19 -48.88 -11.65 12.83
C SER K 19 -49.50 -12.94 13.33
N LEU K 20 -49.03 -14.06 12.78
CA LEU K 20 -49.51 -15.40 13.14
C LEU K 20 -48.35 -16.20 13.68
N THR K 21 -48.53 -16.87 14.82
CA THR K 21 -47.47 -17.66 15.44
C THR K 21 -47.89 -19.12 15.47
N CYS K 22 -46.99 -20.00 15.05
CA CYS K 22 -47.17 -21.44 15.03
C CYS K 22 -46.33 -22.05 16.15
N ALA K 23 -47.00 -22.71 17.08
CA ALA K 23 -46.35 -23.40 18.18
C ALA K 23 -46.02 -24.80 17.70
N VAL K 24 -44.83 -25.28 18.06
CA VAL K 24 -44.36 -26.60 17.66
C VAL K 24 -44.16 -27.43 18.92
N SER K 25 -44.83 -28.56 19.00
CA SER K 25 -44.71 -29.50 20.11
C SER K 25 -44.15 -30.79 19.56
N GLY K 26 -43.07 -31.29 20.15
CA GLY K 26 -42.46 -32.54 19.72
C GLY K 26 -41.27 -32.40 18.81
N ASN K 27 -40.88 -31.19 18.44
CA ASN K 27 -39.75 -31.01 17.53
C ASN K 27 -39.15 -29.60 17.67
N PRO K 28 -37.85 -29.45 17.99
CA PRO K 28 -37.28 -28.11 18.14
C PRO K 28 -37.37 -27.26 16.88
N VAL K 29 -37.61 -25.95 17.07
CA VAL K 29 -37.61 -25.04 15.93
C VAL K 29 -36.20 -24.73 15.47
N THR K 30 -35.19 -25.19 16.20
CA THR K 30 -33.79 -25.05 15.84
C THR K 30 -33.31 -26.24 15.02
N ALA K 31 -34.22 -27.18 14.75
CA ALA K 31 -33.92 -28.32 13.92
C ALA K 31 -33.77 -27.87 12.47
N GLY K 32 -32.95 -28.58 11.72
CA GLY K 32 -32.74 -28.21 10.35
C GLY K 32 -33.88 -28.54 9.40
N PHE K 33 -35.06 -28.04 9.72
CA PHE K 33 -36.26 -28.22 8.90
C PHE K 33 -36.68 -26.84 8.41
N ASP K 34 -37.33 -26.84 7.26
CA ASP K 34 -37.91 -25.62 6.72
C ASP K 34 -39.31 -25.45 7.32
N TRP K 35 -39.46 -24.44 8.17
CA TRP K 35 -40.72 -24.15 8.83
C TRP K 35 -41.42 -23.21 7.87
N THR K 36 -42.58 -23.61 7.38
CA THR K 36 -43.20 -22.91 6.27
C THR K 36 -44.54 -22.32 6.66
N TRP K 37 -44.93 -21.31 5.88
CA TRP K 37 -46.27 -20.74 5.90
C TRP K 37 -46.84 -20.88 4.51
N ILE K 38 -48.08 -21.38 4.47
CA ILE K 38 -48.86 -21.64 3.25
C ILE K 38 -50.26 -21.09 3.51
N ARG K 39 -50.88 -20.47 2.50
CA ARG K 39 -52.24 -19.97 2.67
C ARG K 39 -53.12 -20.45 1.52
N GLN K 40 -54.42 -20.53 1.80
CA GLN K 40 -55.42 -20.90 0.81
C GLN K 40 -56.59 -19.93 0.83
N SER K 41 -56.72 -19.12 -0.23
CA SER K 41 -57.80 -18.16 -0.30
C SER K 41 -59.12 -18.94 -0.40
N PRO K 42 -60.23 -18.43 0.13
CA PRO K 42 -61.49 -19.18 0.02
C PRO K 42 -61.84 -19.47 -1.43
N GLY K 43 -62.15 -20.72 -1.71
CA GLY K 43 -62.52 -21.12 -3.04
C GLY K 43 -61.34 -21.34 -3.98
N LYS K 44 -60.11 -21.15 -3.50
CA LYS K 44 -58.89 -21.24 -4.27
C LYS K 44 -58.00 -22.36 -3.75
N GLY K 45 -56.95 -22.64 -4.50
CA GLY K 45 -55.99 -23.65 -4.14
C GLY K 45 -54.95 -23.12 -3.16
N LEU K 46 -53.96 -23.95 -2.88
CA LEU K 46 -52.94 -23.63 -1.89
C LEU K 46 -51.89 -22.71 -2.48
N GLU K 47 -51.47 -21.72 -1.70
CA GLU K 47 -50.38 -20.82 -2.08
C GLU K 47 -49.32 -20.82 -1.00
N TRP K 48 -48.08 -21.11 -1.39
CA TRP K 48 -46.96 -21.11 -0.46
C TRP K 48 -46.56 -19.67 -0.18
N ILE K 49 -46.31 -19.34 1.08
CA ILE K 49 -45.88 -18.00 1.47
C ILE K 49 -44.37 -17.94 1.64
N GLY K 50 -43.80 -18.90 2.35
CA GLY K 50 -42.37 -18.83 2.58
C GLY K 50 -41.95 -19.79 3.67
N HIS K 51 -40.65 -19.79 3.94
CA HIS K 51 -40.13 -20.64 4.99
C HIS K 51 -38.88 -20.02 5.63
N ILE K 52 -38.56 -20.55 6.81
CA ILE K 52 -37.33 -20.27 7.53
C ILE K 52 -36.66 -21.60 7.86
N TYR K 53 -35.36 -21.71 7.62
CA TYR K 53 -34.64 -22.93 7.93
C TYR K 53 -34.23 -22.85 9.40
N GLY K 54 -34.74 -23.78 10.20
CA GLY K 54 -34.55 -23.71 11.65
C GLY K 54 -33.11 -23.75 12.14
N ALA K 55 -32.24 -24.49 11.47
CA ALA K 55 -30.87 -24.63 11.94
C ALA K 55 -29.95 -23.48 11.57
N SER K 56 -30.39 -22.52 10.76
CA SER K 56 -29.51 -21.40 10.36
C SER K 56 -30.21 -20.05 10.43
N GLY K 57 -31.53 -20.03 10.33
CA GLY K 57 -32.28 -18.80 10.28
C GLY K 57 -32.46 -18.25 8.88
N SER K 58 -31.93 -18.92 7.86
CA SER K 58 -32.06 -18.48 6.48
C SER K 58 -33.51 -18.62 6.07
N THR K 59 -34.00 -17.65 5.31
CA THR K 59 -35.39 -17.66 4.85
C THR K 59 -35.48 -17.55 3.34
N ASN K 60 -36.64 -17.95 2.84
CA ASN K 60 -37.02 -17.89 1.44
C ASN K 60 -38.48 -17.50 1.38
N TYR K 61 -38.83 -16.56 0.50
CA TYR K 61 -40.20 -16.08 0.40
C TYR K 61 -40.69 -16.18 -1.05
N ASN K 62 -41.99 -16.33 -1.19
CA ASN K 62 -42.65 -16.32 -2.48
C ASN K 62 -42.35 -14.98 -3.14
N PRO K 63 -41.72 -14.93 -4.34
CA PRO K 63 -41.37 -13.63 -4.94
C PRO K 63 -42.51 -12.63 -5.05
N SER K 64 -43.76 -13.08 -5.13
CA SER K 64 -44.87 -12.14 -5.23
C SER K 64 -45.21 -11.51 -3.88
N LEU K 65 -44.79 -12.15 -2.78
CA LEU K 65 -45.07 -11.69 -1.42
C LEU K 65 -43.86 -11.18 -0.67
N GLU K 66 -42.65 -11.55 -1.09
CA GLU K 66 -41.40 -11.33 -0.38
C GLU K 66 -41.23 -9.93 0.23
N SER K 67 -41.59 -8.88 -0.49
CA SER K 67 -41.39 -7.54 0.04
C SER K 67 -42.28 -7.24 1.24
N ARG K 68 -43.35 -8.02 1.46
CA ARG K 68 -44.28 -7.82 2.56
C ARG K 68 -44.27 -8.95 3.59
N VAL K 69 -43.34 -9.91 3.50
CA VAL K 69 -43.35 -11.08 4.38
C VAL K 69 -42.03 -11.21 5.12
N THR K 70 -42.13 -11.38 6.43
CA THR K 70 -41.02 -11.70 7.31
C THR K 70 -41.38 -12.98 8.03
N ILE K 71 -40.47 -13.95 8.06
CA ILE K 71 -40.66 -15.20 8.80
C ILE K 71 -39.51 -15.32 9.78
N SER K 72 -39.84 -15.69 11.02
CA SER K 72 -38.83 -15.79 12.07
C SER K 72 -39.16 -16.94 13.00
N ARG K 73 -38.20 -17.28 13.85
CA ARG K 73 -38.34 -18.34 14.85
C ARG K 73 -37.89 -17.81 16.21
N ASP K 74 -38.43 -18.45 17.26
CA ASP K 74 -38.09 -18.11 18.65
C ASP K 74 -37.90 -19.43 19.41
N ALA K 75 -36.62 -19.80 19.57
CA ALA K 75 -36.22 -21.05 20.19
C ALA K 75 -36.62 -21.16 21.66
N SER K 76 -36.82 -20.02 22.35
CA SER K 76 -37.10 -20.04 23.78
C SER K 76 -38.56 -20.35 24.07
N ARG K 77 -39.39 -20.35 23.03
CA ARG K 77 -40.81 -20.66 23.06
C ARG K 77 -41.10 -21.83 22.15
N ASN K 78 -40.17 -22.17 21.26
CA ASN K 78 -40.30 -23.19 20.23
C ASN K 78 -41.45 -22.83 19.32
N GLN K 79 -41.45 -21.57 18.90
CA GLN K 79 -42.47 -21.03 18.01
C GLN K 79 -41.80 -20.45 16.77
N PHE K 80 -42.56 -20.36 15.69
CA PHE K 80 -42.13 -19.62 14.52
C PHE K 80 -43.32 -18.77 14.10
N SER K 81 -43.06 -17.68 13.38
CA SER K 81 -44.16 -16.79 13.05
C SER K 81 -43.98 -16.12 11.69
N LEU K 82 -45.15 -15.72 11.17
CA LEU K 82 -45.35 -14.99 9.92
C LEU K 82 -45.80 -13.58 10.22
N LYS K 83 -45.08 -12.61 9.66
CA LYS K 83 -45.41 -11.18 9.74
C LYS K 83 -45.68 -10.70 8.31
N LEU K 84 -46.96 -10.56 7.95
CA LEU K 84 -47.39 -10.16 6.61
C LEU K 84 -47.84 -8.71 6.66
N THR K 85 -47.09 -7.83 6.00
CA THR K 85 -47.37 -6.40 6.10
C THR K 85 -48.35 -5.95 5.02
N THR K 86 -48.87 -4.74 5.20
CA THR K 86 -49.80 -4.05 4.30
C THR K 86 -50.86 -4.99 3.72
N VAL K 87 -51.66 -5.57 4.60
CA VAL K 87 -52.65 -6.54 4.15
C VAL K 87 -53.75 -5.83 3.37
N THR K 88 -54.25 -6.49 2.32
CA THR K 88 -55.33 -6.00 1.47
C THR K 88 -56.42 -7.05 1.39
N ALA K 89 -57.46 -6.76 0.60
CA ALA K 89 -58.59 -7.68 0.48
C ALA K 89 -58.14 -9.04 -0.06
N ALA K 90 -57.13 -9.03 -0.94
CA ALA K 90 -56.60 -10.23 -1.56
C ALA K 90 -55.89 -11.15 -0.56
N ASP K 91 -55.60 -10.67 0.65
CA ASP K 91 -54.89 -11.45 1.65
C ASP K 91 -55.84 -12.25 2.56
N THR K 92 -57.14 -12.21 2.33
CA THR K 92 -58.04 -13.05 3.12
C THR K 92 -57.80 -14.50 2.74
N ALA K 93 -57.53 -15.34 3.74
CA ALA K 93 -57.23 -16.73 3.43
C ALA K 93 -57.18 -17.53 4.72
N VAL K 94 -57.23 -18.85 4.59
CA VAL K 94 -56.89 -19.72 5.71
C VAL K 94 -55.37 -19.86 5.66
N TYR K 95 -54.71 -19.47 6.73
CA TYR K 95 -53.25 -19.54 6.84
C TYR K 95 -52.88 -20.78 7.63
N TYR K 96 -51.98 -21.58 7.09
CA TYR K 96 -51.50 -22.79 7.71
C TYR K 96 -50.01 -22.66 7.93
N CYS K 97 -49.54 -23.28 9.01
CA CYS K 97 -48.12 -23.47 9.25
C CYS K 97 -47.84 -24.94 8.96
N ALA K 98 -46.64 -25.21 8.44
CA ALA K 98 -46.26 -26.60 8.12
C ALA K 98 -44.77 -26.84 8.35
N ARG K 99 -44.34 -28.10 8.34
CA ARG K 99 -42.91 -28.43 8.41
C ARG K 99 -42.57 -29.00 7.04
N ARG K 100 -41.66 -28.37 6.31
CA ARG K 100 -41.22 -28.92 4.99
C ARG K 100 -40.55 -30.27 5.20
N GLY K 101 -39.84 -30.47 6.31
CA GLY K 101 -39.24 -31.79 6.59
C GLY K 101 -37.97 -32.02 5.79
N GLY K 102 -38.01 -32.90 4.78
CA GLY K 102 -36.81 -33.22 4.06
C GLY K 102 -36.60 -34.71 4.22
N ASP K 103 -35.35 -35.13 4.01
CA ASP K 103 -34.94 -36.49 4.32
C ASP K 103 -33.53 -36.41 4.87
N HIS K 104 -33.32 -36.97 6.06
CA HIS K 104 -31.99 -36.85 6.65
C HIS K 104 -30.97 -37.72 5.91
N ARG K 105 -31.42 -38.58 5.00
CA ARG K 105 -30.53 -39.47 4.27
C ARG K 105 -29.95 -38.79 3.04
N TYR K 106 -30.46 -37.62 2.65
CA TYR K 106 -30.04 -36.90 1.46
C TYR K 106 -29.38 -35.58 1.83
N SER K 107 -28.51 -35.12 0.93
CA SER K 107 -27.86 -33.83 1.08
C SER K 107 -28.86 -32.68 0.97
N ARG K 108 -28.54 -31.58 1.66
CA ARG K 108 -29.35 -30.37 1.61
C ARG K 108 -29.54 -29.87 0.18
N MET K 109 -28.55 -30.09 -0.70
CA MET K 109 -28.68 -29.69 -2.10
C MET K 109 -29.93 -30.27 -2.76
N LEU K 110 -30.47 -31.36 -2.23
CA LEU K 110 -31.62 -32.05 -2.80
C LEU K 110 -32.86 -31.81 -1.96
N THR K 111 -32.73 -31.90 -0.63
CA THR K 111 -33.87 -31.76 0.27
C THR K 111 -34.33 -30.31 0.34
N PHE K 112 -33.51 -29.38 -0.15
CA PHE K 112 -33.94 -27.98 -0.25
C PHE K 112 -35.10 -27.84 -1.21
N THR K 113 -35.17 -28.69 -2.23
CA THR K 113 -36.17 -28.58 -3.27
C THR K 113 -37.36 -29.50 -3.04
N PHE K 114 -37.45 -30.14 -1.88
CA PHE K 114 -38.58 -30.99 -1.57
C PHE K 114 -39.80 -30.16 -1.16
N THR K 115 -40.97 -30.69 -1.45
CA THR K 115 -42.25 -30.09 -1.07
C THR K 115 -43.07 -31.06 -0.23
N ASN K 116 -42.38 -31.92 0.53
CA ASN K 116 -43.02 -32.95 1.35
C ASN K 116 -43.47 -32.39 2.71
N PHE K 117 -44.56 -31.63 2.67
CA PHE K 117 -45.02 -30.96 3.89
C PHE K 117 -45.68 -32.06 4.71
N ASP K 118 -44.84 -32.73 5.53
CA ASP K 118 -45.28 -33.90 6.29
C ASP K 118 -46.29 -33.57 7.37
N PHE K 119 -46.11 -32.45 8.07
CA PHE K 119 -46.98 -32.05 9.17
C PHE K 119 -47.62 -30.69 8.93
N TRP K 120 -48.93 -30.64 9.13
CA TRP K 120 -49.75 -29.46 8.95
C TRP K 120 -50.53 -29.20 10.23
N GLY K 121 -50.82 -27.93 10.48
CA GLY K 121 -51.72 -27.52 11.54
C GLY K 121 -53.13 -27.56 10.99
N GLN K 122 -54.04 -26.84 11.64
CA GLN K 122 -55.44 -26.82 11.21
C GLN K 122 -55.78 -25.54 10.46
N GLY K 123 -55.05 -24.47 10.71
CA GLY K 123 -55.18 -23.21 10.02
C GLY K 123 -56.03 -22.19 10.76
N VAL K 124 -55.77 -20.92 10.46
CA VAL K 124 -56.48 -19.77 11.00
C VAL K 124 -57.11 -19.05 9.82
N LEU K 125 -58.43 -18.85 9.86
CA LEU K 125 -59.07 -18.11 8.80
C LEU K 125 -58.93 -16.63 9.13
N VAL K 126 -58.26 -15.88 8.25
CA VAL K 126 -58.02 -14.46 8.48
C VAL K 126 -58.78 -13.69 7.41
N THR K 127 -59.65 -12.80 7.87
CA THR K 127 -60.46 -11.93 7.04
C THR K 127 -59.87 -10.53 7.11
N VAL K 128 -59.67 -9.90 5.96
CA VAL K 128 -59.19 -8.53 5.90
C VAL K 128 -60.42 -7.66 5.68
N SER K 129 -60.81 -6.91 6.69
CA SER K 129 -62.05 -6.14 6.67
C SER K 129 -62.00 -5.14 7.82
N SER L 2 -45.87 -18.84 -11.18
CA SER L 2 -46.22 -20.06 -11.92
C SER L 2 -47.18 -20.89 -11.11
N VAL L 3 -47.92 -21.74 -11.82
CA VAL L 3 -48.85 -22.70 -11.23
C VAL L 3 -48.74 -23.99 -12.04
N LEU L 4 -48.95 -25.12 -11.37
CA LEU L 4 -48.95 -26.41 -12.06
C LEU L 4 -50.37 -26.72 -12.50
N THR L 5 -50.52 -27.15 -13.75
CA THR L 5 -51.84 -27.41 -14.30
C THR L 5 -52.32 -28.81 -13.91
N GLN L 6 -53.55 -28.89 -13.43
CA GLN L 6 -54.22 -30.12 -13.05
C GLN L 6 -55.62 -30.09 -13.66
N PRO L 7 -56.25 -31.25 -13.86
CA PRO L 7 -57.66 -31.24 -14.26
C PRO L 7 -58.49 -30.54 -13.21
N PRO L 8 -59.54 -29.78 -13.59
CA PRO L 8 -60.36 -29.16 -12.56
C PRO L 8 -61.16 -30.16 -11.74
N SER L 9 -61.46 -31.32 -12.31
CA SER L 9 -62.17 -32.37 -11.58
C SER L 9 -61.99 -33.68 -12.32
N VAL L 10 -62.16 -34.77 -11.58
CA VAL L 10 -62.22 -36.13 -12.13
C VAL L 10 -63.38 -36.85 -11.48
N SER L 11 -63.90 -37.86 -12.17
CA SER L 11 -64.99 -38.68 -11.68
C SER L 11 -64.81 -40.10 -12.17
N GLU L 12 -64.93 -41.06 -11.25
CA GLU L 12 -64.76 -42.47 -11.60
C GLU L 12 -65.58 -43.31 -10.63
N ALA L 13 -65.91 -44.53 -11.08
CA ALA L 13 -66.68 -45.45 -10.26
C ALA L 13 -65.85 -46.02 -9.11
N ALA L 14 -66.55 -46.36 -8.02
CA ALA L 14 -65.93 -47.01 -6.87
C ALA L 14 -65.31 -48.33 -7.29
N ARG L 15 -64.18 -48.67 -6.65
CA ARG L 15 -63.39 -49.87 -6.89
C ARG L 15 -62.67 -49.87 -8.23
N LYS L 16 -62.68 -48.75 -8.96
CA LYS L 16 -61.94 -48.58 -10.20
C LYS L 16 -60.76 -47.66 -9.95
N SER L 17 -59.85 -47.58 -10.92
CA SER L 17 -58.68 -46.72 -10.82
C SER L 17 -58.90 -45.39 -11.51
N VAL L 18 -58.34 -44.33 -10.91
CA VAL L 18 -58.36 -42.98 -11.47
C VAL L 18 -56.93 -42.45 -11.47
N SER L 19 -56.62 -41.59 -12.44
CA SER L 19 -55.30 -40.97 -12.54
C SER L 19 -55.46 -39.46 -12.64
N ILE L 20 -54.89 -38.74 -11.68
CA ILE L 20 -54.95 -37.28 -11.61
C ILE L 20 -53.61 -36.75 -12.10
N SER L 21 -53.62 -36.04 -13.22
CA SER L 21 -52.39 -35.52 -13.80
C SER L 21 -52.00 -34.19 -13.18
N CYS L 22 -50.73 -33.83 -13.39
CA CYS L 22 -50.13 -32.57 -12.99
C CYS L 22 -49.16 -32.20 -14.10
N SER L 23 -49.25 -30.98 -14.61
CA SER L 23 -48.43 -30.54 -15.74
C SER L 23 -47.75 -29.22 -15.41
N GLY L 24 -46.42 -29.23 -15.41
CA GLY L 24 -45.59 -28.09 -15.06
C GLY L 24 -44.68 -27.68 -16.19
N SER L 25 -43.47 -27.27 -15.85
CA SER L 25 -42.49 -26.76 -16.81
C SER L 25 -41.12 -27.30 -16.42
N ASP L 26 -40.09 -26.88 -17.16
CA ASP L 26 -38.75 -27.38 -16.91
C ASP L 26 -38.09 -26.75 -15.69
N SER L 27 -38.72 -25.76 -15.06
CA SER L 27 -38.15 -25.12 -13.88
C SER L 27 -38.62 -25.78 -12.58
N ASN L 28 -39.58 -26.71 -12.65
CA ASN L 28 -40.15 -27.34 -11.46
C ASN L 28 -40.30 -28.85 -11.65
N ILE L 29 -41.36 -29.35 -12.30
CA ILE L 29 -41.53 -30.80 -12.42
C ILE L 29 -40.40 -31.40 -13.24
N GLY L 30 -39.94 -30.69 -14.26
CA GLY L 30 -38.87 -31.24 -15.07
C GLY L 30 -37.50 -31.13 -14.45
N SER L 31 -37.42 -30.54 -13.25
CA SER L 31 -36.18 -30.37 -12.51
C SER L 31 -36.24 -31.09 -11.18
N ASN L 32 -37.21 -30.74 -10.34
CA ASN L 32 -37.36 -31.26 -8.99
C ASN L 32 -38.40 -32.38 -8.95
N SER L 33 -38.60 -32.94 -7.76
CA SER L 33 -39.58 -33.99 -7.56
C SER L 33 -40.95 -33.40 -7.28
N VAL L 34 -41.98 -34.25 -7.37
CA VAL L 34 -43.38 -33.85 -7.18
C VAL L 34 -43.96 -34.57 -5.97
N SER L 35 -44.68 -33.82 -5.14
CA SER L 35 -45.42 -34.37 -4.00
C SER L 35 -46.91 -34.18 -4.26
N TRP L 36 -47.71 -35.03 -3.62
CA TRP L 36 -49.16 -34.98 -3.72
C TRP L 36 -49.79 -34.92 -2.34
N PHE L 37 -50.87 -34.14 -2.24
CA PHE L 37 -51.63 -33.91 -1.02
C PHE L 37 -53.11 -34.21 -1.23
N GLN L 38 -53.76 -34.65 -0.15
CA GLN L 38 -55.20 -34.90 -0.11
C GLN L 38 -55.85 -33.96 0.90
N GLN L 39 -56.72 -33.07 0.43
CA GLN L 39 -57.38 -32.10 1.29
C GLN L 39 -58.89 -32.37 1.32
N PHE L 40 -59.43 -32.47 2.53
CA PHE L 40 -60.86 -32.63 2.74
C PHE L 40 -61.43 -31.28 3.14
N PRO L 41 -62.67 -30.93 2.75
CA PRO L 41 -63.21 -29.62 3.18
C PRO L 41 -63.19 -29.46 4.69
N GLY L 42 -62.79 -28.27 5.14
CA GLY L 42 -62.77 -27.95 6.55
C GLY L 42 -61.46 -28.18 7.28
N THR L 43 -60.49 -28.88 6.68
CA THR L 43 -59.22 -29.16 7.35
C THR L 43 -58.03 -28.89 6.44
N ALA L 44 -56.84 -29.06 7.01
CA ALA L 44 -55.57 -28.90 6.31
C ALA L 44 -55.31 -30.08 5.37
N PRO L 45 -54.57 -29.86 4.28
CA PRO L 45 -54.24 -30.97 3.39
C PRO L 45 -53.31 -32.00 4.05
N LYS L 46 -53.56 -33.27 3.72
CA LYS L 46 -52.74 -34.38 4.17
C LYS L 46 -51.75 -34.73 3.06
N LEU L 47 -50.48 -34.91 3.42
CA LEU L 47 -49.50 -35.35 2.43
C LEU L 47 -49.73 -36.81 2.08
N LEU L 48 -49.79 -37.11 0.78
CA LEU L 48 -49.95 -38.47 0.30
C LEU L 48 -48.64 -39.04 -0.21
N ILE L 49 -48.02 -38.35 -1.18
CA ILE L 49 -46.85 -38.84 -1.89
C ILE L 49 -45.79 -37.76 -1.85
N HIS L 50 -44.53 -38.17 -1.71
CA HIS L 50 -43.41 -37.25 -1.78
C HIS L 50 -42.29 -37.92 -2.55
N PHE L 51 -41.38 -37.08 -3.06
CA PHE L 51 -40.22 -37.52 -3.83
C PHE L 51 -40.67 -38.42 -4.98
N ASN L 52 -41.73 -37.97 -5.64
CA ASN L 52 -42.36 -38.56 -6.81
C ASN L 52 -43.17 -39.82 -6.51
N ASN L 53 -42.57 -40.84 -5.86
CA ASN L 53 -43.32 -42.06 -5.53
C ASN L 53 -43.06 -42.56 -4.11
N GLN L 54 -42.72 -41.70 -3.15
CA GLN L 54 -42.53 -42.17 -1.77
C GLN L 54 -43.84 -41.94 -1.03
N ARG L 55 -44.36 -43.00 -0.44
CA ARG L 55 -45.64 -42.96 0.26
C ARG L 55 -45.45 -42.53 1.70
N ALA L 56 -46.20 -41.51 2.12
CA ALA L 56 -46.11 -41.01 3.48
C ALA L 56 -46.72 -42.00 4.45
N SER L 57 -46.22 -41.99 5.68
CA SER L 57 -46.76 -42.88 6.70
C SER L 57 -48.24 -42.56 6.91
N GLY L 58 -49.05 -43.60 7.06
CA GLY L 58 -50.47 -43.43 7.26
C GLY L 58 -51.27 -43.43 5.98
N VAL L 59 -50.61 -43.51 4.83
CA VAL L 59 -51.24 -43.51 3.51
C VAL L 59 -51.36 -44.96 3.03
N SER L 60 -52.56 -45.32 2.58
CA SER L 60 -52.84 -46.66 2.10
C SER L 60 -52.18 -46.93 0.76
N ASP L 61 -52.11 -48.21 0.41
CA ASP L 61 -51.48 -48.68 -0.83
C ASP L 61 -52.29 -48.30 -2.07
N ARG L 62 -53.51 -47.79 -1.90
CA ARG L 62 -54.31 -47.34 -3.03
C ARG L 62 -53.64 -46.19 -3.77
N PHE L 63 -52.86 -45.37 -3.07
CA PHE L 63 -52.25 -44.18 -3.64
C PHE L 63 -50.82 -44.48 -4.09
N SER L 64 -50.50 -44.04 -5.29
CA SER L 64 -49.15 -44.18 -5.84
C SER L 64 -48.98 -43.07 -6.87
N GLY L 65 -47.75 -42.84 -7.32
CA GLY L 65 -47.61 -41.83 -8.35
C GLY L 65 -46.29 -41.94 -9.08
N SER L 66 -46.12 -41.06 -10.06
CA SER L 66 -44.90 -41.06 -10.86
C SER L 66 -44.69 -39.70 -11.49
N LYS L 67 -43.48 -39.51 -12.02
CA LYS L 67 -43.05 -38.29 -12.71
C LYS L 67 -42.29 -38.70 -13.96
N SER L 68 -42.61 -38.07 -15.09
CA SER L 68 -41.92 -38.30 -16.35
C SER L 68 -41.81 -36.97 -17.08
N GLY L 69 -40.57 -36.52 -17.31
CA GLY L 69 -40.38 -35.24 -17.96
C GLY L 69 -40.92 -34.15 -17.08
N THR L 70 -41.82 -33.34 -17.65
CA THR L 70 -42.44 -32.23 -16.95
C THR L 70 -43.86 -32.57 -16.51
N SER L 71 -44.26 -33.84 -16.63
CA SER L 71 -45.58 -34.29 -16.24
C SER L 71 -45.46 -35.24 -15.05
N ALA L 72 -46.53 -35.33 -14.27
CA ALA L 72 -46.56 -36.24 -13.13
C ALA L 72 -48.01 -36.67 -12.96
N SER L 73 -48.21 -37.80 -12.29
CA SER L 73 -49.58 -38.23 -12.03
C SER L 73 -49.68 -39.02 -10.75
N LEU L 74 -50.88 -38.97 -10.17
CA LEU L 74 -51.27 -39.71 -8.99
C LEU L 74 -52.28 -40.78 -9.40
N ALA L 75 -51.96 -42.04 -9.14
CA ALA L 75 -52.85 -43.15 -9.47
C ALA L 75 -53.51 -43.58 -8.17
N ILE L 76 -54.83 -43.67 -8.18
CA ILE L 76 -55.61 -44.10 -7.03
C ILE L 76 -56.44 -45.30 -7.47
N SER L 77 -56.04 -46.49 -7.03
CA SER L 77 -56.72 -47.72 -7.40
C SER L 77 -57.69 -48.10 -6.29
N GLY L 78 -58.69 -48.91 -6.63
CA GLY L 78 -59.56 -49.42 -5.59
C GLY L 78 -60.37 -48.33 -4.90
N LEU L 79 -60.83 -47.33 -5.65
CA LEU L 79 -61.50 -46.16 -5.08
C LEU L 79 -62.62 -46.51 -4.11
N GLN L 80 -62.56 -45.87 -2.94
CA GLN L 80 -63.52 -45.97 -1.87
C GLN L 80 -64.35 -44.70 -1.85
N THR L 81 -65.52 -44.76 -1.22
CA THR L 81 -66.35 -43.55 -1.18
C THR L 81 -65.79 -42.51 -0.22
N ASP L 82 -64.80 -42.86 0.59
CA ASP L 82 -64.16 -41.94 1.54
C ASP L 82 -62.98 -41.19 0.91
N ASP L 83 -62.69 -41.43 -0.37
CA ASP L 83 -61.61 -40.79 -1.09
C ASP L 83 -62.03 -39.53 -1.83
N GLU L 84 -63.27 -39.07 -1.65
CA GLU L 84 -63.69 -37.85 -2.32
C GLU L 84 -62.97 -36.67 -1.68
N ALA L 85 -62.14 -35.97 -2.46
CA ALA L 85 -61.30 -34.94 -1.87
C ALA L 85 -60.68 -34.09 -2.97
N ASP L 86 -60.13 -32.95 -2.56
CA ASP L 86 -59.33 -32.11 -3.47
C ASP L 86 -57.87 -32.54 -3.39
N TYR L 87 -57.35 -33.03 -4.51
CA TYR L 87 -55.98 -33.53 -4.59
C TYR L 87 -55.12 -32.45 -5.22
N TYR L 88 -53.97 -32.17 -4.62
CA TYR L 88 -53.06 -31.14 -5.10
C TYR L 88 -51.68 -31.73 -5.35
N CYS L 89 -51.02 -31.21 -6.38
CA CYS L 89 -49.62 -31.54 -6.65
C CYS L 89 -48.79 -30.32 -6.24
N ALA L 90 -47.52 -30.58 -5.95
CA ALA L 90 -46.60 -29.48 -5.68
C ALA L 90 -45.19 -29.86 -6.12
N ALA L 91 -44.45 -28.84 -6.52
CA ALA L 91 -43.05 -28.99 -6.90
C ALA L 91 -42.31 -27.71 -6.57
N TRP L 92 -41.00 -27.83 -6.32
CA TRP L 92 -40.20 -26.64 -6.08
C TRP L 92 -39.80 -26.04 -7.42
N ASP L 93 -40.06 -24.74 -7.59
CA ASP L 93 -39.73 -24.02 -8.80
C ASP L 93 -38.40 -23.29 -8.59
N ASP L 94 -37.38 -23.72 -9.35
CA ASP L 94 -36.02 -23.22 -9.22
C ASP L 94 -35.86 -21.83 -9.81
N SER L 95 -36.77 -21.38 -10.67
CA SER L 95 -36.65 -20.07 -11.29
C SER L 95 -37.20 -19.02 -10.35
N LEU L 96 -38.13 -19.43 -9.49
CA LEU L 96 -38.75 -18.59 -8.47
C LEU L 96 -38.09 -18.80 -7.13
N THR L 97 -37.50 -19.98 -6.92
CA THR L 97 -37.00 -20.41 -5.62
C THR L 97 -38.17 -20.42 -4.66
N ALA L 98 -39.23 -21.12 -5.06
CA ALA L 98 -40.43 -21.20 -4.25
C ALA L 98 -41.17 -22.49 -4.55
N ALA L 99 -41.90 -23.00 -3.56
CA ALA L 99 -42.74 -24.15 -3.85
C ALA L 99 -43.99 -23.65 -4.58
N VAL L 100 -44.41 -24.41 -5.58
CA VAL L 100 -45.59 -24.11 -6.37
C VAL L 100 -46.57 -25.26 -6.26
N PHE L 101 -47.82 -24.95 -5.93
CA PHE L 101 -48.90 -25.91 -5.83
C PHE L 101 -49.70 -25.87 -7.13
N GLY L 102 -50.37 -26.99 -7.43
CA GLY L 102 -51.21 -27.04 -8.60
C GLY L 102 -52.58 -26.42 -8.34
N THR L 103 -53.40 -26.45 -9.40
CA THR L 103 -54.73 -25.85 -9.32
C THR L 103 -55.64 -26.63 -8.39
N GLY L 104 -55.48 -27.95 -8.32
CA GLY L 104 -56.29 -28.81 -7.49
C GLY L 104 -57.36 -29.52 -8.29
N THR L 105 -57.47 -30.84 -8.07
CA THR L 105 -58.42 -31.69 -8.78
C THR L 105 -59.41 -32.25 -7.77
N ARG L 106 -60.70 -32.00 -7.99
CA ARG L 106 -61.74 -32.53 -7.12
C ARG L 106 -62.07 -33.93 -7.61
N LEU L 107 -61.83 -34.93 -6.76
CA LEU L 107 -62.14 -36.32 -7.08
C LEU L 107 -63.40 -36.70 -6.33
N THR L 108 -64.38 -37.21 -7.09
CA THR L 108 -65.62 -37.77 -6.56
C THR L 108 -65.69 -39.23 -7.00
N VAL L 109 -66.33 -40.05 -6.19
CA VAL L 109 -66.47 -41.48 -6.47
C VAL L 109 -67.94 -41.78 -6.64
N ASN M 38 37.12 11.10 28.57
CA ASN M 38 37.99 11.35 27.41
C ASN M 38 37.13 11.37 26.14
N LEU M 39 36.71 10.20 25.67
CA LEU M 39 35.90 10.07 24.46
C LEU M 39 34.47 9.70 24.83
N TRP M 40 33.53 10.21 24.03
CA TRP M 40 32.10 10.05 24.23
C TRP M 40 31.48 9.54 22.93
N VAL M 41 30.36 8.83 23.07
CA VAL M 41 29.65 8.32 21.91
C VAL M 41 28.95 9.48 21.20
N THR M 42 29.18 9.61 19.90
CA THR M 42 28.50 10.61 19.07
C THR M 42 27.84 9.86 17.93
N VAL M 43 26.60 10.20 17.64
CA VAL M 43 25.85 9.58 16.55
C VAL M 43 25.77 10.49 15.34
N TYR M 44 26.03 9.88 14.19
CA TYR M 44 25.99 10.53 12.88
C TYR M 44 24.90 9.85 12.08
N TYR M 45 23.95 10.64 11.57
CA TYR M 45 22.87 10.13 10.76
C TYR M 45 23.09 10.68 9.35
N GLY M 46 23.14 9.78 8.39
CA GLY M 46 23.45 10.09 7.01
C GLY M 46 24.81 9.54 6.65
N VAL M 47 25.29 8.55 7.38
CA VAL M 47 26.59 7.90 7.21
C VAL M 47 26.61 7.10 5.90
N PRO M 48 27.67 7.27 5.03
CA PRO M 48 27.74 6.53 3.75
C PRO M 48 28.17 5.08 3.92
N VAL M 49 27.32 4.31 4.59
CA VAL M 49 27.56 2.90 4.90
C VAL M 49 26.38 2.09 4.40
N TRP M 50 26.68 0.89 3.92
CA TRP M 50 25.65 0.00 3.40
C TRP M 50 26.00 -1.45 3.67
N LYS M 51 24.98 -2.29 3.54
CA LYS M 51 25.09 -3.74 3.68
C LYS M 51 24.46 -4.40 2.47
N ASP M 52 24.93 -5.61 2.14
CA ASP M 52 24.31 -6.35 1.05
C ASP M 52 22.83 -6.57 1.38
N ALA M 53 21.96 -6.37 0.40
CA ALA M 53 20.54 -6.58 0.64
C ALA M 53 19.83 -6.96 -0.65
N GLU M 54 18.69 -7.65 -0.46
CA GLU M 54 17.82 -8.09 -1.55
C GLU M 54 16.50 -7.38 -1.36
N THR M 55 16.11 -6.54 -2.33
CA THR M 55 14.85 -5.82 -2.26
C THR M 55 14.18 -5.88 -3.62
N THR M 56 13.01 -5.27 -3.71
CA THR M 56 12.26 -5.20 -4.96
C THR M 56 12.63 -3.90 -5.66
N LEU M 57 13.16 -4.01 -6.87
CA LEU M 57 13.53 -2.85 -7.67
C LEU M 57 12.35 -2.50 -8.56
N PHE M 58 12.20 -1.23 -8.91
CA PHE M 58 11.14 -0.83 -9.83
C PHE M 58 11.76 -0.67 -11.22
N CYS M 59 10.93 -0.79 -12.25
CA CYS M 59 11.41 -0.66 -13.61
C CYS M 59 11.07 0.71 -14.18
N ALA M 60 11.93 1.15 -15.09
CA ALA M 60 11.76 2.40 -15.82
C ALA M 60 12.02 2.13 -17.30
N SER M 61 11.42 2.96 -18.14
CA SER M 61 11.55 2.82 -19.58
C SER M 61 11.55 4.21 -20.22
N ASP M 62 12.01 4.27 -21.47
CA ASP M 62 12.02 5.51 -22.23
C ASP M 62 10.77 5.55 -23.10
N HIS M 71 1.47 -1.76 -26.64
CA HIS M 71 1.47 -2.71 -27.74
C HIS M 71 2.82 -3.42 -27.83
N ASN M 72 3.27 -3.91 -26.68
CA ASN M 72 4.50 -4.66 -26.55
C ASN M 72 4.27 -5.72 -25.47
N VAL M 73 4.81 -6.93 -25.70
CA VAL M 73 4.57 -8.02 -24.76
C VAL M 73 5.11 -7.65 -23.38
N TRP M 74 6.14 -6.81 -23.32
CA TRP M 74 6.65 -6.32 -22.05
C TRP M 74 5.95 -4.98 -21.82
N ALA M 75 5.42 -4.79 -20.61
CA ALA M 75 4.61 -3.59 -20.33
C ALA M 75 5.50 -2.39 -20.06
N THR M 76 5.99 -1.79 -21.14
CA THR M 76 6.84 -0.61 -21.00
C THR M 76 6.05 0.60 -20.53
N HIS M 77 4.72 0.57 -20.61
CA HIS M 77 3.88 1.64 -20.08
C HIS M 77 3.59 1.49 -18.59
N ALA M 78 3.87 0.32 -18.01
CA ALA M 78 3.71 0.15 -16.56
C ALA M 78 4.92 0.73 -15.82
N CYS M 79 6.09 0.70 -16.46
CA CYS M 79 7.31 1.22 -15.89
C CYS M 79 7.26 2.75 -15.86
N VAL M 80 7.95 3.33 -14.88
CA VAL M 80 8.01 4.77 -14.68
C VAL M 80 8.93 5.42 -15.71
N PRO M 81 8.62 6.62 -16.24
CA PRO M 81 9.57 7.27 -17.15
C PRO M 81 10.95 7.47 -16.52
N THR M 82 11.98 7.28 -17.32
CA THR M 82 13.36 7.45 -16.89
C THR M 82 13.74 8.92 -16.76
N ASP M 83 14.83 9.14 -16.04
CA ASP M 83 15.42 10.46 -15.92
C ASP M 83 16.18 10.76 -17.21
N PRO M 84 15.84 11.82 -17.96
CA PRO M 84 16.57 12.11 -19.21
C PRO M 84 18.07 12.23 -19.06
N ASN M 85 18.58 12.53 -17.86
CA ASN M 85 20.01 12.69 -17.61
C ASN M 85 20.40 11.91 -16.35
N PRO M 86 20.45 10.58 -16.42
CA PRO M 86 20.69 9.77 -15.22
C PRO M 86 22.04 10.12 -14.60
N GLN M 87 22.09 10.04 -13.26
CA GLN M 87 23.32 10.33 -12.53
C GLN M 87 24.10 9.06 -12.23
N GLU M 88 25.42 9.21 -12.26
CA GLU M 88 26.38 8.18 -11.88
C GLU M 88 27.43 8.89 -11.04
N ILE M 89 27.66 8.40 -9.84
CA ILE M 89 28.60 9.01 -8.90
C ILE M 89 29.72 8.03 -8.61
N HIS M 90 30.94 8.37 -9.02
CA HIS M 90 32.06 7.47 -8.79
C HIS M 90 32.37 7.45 -7.30
N LEU M 91 32.52 6.24 -6.75
CA LEU M 91 32.83 6.08 -5.33
C LEU M 91 34.34 5.90 -5.20
N GLU M 92 35.05 7.03 -5.18
CA GLU M 92 36.51 6.99 -5.17
C GLU M 92 37.01 6.31 -3.91
N ASN M 93 38.02 5.44 -4.07
CA ASN M 93 38.67 4.69 -3.00
C ASN M 93 37.75 3.66 -2.34
N VAL M 94 36.62 3.33 -2.95
CA VAL M 94 35.74 2.29 -2.46
C VAL M 94 36.01 0.99 -3.22
N THR M 95 36.27 -0.08 -2.49
CA THR M 95 36.43 -1.42 -3.05
C THR M 95 35.24 -2.22 -2.58
N GLU M 96 34.55 -2.88 -3.50
CA GLU M 96 33.32 -3.61 -3.17
C GLU M 96 33.41 -5.01 -3.76
N GLU M 97 33.01 -6.00 -2.98
CA GLU M 97 33.02 -7.39 -3.45
C GLU M 97 31.68 -7.68 -4.13
N PHE M 98 31.76 -8.12 -5.38
CA PHE M 98 30.61 -8.43 -6.22
C PHE M 98 30.55 -9.94 -6.44
N ASN M 99 29.34 -10.43 -6.70
CA ASN M 99 29.16 -11.85 -7.04
C ASN M 99 27.97 -11.97 -7.99
N MET M 100 28.25 -12.10 -9.29
CA MET M 100 27.17 -12.15 -10.27
C MET M 100 26.34 -13.42 -10.16
N TRP M 101 26.84 -14.45 -9.47
CA TRP M 101 26.17 -15.73 -9.37
C TRP M 101 25.22 -15.82 -8.18
N LYS M 102 25.22 -14.79 -7.31
CA LYS M 102 24.37 -14.69 -6.14
C LYS M 102 23.89 -13.24 -6.19
N ASN M 103 22.99 -12.98 -7.14
CA ASN M 103 22.54 -11.63 -7.48
C ASN M 103 21.03 -11.65 -7.63
N ASN M 104 20.32 -11.03 -6.69
CA ASN M 104 18.87 -11.07 -6.69
C ASN M 104 18.26 -10.26 -7.83
N MET M 105 19.07 -9.47 -8.54
CA MET M 105 18.54 -8.69 -9.64
C MET M 105 18.20 -9.59 -10.81
N VAL M 106 18.88 -10.73 -10.92
CA VAL M 106 18.65 -11.63 -12.03
C VAL M 106 17.38 -12.42 -11.77
N GLU M 107 17.21 -12.90 -10.53
CA GLU M 107 16.00 -13.63 -10.18
C GLU M 107 14.79 -12.72 -10.28
N GLN M 108 14.94 -11.45 -9.87
CA GLN M 108 13.81 -10.54 -10.01
C GLN M 108 13.50 -10.29 -11.47
N MET M 109 14.52 -10.09 -12.31
CA MET M 109 14.23 -9.85 -13.72
C MET M 109 13.55 -11.07 -14.32
N HIS M 110 13.98 -12.27 -13.93
CA HIS M 110 13.35 -13.49 -14.45
C HIS M 110 11.88 -13.52 -14.09
N THR M 111 11.56 -13.27 -12.82
CA THR M 111 10.18 -13.29 -12.36
C THR M 111 9.36 -12.21 -13.06
N ASP M 112 9.92 -11.01 -13.21
CA ASP M 112 9.18 -9.90 -13.82
C ASP M 112 8.94 -10.16 -15.30
N ILE M 113 9.91 -10.74 -16.00
CA ILE M 113 9.72 -11.04 -17.41
C ILE M 113 8.64 -12.10 -17.59
N ILE M 114 8.65 -13.13 -16.74
CA ILE M 114 7.60 -14.16 -16.87
C ILE M 114 6.24 -13.55 -16.58
N SER M 115 6.17 -12.72 -15.54
CA SER M 115 4.88 -12.09 -15.17
C SER M 115 4.38 -11.23 -16.33
N LEU M 116 5.25 -10.41 -16.92
CA LEU M 116 4.83 -9.47 -17.99
C LEU M 116 4.31 -10.26 -19.20
N TRP M 117 4.98 -11.35 -19.56
CA TRP M 117 4.56 -12.18 -20.71
C TRP M 117 3.18 -12.77 -20.44
N ASP M 118 2.96 -13.25 -19.22
CA ASP M 118 1.65 -13.82 -18.83
C ASP M 118 0.59 -12.73 -18.89
N GLN M 119 0.93 -11.52 -18.43
CA GLN M 119 -0.04 -10.39 -18.41
C GLN M 119 -0.46 -10.06 -19.84
N SER M 120 0.48 -10.07 -20.78
CA SER M 120 0.19 -9.77 -22.20
C SER M 120 -0.75 -10.81 -22.81
N LEU M 121 -0.56 -12.08 -22.45
CA LEU M 121 -1.34 -13.17 -23.07
C LEU M 121 -2.73 -13.30 -22.44
N LYS M 122 -2.92 -12.87 -21.20
CA LYS M 122 -4.22 -13.07 -20.54
C LYS M 122 -5.41 -12.53 -21.34
N PRO M 123 -5.38 -11.32 -21.90
CA PRO M 123 -6.54 -10.82 -22.66
C PRO M 123 -6.62 -11.26 -24.11
N CYS M 124 -5.74 -12.15 -24.58
CA CYS M 124 -5.69 -12.48 -26.00
C CYS M 124 -6.58 -13.69 -26.28
N VAL M 125 -6.90 -13.86 -27.57
CA VAL M 125 -7.81 -14.92 -27.99
C VAL M 125 -7.28 -16.30 -27.64
N LYS M 126 -8.12 -17.09 -26.98
CA LYS M 126 -7.81 -18.46 -26.60
C LYS M 126 -8.16 -19.35 -27.79
N LEU M 127 -7.32 -20.35 -28.04
CA LEU M 127 -7.49 -21.25 -29.19
C LEU M 127 -8.01 -22.62 -28.78
N THR M 128 -8.90 -22.64 -27.78
CA THR M 128 -9.59 -23.86 -27.37
C THR M 128 -10.22 -24.62 -28.55
N PRO M 129 -10.97 -23.98 -29.45
CA PRO M 129 -11.60 -24.74 -30.56
C PRO M 129 -10.62 -25.38 -31.54
N LEU M 130 -9.32 -25.12 -31.45
CA LEU M 130 -8.36 -25.72 -32.37
C LEU M 130 -7.99 -27.17 -32.06
N CYS M 131 -8.24 -27.67 -30.86
CA CYS M 131 -7.93 -29.07 -30.57
C CYS M 131 -9.04 -29.94 -31.11
N VAL M 132 -8.95 -30.15 -32.42
CA VAL M 132 -9.84 -30.99 -33.21
C VAL M 132 -8.93 -31.87 -34.06
N THR M 133 -9.49 -32.92 -34.62
CA THR M 133 -8.72 -33.75 -35.54
C THR M 133 -8.43 -32.94 -36.80
N LEU M 134 -7.17 -32.96 -37.24
CA LEU M 134 -6.75 -32.28 -38.46
C LEU M 134 -6.57 -33.30 -39.57
N GLN M 135 -6.94 -32.92 -40.79
CA GLN M 135 -6.73 -33.74 -41.99
C GLN M 135 -5.63 -33.08 -42.79
N CYS M 136 -4.39 -33.55 -42.63
CA CYS M 136 -3.21 -32.89 -43.14
C CYS M 136 -2.66 -33.63 -44.34
N THR M 137 -2.46 -32.92 -45.45
CA THR M 137 -1.89 -33.45 -46.67
C THR M 137 -0.65 -32.66 -47.02
N ASN M 138 0.06 -33.11 -48.05
CA ASN M 138 1.26 -32.43 -48.49
C ASN M 138 0.93 -31.10 -49.17
N VAL M 139 1.75 -30.09 -48.88
CA VAL M 139 1.62 -28.78 -49.50
C VAL M 139 1.96 -28.92 -50.98
N THR M 140 1.13 -28.32 -51.84
CA THR M 140 1.24 -28.47 -53.29
C THR M 140 2.16 -27.46 -53.96
N ASN M 141 2.82 -26.58 -53.21
CA ASN M 141 3.71 -25.59 -53.79
C ASN M 141 5.06 -26.22 -54.09
N ASN M 142 5.98 -25.44 -54.65
CA ASN M 142 7.31 -25.94 -55.00
C ASN M 142 8.16 -25.82 -53.75
N ILE M 143 8.50 -26.97 -53.15
CA ILE M 143 9.22 -27.03 -51.89
C ILE M 143 10.63 -27.55 -52.13
N THR M 144 11.62 -26.81 -51.65
CA THR M 144 13.00 -27.25 -51.76
C THR M 144 13.19 -28.50 -50.93
N ASP M 145 14.14 -29.36 -51.33
CA ASP M 145 14.36 -30.61 -50.62
C ASP M 145 14.64 -30.38 -49.13
N ASP M 146 15.28 -29.25 -48.80
CA ASP M 146 15.59 -28.95 -47.41
C ASP M 146 14.34 -28.87 -46.54
N MET M 147 13.19 -28.52 -47.12
CA MET M 147 11.92 -28.42 -46.39
C MET M 147 10.87 -29.44 -46.83
N ARG M 148 11.26 -30.54 -47.47
CA ARG M 148 10.23 -31.48 -47.88
C ARG M 148 9.64 -32.12 -46.63
N GLY M 149 8.33 -31.96 -46.45
CA GLY M 149 7.64 -32.48 -45.28
C GLY M 149 7.54 -31.51 -44.12
N GLU M 150 8.19 -30.35 -44.20
CA GLU M 150 8.18 -29.39 -43.09
C GLU M 150 6.83 -28.70 -42.92
N LEU M 151 6.08 -28.51 -43.99
CA LEU M 151 4.76 -27.89 -43.94
C LEU M 151 3.70 -28.89 -44.38
N LYS M 152 2.56 -28.84 -43.71
CA LYS M 152 1.40 -29.63 -44.10
C LYS M 152 0.18 -28.73 -44.23
N ASN M 153 -0.68 -29.07 -45.18
CA ASN M 153 -1.92 -28.37 -45.46
C ASN M 153 -3.03 -29.11 -44.72
N CYS M 154 -3.45 -28.58 -43.58
CA CYS M 154 -4.39 -29.24 -42.68
C CYS M 154 -5.77 -28.62 -42.78
N SER M 155 -6.77 -29.48 -43.01
CA SER M 155 -8.18 -29.10 -43.05
C SER M 155 -8.83 -29.52 -41.74
N PHE M 156 -9.77 -28.71 -41.26
CA PHE M 156 -10.46 -29.02 -40.01
C PHE M 156 -11.81 -28.30 -39.94
N ASN M 157 -12.66 -28.82 -39.05
CA ASN M 157 -13.98 -28.25 -38.78
C ASN M 157 -13.86 -27.28 -37.60
N MET M 158 -13.91 -26.00 -37.90
CA MET M 158 -13.73 -24.93 -36.94
C MET M 158 -15.08 -24.33 -36.55
N THR M 159 -15.14 -23.80 -35.33
CA THR M 159 -16.33 -23.14 -34.86
C THR M 159 -16.48 -21.78 -35.54
N THR M 160 -17.67 -21.20 -35.39
CA THR M 160 -18.02 -19.92 -36.00
C THR M 160 -18.62 -19.02 -34.93
N GLU M 161 -19.03 -17.83 -35.35
CA GLU M 161 -19.68 -16.90 -34.45
C GLU M 161 -21.01 -17.43 -33.92
N LEU M 162 -21.62 -18.41 -34.59
CA LEU M 162 -22.85 -19.02 -34.14
C LEU M 162 -22.55 -20.45 -33.71
N ARG M 163 -23.05 -20.81 -32.52
CA ARG M 163 -22.75 -22.09 -31.92
C ARG M 163 -23.41 -23.26 -32.61
N ASP M 164 -24.41 -23.02 -33.46
CA ASP M 164 -25.08 -24.08 -34.21
C ASP M 164 -24.53 -24.20 -35.63
N LYS M 165 -23.45 -23.50 -35.95
CA LYS M 165 -22.85 -23.52 -37.27
C LYS M 165 -21.36 -23.82 -37.15
N ARG M 166 -20.85 -24.57 -38.13
CA ARG M 166 -19.45 -24.92 -38.25
C ARG M 166 -18.97 -24.53 -39.63
N GLN M 167 -17.66 -24.32 -39.75
CA GLN M 167 -17.04 -23.96 -41.00
C GLN M 167 -15.87 -24.91 -41.28
N LYS M 168 -15.62 -25.15 -42.56
CA LYS M 168 -14.46 -25.93 -42.97
C LYS M 168 -13.35 -24.93 -43.23
N VAL M 169 -12.22 -25.13 -42.55
CA VAL M 169 -11.07 -24.25 -42.59
C VAL M 169 -9.87 -25.06 -42.98
N HIS M 170 -8.94 -24.43 -43.69
CA HIS M 170 -7.67 -25.07 -43.97
C HIS M 170 -6.59 -24.06 -43.66
N ALA M 171 -5.43 -24.58 -43.26
CA ALA M 171 -4.30 -23.75 -42.92
C ALA M 171 -3.03 -24.55 -43.10
N LEU M 172 -1.92 -23.84 -43.30
CA LEU M 172 -0.64 -24.52 -43.30
C LEU M 172 -0.12 -24.53 -41.87
N PHE M 173 0.48 -25.65 -41.49
CA PHE M 173 1.11 -25.81 -40.19
C PHE M 173 2.50 -26.40 -40.39
N TYR M 174 3.39 -26.08 -39.46
CA TYR M 174 4.71 -26.66 -39.48
C TYR M 174 4.64 -28.07 -38.90
N LYS M 175 5.51 -28.95 -39.41
CA LYS M 175 5.59 -30.30 -38.90
C LYS M 175 5.80 -30.31 -37.38
N LEU M 176 6.57 -29.34 -36.88
CA LEU M 176 6.88 -29.28 -35.46
C LEU M 176 5.65 -29.04 -34.59
N ASP M 177 4.59 -28.48 -35.15
CA ASP M 177 3.37 -28.17 -34.41
C ASP M 177 2.32 -29.26 -34.54
N ILE M 178 2.55 -30.25 -35.39
CA ILE M 178 1.57 -31.27 -35.75
C ILE M 178 2.11 -32.62 -35.32
N VAL M 179 1.29 -33.38 -34.59
CA VAL M 179 1.64 -34.71 -34.10
C VAL M 179 0.68 -35.73 -34.68
N PRO M 180 1.16 -36.83 -35.29
CA PRO M 180 0.23 -37.85 -35.79
C PRO M 180 -0.63 -38.43 -34.67
N ILE M 181 -1.85 -38.82 -35.01
CA ILE M 181 -2.71 -39.50 -34.04
C ILE M 181 -2.42 -41.00 -34.02
N ASN M 182 -2.21 -41.61 -35.20
CA ASN M 182 -1.93 -43.03 -35.32
C ASN M 182 -0.73 -43.20 -36.27
N GLU M 183 -0.30 -44.45 -36.47
CA GLU M 183 0.74 -44.72 -37.44
C GLU M 183 0.19 -44.71 -38.87
N ASN M 184 -1.05 -45.19 -39.03
CA ASN M 184 -1.64 -45.27 -40.37
C ASN M 184 -1.68 -43.88 -40.98
N GLN M 185 -1.16 -43.76 -42.20
CA GLN M 185 -1.07 -42.47 -42.85
C GLN M 185 -2.42 -42.12 -43.48
N ASN M 186 -3.36 -41.83 -42.59
CA ASN M 186 -4.74 -41.51 -42.93
C ASN M 186 -5.02 -40.02 -42.84
N THR M 187 -3.98 -39.20 -42.73
CA THR M 187 -4.01 -37.73 -42.64
C THR M 187 -4.52 -37.21 -41.30
N SER M 188 -4.87 -38.07 -40.33
CA SER M 188 -5.36 -37.57 -39.06
C SER M 188 -4.22 -37.15 -38.14
N TYR M 189 -4.18 -35.86 -37.79
CA TYR M 189 -3.16 -35.27 -36.95
C TYR M 189 -3.83 -34.39 -35.90
N ARG M 190 -3.08 -34.08 -34.83
CA ARG M 190 -3.53 -33.17 -33.78
C ARG M 190 -2.44 -32.13 -33.53
N LEU M 191 -2.80 -31.02 -32.88
CA LEU M 191 -1.76 -30.08 -32.49
C LEU M 191 -0.95 -30.69 -31.35
N ILE M 192 0.33 -30.36 -31.32
CA ILE M 192 1.25 -30.92 -30.32
C ILE M 192 0.82 -30.66 -28.87
N ASN M 193 0.17 -29.52 -28.60
CA ASN M 193 -0.23 -29.20 -27.23
C ASN M 193 -1.53 -29.86 -26.74
N CYS M 194 -2.33 -30.47 -27.60
CA CYS M 194 -3.69 -30.86 -27.19
C CYS M 194 -3.74 -31.88 -26.07
N ASN M 195 -2.71 -32.72 -25.90
CA ASN M 195 -2.77 -33.69 -24.81
C ASN M 195 -2.39 -33.11 -23.46
N THR M 196 -1.56 -32.05 -23.42
CA THR M 196 -1.00 -31.58 -22.15
C THR M 196 -1.28 -30.14 -21.79
N ALA M 197 -1.65 -29.27 -22.74
CA ALA M 197 -1.78 -27.85 -22.41
C ALA M 197 -2.82 -27.14 -23.25
N ALA M 198 -3.41 -26.12 -22.66
CA ALA M 198 -4.29 -25.20 -23.37
C ALA M 198 -3.39 -24.24 -24.13
N ILE M 199 -3.82 -23.85 -25.33
CA ILE M 199 -3.04 -22.92 -26.16
C ILE M 199 -3.79 -21.61 -26.35
N THR M 200 -3.09 -20.50 -26.14
CA THR M 200 -3.61 -19.15 -26.28
C THR M 200 -2.89 -18.43 -27.41
N GLN M 201 -3.64 -17.74 -28.26
CA GLN M 201 -3.05 -17.00 -29.36
C GLN M 201 -2.49 -15.67 -28.87
N ALA M 202 -1.26 -15.35 -29.28
CA ALA M 202 -0.70 -14.05 -28.96
C ALA M 202 -1.47 -12.98 -29.73
N CYS M 203 -1.65 -11.82 -29.10
CA CYS M 203 -2.32 -10.73 -29.79
C CYS M 203 -1.47 -10.24 -30.97
N PRO M 204 -2.00 -10.16 -32.19
CA PRO M 204 -1.15 -9.77 -33.34
C PRO M 204 -0.64 -8.36 -33.27
N LYS M 205 -1.26 -7.50 -32.45
CA LYS M 205 -0.90 -6.11 -32.30
C LYS M 205 0.09 -5.85 -31.19
N VAL M 206 0.49 -6.88 -30.44
CA VAL M 206 1.40 -6.73 -29.31
C VAL M 206 2.74 -7.25 -29.76
N SER M 207 3.72 -6.35 -29.82
CA SER M 207 5.06 -6.64 -30.30
C SER M 207 5.85 -7.50 -29.32
N PHE M 208 6.74 -8.32 -29.88
CA PHE M 208 7.67 -9.14 -29.12
C PHE M 208 9.08 -8.55 -29.16
N GLU M 209 9.23 -7.31 -29.64
CA GLU M 209 10.54 -6.70 -29.75
C GLU M 209 11.06 -6.29 -28.37
N PRO M 210 12.23 -6.76 -27.94
CA PRO M 210 12.77 -6.30 -26.65
C PRO M 210 12.99 -4.80 -26.61
N ILE M 211 12.53 -4.17 -25.53
CA ILE M 211 12.70 -2.75 -25.29
C ILE M 211 13.51 -2.62 -24.01
N PRO M 212 14.60 -1.84 -23.98
CA PRO M 212 15.44 -1.77 -22.77
C PRO M 212 14.68 -1.40 -21.51
N ILE M 213 14.89 -2.18 -20.46
CA ILE M 213 14.28 -1.96 -19.14
C ILE M 213 15.37 -1.55 -18.16
N HIS M 214 15.16 -0.46 -17.45
CA HIS M 214 16.12 0.05 -16.47
C HIS M 214 15.62 -0.33 -15.08
N TYR M 215 16.45 -0.99 -14.28
CA TYR M 215 16.07 -1.34 -12.92
C TYR M 215 16.61 -0.31 -11.95
N CYS M 216 15.72 0.23 -11.12
CA CYS M 216 15.96 1.35 -10.24
C CYS M 216 15.73 0.93 -8.80
N ALA M 217 16.59 1.40 -7.90
CA ALA M 217 16.48 1.08 -6.49
C ALA M 217 15.42 1.95 -5.80
N PRO M 218 14.67 1.41 -4.85
CA PRO M 218 13.80 2.26 -4.03
C PRO M 218 14.63 3.08 -3.06
N ALA M 219 14.04 4.16 -2.55
CA ALA M 219 14.75 5.02 -1.61
C ALA M 219 15.23 4.21 -0.41
N GLY M 220 16.45 4.52 0.05
CA GLY M 220 17.08 3.80 1.13
C GLY M 220 17.99 2.69 0.66
N PHE M 221 17.98 2.40 -0.64
CA PHE M 221 18.80 1.38 -1.29
C PHE M 221 19.59 2.06 -2.40
N ALA M 222 20.66 1.41 -2.83
CA ALA M 222 21.46 1.92 -3.94
C ALA M 222 21.98 0.78 -4.78
N ILE M 223 22.19 1.08 -6.07
CA ILE M 223 22.79 0.14 -7.01
C ILE M 223 24.24 0.56 -7.22
N LEU M 224 25.16 -0.37 -6.99
CA LEU M 224 26.58 -0.16 -7.18
C LEU M 224 26.95 -0.83 -8.51
N LYS M 225 27.72 -0.13 -9.33
CA LYS M 225 28.17 -0.62 -10.62
C LYS M 225 29.69 -0.79 -10.57
N CYS M 226 30.16 -1.94 -11.05
CA CYS M 226 31.58 -2.23 -11.13
C CYS M 226 32.10 -1.72 -12.48
N LYS M 227 33.06 -0.79 -12.43
CA LYS M 227 33.60 -0.15 -13.61
C LYS M 227 34.93 -0.76 -14.05
N ASP M 228 35.37 -1.84 -13.41
CA ASP M 228 36.63 -2.50 -13.75
C ASP M 228 36.42 -3.33 -15.02
N LYS M 229 37.10 -2.91 -16.10
CA LYS M 229 36.93 -3.52 -17.41
C LYS M 229 37.37 -4.98 -17.45
N LYS M 230 38.19 -5.42 -16.50
CA LYS M 230 38.67 -6.80 -16.43
C LYS M 230 37.95 -7.62 -15.37
N PHE M 231 36.87 -7.10 -14.81
CA PHE M 231 36.12 -7.80 -13.77
C PHE M 231 35.43 -9.03 -14.36
N ASN M 232 35.63 -10.19 -13.74
CA ASN M 232 35.13 -11.46 -14.23
C ASN M 232 33.85 -11.93 -13.55
N GLY M 233 33.13 -11.05 -12.86
CA GLY M 233 31.87 -11.37 -12.25
C GLY M 233 31.89 -11.69 -10.77
N THR M 234 33.06 -11.99 -10.20
CA THR M 234 33.15 -12.28 -8.77
C THR M 234 34.36 -11.57 -8.18
N GLY M 235 34.29 -11.34 -6.87
CA GLY M 235 35.41 -10.83 -6.13
C GLY M 235 35.48 -9.32 -6.03
N PRO M 236 36.58 -8.83 -5.44
CA PRO M 236 36.74 -7.39 -5.23
C PRO M 236 36.73 -6.59 -6.53
N CYS M 237 36.11 -5.42 -6.48
CA CYS M 237 36.06 -4.47 -7.59
C CYS M 237 36.62 -3.17 -7.04
N PRO M 238 37.81 -2.72 -7.49
CA PRO M 238 38.41 -1.49 -6.94
C PRO M 238 37.83 -0.20 -7.48
N SER M 239 36.98 -0.25 -8.50
CA SER M 239 36.43 0.94 -9.15
C SER M 239 34.91 0.76 -9.24
N VAL M 240 34.22 1.40 -8.30
CA VAL M 240 32.79 1.23 -8.09
C VAL M 240 32.13 2.59 -8.11
N SER M 241 30.98 2.68 -8.76
CA SER M 241 30.17 3.89 -8.80
C SER M 241 28.76 3.54 -8.36
N THR M 242 28.01 4.52 -7.87
CA THR M 242 26.60 4.32 -7.53
C THR M 242 25.74 4.98 -8.59
N VAL M 243 24.69 4.28 -9.03
CA VAL M 243 23.81 4.75 -10.08
C VAL M 243 22.37 4.75 -9.58
N GLN M 244 21.56 5.64 -10.17
CA GLN M 244 20.13 5.65 -9.85
C GLN M 244 19.46 4.40 -10.38
N CYS M 245 19.85 3.97 -11.57
CA CYS M 245 19.24 2.85 -12.27
C CYS M 245 20.31 2.16 -13.09
N THR M 246 20.01 0.95 -13.53
CA THR M 246 20.89 0.22 -14.42
C THR M 246 20.79 0.78 -15.83
N HIS M 247 21.69 0.34 -16.70
CA HIS M 247 21.58 0.73 -18.10
C HIS M 247 20.37 0.03 -18.69
N GLY M 248 20.02 0.36 -19.92
CA GLY M 248 18.85 -0.28 -20.46
C GLY M 248 19.23 -1.68 -20.89
N ILE M 249 18.55 -2.65 -20.29
CA ILE M 249 18.77 -4.07 -20.55
C ILE M 249 17.61 -4.57 -21.39
N LYS M 250 17.88 -4.99 -22.60
CA LYS M 250 16.82 -5.51 -23.44
C LYS M 250 16.44 -6.91 -22.95
N PRO M 251 15.15 -7.22 -22.77
CA PRO M 251 14.80 -8.60 -22.36
C PRO M 251 14.87 -9.59 -23.51
N VAL M 252 16.07 -9.79 -24.05
CA VAL M 252 16.26 -10.69 -25.18
C VAL M 252 16.32 -12.11 -24.63
N VAL M 253 15.52 -13.00 -25.19
CA VAL M 253 15.50 -14.40 -24.80
C VAL M 253 16.08 -15.20 -25.95
N SER M 254 17.12 -15.97 -25.66
CA SER M 254 17.77 -16.80 -26.67
C SER M 254 18.48 -17.93 -25.95
N THR M 255 18.91 -18.92 -26.71
CA THR M 255 19.73 -20.01 -26.22
C THR M 255 21.05 -20.05 -26.99
N GLN M 256 22.06 -20.64 -26.36
CA GLN M 256 23.37 -20.85 -26.97
C GLN M 256 24.11 -19.55 -27.29
N LEU M 257 23.56 -18.70 -28.15
CA LEU M 257 24.17 -17.44 -28.54
C LEU M 257 23.43 -16.28 -27.87
N LEU M 258 24.19 -15.34 -27.32
CA LEU M 258 23.65 -14.15 -26.69
C LEU M 258 23.53 -13.07 -27.75
N LEU M 259 22.33 -12.55 -27.97
CA LEU M 259 22.08 -11.56 -29.01
C LEU M 259 21.78 -10.18 -28.42
N ASN M 260 22.26 -9.15 -29.11
CA ASN M 260 21.96 -7.75 -28.82
C ASN M 260 22.28 -7.37 -27.37
N GLY M 261 23.36 -7.91 -26.83
CA GLY M 261 23.79 -7.60 -25.48
C GLY M 261 24.93 -6.61 -25.45
N SER M 262 25.59 -6.54 -24.30
CA SER M 262 26.73 -5.66 -24.11
C SER M 262 28.01 -6.37 -24.55
N LEU M 263 28.96 -5.59 -25.03
CA LEU M 263 30.28 -6.09 -25.41
C LEU M 263 31.31 -5.82 -24.31
N ALA M 264 32.34 -6.67 -24.26
CA ALA M 264 33.42 -6.47 -23.31
C ALA M 264 34.20 -5.23 -23.70
N GLU M 265 34.61 -4.45 -22.70
CA GLU M 265 35.32 -3.21 -22.98
C GLU M 265 36.70 -3.45 -23.62
N GLU M 266 37.42 -4.50 -23.20
CA GLU M 266 38.78 -4.73 -23.71
C GLU M 266 39.00 -6.10 -24.35
N GLU M 267 38.74 -7.18 -23.61
CA GLU M 267 39.04 -8.54 -24.04
C GLU M 267 37.80 -9.40 -23.91
N VAL M 268 37.80 -10.54 -24.62
CA VAL M 268 36.71 -11.48 -24.44
C VAL M 268 36.78 -11.99 -23.01
N MET M 269 35.65 -11.96 -22.30
CA MET M 269 35.60 -12.39 -20.91
C MET M 269 34.97 -13.76 -20.77
N ILE M 270 35.61 -14.61 -19.96
CA ILE M 270 35.11 -15.94 -19.64
C ILE M 270 34.66 -15.90 -18.19
N ARG M 271 33.37 -16.17 -17.95
CA ARG M 271 32.82 -16.10 -16.60
C ARG M 271 32.07 -17.39 -16.27
N SER M 272 32.30 -17.91 -15.07
CA SER M 272 31.59 -19.10 -14.64
C SER M 272 31.50 -19.09 -13.12
N LYS M 273 30.52 -19.82 -12.58
CA LYS M 273 30.37 -19.91 -11.11
C LYS M 273 31.53 -20.72 -10.56
N ASP M 274 31.96 -21.75 -11.29
CA ASP M 274 33.10 -22.58 -10.90
C ASP M 274 33.64 -23.14 -12.21
N ILE M 275 34.78 -22.61 -12.66
CA ILE M 275 35.30 -22.97 -13.97
C ILE M 275 35.72 -24.44 -14.06
N ARG M 276 35.90 -25.12 -12.93
CA ARG M 276 36.30 -26.52 -12.94
C ARG M 276 35.13 -27.46 -12.67
N ASN M 277 33.93 -26.93 -12.49
CA ASN M 277 32.72 -27.71 -12.22
C ASN M 277 31.97 -27.80 -13.53
N ASN M 278 31.87 -29.00 -14.09
CA ASN M 278 31.31 -29.14 -15.43
C ASN M 278 29.79 -29.06 -15.46
N ALA M 279 29.14 -28.91 -14.30
CA ALA M 279 27.70 -28.75 -14.23
C ALA M 279 27.29 -27.30 -14.38
N LYS M 280 28.25 -26.37 -14.43
CA LYS M 280 28.00 -24.94 -14.51
C LYS M 280 28.19 -24.49 -15.95
N ASN M 281 27.48 -23.42 -16.32
CA ASN M 281 27.63 -22.84 -17.65
C ASN M 281 28.74 -21.79 -17.63
N ILE M 282 29.35 -21.61 -18.78
CA ILE M 282 30.39 -20.62 -19.01
C ILE M 282 29.79 -19.56 -19.90
N LEU M 283 29.80 -18.31 -19.44
CA LEU M 283 29.29 -17.19 -20.21
C LEU M 283 30.49 -16.49 -20.83
N VAL M 284 30.49 -16.44 -22.15
CA VAL M 284 31.59 -15.84 -22.91
C VAL M 284 31.05 -14.52 -23.43
N GLN M 285 31.70 -13.42 -23.05
CA GLN M 285 31.28 -12.08 -23.47
C GLN M 285 32.29 -11.59 -24.50
N PHE M 286 31.80 -11.29 -25.69
CA PHE M 286 32.66 -10.86 -26.78
C PHE M 286 33.03 -9.40 -26.62
N ASN M 287 34.20 -9.02 -27.13
CA ASN M 287 34.61 -7.62 -27.14
C ASN M 287 34.31 -6.94 -28.47
N THR M 288 33.80 -7.69 -29.45
CA THR M 288 33.38 -7.21 -30.74
C THR M 288 32.13 -8.00 -31.09
N PRO M 289 31.15 -7.41 -31.77
CA PRO M 289 29.97 -8.19 -32.14
C PRO M 289 30.27 -9.06 -33.35
N VAL M 290 29.54 -10.17 -33.46
CA VAL M 290 29.53 -10.94 -34.70
C VAL M 290 28.13 -10.77 -35.29
N GLN M 291 28.05 -10.23 -36.49
CA GLN M 291 26.76 -9.95 -37.08
C GLN M 291 26.14 -11.24 -37.61
N ILE M 292 24.87 -11.48 -37.28
CA ILE M 292 24.14 -12.64 -37.77
C ILE M 292 22.88 -12.14 -38.48
N ASN M 293 22.74 -12.55 -39.75
CA ASN M 293 21.64 -12.16 -40.62
C ASN M 293 20.68 -13.33 -40.76
N CYS M 294 19.52 -13.23 -40.13
CA CYS M 294 18.53 -14.32 -40.10
C CYS M 294 17.36 -13.94 -40.99
N THR M 295 16.84 -14.91 -41.72
CA THR M 295 15.70 -14.66 -42.59
C THR M 295 14.74 -15.84 -42.65
N ARG M 296 13.50 -15.47 -42.99
CA ARG M 296 12.38 -16.37 -43.26
C ARG M 296 11.98 -16.01 -44.69
N PRO M 297 12.59 -16.65 -45.69
CA PRO M 297 12.47 -16.19 -47.08
C PRO M 297 11.08 -16.37 -47.68
N ASN M 298 10.18 -17.12 -47.03
CA ASN M 298 8.87 -17.39 -47.59
C ASN M 298 7.94 -16.21 -47.40
N ASN M 299 7.31 -15.79 -48.50
CA ASN M 299 6.39 -14.65 -48.52
C ASN M 299 5.03 -15.16 -48.06
N ASN M 300 4.88 -15.25 -46.75
CA ASN M 300 3.70 -15.84 -46.13
C ASN M 300 2.52 -14.89 -46.12
N THR M 301 1.34 -15.48 -46.22
CA THR M 301 0.06 -14.79 -46.08
C THR M 301 -0.47 -14.99 -44.66
N ARG M 302 -1.57 -14.30 -44.36
CA ARG M 302 -2.28 -14.50 -43.11
C ARG M 302 -3.76 -14.62 -43.43
N LYS M 303 -4.38 -15.66 -42.88
CA LYS M 303 -5.79 -16.00 -43.08
C LYS M 303 -6.51 -15.81 -41.76
N SER M 304 -7.50 -14.91 -41.73
CA SER M 304 -8.23 -14.62 -40.51
C SER M 304 -9.52 -15.43 -40.49
N ILE M 305 -9.66 -16.30 -39.51
CA ILE M 305 -10.83 -17.16 -39.33
C ILE M 305 -11.55 -16.70 -38.07
N ARG M 306 -12.84 -16.38 -38.18
CA ARG M 306 -13.57 -15.99 -36.97
C ARG M 306 -14.02 -17.28 -36.29
N ILE M 307 -13.66 -17.44 -35.02
CA ILE M 307 -13.96 -18.62 -34.23
C ILE M 307 -14.97 -18.36 -33.13
N GLY M 308 -15.42 -17.12 -32.97
CA GLY M 308 -16.36 -16.76 -31.95
C GLY M 308 -16.67 -15.28 -32.04
N PRO M 309 -17.51 -14.76 -31.15
CA PRO M 309 -17.86 -13.34 -31.24
C PRO M 309 -16.67 -12.43 -30.97
N GLY M 310 -16.01 -12.02 -32.05
CA GLY M 310 -14.84 -11.15 -31.99
C GLY M 310 -13.54 -11.88 -31.74
N GLN M 311 -13.55 -13.21 -31.81
CA GLN M 311 -12.39 -14.06 -31.57
C GLN M 311 -11.85 -14.47 -32.93
N TRP M 312 -10.70 -13.95 -33.33
CA TRP M 312 -10.12 -14.27 -34.62
C TRP M 312 -8.87 -15.13 -34.44
N PHE M 313 -8.79 -16.17 -35.26
CA PHE M 313 -7.65 -17.07 -35.35
C PHE M 313 -6.86 -16.70 -36.59
N TYR M 314 -5.56 -16.49 -36.44
CA TYR M 314 -4.70 -16.09 -37.54
C TYR M 314 -3.87 -17.28 -37.99
N ALA M 315 -4.19 -17.78 -39.18
CA ALA M 315 -3.61 -18.96 -39.79
C ALA M 315 -2.63 -18.55 -40.89
N THR M 316 -1.71 -19.46 -41.22
CA THR M 316 -0.78 -19.17 -42.31
C THR M 316 -1.50 -18.98 -43.63
N GLY M 317 -2.50 -19.81 -43.89
CA GLY M 317 -3.24 -19.72 -45.15
C GLY M 317 -2.51 -20.33 -46.32
N ASP M 318 -1.55 -19.60 -46.89
CA ASP M 318 -0.79 -20.10 -48.04
C ASP M 318 0.54 -19.37 -48.07
N ILE M 319 1.39 -19.74 -49.04
CA ILE M 319 2.69 -19.12 -49.26
C ILE M 319 2.74 -18.65 -50.71
N ILE M 320 3.12 -17.39 -50.90
CA ILE M 320 3.23 -16.80 -52.23
C ILE M 320 4.63 -17.12 -52.74
N GLY M 321 4.71 -17.67 -53.95
CA GLY M 321 5.99 -18.03 -54.50
C GLY M 321 6.40 -19.42 -54.00
N ASP M 322 7.69 -19.71 -54.09
CA ASP M 322 8.16 -21.05 -53.74
C ASP M 322 8.40 -21.08 -52.23
N ILE M 323 8.79 -22.25 -51.72
CA ILE M 323 9.05 -22.45 -50.30
C ILE M 323 10.53 -22.76 -50.11
N ARG M 324 11.20 -21.93 -49.31
CA ARG M 324 12.63 -22.02 -49.03
C ARG M 324 12.83 -22.10 -47.52
N GLN M 325 13.95 -22.66 -47.10
CA GLN M 325 14.23 -22.83 -45.68
C GLN M 325 14.73 -21.55 -45.01
N ALA M 326 14.23 -21.31 -43.80
CA ALA M 326 14.71 -20.20 -42.99
C ALA M 326 16.15 -20.47 -42.60
N HIS M 327 16.94 -19.41 -42.48
CA HIS M 327 18.35 -19.63 -42.16
C HIS M 327 18.97 -18.38 -41.59
N CYS M 328 20.14 -18.55 -40.99
CA CYS M 328 20.95 -17.43 -40.51
C CYS M 328 22.36 -17.52 -41.09
N ASN M 329 22.91 -16.37 -41.49
CA ASN M 329 24.27 -16.30 -42.01
C ASN M 329 25.15 -15.55 -41.02
N VAL M 330 26.38 -16.03 -40.85
CA VAL M 330 27.41 -15.28 -40.15
C VAL M 330 28.64 -15.22 -41.04
N SER M 331 29.45 -14.17 -40.87
CA SER M 331 30.71 -14.13 -41.61
C SER M 331 31.62 -15.23 -41.11
N LYS M 332 32.20 -15.98 -42.05
CA LYS M 332 33.07 -17.09 -41.67
C LYS M 332 34.35 -16.61 -41.01
N ALA M 333 34.97 -15.56 -41.57
CA ALA M 333 36.21 -15.04 -41.01
C ALA M 333 36.00 -14.39 -39.66
N THR M 334 34.90 -13.65 -39.50
CA THR M 334 34.67 -12.96 -38.23
C THR M 334 34.43 -13.99 -37.13
N TRP M 335 33.63 -15.01 -37.43
CA TRP M 335 33.38 -16.06 -36.46
C TRP M 335 34.66 -16.79 -36.08
N ASN M 336 35.50 -17.11 -37.08
CA ASN M 336 36.74 -17.81 -36.78
C ASN M 336 37.68 -16.96 -35.93
N GLU M 337 37.72 -15.65 -36.18
CA GLU M 337 38.54 -14.75 -35.35
C GLU M 337 37.99 -14.69 -33.92
N THR M 338 36.66 -14.67 -33.81
CA THR M 338 36.02 -14.62 -32.51
C THR M 338 36.35 -15.88 -31.73
N LEU M 339 36.26 -17.04 -32.38
CA LEU M 339 36.59 -18.26 -31.65
C LEU M 339 38.07 -18.31 -31.31
N GLY M 340 38.95 -17.76 -32.16
CA GLY M 340 40.35 -17.72 -31.80
C GLY M 340 40.56 -16.97 -30.49
N LYS M 341 39.85 -15.84 -30.35
CA LYS M 341 39.92 -15.08 -29.11
C LYS M 341 39.34 -15.86 -27.94
N VAL M 342 38.24 -16.58 -28.18
CA VAL M 342 37.61 -17.37 -27.13
C VAL M 342 38.55 -18.48 -26.66
N VAL M 343 39.22 -19.16 -27.59
CA VAL M 343 40.11 -20.23 -27.16
C VAL M 343 41.32 -19.68 -26.44
N LYS M 344 41.81 -18.50 -26.82
CA LYS M 344 42.93 -17.93 -26.06
C LYS M 344 42.50 -17.66 -24.62
N GLN M 345 41.28 -17.15 -24.44
CA GLN M 345 40.83 -16.86 -23.09
C GLN M 345 40.49 -18.14 -22.33
N LEU M 346 40.03 -19.18 -23.04
CA LEU M 346 39.80 -20.46 -22.38
C LEU M 346 41.10 -21.11 -21.96
N ARG M 347 42.14 -21.01 -22.80
CA ARG M 347 43.44 -21.57 -22.46
C ARG M 347 44.00 -20.89 -21.22
N LYS M 348 43.66 -19.61 -21.02
CA LYS M 348 44.11 -18.95 -19.79
C LYS M 348 43.58 -19.65 -18.53
N HIS M 349 42.51 -20.43 -18.64
CA HIS M 349 41.93 -21.17 -17.52
C HIS M 349 42.22 -22.67 -17.55
N PHE M 350 42.31 -23.27 -18.74
CA PHE M 350 42.47 -24.71 -18.90
C PHE M 350 43.85 -25.16 -19.33
N GLY M 351 44.80 -24.23 -19.53
CA GLY M 351 46.16 -24.59 -19.90
C GLY M 351 46.58 -24.09 -21.27
N ASN M 352 47.81 -23.55 -21.34
CA ASN M 352 48.32 -22.95 -22.56
C ASN M 352 48.53 -23.95 -23.68
N ASN M 353 48.68 -25.25 -23.36
CA ASN M 353 48.91 -26.28 -24.37
C ASN M 353 47.73 -27.26 -24.45
N THR M 354 46.53 -26.79 -24.14
CA THR M 354 45.34 -27.62 -24.23
C THR M 354 44.71 -27.43 -25.60
N ILE M 355 44.19 -28.52 -26.15
CA ILE M 355 43.47 -28.50 -27.42
C ILE M 355 42.02 -28.17 -27.09
N ILE M 356 41.58 -26.98 -27.45
CA ILE M 356 40.20 -26.55 -27.22
C ILE M 356 39.38 -27.00 -28.42
N ARG M 357 38.46 -27.93 -28.22
CA ARG M 357 37.55 -28.37 -29.25
C ARG M 357 36.17 -27.76 -29.03
N PHE M 358 35.55 -27.29 -30.11
CA PHE M 358 34.17 -26.83 -30.11
C PHE M 358 33.34 -27.86 -30.87
N ALA M 359 32.42 -28.50 -30.15
CA ALA M 359 31.50 -29.47 -30.72
C ALA M 359 30.07 -28.97 -30.60
N ASN M 360 29.18 -29.61 -31.32
CA ASN M 360 27.80 -29.18 -31.39
C ASN M 360 27.00 -29.71 -30.21
N SER M 361 25.76 -29.24 -30.12
CA SER M 361 24.85 -29.66 -29.06
C SER M 361 24.68 -31.17 -29.14
N SER M 362 24.76 -31.82 -27.98
CA SER M 362 24.77 -33.29 -27.93
C SER M 362 23.46 -33.87 -28.46
N GLY M 363 22.32 -33.36 -27.99
CA GLY M 363 21.05 -33.70 -28.60
C GLY M 363 19.94 -33.90 -27.61
N GLY M 364 18.88 -34.53 -28.10
CA GLY M 364 17.65 -34.74 -27.37
C GLY M 364 16.39 -34.18 -28.02
N ASP M 365 16.30 -32.86 -28.17
CA ASP M 365 15.10 -32.27 -28.75
C ASP M 365 15.47 -30.97 -29.47
N LEU M 366 14.48 -30.36 -30.12
CA LEU M 366 14.74 -29.16 -30.91
C LEU M 366 15.20 -27.98 -30.06
N GLU M 367 14.55 -27.74 -28.93
CA GLU M 367 14.85 -26.57 -28.11
C GLU M 367 16.23 -26.61 -27.48
N VAL M 368 16.65 -27.77 -26.99
CA VAL M 368 17.95 -27.85 -26.33
C VAL M 368 19.12 -27.87 -27.31
N THR M 369 18.89 -28.31 -28.54
CA THR M 369 19.92 -28.42 -29.56
C THR M 369 20.07 -27.22 -30.47
N THR M 370 19.25 -26.20 -30.33
CA THR M 370 19.29 -25.09 -31.28
C THR M 370 19.40 -23.75 -30.57
N HIS M 371 19.71 -22.77 -31.40
CA HIS M 371 19.74 -21.36 -31.04
C HIS M 371 18.35 -20.84 -31.28
N SER M 372 17.61 -20.55 -30.21
CA SER M 372 16.25 -20.10 -30.38
C SER M 372 16.22 -18.59 -30.23
N PHE M 373 15.33 -17.95 -30.99
CA PHE M 373 15.15 -16.51 -30.85
C PHE M 373 13.85 -16.08 -31.52
N ASN M 374 13.37 -14.90 -31.12
CA ASN M 374 12.22 -14.26 -31.75
C ASN M 374 12.72 -13.21 -32.75
N CYS M 375 12.47 -13.47 -34.04
CA CYS M 375 12.88 -12.65 -35.17
C CYS M 375 11.65 -12.10 -35.89
N GLY M 376 11.29 -10.85 -35.59
CA GLY M 376 10.17 -10.23 -36.26
C GLY M 376 8.83 -10.80 -35.89
N GLY M 377 8.74 -11.48 -34.75
CA GLY M 377 7.53 -12.14 -34.34
C GLY M 377 7.53 -13.63 -34.63
N GLU M 378 8.48 -14.13 -35.41
CA GLU M 378 8.61 -15.55 -35.72
C GLU M 378 9.63 -16.15 -34.78
N PHE M 379 9.42 -17.40 -34.39
CA PHE M 379 10.34 -18.09 -33.50
C PHE M 379 11.21 -19.06 -34.28
N PHE M 380 12.50 -18.72 -34.34
CA PHE M 380 13.50 -19.47 -35.08
C PHE M 380 14.21 -20.41 -34.12
N TYR M 381 14.54 -21.60 -34.62
CA TYR M 381 15.29 -22.65 -33.92
C TYR M 381 16.42 -23.09 -34.86
N CYS M 382 17.56 -22.41 -34.76
CA CYS M 382 18.64 -22.56 -35.73
C CYS M 382 19.67 -23.59 -35.30
N ASP M 383 20.13 -24.36 -36.28
CA ASP M 383 21.10 -25.41 -36.08
C ASP M 383 22.49 -24.79 -36.15
N THR M 384 23.14 -24.68 -35.00
CA THR M 384 24.42 -24.01 -34.86
C THR M 384 25.59 -24.99 -34.91
N SER M 385 25.35 -26.23 -35.33
CA SER M 385 26.40 -27.22 -35.42
C SER M 385 27.47 -26.82 -36.43
N GLY M 386 27.17 -25.90 -37.34
CA GLY M 386 28.15 -25.41 -38.29
C GLY M 386 29.05 -24.33 -37.74
N LEU M 387 28.75 -23.83 -36.54
CA LEU M 387 29.55 -22.81 -35.86
C LEU M 387 30.49 -23.42 -34.84
N PHE M 388 30.05 -24.47 -34.17
CA PHE M 388 30.79 -25.12 -33.11
C PHE M 388 31.28 -26.47 -33.60
N ASN M 389 32.16 -26.46 -34.60
CA ASN M 389 32.68 -27.65 -35.24
C ASN M 389 34.13 -27.35 -35.60
N SER M 390 35.00 -27.37 -34.59
CA SER M 390 36.41 -27.05 -34.84
C SER M 390 37.27 -27.60 -33.73
N THR M 391 38.55 -27.84 -34.04
CA THR M 391 39.54 -28.21 -33.03
C THR M 391 40.69 -27.21 -33.12
N TRP M 392 40.98 -26.55 -32.00
CA TRP M 392 42.02 -25.55 -31.89
C TRP M 392 43.20 -26.16 -31.14
N ILE M 393 44.32 -26.33 -31.84
CA ILE M 393 45.51 -26.98 -31.29
C ILE M 393 46.54 -25.89 -31.05
N SER M 394 47.04 -25.81 -29.82
CA SER M 394 48.02 -24.80 -29.45
C SER M 394 49.34 -25.07 -30.16
N ASN M 395 49.90 -24.04 -30.78
CA ASN M 395 51.18 -24.17 -31.50
C ASN M 395 51.64 -22.81 -31.97
N ASP M 408 33.52 -15.57 -47.45
CA ASP M 408 32.45 -16.57 -47.38
C ASP M 408 31.64 -16.37 -46.11
N SER M 409 30.60 -17.20 -45.96
CA SER M 409 29.71 -17.13 -44.80
C SER M 409 29.32 -18.54 -44.39
N ILE M 410 28.87 -18.65 -43.15
CA ILE M 410 28.39 -19.91 -42.58
C ILE M 410 26.88 -19.77 -42.49
N THR M 411 26.17 -20.68 -43.16
CA THR M 411 24.71 -20.70 -43.17
C THR M 411 24.23 -21.74 -42.16
N LEU M 412 23.36 -21.31 -41.26
CA LEU M 412 22.79 -22.12 -40.21
C LEU M 412 21.35 -22.44 -40.58
N PRO M 413 20.99 -23.70 -40.85
CA PRO M 413 19.58 -24.01 -41.12
C PRO M 413 18.73 -23.69 -39.91
N CYS M 414 17.53 -23.18 -40.14
CA CYS M 414 16.63 -22.86 -39.05
C CYS M 414 15.25 -23.45 -39.31
N ARG M 415 14.61 -23.88 -38.23
CA ARG M 415 13.23 -24.33 -38.24
C ARG M 415 12.39 -23.26 -37.57
N ILE M 416 11.11 -23.20 -37.94
CA ILE M 416 10.17 -22.26 -37.35
C ILE M 416 9.01 -23.05 -36.77
N LYS M 417 8.59 -22.66 -35.58
CA LYS M 417 7.53 -23.32 -34.84
C LYS M 417 6.53 -22.25 -34.43
N GLN M 418 5.24 -22.55 -34.54
CA GLN M 418 4.19 -21.61 -34.14
C GLN M 418 3.63 -21.87 -32.75
N ILE M 419 3.81 -23.06 -32.19
CA ILE M 419 3.33 -23.37 -30.84
C ILE M 419 4.54 -23.28 -29.92
N ILE M 420 4.53 -22.26 -29.09
CA ILE M 420 5.68 -21.85 -28.27
C ILE M 420 5.37 -22.13 -26.82
N ASN M 421 6.33 -22.72 -26.10
CA ASN M 421 6.21 -22.97 -24.67
C ASN M 421 7.49 -22.46 -24.01
N MET M 422 7.50 -21.18 -23.67
CA MET M 422 8.66 -20.55 -23.04
C MET M 422 8.67 -20.84 -21.55
N TRP M 423 9.86 -21.01 -20.99
CA TRP M 423 10.08 -21.31 -19.58
C TRP M 423 9.49 -22.66 -19.16
N GLN M 424 9.29 -23.56 -20.14
CA GLN M 424 8.75 -24.90 -19.95
C GLN M 424 7.65 -24.92 -18.89
N ARG M 425 6.49 -24.37 -19.23
CA ARG M 425 5.36 -24.30 -18.32
C ARG M 425 4.47 -25.51 -18.56
N ILE M 426 3.73 -25.90 -17.53
CA ILE M 426 2.80 -27.03 -17.60
C ILE M 426 1.38 -26.49 -17.60
N GLY M 427 0.60 -26.91 -18.60
CA GLY M 427 -0.78 -26.52 -18.72
C GLY M 427 -1.05 -25.33 -19.63
N GLN M 428 -0.02 -24.65 -20.12
CA GLN M 428 -0.21 -23.52 -21.02
C GLN M 428 0.82 -23.53 -22.14
N ALA M 429 0.39 -23.00 -23.29
CA ALA M 429 1.23 -22.82 -24.45
C ALA M 429 0.74 -21.60 -25.21
N MET M 430 1.62 -21.02 -26.02
CA MET M 430 1.28 -19.87 -26.83
C MET M 430 1.35 -20.22 -28.31
N TYR M 431 0.42 -19.67 -29.08
CA TYR M 431 0.42 -19.75 -30.53
C TYR M 431 0.92 -18.42 -31.07
N ALA M 432 1.94 -18.47 -31.92
CA ALA M 432 2.48 -17.25 -32.50
C ALA M 432 1.80 -17.01 -33.85
N PRO M 433 1.02 -15.94 -34.02
CA PRO M 433 0.38 -15.72 -35.31
C PRO M 433 1.40 -15.60 -36.41
N PRO M 434 1.06 -16.00 -37.64
CA PRO M 434 2.00 -15.79 -38.75
C PRO M 434 2.25 -14.31 -39.00
N ILE M 435 3.48 -14.00 -39.39
CA ILE M 435 3.86 -12.66 -39.81
C ILE M 435 3.93 -12.67 -41.33
N GLN M 436 3.26 -11.71 -41.96
CA GLN M 436 3.16 -11.67 -43.41
C GLN M 436 4.46 -11.18 -44.03
N GLY M 437 4.70 -11.61 -45.27
CA GLY M 437 5.87 -11.18 -46.00
C GLY M 437 7.09 -12.02 -45.69
N VAL M 438 8.26 -11.40 -45.78
CA VAL M 438 9.55 -12.05 -45.64
C VAL M 438 10.20 -11.45 -44.40
N ILE M 439 10.71 -12.32 -43.52
CA ILE M 439 11.29 -11.87 -42.26
C ILE M 439 12.79 -11.70 -42.45
N ARG M 440 13.32 -10.57 -41.99
CA ARG M 440 14.76 -10.34 -41.98
C ARG M 440 15.14 -9.67 -40.66
N CYS M 441 16.19 -10.21 -40.02
CA CYS M 441 16.74 -9.66 -38.79
C CYS M 441 18.25 -9.60 -38.95
N VAL M 442 18.86 -8.52 -38.45
CA VAL M 442 20.30 -8.41 -38.35
C VAL M 442 20.58 -8.16 -36.89
N SER M 443 21.24 -9.12 -36.24
CA SER M 443 21.51 -9.08 -34.81
C SER M 443 23.00 -9.14 -34.56
N ASN M 444 23.40 -8.68 -33.38
CA ASN M 444 24.78 -8.77 -32.92
C ASN M 444 24.89 -9.95 -31.97
N ILE M 445 25.82 -10.85 -32.23
CA ILE M 445 26.15 -11.91 -31.28
C ILE M 445 27.19 -11.30 -30.37
N THR M 446 26.85 -11.20 -29.09
CA THR M 446 27.67 -10.55 -28.09
C THR M 446 28.23 -11.54 -27.08
N GLY M 447 28.02 -12.83 -27.29
CA GLY M 447 28.52 -13.81 -26.34
C GLY M 447 27.93 -15.17 -26.59
N LEU M 448 28.46 -16.13 -25.83
CA LEU M 448 28.08 -17.54 -25.92
C LEU M 448 27.72 -18.08 -24.55
N ILE M 449 26.87 -19.10 -24.54
CA ILE M 449 26.61 -19.92 -23.36
C ILE M 449 27.19 -21.29 -23.69
N LEU M 450 28.29 -21.65 -23.04
CA LEU M 450 29.00 -22.89 -23.29
C LEU M 450 28.96 -23.82 -22.09
N THR M 451 29.04 -25.11 -22.35
CA THR M 451 29.18 -26.12 -21.31
C THR M 451 30.38 -26.96 -21.69
N ARG M 452 31.12 -27.43 -20.70
CA ARG M 452 32.28 -28.25 -20.98
C ARG M 452 31.86 -29.72 -21.01
N ASP M 453 32.42 -30.45 -21.99
CA ASP M 453 32.01 -31.82 -22.25
C ASP M 453 32.13 -32.71 -21.02
N GLY M 454 33.17 -32.53 -20.23
CA GLY M 454 33.28 -33.26 -18.99
C GLY M 454 33.78 -34.68 -19.18
N GLY M 455 33.55 -35.50 -18.15
CA GLY M 455 34.06 -36.86 -18.12
C GLY M 455 35.57 -36.92 -18.19
N THR M 460 44.48 -33.30 -21.63
CA THR M 460 45.08 -33.17 -22.95
C THR M 460 44.19 -32.31 -23.82
N THR M 461 42.91 -32.66 -23.86
CA THR M 461 41.93 -31.96 -24.68
C THR M 461 40.74 -31.56 -23.82
N GLU M 462 40.06 -30.49 -24.23
CA GLU M 462 38.80 -30.08 -23.66
C GLU M 462 37.84 -29.85 -24.80
N THR M 463 36.57 -30.22 -24.60
CA THR M 463 35.53 -30.03 -25.60
C THR M 463 34.42 -29.19 -25.00
N PHE M 464 34.00 -28.16 -25.72
CA PHE M 464 32.93 -27.26 -25.32
C PHE M 464 31.77 -27.41 -26.29
N ARG M 465 30.56 -27.31 -25.75
CA ARG M 465 29.35 -27.41 -26.56
C ARG M 465 28.43 -26.25 -26.23
N PRO M 466 27.62 -25.81 -27.19
CA PRO M 466 26.57 -24.85 -26.83
C PRO M 466 25.61 -25.45 -25.83
N SER M 467 25.16 -24.61 -24.90
CA SER M 467 24.19 -25.03 -23.91
C SER M 467 23.06 -24.02 -23.93
N GLY M 468 21.83 -24.50 -23.70
CA GLY M 468 20.74 -23.56 -23.60
C GLY M 468 20.69 -22.87 -22.26
N GLY M 469 21.38 -23.42 -21.26
CA GLY M 469 21.37 -22.84 -19.94
C GLY M 469 19.94 -22.72 -19.44
N ASP M 470 19.67 -21.52 -18.94
CA ASP M 470 18.38 -21.08 -18.46
C ASP M 470 18.27 -19.65 -18.93
N MET M 471 17.17 -18.97 -18.61
CA MET M 471 17.10 -17.58 -19.04
C MET M 471 17.84 -16.67 -18.08
N ARG M 472 18.26 -17.18 -16.91
CA ARG M 472 19.05 -16.40 -15.96
C ARG M 472 20.53 -16.55 -16.29
N ASP M 473 20.84 -16.34 -17.56
CA ASP M 473 22.14 -16.34 -18.22
C ASP M 473 22.27 -15.23 -19.25
N ASN M 474 21.17 -14.83 -19.88
CA ASN M 474 21.15 -13.81 -20.91
C ASN M 474 21.14 -12.46 -20.23
N TRP M 475 20.36 -12.39 -19.15
CA TRP M 475 20.18 -11.19 -18.34
C TRP M 475 21.31 -11.11 -17.33
N ARG M 476 21.81 -12.27 -16.91
CA ARG M 476 22.90 -12.34 -15.96
C ARG M 476 24.16 -11.71 -16.57
N SER M 477 24.29 -11.77 -17.90
CA SER M 477 25.44 -11.24 -18.59
C SER M 477 25.39 -9.72 -18.70
N GLU M 478 24.25 -9.12 -18.38
CA GLU M 478 24.07 -7.67 -18.38
C GLU M 478 24.07 -7.11 -16.97
N LEU M 479 23.53 -7.87 -16.03
CA LEU M 479 23.40 -7.49 -14.63
C LEU M 479 24.62 -7.87 -13.80
N TYR M 480 25.64 -8.48 -14.43
CA TYR M 480 26.79 -8.98 -13.70
C TYR M 480 27.55 -7.87 -12.99
N LYS M 481 27.47 -6.64 -13.49
CA LYS M 481 28.22 -5.53 -12.92
C LYS M 481 27.43 -4.73 -11.90
N TYR M 482 26.19 -5.11 -11.59
CA TYR M 482 25.36 -4.37 -10.66
C TYR M 482 25.11 -5.18 -9.40
N LYS M 483 25.09 -4.47 -8.27
CA LYS M 483 24.81 -5.01 -6.95
C LYS M 483 23.83 -4.10 -6.26
N VAL M 484 22.89 -4.65 -5.50
CA VAL M 484 21.94 -3.86 -4.72
C VAL M 484 22.37 -3.89 -3.26
N VAL M 485 22.47 -2.72 -2.64
CA VAL M 485 22.82 -2.60 -1.24
C VAL M 485 21.79 -1.74 -0.52
N LYS M 486 21.69 -1.95 0.79
CA LYS M 486 20.82 -1.21 1.68
C LYS M 486 21.66 -0.20 2.44
N ILE M 487 21.17 1.03 2.55
CA ILE M 487 21.90 2.11 3.22
C ILE M 487 21.65 2.04 4.72
N GLU M 488 22.73 2.16 5.49
CA GLU M 488 22.72 2.10 6.95
C GLU M 488 23.17 3.46 7.46
N PRO M 489 22.28 4.47 7.45
CA PRO M 489 22.70 5.86 7.68
C PRO M 489 23.07 6.20 9.12
N LEU M 490 22.76 5.33 10.08
CA LEU M 490 22.95 5.62 11.50
C LEU M 490 24.22 4.96 12.01
N GLY M 491 25.18 5.78 12.44
CA GLY M 491 26.45 5.29 12.93
C GLY M 491 26.80 5.92 14.26
N VAL M 492 27.70 5.24 14.97
CA VAL M 492 28.23 5.64 16.27
C VAL M 492 29.74 5.73 16.17
N ALA M 493 30.32 6.78 16.76
CA ALA M 493 31.77 6.89 16.74
C ALA M 493 32.23 7.74 17.92
N PRO M 494 33.43 7.50 18.46
CA PRO M 494 33.94 8.34 19.55
C PRO M 494 34.36 9.72 19.09
N THR M 495 33.99 10.73 19.87
CA THR M 495 34.45 12.10 19.68
C THR M 495 34.71 12.66 21.06
N ARG M 496 35.25 13.87 21.14
CA ARG M 496 35.43 14.51 22.44
C ARG M 496 34.24 15.38 22.81
N CYS M 497 33.17 15.32 22.03
CA CYS M 497 31.97 16.12 22.24
C CYS M 497 31.09 15.48 23.30
N LYS M 498 30.83 16.21 24.38
CA LYS M 498 29.98 15.74 25.47
C LYS M 498 28.70 16.56 25.49
N ARG M 499 27.58 15.91 25.77
CA ARG M 499 26.32 16.63 25.92
C ARG M 499 26.34 17.46 27.19
N ARG M 500 25.80 18.68 27.11
CA ARG M 500 25.66 19.57 28.26
C ARG M 500 25.02 18.86 29.44
N GLU N 1 60.08 23.22 10.51
CA GLU N 1 59.59 23.65 9.16
C GLU N 1 58.42 24.61 9.26
N VAL N 2 57.76 24.65 10.42
CA VAL N 2 56.62 25.54 10.63
C VAL N 2 57.15 26.93 10.95
N GLN N 3 56.64 27.93 10.23
CA GLN N 3 57.03 29.32 10.43
C GLN N 3 55.79 30.21 10.44
N LEU N 4 55.70 31.07 11.46
CA LEU N 4 54.64 32.04 11.61
C LEU N 4 55.29 33.42 11.65
N VAL N 5 54.85 34.34 10.79
CA VAL N 5 55.43 35.68 10.70
C VAL N 5 54.34 36.73 10.88
N GLU N 6 54.43 37.51 11.97
CA GLU N 6 53.49 38.60 12.24
C GLU N 6 53.96 39.87 11.55
N THR N 7 53.00 40.63 11.03
CA THR N 7 53.24 41.97 10.51
C THR N 7 52.09 42.87 10.96
N GLY N 8 52.14 44.13 10.51
CA GLY N 8 51.12 45.09 10.83
C GLY N 8 51.24 45.78 12.17
N GLY N 9 52.43 45.81 12.76
CA GLY N 9 52.63 46.45 14.04
C GLY N 9 52.86 47.94 13.85
N GLY N 10 53.22 48.62 14.95
CA GLY N 10 53.42 50.06 14.88
C GLY N 10 52.89 50.87 16.05
N LEU N 11 53.10 52.19 15.95
CA LEU N 11 52.68 53.15 16.97
C LEU N 11 51.37 53.79 16.55
N VAL N 12 50.36 53.70 17.42
CA VAL N 12 49.04 54.26 17.20
C VAL N 12 48.66 55.11 18.40
N GLN N 13 47.91 56.17 18.15
CA GLN N 13 47.47 57.03 19.24
C GLN N 13 46.37 56.33 20.04
N PRO N 14 46.23 56.64 21.34
CA PRO N 14 45.11 56.05 22.11
C PRO N 14 43.77 56.34 21.44
N GLY N 15 42.93 55.32 21.39
CA GLY N 15 41.64 55.42 20.75
C GLY N 15 41.64 55.05 19.29
N GLY N 16 42.81 54.79 18.70
CA GLY N 16 42.93 54.45 17.30
C GLY N 16 42.78 52.95 17.10
N SER N 17 43.10 52.50 15.89
CA SER N 17 42.96 51.10 15.54
C SER N 17 44.18 50.59 14.80
N LEU N 18 44.44 49.29 14.92
CA LEU N 18 45.55 48.64 14.25
C LEU N 18 45.16 47.22 13.89
N LYS N 19 45.48 46.79 12.67
CA LYS N 19 45.22 45.42 12.25
C LYS N 19 46.53 44.66 12.09
N LEU N 20 46.67 43.55 12.82
CA LEU N 20 47.83 42.69 12.78
C LEU N 20 47.52 41.53 11.84
N SER N 21 48.56 40.98 11.20
CA SER N 21 48.37 39.85 10.32
C SER N 21 49.52 38.87 10.45
N CYS N 22 49.19 37.61 10.68
CA CYS N 22 50.13 36.51 10.84
C CYS N 22 50.03 35.56 9.67
N ARG N 23 51.13 35.42 8.93
CA ARG N 23 51.20 34.52 7.78
C ARG N 23 51.82 33.25 8.33
N ALA N 24 51.43 32.11 7.77
CA ALA N 24 51.94 30.83 8.26
C ALA N 24 52.22 29.86 7.14
N SER N 25 53.24 29.02 7.36
CA SER N 25 53.59 27.98 6.41
C SER N 25 54.24 26.83 7.15
N GLY N 26 54.36 25.69 6.45
CA GLY N 26 54.97 24.50 6.97
C GLY N 26 54.01 23.49 7.57
N TYR N 27 52.71 23.77 7.55
CA TYR N 27 51.68 22.89 8.10
C TYR N 27 50.39 23.26 7.39
N THR N 28 49.38 22.41 7.54
CA THR N 28 48.08 22.74 6.96
C THR N 28 47.41 23.73 7.89
N PHE N 29 47.18 24.95 7.38
CA PHE N 29 46.64 26.02 8.20
C PHE N 29 45.24 25.69 8.71
N SER N 30 44.38 25.20 7.82
CA SER N 30 42.99 24.88 8.15
C SER N 30 42.82 23.73 9.13
N SER N 31 43.89 22.99 9.47
CA SER N 31 43.78 21.88 10.40
C SER N 31 44.03 22.24 11.85
N PHE N 32 44.49 23.46 12.16
CA PHE N 32 44.83 23.87 13.51
C PHE N 32 44.10 25.13 13.90
N ALA N 33 43.79 25.24 15.19
CA ALA N 33 43.26 26.47 15.77
C ALA N 33 44.41 27.45 15.96
N MET N 34 44.08 28.74 15.96
CA MET N 34 45.08 29.79 16.14
C MET N 34 44.69 30.69 17.30
N SER N 35 45.71 31.22 17.96
CA SER N 35 45.54 32.14 19.08
C SER N 35 46.43 33.36 18.92
N TRP N 36 46.04 34.43 19.62
CA TRP N 36 46.91 35.59 19.81
C TRP N 36 47.18 35.70 21.30
N VAL N 37 48.46 35.89 21.63
CA VAL N 37 48.95 36.02 22.99
C VAL N 37 49.81 37.28 23.01
N ARG N 38 49.71 38.09 24.06
CA ARG N 38 50.50 39.31 24.13
C ARG N 38 51.36 39.33 25.38
N GLN N 39 52.47 40.06 25.28
CA GLN N 39 53.39 40.28 26.39
C GLN N 39 53.74 41.76 26.50
N ALA N 40 53.33 42.39 27.59
CA ALA N 40 53.65 43.79 27.76
C ALA N 40 55.18 43.90 27.91
N PRO N 41 55.78 45.03 27.53
CA PRO N 41 57.27 45.12 27.61
C PRO N 41 57.89 44.68 28.93
N GLY N 42 57.23 44.91 30.06
CA GLY N 42 57.74 44.51 31.36
C GLY N 42 57.00 43.40 32.07
N LYS N 43 56.09 42.68 31.39
CA LYS N 43 55.25 41.66 32.00
C LYS N 43 55.46 40.31 31.32
N GLY N 44 54.70 39.32 31.81
CA GLY N 44 54.71 37.98 31.25
C GLY N 44 53.71 37.84 30.13
N LEU N 45 53.45 36.59 29.76
CA LEU N 45 52.56 36.33 28.63
C LEU N 45 51.11 36.40 29.08
N GLU N 46 50.26 36.97 28.22
CA GLU N 46 48.82 37.02 28.44
C GLU N 46 48.09 36.53 27.20
N TRP N 47 47.14 35.61 27.38
CA TRP N 47 46.35 35.15 26.25
C TRP N 47 45.38 36.26 25.89
N VAL N 48 45.20 36.51 24.59
CA VAL N 48 44.30 37.56 24.10
C VAL N 48 43.08 36.98 23.40
N SER N 49 43.28 36.08 22.44
CA SER N 49 42.15 35.59 21.67
C SER N 49 42.43 34.21 21.10
N LEU N 50 41.35 33.51 20.76
CA LEU N 50 41.40 32.17 20.19
C LEU N 50 40.36 32.05 19.09
N ILE N 51 40.76 31.48 17.95
CA ILE N 51 39.87 31.20 16.84
C ILE N 51 40.05 29.73 16.46
N ASN N 52 38.96 29.05 16.14
CA ASN N 52 39.03 27.63 15.80
C ASN N 52 39.57 27.41 14.40
N ASP N 53 39.69 26.13 14.04
CA ASP N 53 40.30 25.74 12.77
C ASP N 53 39.48 26.20 11.57
N ARG N 54 38.16 26.34 11.71
CA ARG N 54 37.32 26.76 10.60
C ARG N 54 37.05 28.26 10.60
N GLY N 55 37.53 28.99 11.60
CA GLY N 55 37.27 30.41 11.66
C GLY N 55 35.87 30.83 12.05
N GLY N 56 35.10 29.97 12.72
CA GLY N 56 33.73 30.28 13.05
C GLY N 56 33.48 30.54 14.53
N LEU N 57 34.38 30.08 15.39
CA LEU N 57 34.27 30.25 16.84
C LEU N 57 35.41 31.14 17.31
N THR N 58 35.07 32.27 17.94
CA THR N 58 36.05 33.22 18.44
C THR N 58 35.85 33.45 19.92
N PHE N 59 36.96 33.51 20.66
CA PHE N 59 36.94 33.73 22.10
C PHE N 59 37.94 34.85 22.41
N TYR N 60 37.62 35.65 23.43
CA TYR N 60 38.45 36.77 23.82
C TYR N 60 38.54 36.86 25.34
N VAL N 61 39.60 37.51 25.83
CA VAL N 61 39.64 37.91 27.24
C VAL N 61 38.69 39.10 27.41
N ASP N 62 38.08 39.19 28.60
CA ASP N 62 37.13 40.26 28.89
C ASP N 62 37.71 41.64 28.59
N SER N 63 38.99 41.85 28.84
CA SER N 63 39.59 43.16 28.66
C SER N 63 39.59 43.62 27.20
N VAL N 64 39.40 42.71 26.25
CA VAL N 64 39.36 43.04 24.83
C VAL N 64 38.10 42.54 24.15
N LYS N 65 37.16 41.95 24.91
CA LYS N 65 36.06 41.19 24.31
C LYS N 65 35.22 42.04 23.37
N GLY N 66 35.01 43.30 23.70
CA GLY N 66 34.23 44.19 22.86
C GLY N 66 35.04 45.08 21.95
N ARG N 67 36.36 44.87 21.86
CA ARG N 67 37.24 45.75 21.09
C ARG N 67 38.02 45.02 20.00
N PHE N 68 38.44 43.78 20.23
CA PHE N 68 39.25 43.05 19.27
C PHE N 68 38.41 42.04 18.51
N THR N 69 38.74 41.86 17.23
CA THR N 69 38.15 40.84 16.38
C THR N 69 39.26 39.93 15.83
N ILE N 70 39.08 38.62 15.94
CA ILE N 70 40.04 37.64 15.43
C ILE N 70 39.40 37.00 14.20
N SER N 71 40.17 36.87 13.12
CA SER N 71 39.66 36.34 11.87
C SER N 71 40.71 35.52 11.15
N ARG N 72 40.25 34.61 10.29
CA ARG N 72 41.11 33.76 9.49
C ARG N 72 40.64 33.72 8.04
N ASP N 73 41.62 33.54 7.16
CA ASP N 73 41.38 33.28 5.75
C ASP N 73 42.21 32.04 5.46
N ASN N 74 41.53 30.90 5.31
CA ASN N 74 42.22 29.62 5.16
C ASN N 74 42.71 29.37 3.75
N SER N 75 42.36 30.24 2.79
CA SER N 75 42.85 30.08 1.43
C SER N 75 44.17 30.82 1.27
N LYS N 76 44.32 31.92 2.00
CA LYS N 76 45.49 32.75 2.01
C LYS N 76 46.46 32.36 3.12
N ASN N 77 46.10 31.36 3.94
CA ASN N 77 46.90 30.95 5.08
C ASN N 77 47.25 32.15 5.95
N THR N 78 46.24 32.99 6.21
CA THR N 78 46.44 34.24 6.94
C THR N 78 45.49 34.35 8.13
N LEU N 79 46.06 34.71 9.27
CA LEU N 79 45.35 34.99 10.51
C LEU N 79 45.44 36.49 10.72
N SER N 80 44.38 37.12 11.20
CA SER N 80 44.46 38.55 11.47
C SER N 80 43.72 38.90 12.74
N LEU N 81 44.12 40.03 13.32
CA LEU N 81 43.51 40.59 14.51
C LEU N 81 43.24 42.06 14.28
N GLN N 82 41.98 42.47 14.36
CA GLN N 82 41.58 43.85 14.19
C GLN N 82 41.40 44.42 15.59
N MET N 83 42.25 45.38 15.96
CA MET N 83 42.29 45.95 17.29
C MET N 83 41.67 47.34 17.22
N HIS N 84 40.49 47.51 17.82
CA HIS N 84 39.79 48.78 17.84
C HIS N 84 39.92 49.40 19.24
N SER N 85 39.75 50.72 19.30
CA SER N 85 39.74 51.48 20.56
C SER N 85 40.96 51.15 21.42
N LEU N 86 42.15 51.22 20.81
CA LEU N 86 43.38 50.86 21.52
C LEU N 86 43.58 51.70 22.77
N ARG N 87 43.96 51.02 23.85
CA ARG N 87 44.20 51.62 25.16
C ARG N 87 45.70 51.59 25.46
N ASP N 88 46.12 52.42 26.42
CA ASP N 88 47.53 52.43 26.79
C ASP N 88 47.95 51.07 27.36
N GLY N 89 47.01 50.36 27.99
CA GLY N 89 47.24 49.04 28.54
C GLY N 89 47.46 47.95 27.50
N ASP N 90 47.22 48.26 26.22
CA ASP N 90 47.40 47.32 25.13
C ASP N 90 48.78 47.35 24.50
N THR N 91 49.70 48.17 25.00
CA THR N 91 51.05 48.17 24.43
C THR N 91 51.70 46.84 24.78
N ALA N 92 52.13 46.11 23.76
CA ALA N 92 52.69 44.78 23.98
C ALA N 92 53.24 44.22 22.68
N VAL N 93 54.04 43.17 22.80
CA VAL N 93 54.39 42.37 21.63
C VAL N 93 53.28 41.33 21.51
N TYR N 94 52.66 41.27 20.34
CA TYR N 94 51.55 40.36 20.04
C TYR N 94 52.04 39.21 19.17
N TYR N 95 52.00 38.01 19.71
CA TYR N 95 52.46 36.80 19.04
C TYR N 95 51.23 36.07 18.53
N CYS N 96 51.36 35.48 17.35
CA CYS N 96 50.36 34.55 16.84
C CYS N 96 50.89 33.17 17.16
N ALA N 97 49.98 32.22 17.42
CA ALA N 97 50.42 30.88 17.70
C ALA N 97 49.43 29.85 17.20
N THR N 98 49.96 28.68 16.90
CA THR N 98 49.21 27.54 16.45
C THR N 98 48.91 26.71 17.68
N GLY N 99 47.64 26.40 17.87
CA GLY N 99 47.13 25.63 18.99
C GLY N 99 46.23 26.48 19.88
N GLY N 100 45.69 25.83 20.91
CA GLY N 100 44.76 26.42 21.85
C GLY N 100 43.42 25.73 21.92
N MET N 101 43.06 24.94 20.91
CA MET N 101 41.84 24.14 20.90
C MET N 101 41.95 23.25 19.68
N SER N 102 40.98 22.35 19.55
CA SER N 102 40.93 21.48 18.39
C SER N 102 39.49 21.04 18.19
N SER N 103 39.25 20.41 17.05
CA SER N 103 37.95 19.86 16.72
C SER N 103 37.64 18.66 17.60
N ALA N 104 36.34 18.38 17.76
CA ALA N 104 35.92 17.26 18.60
C ALA N 104 36.39 15.93 18.01
N LEU N 105 36.78 15.92 16.75
CA LEU N 105 37.24 14.75 16.04
C LEU N 105 38.77 14.64 16.09
N GLN N 106 39.43 15.58 16.76
CA GLN N 106 40.88 15.66 16.91
C GLN N 106 41.24 15.50 18.38
N SER N 107 42.51 15.18 18.62
CA SER N 107 43.01 15.11 19.99
C SER N 107 43.03 16.51 20.59
N SER N 108 42.96 16.57 21.92
CA SER N 108 42.98 17.86 22.60
C SER N 108 44.28 18.61 22.30
N LYS N 109 44.15 19.92 22.14
CA LYS N 109 45.29 20.81 21.91
C LYS N 109 45.22 22.03 22.80
N TYR N 110 45.07 21.85 24.11
CA TYR N 110 44.94 23.00 25.01
C TYR N 110 46.32 23.52 25.41
N TYR N 111 47.04 23.92 24.38
CA TYR N 111 48.41 24.42 24.47
C TYR N 111 48.70 25.15 23.15
N PHE N 112 49.79 25.89 23.13
CA PHE N 112 50.21 26.63 21.94
C PHE N 112 51.40 25.89 21.33
N ASP N 113 51.12 25.18 20.23
CA ASP N 113 52.09 24.26 19.65
C ASP N 113 53.22 24.99 18.92
N PHE N 114 52.90 26.07 18.19
CA PHE N 114 53.91 26.83 17.48
C PHE N 114 53.71 28.32 17.72
N TRP N 115 54.82 29.07 17.75
CA TRP N 115 54.80 30.50 17.97
C TRP N 115 55.54 31.24 16.86
N GLY N 116 55.09 32.46 16.57
CA GLY N 116 55.77 33.36 15.67
C GLY N 116 56.76 34.17 16.48
N GLN N 117 57.25 35.27 15.87
CA GLN N 117 58.25 36.09 16.56
C GLN N 117 57.66 37.34 17.19
N GLY N 118 56.50 37.79 16.74
CA GLY N 118 55.77 38.88 17.36
C GLY N 118 55.81 40.27 16.75
N ALA N 119 54.64 40.88 16.63
CA ALA N 119 54.52 42.25 16.15
C ALA N 119 54.51 43.15 17.37
N LEU N 120 55.15 44.31 17.31
CA LEU N 120 55.13 45.23 18.44
C LEU N 120 54.05 46.29 18.22
N VAL N 121 53.12 46.36 19.16
CA VAL N 121 52.02 47.32 19.13
C VAL N 121 52.29 48.32 20.24
N THR N 122 52.43 49.61 19.89
CA THR N 122 52.68 50.67 20.86
C THR N 122 51.50 51.63 20.79
N VAL N 123 50.93 51.95 21.96
CA VAL N 123 49.82 52.89 22.06
C VAL N 123 50.31 54.10 22.84
N SER N 124 50.30 55.26 22.19
CA SER N 124 50.84 56.50 22.75
C SER N 124 50.74 57.62 21.72
N ALA O 3 45.54 35.34 37.10
CA ALA O 3 46.90 34.89 36.86
C ALA O 3 47.28 33.76 37.81
N LEU O 4 48.32 33.02 37.46
CA LEU O 4 48.87 31.96 38.28
C LEU O 4 50.03 32.49 39.09
N THR O 5 50.30 31.84 40.23
CA THR O 5 51.38 32.23 41.12
C THR O 5 52.59 31.37 40.82
N GLN O 6 53.73 32.02 40.54
CA GLN O 6 54.97 31.34 40.21
C GLN O 6 56.07 32.25 40.76
N PRO O 7 57.07 31.72 41.49
CA PRO O 7 58.06 32.62 42.08
C PRO O 7 59.01 33.16 41.01
N PRO O 8 59.53 34.38 41.19
CA PRO O 8 60.63 34.85 40.35
C PRO O 8 61.99 34.37 40.82
N SER O 9 62.99 34.61 39.97
CA SER O 9 64.41 34.47 40.29
C SER O 9 64.79 33.11 40.89
N VAL O 10 64.29 32.04 40.30
CA VAL O 10 64.69 30.69 40.71
C VAL O 10 66.01 30.40 39.98
N SER O 11 66.97 29.82 40.69
CA SER O 11 68.27 29.51 40.09
C SER O 11 68.80 28.18 40.58
N GLY O 12 69.64 27.58 39.74
CA GLY O 12 70.33 26.32 40.00
C GLY O 12 71.84 26.42 39.90
N SER O 13 72.46 25.37 39.36
CA SER O 13 73.90 25.24 39.23
C SER O 13 74.16 24.21 38.14
N PRO O 14 75.17 24.38 37.29
CA PRO O 14 75.38 23.44 36.17
C PRO O 14 75.44 21.99 36.62
N GLY O 15 74.70 21.14 35.91
CA GLY O 15 74.65 19.72 36.20
C GLY O 15 73.69 19.32 37.30
N GLN O 16 73.03 20.28 37.96
CA GLN O 16 72.13 20.00 39.07
C GLN O 16 70.68 20.05 38.60
N SER O 17 69.77 19.75 39.51
CA SER O 17 68.33 19.75 39.25
C SER O 17 67.66 20.95 39.92
N VAL O 18 66.79 21.63 39.17
CA VAL O 18 66.04 22.78 39.67
C VAL O 18 64.56 22.56 39.39
N THR O 19 63.71 23.03 40.30
CA THR O 19 62.26 22.94 40.15
C THR O 19 61.63 24.33 40.13
N ILE O 20 60.80 24.58 39.12
CA ILE O 20 60.02 25.82 38.97
C ILE O 20 58.58 25.42 39.28
N SER O 21 58.01 26.01 40.33
CA SER O 21 56.68 25.62 40.80
C SER O 21 55.65 26.72 40.54
N CYS O 22 54.59 26.34 39.82
CA CYS O 22 53.50 27.21 39.42
C CYS O 22 52.27 26.82 40.23
N THR O 23 51.76 27.74 41.04
CA THR O 23 50.62 27.50 41.92
C THR O 23 49.40 28.24 41.37
N GLY O 24 48.31 27.51 41.18
CA GLY O 24 47.06 28.04 40.70
C GLY O 24 45.97 27.87 41.72
N THR O 25 44.73 27.67 41.23
CA THR O 25 43.56 27.53 42.09
C THR O 25 42.80 26.25 41.73
N SER O 26 41.65 26.04 42.36
CA SER O 26 40.88 24.82 42.17
C SER O 26 40.06 24.81 40.88
N SER O 27 39.90 25.95 40.23
CA SER O 27 39.15 26.04 38.99
C SER O 27 39.99 25.83 37.74
N ASP O 28 41.33 25.87 37.84
CA ASP O 28 42.20 25.72 36.68
C ASP O 28 43.21 24.57 36.80
N ILE O 29 44.33 24.73 37.50
CA ILE O 29 45.31 23.64 37.59
C ILE O 29 44.71 22.42 38.28
N GLY O 30 43.89 22.65 39.30
CA GLY O 30 43.26 21.57 40.03
C GLY O 30 42.04 20.95 39.40
N SER O 31 41.57 21.45 38.26
CA SER O 31 40.36 20.94 37.61
C SER O 31 40.62 20.27 36.27
N TYR O 32 41.64 20.69 35.52
CA TYR O 32 41.93 20.12 34.21
C TYR O 32 43.41 19.75 34.15
N ASN O 33 43.71 18.64 33.48
CA ASN O 33 45.10 18.22 33.26
C ASN O 33 45.67 18.83 31.98
N TYR O 34 45.65 20.18 31.91
CA TYR O 34 46.16 20.90 30.74
C TYR O 34 47.02 22.07 31.22
N VAL O 35 48.22 21.77 31.71
CA VAL O 35 49.13 22.78 32.25
C VAL O 35 50.41 22.73 31.41
N SER O 36 50.64 23.78 30.63
CA SER O 36 51.76 23.81 29.70
C SER O 36 52.88 24.68 30.27
N TRP O 37 54.11 24.39 29.85
CA TRP O 37 55.29 25.16 30.22
C TRP O 37 55.97 25.65 28.95
N TYR O 38 56.42 26.91 28.99
CA TYR O 38 57.09 27.57 27.89
C TYR O 38 58.44 28.13 28.34
N GLN O 39 59.41 28.09 27.43
CA GLN O 39 60.76 28.63 27.65
C GLN O 39 60.99 29.77 26.68
N GLN O 40 61.13 31.00 27.21
CA GLN O 40 61.32 32.21 26.41
C GLN O 40 62.69 32.80 26.66
N HIS O 41 63.55 32.77 25.65
CA HIS O 41 64.84 33.43 25.83
C HIS O 41 64.62 34.93 25.63
N PRO O 42 65.26 35.80 26.41
CA PRO O 42 65.02 37.24 26.21
C PRO O 42 65.25 37.66 24.77
N GLY O 43 64.30 38.45 24.25
CA GLY O 43 64.37 38.94 22.89
C GLY O 43 63.71 38.02 21.87
N LYS O 44 63.32 36.81 22.27
CA LYS O 44 62.71 35.81 21.41
C LYS O 44 61.31 35.44 21.90
N ALA O 45 60.53 34.86 20.99
CA ALA O 45 59.24 34.31 21.33
C ALA O 45 59.38 33.06 22.21
N PRO O 46 58.38 32.76 23.04
CA PRO O 46 58.45 31.53 23.83
C PRO O 46 58.34 30.27 22.99
N LYS O 47 59.05 29.25 23.43
CA LYS O 47 59.02 27.91 22.84
C LYS O 47 58.19 27.01 23.76
N LEU O 48 57.38 26.13 23.18
CA LEU O 48 56.65 25.17 24.00
C LEU O 48 57.60 24.08 24.48
N MET O 49 57.59 23.85 25.79
CA MET O 49 58.42 22.82 26.41
C MET O 49 57.61 21.65 26.91
N ILE O 50 56.47 21.90 27.56
CA ILE O 50 55.62 20.85 28.11
C ILE O 50 54.18 21.19 27.79
N TYR O 51 53.38 20.15 27.53
CA TYR O 51 51.96 20.30 27.29
C TYR O 51 51.23 19.19 28.03
N ASP O 52 49.93 19.38 28.21
CA ASP O 52 49.09 18.50 29.04
C ASP O 52 49.71 18.63 30.43
N VAL O 53 50.26 17.57 31.03
CA VAL O 53 50.95 17.67 32.32
C VAL O 53 52.38 17.18 32.21
N THR O 54 52.57 16.00 31.60
CA THR O 54 53.87 15.34 31.53
C THR O 54 54.42 15.17 30.13
N GLN O 55 53.77 15.72 29.10
CA GLN O 55 54.16 15.46 27.73
C GLN O 55 55.15 16.52 27.23
N ARG O 56 56.04 16.10 26.32
CA ARG O 56 56.99 16.99 25.67
C ARG O 56 56.77 17.04 24.16
N PRO O 57 56.90 18.21 23.52
CA PRO O 57 56.89 18.21 22.05
C PRO O 57 58.11 17.49 21.52
N SER O 58 57.99 16.93 20.32
CA SER O 58 59.16 16.32 19.69
C SER O 58 60.21 17.40 19.49
N GLY O 59 61.47 17.05 19.73
CA GLY O 59 62.57 17.98 19.60
C GLY O 59 63.01 18.60 20.91
N VAL O 60 62.23 18.39 21.98
CA VAL O 60 62.54 18.91 23.31
C VAL O 60 63.20 17.79 24.11
N SER O 61 64.34 18.12 24.74
CA SER O 61 65.12 17.17 25.50
C SER O 61 64.32 16.65 26.70
N ASP O 62 64.66 15.44 27.12
CA ASP O 62 63.97 14.75 28.21
C ASP O 62 64.44 15.22 29.59
N ARG O 63 65.25 16.26 29.65
CA ARG O 63 65.66 16.86 30.91
C ARG O 63 64.55 17.73 31.51
N PHE O 64 63.53 18.07 30.72
CA PHE O 64 62.42 18.91 31.15
C PHE O 64 61.25 17.99 31.47
N SER O 65 60.95 17.82 32.75
CA SER O 65 59.93 16.87 33.22
C SER O 65 58.86 17.60 34.02
N GLY O 66 57.61 17.51 33.57
CA GLY O 66 56.52 18.17 34.22
C GLY O 66 55.83 17.26 35.22
N SER O 67 55.14 17.87 36.18
CA SER O 67 54.34 17.12 37.13
C SER O 67 53.26 18.01 37.71
N LYS O 68 52.27 17.39 38.34
CA LYS O 68 51.19 18.11 39.00
C LYS O 68 50.73 17.36 40.24
N SER O 69 50.46 18.12 41.30
CA SER O 69 49.91 17.58 42.54
C SER O 69 48.96 18.63 43.11
N GLY O 70 47.72 18.23 43.37
CA GLY O 70 46.75 19.18 43.90
C GLY O 70 46.55 20.31 42.90
N ASN O 71 46.72 21.54 43.39
CA ASN O 71 46.57 22.73 42.57
C ASN O 71 47.92 23.31 42.17
N THR O 72 49.02 22.57 42.37
CA THR O 72 50.36 23.05 42.05
C THR O 72 51.00 22.16 40.98
N ALA O 73 51.54 22.80 39.96
CA ALA O 73 52.23 22.14 38.86
C ALA O 73 53.69 22.54 38.91
N SER O 74 54.58 21.69 38.42
CA SER O 74 55.99 22.06 38.44
C SER O 74 56.73 21.53 37.22
N LEU O 75 57.82 22.23 36.93
CA LEU O 75 58.79 21.91 35.88
C LEU O 75 60.12 21.57 36.54
N THR O 76 60.61 20.36 36.33
CA THR O 76 61.90 19.95 36.86
C THR O 76 62.87 19.90 35.70
N ILE O 77 63.99 20.60 35.83
CA ILE O 77 65.04 20.62 34.84
C ILE O 77 66.24 19.95 35.49
N SER O 78 66.62 18.79 34.97
CA SER O 78 67.67 17.95 35.52
C SER O 78 68.88 18.00 34.59
N GLY O 79 70.01 18.49 35.09
CA GLY O 79 71.20 18.61 34.26
C GLY O 79 71.29 19.95 33.57
N LEU O 80 71.20 21.03 34.34
CA LEU O 80 71.15 22.37 33.78
C LEU O 80 72.36 22.68 32.90
N GLN O 81 72.08 23.26 31.74
CA GLN O 81 73.06 23.66 30.74
C GLN O 81 73.14 25.18 30.71
N ALA O 82 74.25 25.69 30.17
CA ALA O 82 74.37 27.13 29.99
C ALA O 82 73.27 27.67 29.09
N ASP O 83 72.80 26.86 28.14
CA ASP O 83 71.79 27.27 27.18
C ASP O 83 70.37 27.21 27.75
N ASP O 84 70.22 26.83 29.01
CA ASP O 84 68.92 26.77 29.68
C ASP O 84 68.54 28.07 30.38
N GLU O 85 69.38 29.09 30.33
CA GLU O 85 69.04 30.35 30.99
C GLU O 85 67.92 31.01 30.20
N ALA O 86 66.76 31.18 30.83
CA ALA O 86 65.60 31.69 30.10
C ALA O 86 64.51 32.07 31.08
N ASP O 87 63.52 32.81 30.58
CA ASP O 87 62.31 33.09 31.35
C ASP O 87 61.29 31.99 31.08
N TYR O 88 60.92 31.25 32.10
CA TYR O 88 59.97 30.15 32.00
C TYR O 88 58.59 30.62 32.44
N TYR O 89 57.57 30.18 31.69
CA TYR O 89 56.19 30.52 31.98
C TYR O 89 55.35 29.25 32.08
N CYS O 90 54.34 29.32 32.93
CA CYS O 90 53.32 28.29 33.07
C CYS O 90 52.01 28.84 32.56
N SER O 91 51.17 27.96 32.02
CA SER O 91 49.82 28.36 31.66
C SER O 91 48.90 27.18 31.90
N ALA O 92 47.63 27.49 32.18
CA ALA O 92 46.63 26.45 32.36
C ALA O 92 45.32 26.82 31.71
N TYR O 93 44.66 25.80 31.18
CA TYR O 93 43.29 25.94 30.66
C TYR O 93 42.38 26.09 31.86
N ALA O 94 41.46 27.06 31.82
CA ALA O 94 40.60 27.32 32.98
C ALA O 94 39.12 27.43 32.62
N GLY O 95 38.63 26.67 31.65
CA GLY O 95 37.21 26.68 31.34
C GLY O 95 36.89 27.36 30.01
N ARG O 96 35.59 27.67 29.86
CA ARG O 96 35.05 28.28 28.65
C ARG O 96 34.76 29.77 28.83
N GLN O 97 34.60 30.24 30.06
CA GLN O 97 34.30 31.65 30.29
C GLN O 97 35.58 32.45 30.09
N THR O 98 36.71 31.83 30.44
CA THR O 98 38.05 32.31 30.26
C THR O 98 38.75 31.11 29.65
N PHE O 99 40.00 31.25 29.21
CA PHE O 99 40.68 30.09 28.63
C PHE O 99 42.06 29.81 29.20
N TYR O 100 43.06 30.61 28.88
CA TYR O 100 44.42 30.34 29.33
C TYR O 100 44.87 31.40 30.32
N ILE O 101 45.24 30.93 31.51
CA ILE O 101 45.70 31.80 32.59
C ILE O 101 47.19 31.52 32.71
N PHE O 102 48.00 32.57 32.55
CA PHE O 102 49.45 32.47 32.64
C PHE O 102 49.93 32.96 34.01
N GLY O 103 51.05 32.42 34.45
CA GLY O 103 51.71 32.90 35.65
C GLY O 103 52.76 33.93 35.31
N GLY O 104 53.43 34.42 36.35
CA GLY O 104 54.51 35.35 36.11
C GLY O 104 55.72 34.58 35.63
N GLY O 105 56.62 35.23 34.92
CA GLY O 105 57.79 34.51 34.44
C GLY O 105 58.83 34.33 35.52
N THR O 106 59.48 33.17 35.46
CA THR O 106 60.61 32.83 36.32
C THR O 106 61.87 32.95 35.48
N ARG O 107 62.78 33.83 35.86
CA ARG O 107 64.02 33.97 35.09
C ARG O 107 65.01 33.00 35.71
N LEU O 108 65.31 31.93 34.96
CA LEU O 108 66.19 30.87 35.43
C LEU O 108 67.59 31.14 34.92
N THR O 109 68.54 31.19 35.84
CA THR O 109 69.95 31.38 35.56
C THR O 109 70.69 30.12 35.98
N VAL O 110 71.90 29.96 35.45
CA VAL O 110 72.68 28.76 35.69
C VAL O 110 74.13 29.17 35.92
N VAL P 7 17.80 14.57 -6.05
CA VAL P 7 18.71 14.71 -4.92
C VAL P 7 19.87 13.71 -4.99
N PHE P 8 20.03 13.01 -6.12
CA PHE P 8 21.08 12.02 -6.28
C PHE P 8 22.37 12.68 -6.78
N LEU P 9 22.85 13.63 -5.98
CA LEU P 9 24.05 14.41 -6.30
C LEU P 9 25.00 14.28 -5.12
N GLY P 10 26.13 13.61 -5.33
CA GLY P 10 27.07 13.39 -4.26
C GLY P 10 26.72 12.22 -3.36
N PHE P 11 25.64 11.51 -3.64
CA PHE P 11 25.20 10.41 -2.79
C PHE P 11 26.26 9.32 -2.72
N LEU P 12 26.69 9.02 -1.50
CA LEU P 12 27.75 8.09 -1.18
C LEU P 12 29.11 8.49 -1.75
N GLY P 13 29.26 9.73 -2.23
CA GLY P 13 30.54 10.15 -2.78
C GLY P 13 31.66 10.08 -1.76
N ALA P 14 31.33 10.29 -0.49
CA ALA P 14 32.27 10.27 0.61
C ALA P 14 32.46 8.88 1.19
N ALA P 15 31.83 7.85 0.59
CA ALA P 15 31.93 6.50 1.13
C ALA P 15 33.37 6.03 1.25
N GLY P 16 34.24 6.45 0.33
CA GLY P 16 35.64 6.09 0.39
C GLY P 16 36.49 7.12 1.09
N SER P 17 35.89 8.17 1.61
CA SER P 17 36.58 9.26 2.29
C SER P 17 36.73 8.89 3.76
N THR P 18 37.56 9.64 4.47
CA THR P 18 37.73 9.32 5.88
C THR P 18 36.48 9.74 6.63
N MET P 19 36.34 9.22 7.86
CA MET P 19 35.14 9.51 8.65
C MET P 19 34.98 11.01 8.88
N GLY P 20 36.08 11.72 9.09
CA GLY P 20 35.98 13.16 9.28
C GLY P 20 35.45 13.85 8.05
N ALA P 21 36.10 13.62 6.90
CA ALA P 21 35.67 14.21 5.65
C ALA P 21 34.25 13.79 5.28
N ALA P 22 33.89 12.56 5.62
CA ALA P 22 32.58 12.00 5.30
C ALA P 22 31.49 12.45 6.25
N SER P 23 31.81 13.21 7.29
CA SER P 23 30.80 13.69 8.24
C SER P 23 30.22 15.03 7.83
N MET P 24 30.73 15.64 6.76
CA MET P 24 30.26 16.92 6.25
C MET P 24 29.25 16.76 5.13
N THR P 25 28.92 15.52 4.77
CA THR P 25 28.02 15.16 3.68
C THR P 25 26.79 14.40 4.19
N LEU P 26 26.49 14.51 5.49
CA LEU P 26 25.40 13.73 6.06
C LEU P 26 24.05 14.08 5.44
N THR P 27 23.87 15.31 4.98
CA THR P 27 22.57 15.65 4.42
C THR P 27 22.41 15.10 3.02
N VAL P 28 23.52 14.72 2.39
CA VAL P 28 23.48 14.22 1.03
C VAL P 28 22.87 12.82 1.05
N GLN P 29 23.30 12.00 2.01
CA GLN P 29 22.75 10.66 2.14
C GLN P 29 21.38 10.73 2.78
N ALA P 30 21.20 11.63 3.76
CA ALA P 30 19.91 11.74 4.45
C ALA P 30 18.78 12.05 3.47
N ARG P 31 19.06 12.89 2.46
CA ARG P 31 18.02 13.25 1.49
C ARG P 31 17.66 12.10 0.55
N ASN P 32 18.47 11.05 0.49
CA ASN P 32 18.25 9.92 -0.40
C ASN P 32 17.72 8.69 0.31
N LEU P 33 17.29 8.83 1.56
CA LEU P 33 16.72 7.73 2.33
C LEU P 33 15.21 7.69 2.22
N LEU P 34 14.60 8.84 1.99
CA LEU P 34 13.16 9.01 1.99
C LEU P 34 12.72 9.34 0.57
N SER P 35 11.88 8.47 0.00
CA SER P 35 11.33 8.51 -1.37
C SER P 35 11.94 9.51 -2.36
N THR P 58 -3.55 -5.46 -9.63
CA THR P 58 -2.29 -5.16 -10.28
C THR P 58 -1.16 -5.40 -9.30
N VAL P 59 -0.46 -6.54 -9.48
CA VAL P 59 0.63 -6.89 -8.57
C VAL P 59 1.77 -5.88 -8.64
N TRP P 60 1.97 -5.28 -9.81
CA TRP P 60 3.04 -4.27 -9.94
C TRP P 60 2.75 -3.05 -9.08
N GLY P 61 1.49 -2.79 -8.80
CA GLY P 61 1.12 -1.65 -8.00
C GLY P 61 1.14 -1.96 -6.52
N ILE P 62 1.40 -3.21 -6.14
CA ILE P 62 1.46 -3.63 -4.75
C ILE P 62 2.89 -3.79 -4.28
N LYS P 63 3.70 -4.52 -5.05
CA LYS P 63 5.08 -4.78 -4.64
C LYS P 63 5.87 -3.50 -4.50
N GLN P 64 5.69 -2.57 -5.43
CA GLN P 64 6.46 -1.34 -5.34
C GLN P 64 5.89 -0.47 -4.25
N LEU P 65 4.59 -0.62 -4.00
CA LEU P 65 3.98 0.15 -2.92
C LEU P 65 4.50 -0.38 -1.60
N GLN P 66 4.68 -1.71 -1.51
CA GLN P 66 5.23 -2.26 -0.29
C GLN P 66 6.64 -1.74 -0.08
N ALA P 67 7.40 -1.60 -1.17
CA ALA P 67 8.75 -1.06 -1.04
C ALA P 67 8.71 0.36 -0.53
N ARG P 68 7.74 1.14 -1.01
CA ARG P 68 7.65 2.52 -0.54
C ARG P 68 7.28 2.54 0.93
N VAL P 69 6.35 1.67 1.33
CA VAL P 69 5.97 1.63 2.73
C VAL P 69 7.16 1.17 3.56
N LEU P 70 7.90 0.18 3.06
CA LEU P 70 9.05 -0.29 3.80
C LEU P 70 10.06 0.83 3.99
N ALA P 71 10.31 1.60 2.93
CA ALA P 71 11.28 2.69 3.06
C ALA P 71 10.84 3.68 4.12
N VAL P 72 9.54 3.96 4.18
CA VAL P 72 9.03 4.88 5.18
C VAL P 72 9.23 4.29 6.56
N GLU P 73 8.91 3.01 6.72
CA GLU P 73 9.06 2.40 8.02
C GLU P 73 10.51 2.39 8.45
N ARG P 74 11.43 2.12 7.52
CA ARG P 74 12.82 2.09 7.92
C ARG P 74 13.28 3.48 8.35
N TYR P 75 12.84 4.49 7.61
CA TYR P 75 13.20 5.86 7.95
C TYR P 75 12.69 6.18 9.34
N LEU P 76 11.42 5.88 9.59
CA LEU P 76 10.86 6.24 10.87
C LEU P 76 11.51 5.46 12.00
N ARG P 77 11.89 4.20 11.78
CA ARG P 77 12.53 3.48 12.87
C ARG P 77 13.85 4.13 13.25
N ASP P 78 14.60 4.62 12.27
CA ASP P 78 15.83 5.29 12.64
C ASP P 78 15.52 6.61 13.31
N GLN P 79 14.47 7.28 12.85
CA GLN P 79 14.08 8.52 13.48
C GLN P 79 13.58 8.25 14.88
N GLN P 80 12.91 7.10 15.07
CA GLN P 80 12.44 6.78 16.40
C GLN P 80 13.61 6.58 17.34
N LEU P 81 14.68 5.93 16.88
CA LEU P 81 15.83 5.80 17.76
C LEU P 81 16.41 7.16 18.06
N LEU P 82 16.84 7.86 17.03
CA LEU P 82 17.46 9.19 17.23
C LEU P 82 16.67 9.95 18.29
N GLY P 83 15.34 9.95 18.23
CA GLY P 83 14.46 10.58 19.25
C GLY P 83 14.55 9.97 20.64
N ILE P 84 14.64 8.64 20.74
CA ILE P 84 14.73 7.93 22.05
C ILE P 84 16.02 8.38 22.73
N TRP P 85 17.13 8.55 22.00
CA TRP P 85 18.33 9.23 22.52
C TRP P 85 17.95 10.70 22.32
N GLY P 86 18.48 11.69 23.00
CA GLY P 86 17.92 13.03 22.71
C GLY P 86 18.60 13.61 21.49
N CYS P 87 18.48 12.93 20.36
CA CYS P 87 19.20 13.34 19.12
C CYS P 87 18.19 13.72 18.03
N SER P 88 16.93 13.89 18.41
CA SER P 88 15.85 14.22 17.46
C SER P 88 16.16 15.51 16.70
N GLY P 89 15.86 15.52 15.40
CA GLY P 89 16.13 16.68 14.58
C GLY P 89 17.59 16.99 14.36
N LYS P 90 18.50 16.10 14.73
CA LYS P 90 19.92 16.32 14.59
C LYS P 90 20.56 15.23 13.73
N LEU P 91 21.57 15.64 12.96
CA LEU P 91 22.40 14.70 12.21
C LEU P 91 23.67 14.35 12.96
N ILE P 92 24.17 15.27 13.78
CA ILE P 92 25.31 15.04 14.64
C ILE P 92 24.79 15.34 16.03
N CYS P 93 24.87 14.35 16.94
CA CYS P 93 24.32 14.51 18.27
C CYS P 93 25.25 13.89 19.30
N CYS P 94 25.56 14.66 20.33
CA CYS P 94 26.46 14.24 21.39
C CYS P 94 25.66 13.81 22.60
N THR P 95 26.22 12.86 23.36
CA THR P 95 25.62 12.38 24.61
C THR P 95 26.64 12.32 25.74
N ASN P 96 26.15 11.79 26.86
CA ASN P 96 26.87 11.58 28.11
C ASN P 96 27.26 10.12 28.32
N VAL P 97 27.28 9.32 27.27
CA VAL P 97 27.69 7.92 27.36
C VAL P 97 29.17 7.86 27.04
N PRO P 98 30.04 7.46 27.99
CA PRO P 98 31.47 7.39 27.70
C PRO P 98 31.77 6.30 26.67
N TRP P 99 32.86 6.50 25.93
CA TRP P 99 33.29 5.46 25.01
C TRP P 99 34.11 4.45 25.80
N ASN P 100 33.77 3.19 25.64
CA ASN P 100 34.47 2.07 26.27
C ASN P 100 35.58 1.56 25.37
N SER P 101 36.80 1.49 25.92
CA SER P 101 37.94 1.03 25.15
C SER P 101 37.81 -0.43 24.73
N SER P 102 36.89 -1.18 25.34
CA SER P 102 36.64 -2.55 24.93
C SER P 102 35.90 -2.61 23.59
N TRP P 103 35.24 -1.51 23.20
CA TRP P 103 34.53 -1.47 21.93
C TRP P 103 35.52 -1.15 20.81
N SER P 104 36.36 -0.16 21.04
CA SER P 104 37.44 0.20 20.15
C SER P 104 38.50 0.95 20.96
N ASN P 105 39.77 0.74 20.60
CA ASN P 105 40.89 1.36 21.31
C ASN P 105 41.67 2.32 20.42
N ARG P 106 41.32 2.41 19.14
CA ARG P 106 41.93 3.29 18.14
C ARG P 106 41.90 4.73 18.62
N ASN P 107 42.78 5.58 18.10
CA ASN P 107 42.86 6.95 18.57
C ASN P 107 41.84 7.76 17.77
N LEU P 108 41.92 9.08 17.83
CA LEU P 108 40.98 9.94 17.12
C LEU P 108 41.48 10.22 15.73
N SER P 109 42.80 10.06 15.51
CA SER P 109 43.42 10.23 14.21
C SER P 109 43.27 8.97 13.38
N GLU P 110 43.16 7.82 14.04
CA GLU P 110 43.02 6.52 13.39
C GLU P 110 41.57 6.19 13.08
N ILE P 111 40.65 7.10 13.40
CA ILE P 111 39.21 6.92 13.22
C ILE P 111 38.68 7.97 12.27
N TRP P 112 39.08 9.22 12.46
CA TRP P 112 38.50 10.35 11.74
C TRP P 112 39.39 10.85 10.62
N ASP P 113 40.64 10.40 10.57
CA ASP P 113 41.62 10.91 9.62
C ASP P 113 42.26 9.79 8.80
N ASN P 114 42.12 8.53 9.22
CA ASN P 114 42.77 7.39 8.57
C ASN P 114 41.83 6.20 8.45
N MET P 115 40.52 6.40 8.59
CA MET P 115 39.55 5.31 8.48
C MET P 115 38.26 5.84 7.85
N THR P 116 37.57 4.96 7.13
CA THR P 116 36.29 5.27 6.51
C THR P 116 35.15 4.73 7.38
N TRP P 117 33.94 5.18 7.07
CA TRP P 117 32.78 4.71 7.83
C TRP P 117 32.46 3.25 7.56
N LEU P 118 32.79 2.73 6.38
CA LEU P 118 32.55 1.31 6.12
C LEU P 118 33.46 0.45 6.98
N GLN P 119 34.73 0.84 7.09
CA GLN P 119 35.68 0.10 7.91
C GLN P 119 35.29 0.19 9.37
N TRP P 120 34.89 1.38 9.81
CA TRP P 120 34.46 1.55 11.19
C TRP P 120 33.22 0.71 11.49
N ASP P 121 32.24 0.73 10.59
CA ASP P 121 31.02 -0.04 10.80
C ASP P 121 31.33 -1.51 10.92
N LYS P 122 32.30 -1.99 10.14
CA LYS P 122 32.67 -3.40 10.25
C LYS P 122 33.37 -3.66 11.59
N GLU P 123 34.23 -2.74 12.01
CA GLU P 123 34.95 -2.88 13.27
C GLU P 123 34.02 -2.86 14.48
N ILE P 124 32.98 -2.00 14.45
CA ILE P 124 32.11 -1.79 15.61
C ILE P 124 30.80 -2.57 15.53
N SER P 125 30.60 -3.40 14.50
CA SER P 125 29.32 -4.06 14.31
C SER P 125 28.93 -4.98 15.47
N ASN P 126 29.89 -5.50 16.23
CA ASN P 126 29.57 -6.37 17.35
C ASN P 126 29.11 -5.63 18.59
N TYR P 127 29.20 -4.29 18.61
CA TYR P 127 28.89 -3.49 19.79
C TYR P 127 27.71 -2.55 19.59
N THR P 128 27.11 -2.50 18.40
CA THR P 128 26.09 -1.50 18.14
C THR P 128 24.83 -1.74 18.96
N GLN P 129 24.57 -2.97 19.39
CA GLN P 129 23.39 -3.23 20.20
C GLN P 129 23.65 -2.99 21.67
N ILE P 130 24.91 -2.74 22.04
CA ILE P 130 25.25 -2.40 23.41
C ILE P 130 25.22 -0.90 23.59
N ILE P 131 25.82 -0.21 22.62
CA ILE P 131 25.92 1.24 22.63
C ILE P 131 24.52 1.83 22.57
N TYR P 132 23.69 1.29 21.66
CA TYR P 132 22.33 1.79 21.53
C TYR P 132 21.57 1.61 22.83
N GLY P 133 21.80 0.49 23.51
CA GLY P 133 21.13 0.29 24.79
C GLY P 133 21.57 1.33 25.78
N LEU P 134 22.86 1.64 25.80
CA LEU P 134 23.34 2.68 26.71
C LEU P 134 22.76 4.02 26.32
N LEU P 135 22.55 4.24 25.02
CA LEU P 135 21.96 5.49 24.58
C LEU P 135 20.50 5.60 25.02
N GLU P 136 19.77 4.49 24.96
CA GLU P 136 18.35 4.45 25.35
C GLU P 136 18.10 4.07 26.80
N GLU P 137 18.74 2.99 27.27
CA GLU P 137 18.42 2.35 28.53
C GLU P 137 19.20 2.91 29.72
N SER P 138 20.07 3.90 29.50
CA SER P 138 20.82 4.48 30.59
C SER P 138 20.68 6.00 30.47
N GLN P 139 21.31 6.59 29.48
CA GLN P 139 21.19 8.03 29.31
C GLN P 139 19.83 8.33 28.66
N ASN P 140 19.53 9.61 28.53
CA ASN P 140 18.26 10.13 28.04
C ASN P 140 17.11 9.83 28.99
N GLN P 141 16.89 8.57 29.38
CA GLN P 141 15.86 8.31 30.36
C GLN P 141 16.21 9.00 31.67
N GLN P 142 17.49 8.91 32.04
CA GLN P 142 17.95 9.60 33.23
C GLN P 142 17.94 11.10 32.99
N GLU P 143 18.34 11.52 31.79
CA GLU P 143 18.36 12.94 31.47
C GLU P 143 16.95 13.52 31.52
N LYS P 144 15.98 12.78 30.97
CA LYS P 144 14.61 13.27 30.97
C LYS P 144 14.05 13.34 32.38
N ASN P 145 14.37 12.36 33.22
CA ASN P 145 13.88 12.46 34.60
C ASN P 145 14.58 13.58 35.36
N GLU P 146 15.87 13.81 35.07
CA GLU P 146 16.59 14.88 35.72
C GLU P 146 16.06 16.24 35.29
N GLN P 147 15.71 16.39 34.01
CA GLN P 147 15.14 17.65 33.55
C GLN P 147 13.77 17.85 34.17
N ASP P 148 13.02 16.76 34.32
CA ASP P 148 11.70 16.82 34.92
C ASP P 148 11.82 17.26 36.38
N LEU P 149 12.88 16.82 37.06
CA LEU P 149 13.12 17.20 38.45
C LEU P 149 13.78 18.56 38.62
N LEU P 150 14.48 19.07 37.61
CA LEU P 150 15.02 20.42 37.71
C LEU P 150 13.96 21.47 37.40
N ALA P 151 12.99 21.12 36.56
CA ALA P 151 11.92 22.04 36.21
C ALA P 151 10.91 22.27 37.32
N LEU P 152 10.77 21.34 38.27
CA LEU P 152 9.90 21.58 39.43
C LEU P 152 10.47 22.60 40.39
N ASP P 153 11.80 22.72 40.47
CA ASP P 153 12.40 23.66 41.40
C ASP P 153 12.14 25.08 40.93
N GLN Q 1 29.08 -45.65 -30.23
CA GLN Q 1 28.32 -44.37 -30.07
C GLN Q 1 28.32 -43.92 -28.61
N VAL Q 2 27.39 -44.44 -27.81
CA VAL Q 2 27.24 -44.08 -26.40
C VAL Q 2 27.33 -45.38 -25.60
N GLN Q 3 28.23 -45.39 -24.62
CA GLN Q 3 28.43 -46.55 -23.75
C GLN Q 3 27.99 -46.22 -22.33
N LEU Q 4 27.04 -46.98 -21.81
CA LEU Q 4 26.55 -46.83 -20.45
C LEU Q 4 27.10 -48.00 -19.64
N GLN Q 5 27.48 -47.75 -18.39
CA GLN Q 5 27.94 -48.84 -17.52
C GLN Q 5 27.50 -48.62 -16.09
N GLU Q 6 26.71 -49.56 -15.57
CA GLU Q 6 26.24 -49.50 -14.20
C GLU Q 6 27.34 -49.98 -13.25
N SER Q 7 27.40 -49.36 -12.08
CA SER Q 7 28.30 -49.79 -11.02
C SER Q 7 27.68 -49.47 -9.67
N GLY Q 8 27.72 -50.44 -8.75
CA GLY Q 8 27.22 -50.24 -7.43
C GLY Q 8 27.13 -51.53 -6.64
N PRO Q 9 26.70 -51.44 -5.38
CA PRO Q 9 26.60 -52.64 -4.55
C PRO Q 9 25.67 -53.69 -5.15
N GLY Q 10 26.09 -54.94 -5.09
CA GLY Q 10 25.27 -56.03 -5.56
C GLY Q 10 24.36 -56.61 -4.51
N LEU Q 11 24.45 -56.15 -3.27
CA LEU Q 11 23.61 -56.62 -2.18
C LEU Q 11 23.38 -55.46 -1.24
N VAL Q 12 22.12 -55.22 -0.88
CA VAL Q 12 21.72 -54.19 0.05
C VAL Q 12 20.84 -54.84 1.11
N LYS Q 13 20.95 -54.36 2.36
CA LYS Q 13 20.13 -54.95 3.41
C LYS Q 13 18.78 -54.24 3.50
N PRO Q 14 17.76 -54.91 4.07
CA PRO Q 14 16.47 -54.25 4.27
C PRO Q 14 16.56 -52.93 5.05
N SER Q 15 15.77 -51.96 4.61
CA SER Q 15 15.66 -50.61 5.17
C SER Q 15 16.87 -49.72 4.91
N GLU Q 16 17.85 -50.16 4.12
CA GLU Q 16 18.97 -49.31 3.76
C GLU Q 16 18.67 -48.64 2.43
N THR Q 17 19.58 -47.77 1.99
CA THR Q 17 19.44 -47.07 0.71
C THR Q 17 20.36 -47.71 -0.32
N LEU Q 18 19.80 -47.97 -1.50
CA LEU Q 18 20.52 -48.54 -2.63
C LEU Q 18 21.00 -47.40 -3.51
N SER Q 19 22.30 -47.36 -3.79
CA SER Q 19 22.90 -46.31 -4.61
C SER Q 19 23.64 -46.94 -5.77
N LEU Q 20 23.13 -46.70 -6.98
CA LEU Q 20 23.72 -47.23 -8.22
C LEU Q 20 24.11 -46.07 -9.11
N THR Q 21 25.34 -46.09 -9.64
CA THR Q 21 25.82 -45.02 -10.49
C THR Q 21 26.09 -45.56 -11.89
N CYS Q 22 25.60 -44.85 -12.90
CA CYS Q 22 25.78 -45.18 -14.31
C CYS Q 22 26.78 -44.21 -14.91
N ALA Q 23 27.90 -44.74 -15.41
CA ALA Q 23 28.91 -43.95 -16.07
C ALA Q 23 28.53 -43.87 -17.54
N VAL Q 24 28.71 -42.68 -18.12
CA VAL Q 24 28.38 -42.43 -19.52
C VAL Q 24 29.66 -42.07 -20.25
N SER Q 25 29.99 -42.83 -21.29
CA SER Q 25 31.15 -42.57 -22.14
C SER Q 25 30.64 -42.27 -23.53
N GLY Q 26 31.07 -41.15 -24.10
CA GLY Q 26 30.68 -40.77 -25.44
C GLY Q 26 29.55 -39.77 -25.53
N ASN Q 27 28.98 -39.34 -24.40
CA ASN Q 27 27.87 -38.41 -24.43
C ASN Q 27 27.74 -37.65 -23.11
N PRO Q 28 27.80 -36.31 -23.08
CA PRO Q 28 27.69 -35.59 -21.80
C PRO Q 28 26.39 -35.85 -21.06
N VAL Q 29 26.48 -35.90 -19.73
CA VAL Q 29 25.26 -36.04 -18.92
C VAL Q 29 24.52 -34.72 -18.83
N THR Q 30 25.09 -33.64 -19.34
CA THR Q 30 24.47 -32.33 -19.39
C THR Q 30 23.71 -32.15 -20.70
N ALA Q 31 23.70 -33.17 -21.55
CA ALA Q 31 22.96 -33.17 -22.78
C ALA Q 31 21.48 -33.25 -22.48
N GLY Q 32 20.67 -32.68 -23.35
CA GLY Q 32 19.24 -32.70 -23.13
C GLY Q 32 18.57 -34.03 -23.40
N PHE Q 33 19.04 -35.08 -22.73
CA PHE Q 33 18.49 -36.42 -22.84
C PHE Q 33 17.95 -36.80 -21.48
N ASP Q 34 16.94 -37.66 -21.48
CA ASP Q 34 16.40 -38.21 -20.25
C ASP Q 34 17.22 -39.43 -19.88
N TRP Q 35 17.96 -39.31 -18.78
CA TRP Q 35 18.81 -40.38 -18.29
C TRP Q 35 17.92 -41.16 -17.36
N THR Q 36 17.68 -42.43 -17.66
CA THR Q 36 16.64 -43.18 -16.99
C THR Q 36 17.21 -44.36 -16.21
N TRP Q 37 16.42 -44.79 -15.24
CA TRP Q 37 16.62 -46.03 -14.51
C TRP Q 37 15.38 -46.88 -14.70
N ILE Q 38 15.62 -48.14 -15.05
CA ILE Q 38 14.62 -49.17 -15.32
C ILE Q 38 15.07 -50.43 -14.59
N ARG Q 39 14.13 -51.17 -13.99
CA ARG Q 39 14.50 -52.42 -13.32
C ARG Q 39 13.58 -53.54 -13.79
N GLN Q 40 14.10 -54.76 -13.69
CA GLN Q 40 13.38 -55.98 -14.02
C GLN Q 40 13.50 -57.02 -12.92
N SER Q 41 12.41 -57.27 -12.20
CA SER Q 41 12.44 -58.25 -11.12
C SER Q 41 12.66 -59.62 -11.75
N PRO Q 42 13.34 -60.56 -11.07
CA PRO Q 42 13.54 -61.88 -11.66
C PRO Q 42 12.22 -62.53 -12.04
N GLY Q 43 12.15 -63.02 -13.27
CA GLY Q 43 10.96 -63.68 -13.74
C GLY Q 43 9.85 -62.74 -14.17
N LYS Q 44 10.07 -61.43 -14.09
CA LYS Q 44 9.09 -60.40 -14.38
C LYS Q 44 9.56 -59.55 -15.56
N GLY Q 45 8.66 -58.69 -16.02
CA GLY Q 45 8.94 -57.78 -17.10
C GLY Q 45 9.65 -56.52 -16.62
N LEU Q 46 9.83 -55.58 -17.54
CA LEU Q 46 10.57 -54.37 -17.25
C LEU Q 46 9.69 -53.37 -16.51
N GLU Q 47 10.27 -52.70 -15.52
CA GLU Q 47 9.60 -51.62 -14.79
C GLU Q 47 10.46 -50.37 -14.83
N TRP Q 48 9.89 -49.27 -15.30
CA TRP Q 48 10.58 -47.99 -15.35
C TRP Q 48 10.62 -47.40 -13.95
N ILE Q 49 11.77 -46.88 -13.55
CA ILE Q 49 11.93 -46.25 -12.23
C ILE Q 49 11.80 -44.74 -12.34
N GLY Q 50 12.50 -44.14 -13.29
CA GLY Q 50 12.44 -42.70 -13.37
C GLY Q 50 13.53 -42.16 -14.28
N HIS Q 51 13.55 -40.84 -14.41
CA HIS Q 51 14.58 -40.21 -15.22
C HIS Q 51 14.90 -38.81 -14.70
N ILE Q 52 16.05 -38.32 -15.16
CA ILE Q 52 16.50 -36.95 -14.97
C ILE Q 52 16.84 -36.37 -16.34
N TYR Q 53 16.37 -35.15 -16.61
CA TYR Q 53 16.68 -34.51 -17.89
C TYR Q 53 18.02 -33.81 -17.72
N GLY Q 54 19.00 -34.24 -18.52
CA GLY Q 54 20.36 -33.77 -18.34
C GLY Q 54 20.59 -32.28 -18.51
N ALA Q 55 19.85 -31.62 -19.41
CA ALA Q 55 20.07 -30.21 -19.66
C ALA Q 55 19.41 -29.27 -18.66
N SER Q 56 18.59 -29.76 -17.74
CA SER Q 56 17.93 -28.89 -16.77
C SER Q 56 17.98 -29.41 -15.34
N GLY Q 57 18.12 -30.72 -15.18
CA GLY Q 57 18.08 -31.33 -13.87
C GLY Q 57 16.69 -31.73 -13.43
N SER Q 58 15.66 -31.47 -14.25
CA SER Q 58 14.30 -31.84 -13.91
C SER Q 58 14.18 -33.34 -13.91
N THR Q 59 13.42 -33.88 -12.96
CA THR Q 59 13.23 -35.32 -12.85
C THR Q 59 11.76 -35.69 -12.86
N ASN Q 60 11.54 -36.96 -13.17
CA ASN Q 60 10.23 -37.60 -13.18
C ASN Q 60 10.40 -39.01 -12.62
N TYR Q 61 9.51 -39.43 -11.72
CA TYR Q 61 9.61 -40.73 -11.10
C TYR Q 61 8.30 -41.50 -11.27
N ASN Q 62 8.42 -42.82 -11.27
CA ASN Q 62 7.28 -43.71 -11.29
C ASN Q 62 6.44 -43.41 -10.06
N PRO Q 63 5.15 -43.03 -10.20
CA PRO Q 63 4.36 -42.68 -9.00
C PRO Q 63 4.35 -43.71 -7.89
N SER Q 64 4.55 -45.00 -8.19
CA SER Q 64 4.57 -46.00 -7.13
C SER Q 64 5.88 -46.00 -6.36
N LEU Q 65 6.95 -45.45 -6.94
CA LEU Q 65 8.28 -45.41 -6.34
C LEU Q 65 8.73 -44.02 -5.91
N GLU Q 66 8.12 -42.96 -6.46
CA GLU Q 66 8.56 -41.58 -6.32
C GLU Q 66 8.99 -41.16 -4.91
N SER Q 67 8.22 -41.55 -3.88
CA SER Q 67 8.56 -41.11 -2.54
C SER Q 67 9.87 -41.71 -2.03
N ARG Q 68 10.37 -42.78 -2.66
CA ARG Q 68 11.60 -43.46 -2.26
C ARG Q 68 12.71 -43.36 -3.29
N VAL Q 69 12.56 -42.56 -4.35
CA VAL Q 69 13.54 -42.52 -5.43
C VAL Q 69 14.04 -41.10 -5.66
N THR Q 70 15.36 -40.96 -5.70
CA THR Q 70 16.05 -39.73 -6.07
C THR Q 70 16.96 -40.07 -7.24
N ILE Q 71 16.93 -39.27 -8.29
CA ILE Q 71 17.81 -39.44 -9.45
C ILE Q 71 18.57 -38.14 -9.62
N SER Q 72 19.89 -38.26 -9.84
CA SER Q 72 20.73 -37.07 -9.97
C SER Q 72 21.83 -37.33 -10.98
N ARG Q 73 22.51 -36.25 -11.36
CA ARG Q 73 23.63 -36.29 -12.30
C ARG Q 73 24.82 -35.54 -11.72
N ASP Q 74 26.01 -35.91 -12.19
CA ASP Q 74 27.26 -35.27 -11.79
C ASP Q 74 28.11 -35.07 -13.04
N ALA Q 75 28.07 -33.84 -13.55
CA ALA Q 75 28.73 -33.45 -14.78
C ALA Q 75 30.25 -33.56 -14.70
N SER Q 76 30.84 -33.50 -13.50
CA SER Q 76 32.30 -33.50 -13.37
C SER Q 76 32.89 -34.89 -13.48
N ARG Q 77 32.03 -35.91 -13.46
CA ARG Q 77 32.35 -37.31 -13.59
C ARG Q 77 31.64 -37.90 -14.79
N ASN Q 78 30.63 -37.19 -15.33
CA ASN Q 78 29.78 -37.63 -16.41
C ASN Q 78 29.05 -38.90 -15.99
N GLN Q 79 28.51 -38.85 -14.78
CA GLN Q 79 27.77 -39.96 -14.20
C GLN Q 79 26.37 -39.51 -13.81
N PHE Q 80 25.45 -40.45 -13.73
CA PHE Q 80 24.14 -40.18 -13.15
C PHE Q 80 23.86 -41.34 -12.20
N SER Q 81 22.99 -41.12 -11.21
CA SER Q 81 22.78 -42.17 -10.23
C SER Q 81 21.35 -42.21 -9.70
N LEU Q 82 21.02 -43.40 -9.22
CA LEU Q 82 19.76 -43.76 -8.59
C LEU Q 82 19.97 -44.01 -7.11
N LYS Q 83 19.20 -43.32 -6.28
CA LYS Q 83 19.17 -43.48 -4.83
C LYS Q 83 17.78 -43.98 -4.45
N LEU Q 84 17.65 -45.28 -4.19
CA LEU Q 84 16.38 -45.93 -3.86
C LEU Q 84 16.36 -46.22 -2.36
N THR Q 85 15.48 -45.53 -1.63
CA THR Q 85 15.47 -45.63 -0.18
C THR Q 85 14.56 -46.76 0.29
N THR Q 86 14.69 -47.11 1.57
CA THR Q 86 13.91 -48.13 2.28
C THR Q 86 13.65 -49.37 1.42
N VAL Q 87 14.73 -50.03 1.01
CA VAL Q 87 14.57 -51.19 0.13
C VAL Q 87 13.93 -52.34 0.90
N THR Q 88 13.08 -53.10 0.22
CA THR Q 88 12.39 -54.27 0.77
C THR Q 88 12.63 -55.46 -0.16
N ALA Q 89 12.03 -56.60 0.18
CA ALA Q 89 12.21 -57.81 -0.60
C ALA Q 89 11.74 -57.62 -2.04
N ALA Q 90 10.71 -56.81 -2.23
CA ALA Q 90 10.13 -56.53 -3.54
C ALA Q 90 11.07 -55.74 -4.44
N ASP Q 91 12.15 -55.17 -3.90
CA ASP Q 91 13.08 -54.36 -4.67
C ASP Q 91 14.22 -55.17 -5.27
N THR Q 92 14.24 -56.49 -5.10
CA THR Q 92 15.28 -57.30 -5.75
C THR Q 92 15.01 -57.28 -7.25
N ALA Q 93 16.02 -56.91 -8.02
CA ALA Q 93 15.82 -56.80 -9.46
C ALA Q 93 17.16 -56.59 -10.15
N VAL Q 94 17.18 -56.79 -11.46
CA VAL Q 94 18.30 -56.32 -12.26
C VAL Q 94 17.99 -54.87 -12.58
N TYR Q 95 18.87 -53.97 -12.19
CA TYR Q 95 18.71 -52.54 -12.41
C TYR Q 95 19.55 -52.14 -13.62
N TYR Q 96 18.94 -51.45 -14.57
CA TYR Q 96 19.59 -50.99 -15.77
C TYR Q 96 19.50 -49.47 -15.80
N CYS Q 97 20.54 -48.86 -16.37
CA CYS Q 97 20.54 -47.45 -16.71
C CYS Q 97 20.36 -47.38 -18.21
N ALA Q 98 19.66 -46.34 -18.68
CA ALA Q 98 19.42 -46.18 -20.12
C ALA Q 98 19.40 -44.70 -20.51
N ARG Q 99 19.43 -44.40 -21.81
CA ARG Q 99 19.27 -43.02 -22.31
C ARG Q 99 17.93 -43.02 -23.02
N ARG Q 100 16.98 -42.21 -22.57
CA ARG Q 100 15.68 -42.10 -23.28
C ARG Q 100 15.91 -41.54 -24.69
N GLY Q 101 16.88 -40.65 -24.87
CA GLY Q 101 17.17 -40.14 -26.22
C GLY Q 101 16.18 -39.08 -26.67
N GLY Q 102 15.30 -39.40 -27.62
CA GLY Q 102 14.40 -38.41 -28.14
C GLY Q 102 14.68 -38.32 -29.63
N ASP Q 103 14.29 -37.20 -30.20
CA ASP Q 103 14.66 -36.87 -31.57
C ASP Q 103 14.93 -35.37 -31.61
N HIS Q 104 16.11 -34.99 -32.09
CA HIS Q 104 16.43 -33.57 -32.08
C HIS Q 104 15.61 -32.81 -33.13
N ARG Q 105 14.89 -33.51 -34.00
CA ARG Q 105 14.11 -32.87 -35.05
C ARG Q 105 12.73 -32.47 -34.56
N TYR Q 106 12.32 -32.94 -33.37
CA TYR Q 106 11.00 -32.70 -32.81
C TYR Q 106 11.11 -31.85 -31.55
N SER Q 107 10.02 -31.13 -31.27
CA SER Q 107 9.89 -30.34 -30.06
C SER Q 107 9.85 -31.21 -28.81
N ARG Q 108 10.34 -30.65 -27.71
CA ARG Q 108 10.31 -31.34 -26.41
C ARG Q 108 8.90 -31.75 -26.02
N MET Q 109 7.89 -30.99 -26.44
CA MET Q 109 6.50 -31.35 -26.14
C MET Q 109 6.15 -32.75 -26.63
N LEU Q 110 6.88 -33.28 -27.60
CA LEU Q 110 6.62 -34.59 -28.19
C LEU Q 110 7.64 -35.61 -27.73
N THR Q 111 8.92 -35.22 -27.73
CA THR Q 111 10.00 -36.15 -27.37
C THR Q 111 10.00 -36.44 -25.88
N PHE Q 112 9.27 -35.65 -25.08
CA PHE Q 112 9.10 -35.94 -23.68
C PHE Q 112 8.36 -37.25 -23.47
N THR Q 113 7.48 -37.61 -24.40
CA THR Q 113 6.62 -38.78 -24.26
C THR Q 113 7.17 -39.99 -25.00
N PHE Q 114 8.40 -39.91 -25.53
CA PHE Q 114 9.01 -41.04 -26.21
C PHE Q 114 9.53 -42.05 -25.21
N THR Q 115 9.53 -43.32 -25.62
CA THR Q 115 10.07 -44.42 -24.85
C THR Q 115 11.15 -45.15 -25.64
N ASN Q 116 11.86 -44.42 -26.50
CA ASN Q 116 12.89 -44.97 -27.38
C ASN Q 116 14.23 -45.10 -26.64
N PHE Q 117 14.32 -46.09 -25.77
CA PHE Q 117 15.52 -46.23 -24.95
C PHE Q 117 16.57 -46.82 -25.89
N ASP Q 118 17.29 -45.91 -26.57
CA ASP Q 118 18.23 -46.30 -27.61
C ASP Q 118 19.45 -47.05 -27.07
N PHE Q 119 19.97 -46.62 -25.92
CA PHE Q 119 21.17 -47.22 -25.34
C PHE Q 119 20.90 -47.75 -23.94
N TRP Q 120 21.35 -48.98 -23.71
CA TRP Q 120 21.19 -49.70 -22.46
C TRP Q 120 22.56 -50.18 -22.00
N GLY Q 121 22.71 -50.29 -20.68
CA GLY Q 121 23.88 -50.92 -20.09
C GLY Q 121 23.61 -52.40 -20.01
N GLN Q 122 24.33 -53.09 -19.12
CA GLN Q 122 24.16 -54.53 -18.98
C GLN Q 122 23.36 -54.89 -17.74
N GLY Q 123 23.35 -54.02 -16.75
CA GLY Q 123 22.57 -54.16 -15.53
C GLY Q 123 23.34 -54.74 -14.36
N VAL Q 124 22.85 -54.42 -13.17
CA VAL Q 124 23.39 -54.89 -11.90
C VAL Q 124 22.29 -55.66 -11.22
N LEU Q 125 22.55 -56.91 -10.87
CA LEU Q 125 21.55 -57.68 -10.14
C LEU Q 125 21.68 -57.34 -8.67
N VAL Q 126 20.63 -56.78 -8.08
CA VAL Q 126 20.65 -56.35 -6.68
C VAL Q 126 19.66 -57.23 -5.93
N THR Q 127 20.19 -57.91 -4.90
CA THR Q 127 19.43 -58.77 -4.02
C THR Q 127 19.24 -58.05 -2.69
N VAL Q 128 18.01 -58.02 -2.19
CA VAL Q 128 17.71 -57.42 -0.90
C VAL Q 128 17.62 -58.56 0.08
N SER Q 129 18.61 -58.67 0.96
CA SER Q 129 18.74 -59.81 1.87
C SER Q 129 19.75 -59.44 2.95
N SER R 2 -0.33 -48.82 -14.16
CA SER R 2 -0.87 -49.43 -15.38
C SER R 2 0.20 -50.29 -16.03
N VAL R 3 -0.26 -51.24 -16.84
CA VAL R 3 0.58 -52.12 -17.62
C VAL R 3 -0.09 -52.31 -18.99
N LEU R 4 0.71 -52.49 -20.02
CA LEU R 4 0.19 -52.75 -21.35
C LEU R 4 0.06 -54.26 -21.54
N THR R 5 -1.08 -54.70 -22.05
CA THR R 5 -1.34 -56.12 -22.20
C THR R 5 -0.72 -56.65 -23.49
N GLN R 6 -0.01 -57.76 -23.38
CA GLN R 6 0.61 -58.46 -24.49
C GLN R 6 0.28 -59.94 -24.35
N PRO R 7 0.31 -60.71 -25.43
CA PRO R 7 0.19 -62.16 -25.30
C PRO R 7 1.29 -62.70 -24.41
N PRO R 8 1.03 -63.71 -23.58
CA PRO R 8 2.13 -64.26 -22.76
C PRO R 8 3.18 -64.97 -23.59
N SER R 9 2.81 -65.50 -24.75
CA SER R 9 3.76 -66.15 -25.64
C SER R 9 3.15 -66.25 -27.02
N VAL R 10 4.03 -66.38 -28.02
CA VAL R 10 3.65 -66.68 -29.40
C VAL R 10 4.59 -67.76 -29.92
N SER R 11 4.09 -68.50 -30.91
CA SER R 11 4.88 -69.55 -31.55
C SER R 11 4.52 -69.60 -33.03
N GLU R 12 5.54 -69.64 -33.89
CA GLU R 12 5.32 -69.68 -35.33
C GLU R 12 6.51 -70.37 -35.98
N ALA R 13 6.26 -70.90 -37.18
CA ALA R 13 7.31 -71.59 -37.93
C ALA R 13 8.34 -70.62 -38.50
N ALA R 14 9.57 -71.12 -38.65
CA ALA R 14 10.64 -70.34 -39.26
C ALA R 14 10.27 -69.95 -40.69
N ARG R 15 10.71 -68.76 -41.09
CA ARG R 15 10.46 -68.16 -42.40
C ARG R 15 9.02 -67.72 -42.61
N LYS R 16 8.19 -67.76 -41.56
CA LYS R 16 6.82 -67.27 -41.58
C LYS R 16 6.75 -65.98 -40.79
N SER R 17 5.62 -65.27 -40.90
CA SER R 17 5.41 -64.03 -40.19
C SER R 17 4.63 -64.25 -38.90
N VAL R 18 5.00 -63.48 -37.86
CA VAL R 18 4.31 -63.46 -36.59
C VAL R 18 3.98 -62.02 -36.23
N SER R 19 2.88 -61.82 -35.50
CA SER R 19 2.47 -60.50 -35.05
C SER R 19 2.25 -60.52 -33.55
N ILE R 20 3.00 -59.70 -32.82
CA ILE R 20 2.92 -59.60 -31.36
C ILE R 20 2.13 -58.34 -31.03
N SER R 21 0.96 -58.50 -30.43
CA SER R 21 0.12 -57.36 -30.12
C SER R 21 0.50 -56.73 -28.78
N CYS R 22 0.03 -55.49 -28.60
CA CYS R 22 0.17 -54.70 -27.39
C CYS R 22 -1.14 -53.93 -27.24
N SER R 23 -1.76 -54.01 -26.06
CA SER R 23 -3.05 -53.38 -25.82
C SER R 23 -3.00 -52.53 -24.56
N GLY R 24 -3.25 -51.23 -24.74
CA GLY R 24 -3.18 -50.24 -23.69
C GLY R 24 -4.50 -49.53 -23.47
N SER R 25 -4.44 -48.23 -23.19
CA SER R 25 -5.61 -47.42 -22.88
C SER R 25 -5.42 -46.06 -23.54
N ASP R 26 -6.39 -45.17 -23.32
CA ASP R 26 -6.34 -43.86 -23.95
C ASP R 26 -5.34 -42.90 -23.30
N SER R 27 -4.72 -43.29 -22.19
CA SER R 27 -3.73 -42.45 -21.52
C SER R 27 -2.32 -42.71 -22.01
N ASN R 28 -2.10 -43.76 -22.82
CA ASN R 28 -0.76 -44.14 -23.27
C ASN R 28 -0.75 -44.48 -24.77
N ILE R 29 -1.13 -45.69 -25.19
CA ILE R 29 -1.07 -46.02 -26.61
C ILE R 29 -2.01 -45.15 -27.41
N GLY R 30 -3.17 -44.83 -26.86
CA GLY R 30 -4.11 -44.00 -27.59
C GLY R 30 -3.77 -42.53 -27.59
N SER R 31 -2.67 -42.15 -26.92
CA SER R 31 -2.21 -40.77 -26.83
C SER R 31 -0.81 -40.64 -27.42
N ASN R 32 0.15 -41.39 -26.89
CA ASN R 32 1.55 -41.32 -27.27
C ASN R 32 1.90 -42.45 -28.24
N SER R 33 3.17 -42.46 -28.67
CA SER R 33 3.66 -43.48 -29.58
C SER R 33 4.12 -44.71 -28.80
N VAL R 34 4.32 -45.82 -29.53
CA VAL R 34 4.73 -47.10 -28.96
C VAL R 34 6.10 -47.50 -29.50
N SER R 35 6.95 -47.97 -28.59
CA SER R 35 8.26 -48.51 -28.95
C SER R 35 8.26 -50.00 -28.61
N TRP R 36 9.13 -50.74 -29.30
CA TRP R 36 9.30 -52.18 -29.09
C TRP R 36 10.76 -52.51 -28.83
N PHE R 37 10.97 -53.46 -27.93
CA PHE R 37 12.28 -53.94 -27.50
C PHE R 37 12.38 -55.45 -27.65
N GLN R 38 13.60 -55.92 -27.90
CA GLN R 38 13.95 -57.35 -27.98
C GLN R 38 14.94 -57.68 -26.89
N GLN R 39 14.56 -58.53 -25.94
CA GLN R 39 15.41 -58.91 -24.82
C GLN R 39 15.74 -60.40 -24.91
N PHE R 40 17.04 -60.70 -24.85
CA PHE R 40 17.53 -62.07 -24.82
C PHE R 40 17.88 -62.42 -23.38
N PRO R 41 17.71 -63.66 -22.92
CA PRO R 41 18.08 -63.97 -21.53
C PRO R 41 19.53 -63.64 -21.23
N GLY R 42 19.77 -63.05 -20.06
CA GLY R 42 21.10 -62.71 -19.63
C GLY R 42 21.60 -61.32 -19.95
N THR R 43 20.92 -60.56 -20.81
CA THR R 43 21.36 -59.22 -21.17
C THR R 43 20.21 -58.21 -21.13
N ALA R 44 20.58 -56.95 -21.40
CA ALA R 44 19.64 -55.84 -21.45
C ALA R 44 18.79 -55.88 -22.72
N PRO R 45 17.57 -55.36 -22.69
CA PRO R 45 16.76 -55.32 -23.91
C PRO R 45 17.34 -54.39 -24.97
N LYS R 46 17.20 -54.83 -26.22
CA LYS R 46 17.60 -54.04 -27.39
C LYS R 46 16.38 -53.33 -27.95
N LEU R 47 16.51 -52.04 -28.24
CA LEU R 47 15.41 -51.33 -28.88
C LEU R 47 15.28 -51.76 -30.33
N LEU R 48 14.04 -52.10 -30.73
CA LEU R 48 13.74 -52.49 -32.10
C LEU R 48 13.06 -51.37 -32.86
N ILE R 49 11.93 -50.90 -32.34
CA ILE R 49 11.07 -49.94 -33.02
C ILE R 49 10.79 -48.78 -32.08
N HIS R 50 10.75 -47.58 -32.62
CA HIS R 50 10.37 -46.41 -31.85
C HIS R 50 9.48 -45.54 -32.70
N PHE R 51 8.73 -44.66 -32.03
CA PHE R 51 7.80 -43.72 -32.67
C PHE R 51 6.87 -44.48 -33.61
N ASN R 52 6.36 -45.60 -33.09
CA ASN R 52 5.40 -46.50 -33.71
C ASN R 52 5.98 -47.36 -34.83
N ASN R 53 6.61 -46.75 -35.86
CA ASN R 53 7.20 -47.53 -36.94
C ASN R 53 8.61 -47.06 -37.34
N GLN R 54 9.38 -46.44 -36.45
CA GLN R 54 10.74 -46.03 -36.82
C GLN R 54 11.68 -47.14 -36.37
N ARG R 55 12.48 -47.65 -37.30
CA ARG R 55 13.39 -48.75 -37.05
C ARG R 55 14.72 -48.23 -36.53
N ALA R 56 15.16 -48.79 -35.40
CA ALA R 56 16.40 -48.37 -34.78
C ALA R 56 17.58 -48.88 -35.61
N SER R 57 18.69 -48.14 -35.56
CA SER R 57 19.88 -48.56 -36.29
C SER R 57 20.32 -49.93 -35.77
N GLY R 58 20.73 -50.80 -36.69
CA GLY R 58 21.18 -52.13 -36.34
C GLY R 58 20.07 -53.16 -36.35
N VAL R 59 18.84 -52.74 -36.62
CA VAL R 59 17.67 -53.62 -36.66
C VAL R 59 17.38 -53.98 -38.12
N SER R 60 17.20 -55.27 -38.37
CA SER R 60 16.93 -55.77 -39.70
C SER R 60 15.52 -55.42 -40.16
N ASP R 61 15.31 -55.55 -41.48
CA ASP R 61 14.03 -55.23 -42.11
C ASP R 61 12.93 -56.22 -41.74
N ARG R 62 13.27 -57.33 -41.08
CA ARG R 62 12.27 -58.29 -40.64
C ARG R 62 11.30 -57.67 -39.64
N PHE R 63 11.74 -56.69 -38.87
CA PHE R 63 10.94 -56.09 -37.81
C PHE R 63 10.28 -54.81 -38.32
N SER R 64 8.98 -54.68 -38.03
CA SER R 64 8.22 -53.50 -38.37
C SER R 64 7.06 -53.42 -37.39
N GLY R 65 6.37 -52.29 -37.34
CA GLY R 65 5.22 -52.25 -36.45
C GLY R 65 4.28 -51.12 -36.77
N SER R 66 3.20 -51.06 -36.01
CA SER R 66 2.19 -50.03 -36.23
C SER R 66 1.38 -49.81 -34.95
N LYS R 67 0.63 -48.72 -34.96
CA LYS R 67 -0.26 -48.31 -33.87
C LYS R 67 -1.58 -47.86 -34.47
N SER R 68 -2.68 -48.33 -33.90
CA SER R 68 -4.03 -47.93 -34.32
C SER R 68 -4.90 -47.83 -33.09
N GLY R 69 -5.40 -46.63 -32.81
CA GLY R 69 -6.21 -46.44 -31.62
C GLY R 69 -5.37 -46.69 -30.40
N THR R 70 -5.84 -47.59 -29.55
CA THR R 70 -5.17 -47.95 -28.31
C THR R 70 -4.43 -49.27 -28.44
N SER R 71 -4.34 -49.82 -29.65
CA SER R 71 -3.66 -51.08 -29.92
C SER R 71 -2.43 -50.81 -30.77
N ALA R 72 -1.46 -51.71 -30.66
CA ALA R 72 -0.25 -51.62 -31.45
C ALA R 72 0.25 -53.04 -31.70
N SER R 73 1.06 -53.21 -32.73
CA SER R 73 1.61 -54.54 -32.97
C SER R 73 2.97 -54.46 -33.63
N LEU R 74 3.74 -55.52 -33.39
CA LEU R 74 5.06 -55.74 -33.98
C LEU R 74 4.97 -56.92 -34.94
N ALA R 75 5.29 -56.68 -36.21
CA ALA R 75 5.25 -57.72 -37.22
C ALA R 75 6.69 -58.15 -37.47
N ILE R 76 6.94 -59.45 -37.39
CA ILE R 76 8.25 -60.03 -37.62
C ILE R 76 8.11 -61.03 -38.76
N SER R 77 8.59 -60.68 -39.94
CA SER R 77 8.49 -61.54 -41.12
C SER R 77 9.79 -62.31 -41.27
N GLY R 78 9.74 -63.42 -41.99
CA GLY R 78 10.97 -64.13 -42.30
C GLY R 78 11.68 -64.67 -41.07
N LEU R 79 10.92 -65.17 -40.09
CA LEU R 79 11.47 -65.59 -38.80
C LEU R 79 12.67 -66.52 -38.92
N GLN R 80 13.72 -66.16 -38.20
CA GLN R 80 14.97 -66.90 -38.09
C GLN R 80 15.00 -67.59 -36.73
N THR R 81 15.84 -68.61 -36.60
CA THR R 81 15.90 -69.29 -35.31
C THR R 81 16.63 -68.45 -34.25
N ASP R 82 17.28 -67.36 -34.66
CA ASP R 82 17.97 -66.45 -33.74
C ASP R 82 17.07 -65.36 -33.19
N ASP R 83 15.79 -65.35 -33.58
CA ASP R 83 14.81 -64.37 -33.14
C ASP R 83 14.03 -64.81 -31.90
N GLU R 84 14.39 -65.93 -31.28
CA GLU R 84 13.69 -66.36 -30.08
C GLU R 84 14.05 -65.40 -28.95
N ALA R 85 13.06 -64.68 -28.43
CA ALA R 85 13.37 -63.64 -27.44
C ALA R 85 12.08 -63.17 -26.78
N ASP R 86 12.25 -62.43 -25.68
CA ASP R 86 11.14 -61.75 -25.02
C ASP R 86 10.99 -60.36 -25.62
N TYR R 87 9.86 -60.12 -26.26
CA TYR R 87 9.56 -58.85 -26.92
C TYR R 87 8.66 -58.03 -26.00
N TYR R 88 9.02 -56.76 -25.82
CA TYR R 88 8.27 -55.86 -24.94
C TYR R 88 7.83 -54.63 -25.71
N CYS R 89 6.65 -54.12 -25.38
CA CYS R 89 6.15 -52.86 -25.87
C CYS R 89 6.26 -51.83 -24.75
N ALA R 90 6.35 -50.57 -25.12
CA ALA R 90 6.32 -49.51 -24.12
C ALA R 90 5.67 -48.26 -24.70
N ALA R 91 5.02 -47.52 -23.81
CA ALA R 91 4.41 -46.23 -24.17
C ALA R 91 4.46 -45.32 -22.96
N TRP R 92 4.47 -44.02 -23.20
CA TRP R 92 4.43 -43.06 -22.11
C TRP R 92 2.98 -42.87 -21.67
N ASP R 93 2.72 -43.03 -20.38
CA ASP R 93 1.40 -42.88 -19.81
C ASP R 93 1.29 -41.47 -19.23
N ASP R 94 0.39 -40.67 -19.84
CA ASP R 94 0.21 -39.26 -19.50
C ASP R 94 -0.54 -39.08 -18.18
N SER R 95 -1.26 -40.10 -17.71
CA SER R 95 -2.02 -39.97 -16.48
C SER R 95 -1.13 -40.22 -15.29
N LEU R 96 -0.07 -40.99 -15.51
CA LEU R 96 0.95 -41.31 -14.52
C LEU R 96 2.16 -40.42 -14.69
N THR R 97 2.39 -39.93 -15.91
CA THR R 97 3.61 -39.23 -16.28
C THR R 97 4.77 -40.19 -16.06
N ALA R 98 4.65 -41.36 -16.68
CA ALA R 98 5.68 -42.39 -16.54
C ALA R 98 5.65 -43.30 -17.75
N ALA R 99 6.81 -43.86 -18.09
CA ALA R 99 6.82 -44.86 -19.14
C ALA R 99 6.27 -46.16 -18.57
N VAL R 100 5.47 -46.85 -19.36
CA VAL R 100 4.87 -48.13 -18.99
C VAL R 100 5.29 -49.17 -20.00
N PHE R 101 5.81 -50.29 -19.52
CA PHE R 101 6.21 -51.43 -20.33
C PHE R 101 5.09 -52.45 -20.31
N GLY R 102 5.04 -53.28 -21.35
CA GLY R 102 4.07 -54.35 -21.41
C GLY R 102 4.50 -55.56 -20.62
N THR R 103 3.62 -56.57 -20.64
CA THR R 103 3.88 -57.79 -19.88
C THR R 103 5.05 -58.59 -20.46
N GLY R 104 5.22 -58.54 -21.78
CA GLY R 104 6.28 -59.25 -22.46
C GLY R 104 5.78 -60.52 -23.12
N THR R 105 6.15 -60.72 -24.38
CA THR R 105 5.73 -61.87 -25.17
C THR R 105 6.95 -62.69 -25.52
N ARG R 106 6.95 -63.97 -25.14
CA ARG R 106 8.05 -64.85 -25.47
C ARG R 106 7.80 -65.43 -26.85
N LEU R 107 8.68 -65.12 -27.80
CA LEU R 107 8.58 -65.63 -29.16
C LEU R 107 9.59 -66.75 -29.33
N THR R 108 9.08 -67.89 -29.78
CA THR R 108 9.89 -69.05 -30.14
C THR R 108 9.63 -69.36 -31.61
N VAL R 109 10.63 -69.91 -32.28
CA VAL R 109 10.54 -70.24 -33.70
C VAL R 109 10.68 -71.74 -33.84
C1 NAG S . -44.16 -17.06 -30.14
C2 NAG S . -45.61 -16.87 -29.69
C3 NAG S . -45.99 -18.01 -28.76
C4 NAG S . -45.80 -19.34 -29.47
C5 NAG S . -44.35 -19.45 -29.95
C6 NAG S . -44.10 -20.70 -30.77
C7 NAG S . -46.30 -14.51 -29.64
C8 NAG S . -46.44 -13.29 -28.79
N2 NAG S . -45.80 -15.59 -29.02
O3 NAG S . -47.35 -17.86 -28.36
O4 NAG S . -46.07 -20.41 -28.58
O5 NAG S . -44.04 -18.33 -30.80
O6 NAG S . -42.74 -20.77 -31.19
O7 NAG S . -46.64 -14.53 -30.81
C1 NAG S . -47.16 -21.21 -29.11
C2 NAG S . -47.15 -22.55 -28.36
C3 NAG S . -48.28 -23.41 -28.88
C4 NAG S . -49.60 -22.68 -28.70
C5 NAG S . -49.55 -21.33 -29.43
C6 NAG S . -50.79 -20.50 -29.21
C7 NAG S . -44.84 -23.03 -27.67
C8 NAG S . -43.60 -23.81 -27.97
N2 NAG S . -45.87 -23.22 -28.50
O3 NAG S . -48.30 -24.64 -28.18
O4 NAG S . -50.67 -23.46 -29.21
O5 NAG S . -48.44 -20.57 -28.94
O6 NAG S . -51.96 -21.22 -29.56
O7 NAG S . -44.91 -22.25 -26.73
C1 NAG T . -34.33 10.99 -12.10
C2 NAG T . -34.20 9.60 -12.70
C3 NAG T . -35.56 8.90 -12.62
C4 NAG T . -36.00 8.84 -11.17
C5 NAG T . -36.09 10.26 -10.61
C6 NAG T . -36.43 10.30 -9.14
C7 NAG T . -32.58 9.15 -14.49
C8 NAG T . -32.29 9.32 -15.95
N2 NAG T . -33.75 9.67 -14.08
O3 NAG T . -35.44 7.59 -13.15
O4 NAG T . -37.28 8.22 -11.09
O5 NAG T . -34.80 10.89 -10.75
O6 NAG T . -35.36 9.83 -8.34
O7 NAG T . -31.82 8.56 -13.74
C1 NAG T . -37.29 7.17 -10.08
C2 NAG T . -38.73 6.85 -9.74
C3 NAG T . -38.77 5.76 -8.68
C4 NAG T . -38.04 4.53 -9.21
C5 NAG T . -36.61 4.91 -9.57
C6 NAG T . -35.83 3.77 -10.19
C7 NAG T . -40.25 8.76 -10.07
C8 NAG T . -40.89 9.95 -9.42
N2 NAG T . -39.45 8.04 -9.29
O3 NAG T . -40.12 5.44 -8.37
O4 NAG T . -38.03 3.52 -8.21
O5 NAG T . -36.62 5.97 -10.54
O6 NAG T . -36.18 3.59 -11.55
O7 NAG T . -40.43 8.48 -11.25
C1 BMA T . -38.76 2.36 -8.67
C2 BMA T . -38.39 1.18 -7.75
C3 BMA T . -39.14 -0.04 -8.24
C4 BMA T . -40.64 0.26 -8.20
C5 BMA T . -40.94 1.46 -9.10
C6 BMA T . -42.42 1.81 -9.08
O2 BMA T . -38.78 1.43 -6.40
O3 BMA T . -38.88 -1.19 -7.43
O4 BMA T . -41.37 -0.86 -8.65
O5 BMA T . -40.16 2.61 -8.65
O6 BMA T . -43.15 0.66 -9.48
C1 MAN T . -38.35 -2.25 -8.25
C2 MAN T . -38.55 -3.58 -7.49
C3 MAN T . -37.69 -3.56 -6.25
C4 MAN T . -36.23 -3.32 -6.63
C5 MAN T . -36.13 -1.98 -7.38
C6 MAN T . -34.72 -1.69 -7.86
O2 MAN T . -38.12 -4.71 -8.27
O3 MAN T . -37.78 -4.78 -5.52
O4 MAN T . -35.41 -3.28 -5.47
O5 MAN T . -36.98 -2.03 -8.55
O6 MAN T . -33.87 -1.65 -6.72
C1 NAG U . -19.36 -50.72 -14.24
C2 NAG U . -18.67 -52.02 -13.85
C3 NAG U . -17.57 -52.32 -14.85
C4 NAG U . -18.17 -52.40 -16.25
C5 NAG U . -18.89 -51.10 -16.57
C6 NAG U . -19.60 -51.13 -17.90
C7 NAG U . -18.74 -52.45 -11.43
C8 NAG U . -18.03 -52.29 -10.12
N2 NAG U . -18.13 -51.94 -12.50
O3 NAG U . -16.94 -53.55 -14.51
O4 NAG U . -17.12 -52.61 -17.19
O5 NAG U . -19.89 -50.85 -15.58
O6 NAG U . -20.25 -49.90 -18.17
O7 NAG U . -19.84 -53.00 -11.51
C1 NAG U . -17.34 -53.85 -17.91
C2 NAG U . -16.48 -53.82 -19.16
C3 NAG U . -16.69 -55.11 -19.93
C4 NAG U . -16.34 -56.30 -19.03
C5 NAG U . -17.20 -56.25 -17.77
C6 NAG U . -16.86 -57.34 -16.79
C7 NAG U . -16.19 -51.49 -19.85
C8 NAG U . -16.62 -50.41 -20.79
N2 NAG U . -16.78 -52.67 -19.99
O3 NAG U . -15.85 -55.12 -21.09
O4 NAG U . -16.56 -57.52 -19.72
O5 NAG U . -17.01 -55.00 -17.10
O6 NAG U . -16.89 -58.63 -17.39
O7 NAG U . -15.33 -51.29 -18.99
C1 NAG V . -6.60 -34.77 13.90
C2 NAG V . -7.05 -34.91 12.45
C3 NAG V . -6.66 -36.27 11.93
C4 NAG V . -5.15 -36.44 12.05
C5 NAG V . -4.74 -36.26 13.51
C6 NAG V . -3.24 -36.31 13.72
C7 NAG V . -9.07 -33.72 11.66
C8 NAG V . -10.56 -33.71 11.67
N2 NAG V . -8.50 -34.72 12.35
O3 NAG V . -7.06 -36.40 10.58
O4 NAG V . -4.77 -37.73 11.59
O5 NAG V . -5.18 -34.98 13.97
O6 NAG V . -2.62 -35.15 13.20
O7 NAG V . -8.41 -32.89 11.05
C1 NAG V . -3.67 -37.64 10.65
C2 NAG V . -3.03 -39.01 10.53
C3 NAG V . -1.87 -38.94 9.55
C4 NAG V . -2.40 -38.47 8.20
C5 NAG V . -3.06 -37.10 8.37
C6 NAG V . -3.68 -36.58 7.10
C7 NAG V . -3.28 -40.36 12.57
C8 NAG V . -2.66 -40.75 13.88
N2 NAG V . -2.58 -39.50 11.83
O3 NAG V . -1.28 -40.23 9.41
O4 NAG V . -1.32 -38.35 7.28
O5 NAG V . -4.11 -37.20 9.35
O6 NAG V . -4.92 -37.20 6.84
O7 NAG V . -4.37 -40.80 12.22
C1 BMA V . -1.50 -39.27 6.19
C2 BMA V . -0.54 -38.86 5.05
C3 BMA V . -0.75 -39.80 3.89
C4 BMA V . -0.46 -41.22 4.37
C5 BMA V . -1.42 -41.59 5.52
C6 BMA V . -1.15 -42.99 6.04
O2 BMA V . 0.82 -38.94 5.47
O3 BMA V . 0.11 -39.50 2.79
O4 BMA V . -0.64 -42.14 3.31
O5 BMA V . -1.24 -40.61 6.60
O6 BMA V . -1.29 -43.89 4.96
C1 MAN V . -0.68 -39.25 1.62
C2 MAN V . 0.25 -39.43 0.38
C3 MAN V . 1.31 -38.34 0.41
C4 MAN V . 0.64 -36.97 0.44
C5 MAN V . -0.27 -36.89 1.69
C6 MAN V . -1.03 -35.58 1.77
O2 MAN V . -0.47 -39.27 -0.85
O3 MAN V . 2.16 -38.41 -0.72
O4 MAN V . 1.61 -35.95 0.49
O5 MAN V . -1.23 -37.96 1.64
O6 MAN V . -0.07 -34.52 1.81
C1 NAG W . -4.82 -26.75 -49.10
C2 NAG W . -4.43 -26.13 -50.44
C3 NAG W . -5.58 -25.28 -50.95
C4 NAG W . -6.83 -26.15 -51.09
C5 NAG W . -7.16 -26.79 -49.73
C6 NAG W . -8.31 -27.75 -49.80
C7 NAG W . -2.01 -25.77 -50.64
C8 NAG W . -0.89 -24.79 -50.47
N2 NAG W . -3.22 -25.33 -50.31
O3 NAG W . -5.24 -24.73 -52.21
O4 NAG W . -7.93 -25.34 -51.49
O5 NAG W . -6.02 -27.55 -49.29
O6 NAG W . -8.59 -28.31 -48.53
O7 NAG W . -1.82 -26.90 -51.07
C1 NAG W . -8.45 -25.82 -52.75
C2 NAG W . -9.83 -25.22 -52.94
C3 NAG W . -10.41 -25.70 -54.26
C4 NAG W . -9.48 -25.30 -55.39
C5 NAG W . -8.08 -25.89 -55.14
C6 NAG W . -7.07 -25.47 -56.17
C7 NAG W . -10.82 -24.83 -50.73
C8 NAG W . -11.77 -25.34 -49.69
N2 NAG W . -10.72 -25.56 -51.84
O3 NAG W . -11.69 -25.12 -54.46
O4 NAG W . -9.97 -25.77 -56.63
O5 NAG W . -7.60 -25.45 -53.86
O6 NAG W . -7.51 -25.75 -57.49
O7 NAG W . -10.17 -23.81 -50.56
C1 NAG X . 18.55 -7.16 -32.41
C2 NAG X . 17.24 -7.91 -32.61
C3 NAG X . 16.81 -7.76 -34.06
C4 NAG X . 16.65 -6.28 -34.39
C5 NAG X . 17.98 -5.58 -34.14
C6 NAG X . 17.91 -4.08 -34.34
C7 NAG X . 16.71 -9.91 -31.28
C8 NAG X . 17.00 -11.37 -31.08
N2 NAG X . 17.38 -9.32 -32.27
O3 NAG X . 15.57 -8.43 -34.25
O4 NAG X . 16.28 -6.13 -35.75
O5 NAG X . 18.38 -5.78 -32.78
O6 NAG X . 17.17 -3.46 -33.31
O7 NAG X . 15.91 -9.30 -30.58
C1 NAG X . 15.14 -5.23 -35.88
C2 NAG X . 15.06 -4.77 -37.32
C3 NAG X . 13.87 -3.83 -37.47
C4 NAG X . 12.60 -4.55 -37.06
C5 NAG X . 12.75 -5.03 -35.61
C6 NAG X . 11.57 -5.84 -35.13
C7 NAG X . 17.24 -4.75 -38.44
C8 NAG X . 18.44 -3.93 -38.78
N2 NAG X . 16.29 -4.13 -37.74
O3 NAG X . 13.77 -3.41 -38.83
O4 NAG X . 11.49 -3.67 -37.15
O5 NAG X . 13.90 -5.88 -35.50
O6 NAG X . 11.62 -7.17 -35.63
O7 NAG X . 17.14 -5.92 -38.79
C1 BMA X . 10.55 -4.16 -38.13
C2 BMA X . 9.22 -3.41 -37.94
C3 BMA X . 8.23 -3.94 -38.94
C4 BMA X . 8.80 -3.69 -40.35
C5 BMA X . 10.14 -4.44 -40.49
C6 BMA X . 10.75 -4.23 -41.86
O2 BMA X . 9.38 -2.01 -38.14
O3 BMA X . 6.97 -3.28 -38.85
O4 BMA X . 7.90 -4.18 -41.32
O5 BMA X . 11.05 -3.96 -39.45
O6 BMA X . 9.81 -4.65 -42.83
C1 MAN X . 5.93 -4.26 -38.61
C2 MAN X . 4.58 -3.61 -39.00
C3 MAN X . 4.30 -2.47 -38.05
C4 MAN X . 4.30 -2.99 -36.60
C5 MAN X . 5.67 -3.60 -36.31
C6 MAN X . 5.76 -4.20 -34.92
O2 MAN X . 3.49 -4.54 -38.87
O3 MAN X . 3.04 -1.86 -38.32
O4 MAN X . 4.05 -1.92 -35.70
O5 MAN X . 5.93 -4.66 -37.26
O6 MAN X . 5.51 -3.17 -33.98
C1 NAG Y . -33.31 -26.66 -33.53
C2 NAG Y . -33.85 -25.82 -34.69
C3 NAG Y . -34.61 -26.73 -35.65
C4 NAG Y . -33.69 -27.83 -36.15
C5 NAG Y . -33.18 -28.62 -34.94
C6 NAG Y . -32.18 -29.69 -35.32
C7 NAG Y . -34.42 -23.46 -34.28
C8 NAG Y . -35.45 -22.52 -33.72
N2 NAG Y . -34.72 -24.76 -34.21
O3 NAG Y . -35.08 -25.96 -36.76
O4 NAG Y . -34.40 -28.71 -37.01
O5 NAG Y . -32.49 -27.72 -34.05
O6 NAG Y . -31.55 -30.23 -34.17
O7 NAG Y . -33.36 -23.05 -34.75
C1 NAG Z . -45.73 13.81 -15.04
C2 NAG Z . -46.48 15.04 -15.55
C3 NAG Z . -47.00 15.84 -14.36
C4 NAG Z . -47.91 14.95 -13.51
C5 NAG Z . -47.10 13.73 -13.06
C6 NAG Z . -47.94 12.75 -12.27
C7 NAG Z . -45.63 15.86 -17.71
C8 NAG Z . -44.65 16.78 -18.38
N2 NAG Z . -45.61 15.87 -16.37
O3 NAG Z . -47.74 16.96 -14.83
O4 NAG Z . -48.38 15.66 -12.38
O5 NAG Z . -46.61 13.03 -14.21
O6 NAG Z . -47.14 11.70 -11.73
O7 NAG Z . -46.39 15.15 -18.35
C1 NAG AA . -10.57 40.65 3.64
C2 NAG AA . -10.15 40.23 5.04
C3 NAG AA . -10.82 41.13 6.06
C4 NAG AA . -10.43 42.58 5.78
C5 NAG AA . -10.84 42.94 4.36
C6 NAG AA . -10.41 44.33 3.96
C7 NAG AA . -9.73 38.01 6.02
C8 NAG AA . -10.24 36.61 6.14
N2 NAG AA . -10.49 38.83 5.27
O3 NAG AA . -10.40 40.75 7.36
O4 NAG AA . -11.08 43.44 6.70
O5 NAG AA . -10.21 42.03 3.42
O6 NAG AA . -10.70 44.59 2.58
O7 NAG AA . -8.70 38.39 6.56
C1 NAG BA . -44.70 -9.37 -40.87
C2 NAG BA . -45.17 -10.05 -42.16
C3 NAG BA . -44.70 -9.25 -43.37
C4 NAG BA . -45.09 -7.79 -43.24
C5 NAG BA . -44.54 -7.23 -41.93
C6 NAG BA . -44.93 -5.80 -41.69
C7 NAG BA . -45.40 -12.44 -41.76
C8 NAG BA . -46.62 -12.83 -42.54
N2 NAG BA . -44.70 -11.41 -42.24
O3 NAG BA . -45.27 -9.83 -44.55
O4 NAG BA . -44.51 -7.05 -44.33
O5 NAG BA . -45.08 -7.99 -40.84
O6 NAG BA . -44.29 -4.92 -42.60
O7 NAG BA . -45.06 -13.04 -40.75
C1 NAG CA . -41.41 20.93 -37.01
C2 NAG CA . -42.34 19.73 -36.93
C3 NAG CA . -43.20 19.69 -38.18
C4 NAG CA . -44.00 20.98 -38.27
C5 NAG CA . -43.03 22.16 -38.28
C6 NAG CA . -43.73 23.51 -38.27
C7 NAG CA . -41.64 17.71 -35.70
C8 NAG CA . -40.79 16.48 -35.75
N2 NAG CA . -41.59 18.49 -36.79
O3 NAG CA . -44.09 18.57 -38.12
O4 NAG CA . -44.78 21.00 -39.45
O5 NAG CA . -42.19 22.13 -37.11
O6 NAG CA . -42.82 24.57 -38.03
O7 NAG CA . -42.33 17.99 -34.74
C1 NAG DA . -36.75 18.69 -9.90
C2 NAG DA . -36.58 17.68 -8.77
C3 NAG DA . -37.41 18.10 -7.56
C4 NAG DA . -37.13 19.55 -7.19
C5 NAG DA . -37.35 20.44 -8.41
C6 NAG DA . -37.04 21.89 -8.14
C7 NAG DA . -36.05 15.46 -9.67
C8 NAG DA . -36.62 14.33 -10.47
N2 NAG DA . -36.93 16.33 -9.18
O3 NAG DA . -37.13 17.23 -6.47
O4 NAG DA . -38.02 19.95 -6.14
O5 NAG DA . -36.48 20.01 -9.47
O6 NAG DA . -37.98 22.47 -7.25
O7 NAG DA . -34.84 15.58 -9.48
C1 NAG EA . -16.24 32.64 -19.98
C2 NAG EA . -16.30 32.97 -21.47
C3 NAG EA . -14.92 33.35 -21.99
C4 NAG EA . -14.28 34.40 -21.09
C5 NAG EA . -14.25 33.89 -19.65
C6 NAG EA . -13.65 34.89 -18.68
C7 NAG EA . -18.14 31.66 -22.43
C8 NAG EA . -18.50 30.57 -23.39
N2 NAG EA . -16.83 31.87 -22.25
O3 NAG EA . -15.03 33.83 -23.32
O4 NAG EA . -12.93 34.63 -21.52
O5 NAG EA . -15.61 33.66 -19.23
O6 NAG EA . -13.53 34.30 -17.38
O7 NAG EA . -18.99 32.32 -21.84
C1 NAG FA . -50.08 -6.90 -16.10
C2 NAG FA . -50.42 -5.99 -14.91
C3 NAG FA . -50.81 -6.84 -13.69
C4 NAG FA . -51.86 -7.87 -14.06
C5 NAG FA . -51.36 -8.72 -15.23
C6 NAG FA . -52.36 -9.75 -15.68
C7 NAG FA . -49.26 -3.83 -14.97
C8 NAG FA . -48.18 -3.01 -14.34
N2 NAG FA . -49.33 -5.11 -14.57
O3 NAG FA . -51.27 -5.98 -12.66
O4 NAG FA . -52.09 -8.73 -12.94
O5 NAG FA . -51.10 -7.84 -16.35
O6 NAG FA . -52.37 -10.88 -14.82
O7 NAG FA . -50.04 -3.38 -15.79
C1 NAG GA . -48.35 11.70 -22.82
C2 NAG GA . -48.91 10.66 -21.86
C3 NAG GA . -49.96 9.81 -22.56
C4 NAG GA . -51.00 10.69 -23.25
C5 NAG GA . -50.31 11.68 -24.18
C6 NAG GA . -51.26 12.63 -24.85
C7 NAG GA . -47.15 10.17 -20.22
C8 NAG GA . -45.82 9.50 -20.08
N2 NAG GA . -47.87 9.83 -21.29
O3 NAG GA . -50.57 8.94 -21.63
O4 NAG GA . -51.88 9.87 -24.01
O5 NAG GA . -49.38 12.48 -23.41
O6 NAG GA . -52.17 11.95 -25.70
O7 NAG GA . -47.56 10.98 -19.40
C1 NAG HA . -42.59 30.07 -28.16
C2 NAG HA . -43.66 29.77 -29.20
C3 NAG HA . -43.49 30.72 -30.38
C4 NAG HA . -43.58 32.15 -29.89
C5 NAG HA . -42.50 32.39 -28.83
C6 NAG HA . -42.58 33.77 -28.21
C7 NAG HA . -44.43 27.43 -29.20
C8 NAG HA . -44.23 26.07 -29.77
N2 NAG HA . -43.61 28.39 -29.65
O3 NAG HA . -44.50 30.46 -31.35
O4 NAG HA . -43.37 33.06 -30.98
O5 NAG HA . -42.69 31.45 -27.75
O6 NAG HA . -41.70 33.89 -27.11
O7 NAG HA . -45.30 27.66 -28.36
C1 NAG IA . -34.86 15.30 -38.55
C2 NAG IA . -34.52 13.81 -38.58
C3 NAG IA . -34.70 13.25 -39.99
C4 NAG IA . -36.07 13.59 -40.52
C5 NAG IA . -36.30 15.10 -40.44
C6 NAG IA . -37.68 15.51 -40.89
C7 NAG IA . -32.88 12.55 -37.26
C8 NAG IA . -33.32 12.73 -35.85
N2 NAG IA . -33.17 13.56 -38.10
O3 NAG IA . -34.48 11.85 -39.97
O4 NAG IA . -36.16 13.19 -41.89
O5 NAG IA . -36.16 15.52 -39.06
O6 NAG IA . -37.89 16.92 -40.70
O7 NAG IA . -32.27 11.55 -37.64
C1 NAG JA . 10.74 33.88 -12.48
C2 NAG JA . 10.17 35.28 -12.72
C3 NAG JA . 9.37 35.28 -14.02
C4 NAG JA . 10.28 34.85 -15.16
C5 NAG JA . 10.85 33.47 -14.86
C6 NAG JA . 11.83 33.00 -15.91
C7 NAG JA . 9.74 36.57 -10.67
C8 NAG JA . 8.74 36.88 -9.59
N2 NAG JA . 9.33 35.69 -11.60
O3 NAG JA . 8.85 36.58 -14.25
O4 NAG JA . 9.53 34.80 -16.37
O5 NAG JA . 11.55 33.51 -13.61
O6 NAG JA . 12.24 31.66 -15.67
O7 NAG JA . 10.85 37.07 -10.68
C1 NAG KA . 22.17 38.25 -3.50
C2 NAG KA . 23.58 37.90 -3.02
C3 NAG KA . 24.59 38.42 -4.04
C4 NAG KA . 24.30 37.79 -5.40
C5 NAG KA . 22.86 38.14 -5.81
C6 NAG KA . 22.44 37.50 -7.11
C7 NAG KA . 24.64 37.90 -0.81
C8 NAG KA . 24.81 38.64 0.49
N2 NAG KA . 23.85 38.48 -1.71
O3 NAG KA . 25.90 38.07 -3.62
O4 NAG KA . 25.20 38.29 -6.37
O5 NAG KA . 21.95 37.68 -4.80
O6 NAG KA . 21.16 37.95 -7.53
O7 NAG KA . 25.21 36.83 -1.02
C1 NAG LA . 8.17 50.82 2.18
C2 NAG LA . 7.12 50.90 1.07
C3 NAG LA . 7.24 52.22 0.33
C4 NAG LA . 7.22 53.39 1.31
C5 NAG LA . 8.33 53.19 2.35
C6 NAG LA . 8.35 54.28 3.39
C7 NAG LA . 8.20 49.65 -0.76
C8 NAG LA . 7.74 49.58 -2.19
N2 NAG LA . 7.24 49.78 0.15
O3 NAG LA . 6.16 52.33 -0.59
O4 NAG LA . 7.47 54.61 0.60
O5 NAG LA . 8.10 51.94 3.03
O6 NAG LA . 7.04 54.54 3.89
O7 NAG LA . 9.38 49.59 -0.47
C1 NAG MA . -23.68 -41.76 -25.31
C2 NAG MA . -24.79 -42.43 -24.52
C3 NAG MA . -25.49 -43.45 -25.42
C4 NAG MA . -26.02 -42.76 -26.67
C5 NAG MA . -24.86 -42.10 -27.39
C6 NAG MA . -25.30 -41.31 -28.61
C7 NAG MA . -24.53 -42.67 -22.09
C8 NAG MA . -23.90 -43.47 -20.99
N2 NAG MA . -24.26 -43.07 -23.33
O3 NAG MA . -26.56 -44.04 -24.70
O4 NAG MA . -26.64 -43.71 -27.53
O5 NAG MA . -24.20 -41.17 -26.51
O6 NAG MA . -24.23 -40.52 -29.12
O7 NAG MA . -25.23 -41.68 -21.86
C1 NAG NA . -7.65 -46.20 17.78
C2 NAG NA . -8.15 -46.89 19.04
C3 NAG NA . -6.97 -47.09 20.00
C4 NAG NA . -5.88 -47.89 19.30
C5 NAG NA . -5.45 -47.15 18.05
C6 NAG NA . -4.42 -47.90 17.24
C7 NAG NA . -10.50 -46.41 19.57
C8 NAG NA . -11.44 -45.50 20.31
N2 NAG NA . -9.20 -46.13 19.69
O3 NAG NA . -7.42 -47.79 21.16
O4 NAG NA . -4.77 -48.06 20.17
O5 NAG NA . -6.59 -46.97 17.19
O6 NAG NA . -3.93 -47.12 16.15
O7 NAG NA . -10.91 -47.35 18.90
C1 NAG OA . 1.14 -5.54 41.78
C2 NAG OA . 2.47 -4.89 41.44
C3 NAG OA . 3.50 -5.26 42.50
C4 NAG OA . 3.00 -4.79 43.86
C5 NAG OA . 1.64 -5.43 44.13
C6 NAG OA . 1.02 -4.95 45.43
C7 NAG OA . 3.59 -4.52 39.28
C8 NAG OA . 3.96 -5.12 37.96
N2 NAG OA . 2.92 -5.31 40.11
O3 NAG OA . 4.74 -4.63 42.19
O4 NAG OA . 3.92 -5.15 44.87
O5 NAG OA . 0.72 -5.09 43.08
O6 NAG OA . -0.29 -5.47 45.60
O7 NAG OA . 3.88 -3.37 39.58
C1 NAG PA . -30.58 -52.58 -7.50
C2 NAG PA . -31.67 -53.36 -8.23
C3 NAG PA . -33.03 -53.07 -7.60
C4 NAG PA . -32.99 -53.28 -6.09
C5 NAG PA . -31.86 -52.43 -5.49
C6 NAG PA . -31.71 -52.62 -4.00
C7 NAG PA . -30.98 -53.75 -10.53
C8 NAG PA . -31.47 -55.14 -10.84
N2 NAG PA . -31.69 -53.06 -9.64
O3 NAG PA . -34.01 -53.91 -8.20
O4 NAG PA . -34.23 -52.86 -5.53
O5 NAG PA . -30.62 -52.82 -6.10
O6 NAG PA . -32.82 -52.08 -3.29
O7 NAG PA . -29.98 -53.29 -11.07
C1 NAG QA . -30.68 -45.59 22.42
C2 NAG QA . -30.30 -46.61 21.34
C3 NAG QA . -31.36 -47.70 21.30
C4 NAG QA . -31.44 -48.36 22.67
C5 NAG QA . -31.76 -47.30 23.72
C6 NAG QA . -31.76 -47.85 25.13
C7 NAG QA . -29.02 -45.89 19.37
C8 NAG QA . -29.08 -45.19 18.04
N2 NAG QA . -30.17 -45.97 20.04
O3 NAG QA . -31.02 -48.66 20.31
O4 NAG QA . -32.45 -49.36 22.67
O5 NAG QA . -30.77 -46.26 23.68
O6 NAG QA . -31.80 -46.80 26.09
O7 NAG QA . -27.97 -46.34 19.81
C1 NAG RA . -4.84 -35.93 21.99
C2 NAG RA . -3.65 -35.64 21.07
C3 NAG RA . -2.36 -36.17 21.69
C4 NAG RA . -2.20 -35.68 23.12
C5 NAG RA . -3.45 -36.04 23.92
C6 NAG RA . -3.41 -35.54 25.35
C7 NAG RA . -4.40 -35.53 18.74
C8 NAG RA . -4.94 -36.35 17.62
N2 NAG RA . -3.85 -36.20 19.75
O3 NAG RA . -1.26 -35.77 20.89
O4 NAG RA . -1.07 -36.29 23.71
O5 NAG RA . -4.60 -35.45 23.30
O6 NAG RA . -2.43 -36.23 26.11
O7 NAG RA . -4.45 -34.29 18.73
C1 NAG SA . -20.00 -16.51 32.47
C2 NAG SA . -21.48 -16.84 32.69
C3 NAG SA . -22.29 -15.55 32.86
C4 NAG SA . -21.64 -14.65 33.90
C5 NAG SA . -20.19 -14.39 33.51
C6 NAG SA . -19.45 -13.52 34.51
C7 NAG SA . -21.93 -18.95 31.53
C8 NAG SA . -22.69 -19.61 30.41
N2 NAG SA . -22.03 -17.63 31.60
O3 NAG SA . -23.62 -15.88 33.24
O4 NAG SA . -22.34 -13.40 33.93
O5 NAG SA . -19.50 -15.65 33.47
O6 NAG SA . -18.14 -13.20 34.03
O7 NAG SA . -21.27 -19.60 32.33
C1 NAG TA . -5.64 -52.71 -2.28
C2 NAG TA . -4.52 -52.71 -1.24
C3 NAG TA . -3.17 -52.93 -1.92
C4 NAG TA . -3.21 -54.13 -2.85
C5 NAG TA . -4.36 -53.97 -3.84
C6 NAG TA . -4.51 -55.13 -4.78
C7 NAG TA . -5.02 -51.38 0.76
C8 NAG TA . -4.70 -50.11 1.50
N2 NAG TA . -4.49 -51.49 -0.46
O3 NAG TA . -2.16 -53.10 -0.92
O4 NAG TA . -1.99 -54.23 -3.57
O5 NAG TA . -5.60 -53.84 -3.11
O6 NAG TA . -3.53 -55.08 -5.83
O7 NAG TA . -5.73 -52.25 1.24
C1 NAG UA . -14.54 -50.48 15.34
C2 NAG UA . -13.38 -50.95 14.46
C3 NAG UA . -13.79 -52.19 13.68
C4 NAG UA . -14.35 -53.26 14.61
C5 NAG UA . -15.50 -52.66 15.43
C6 NAG UA . -16.08 -53.63 16.43
C7 NAG UA . -12.06 -48.96 13.90
C8 NAG UA . -12.10 -47.69 13.10
N2 NAG UA . -12.93 -49.90 13.55
O3 NAG UA . -12.66 -52.69 12.97
O4 NAG UA . -14.85 -54.35 13.84
O5 NAG UA . -15.01 -51.53 16.18
O6 NAG UA . -16.67 -54.75 15.79
O7 NAG UA . -11.27 -49.12 14.83
C1 NAG VA . -22.80 -44.09 32.36
C2 NAG VA . -23.59 -45.38 32.11
C3 NAG VA . -24.87 -45.34 32.92
C4 NAG VA . -24.54 -45.18 34.38
C5 NAG VA . -23.72 -43.91 34.59
C6 NAG VA . -23.26 -43.72 36.01
C7 NAG VA . -23.19 -46.35 29.88
C8 NAG VA . -23.64 -46.40 28.45
N2 NAG VA . -23.89 -45.55 30.69
O3 NAG VA . -25.61 -46.54 32.70
O4 NAG VA . -25.73 -45.10 35.16
O5 NAG VA . -22.54 -43.96 33.77
O6 NAG VA . -22.35 -42.63 36.12
O7 NAG VA . -22.24 -47.01 30.28
C1 NAG WA . -32.80 -40.07 15.94
C2 NAG WA . -32.74 -39.89 14.41
C3 NAG WA . -34.01 -40.40 13.77
C4 NAG WA . -34.32 -41.81 14.22
C5 NAG WA . -34.36 -41.87 15.75
C6 NAG WA . -34.58 -43.26 16.28
C7 NAG WA . -31.62 -38.16 13.09
C8 NAG WA . -30.17 -38.29 13.44
N2 NAG WA . -32.48 -38.51 14.05
O3 NAG WA . -33.89 -40.33 12.35
O4 NAG WA . -35.59 -42.21 13.71
O5 NAG WA . -33.08 -41.42 16.26
O6 NAG WA . -34.51 -43.29 17.70
O7 NAG WA . -31.99 -37.75 12.00
C1 NAG XA . -17.85 11.39 31.16
C2 NAG XA . -18.12 10.93 32.58
C3 NAG XA . -19.23 9.90 32.57
C4 NAG XA . -20.48 10.52 31.94
C5 NAG XA . -20.15 10.98 30.54
C6 NAG XA . -21.30 11.69 29.86
C7 NAG XA . -16.18 11.04 34.09
C8 NAG XA . -14.97 10.31 34.61
N2 NAG XA . -16.92 10.37 33.19
O3 NAG XA . -19.51 9.47 33.90
O4 NAG XA . -21.52 9.55 31.88
O5 NAG XA . -19.06 11.93 30.59
O6 NAG XA . -21.00 12.01 28.51
O7 NAG XA . -16.46 12.18 34.45
C1 NAG YA . -11.67 24.75 34.90
C2 NAG YA . -11.43 26.18 34.44
C3 NAG YA . -12.67 27.02 34.73
C4 NAG YA . -13.88 26.40 34.03
C5 NAG YA . -14.05 24.96 34.51
C6 NAG YA . -15.17 24.23 33.82
C7 NAG YA . -9.47 27.66 34.50
C8 NAG YA . -8.31 28.15 35.31
N2 NAG YA . -10.26 26.76 35.09
O3 NAG YA . -12.47 28.35 34.26
O4 NAG YA . -15.05 27.14 34.33
O5 NAG YA . -12.84 24.22 34.25
O6 NAG YA . -15.38 22.94 34.38
O7 NAG YA . -9.67 28.06 33.35
C1 NAG ZA . -4.88 13.48 49.49
C2 NAG ZA . -5.77 12.24 49.59
C3 NAG ZA . -6.65 12.33 50.83
C4 NAG ZA . -5.83 12.63 52.07
C5 NAG ZA . -4.99 13.89 51.83
C6 NAG ZA . -4.09 14.22 52.99
C7 NAG ZA . -7.63 12.80 48.07
C8 NAG ZA . -8.93 12.06 47.94
N2 NAG ZA . -6.58 12.05 48.40
O3 NAG ZA . -7.37 11.11 50.99
O4 NAG ZA . -6.69 12.85 53.18
O5 NAG ZA . -4.15 13.68 50.68
O6 NAG ZA . -3.40 13.07 53.46
O7 NAG ZA . -7.55 14.00 47.89
C1 NAG AB . -15.81 -32.24 -40.69
C2 NAG AB . -14.76 -33.25 -41.14
C3 NAG AB . -15.38 -34.21 -42.15
C4 NAG AB . -16.58 -34.90 -41.52
C5 NAG AB . -17.58 -33.84 -41.07
C6 NAG AB . -18.77 -34.43 -40.34
C7 NAG AB . -12.40 -32.53 -41.20
C8 NAG AB . -11.36 -31.78 -41.98
N2 NAG AB . -13.62 -32.57 -41.74
O3 NAG AB . -14.41 -35.17 -42.55
O4 NAG AB . -17.20 -35.77 -42.45
O5 NAG AB . -16.94 -32.94 -40.15
O6 NAG AB . -19.55 -33.41 -39.72
O7 NAG AB . -12.14 -33.08 -40.13
C1 NAG BB . 23.78 -8.57 -43.24
C2 NAG BB . 25.17 -8.87 -43.77
C3 NAG BB . 25.91 -7.55 -44.03
C4 NAG BB . 25.12 -6.71 -45.00
C5 NAG BB . 23.72 -6.46 -44.43
C6 NAG BB . 22.82 -5.69 -45.36
C7 NAG BB . 26.08 -11.02 -42.97
C8 NAG BB . 26.87 -11.69 -41.89
N2 NAG BB . 25.91 -9.69 -42.83
O3 NAG BB . 27.20 -7.83 -44.56
O4 NAG BB . 25.76 -5.47 -45.23
O5 NAG BB . 23.08 -7.72 -44.18
O6 NAG BB . 21.59 -5.36 -44.74
O7 NAG BB . 25.60 -11.64 -43.91
C1 NAG CB . 41.19 8.80 -2.00
C2 NAG CB . 40.54 10.09 -1.55
C3 NAG CB . 41.41 11.26 -1.94
C4 NAG CB . 42.78 11.09 -1.29
C5 NAG CB . 43.38 9.76 -1.74
C6 NAG CB . 44.71 9.45 -1.08
C7 NAG CB . 38.18 10.79 -1.49
C8 NAG CB . 36.88 10.83 -2.25
N2 NAG CB . 39.20 10.22 -2.13
O3 NAG CB . 40.81 12.48 -1.49
O4 NAG CB . 43.64 12.15 -1.68
O5 NAG CB . 42.49 8.68 -1.39
O6 NAG CB . 45.17 8.16 -1.43
O7 NAG CB . 38.28 11.26 -0.36
C1 NAG DB . 4.04 -36.54 -49.03
C2 NAG DB . 3.62 -37.84 -49.74
C3 NAG DB . 4.46 -39.00 -49.23
C4 NAG DB . 5.95 -38.69 -49.31
C5 NAG DB . 6.23 -37.40 -48.55
C6 NAG DB . 7.67 -36.96 -48.63
C7 NAG DB . 1.28 -37.65 -50.41
C8 NAG DB . 1.23 -38.33 -51.74
N2 NAG DB . 2.21 -38.10 -49.56
O3 NAG DB . 4.14 -40.17 -50.00
O4 NAG DB . 6.68 -39.74 -48.70
O5 NAG DB . 5.44 -36.33 -49.14
O6 NAG DB . 8.51 -37.85 -47.90
O7 NAG DB . 0.52 -36.74 -50.11
C1 NAG EB . 32.53 -30.05 -39.52
C2 NAG EB . 31.51 -30.00 -40.65
C3 NAG EB . 31.79 -31.14 -41.62
C4 NAG EB . 33.21 -31.01 -42.15
C5 NAG EB . 34.18 -31.02 -40.97
C6 NAG EB . 35.62 -30.79 -41.38
C7 NAG EB . 29.27 -29.07 -40.26
C8 NAG EB . 27.91 -29.32 -39.68
N2 NAG EB . 30.15 -30.06 -40.15
O3 NAG EB . 30.86 -31.10 -42.70
O4 NAG EB . 33.51 -32.10 -43.01
O5 NAG EB . 33.85 -29.95 -40.06
O6 NAG EB . 36.45 -30.55 -40.26
O7 NAG EB . 29.55 -28.00 -40.80
C1 NAG FB . 26.25 -3.97 -33.06
C2 NAG FB . 25.10 -2.96 -33.00
C3 NAG FB . 25.52 -1.64 -33.63
C4 NAG FB . 26.84 -1.16 -33.02
C5 NAG FB . 27.89 -2.24 -33.18
C6 NAG FB . 29.22 -1.88 -32.55
C7 NAG FB . 22.94 -4.14 -33.00
C8 NAG FB . 22.04 -4.98 -33.84
N2 NAG FB . 23.90 -3.47 -33.64
O3 NAG FB . 24.49 -0.67 -33.43
O4 NAG FB . 27.27 0.01 -33.72
O5 NAG FB . 27.44 -3.44 -32.50
O6 NAG FB . 29.86 -0.84 -33.29
O7 NAG FB . 22.82 -4.07 -31.77
C1 NAG GB . 37.23 -14.76 -11.15
C2 NAG GB . 37.75 -16.19 -11.28
C3 NAG GB . 37.93 -16.81 -9.90
C4 NAG GB . 38.71 -15.89 -8.98
C5 NAG GB . 38.04 -14.52 -8.93
C6 NAG GB . 38.79 -13.52 -8.07
C7 NAG GB . 36.92 -17.07 -13.42
C8 NAG GB . 36.04 -18.09 -14.08
N2 NAG GB . 36.86 -17.01 -12.09
O3 NAG GB . 38.57 -18.07 -10.03
O4 NAG GB . 38.74 -16.44 -7.67
O5 NAG GB . 38.02 -13.98 -10.28
O6 NAG GB . 38.05 -12.31 -7.95
O7 NAG GB . 37.65 -16.33 -14.06
C1 NAG HB . 4.51 -11.21 -51.67
C2 NAG HB . 5.32 -9.90 -51.72
C3 NAG HB . 4.42 -8.75 -52.15
C4 NAG HB . 3.65 -9.10 -53.41
C5 NAG HB . 2.88 -10.40 -53.19
C6 NAG HB . 2.12 -10.84 -54.41
C7 NAG HB . 7.21 -9.87 -50.16
C8 NAG HB . 7.74 -9.29 -48.88
N2 NAG HB . 5.94 -9.61 -50.44
O3 NAG HB . 5.22 -7.59 -52.34
O4 NAG HB . 2.73 -8.06 -53.71
O5 NAG HB . 3.81 -11.44 -52.87
O6 NAG HB . 0.91 -10.09 -54.57
O7 NAG HB . 7.91 -10.56 -50.90
C1 NAG IB . 23.13 -16.19 -46.88
C2 NAG IB . 22.11 -15.29 -47.55
C3 NAG IB . 21.55 -15.95 -48.80
C4 NAG IB . 22.68 -16.43 -49.71
C5 NAG IB . 23.63 -17.33 -48.92
C6 NAG IB . 24.82 -17.79 -49.72
C7 NAG IB . 21.10 -13.91 -45.79
C8 NAG IB . 20.19 -13.98 -44.61
N2 NAG IB . 21.03 -14.92 -46.66
O3 NAG IB . 20.70 -15.05 -49.50
O4 NAG IB . 22.14 -17.18 -50.79
O5 NAG IB . 24.15 -16.59 -47.79
O6 NAG IB . 24.43 -18.61 -50.81
O7 NAG IB . 21.88 -12.97 -45.96
C1 NAG JB . 40.61 -20.27 -38.10
C2 NAG JB . 40.64 -21.20 -39.30
C3 NAG JB . 41.67 -22.29 -39.04
C4 NAG JB . 43.03 -21.67 -38.81
C5 NAG JB . 42.93 -20.70 -37.62
C6 NAG JB . 44.22 -19.94 -37.37
C7 NAG JB . 38.50 -21.35 -40.51
C8 NAG JB . 37.19 -22.08 -40.63
N2 NAG JB . 39.33 -21.79 -39.56
O3 NAG JB . 41.72 -23.17 -40.16
O4 NAG JB . 44.00 -22.67 -38.52
O5 NAG JB . 41.91 -19.71 -37.89
O6 NAG JB . 44.04 -18.94 -36.39
O7 NAG JB . 38.78 -20.40 -41.25
C1 NAG KB . 25.99 -32.84 -34.36
C2 NAG KB . 24.48 -33.07 -34.32
C3 NAG KB . 24.14 -34.49 -34.73
C4 NAG KB . 24.79 -34.84 -36.06
C5 NAG KB . 26.29 -34.57 -35.98
C6 NAG KB . 27.00 -34.83 -37.28
C7 NAG KB . 22.80 -32.07 -32.86
C8 NAG KB . 22.88 -30.59 -33.13
N2 NAG KB . 23.93 -32.76 -33.02
O3 NAG KB . 22.73 -34.64 -34.79
O4 NAG KB . 24.57 -36.22 -36.34
O5 NAG KB . 26.51 -33.20 -35.63
O6 NAG KB . 28.39 -34.49 -37.18
O7 NAG KB . 21.75 -32.60 -32.50
C1 NAG LB . 32.53 -10.13 16.09
C2 NAG LB . 34.02 -10.16 15.78
C3 NAG LB . 34.33 -11.35 14.89
C4 NAG LB . 33.88 -12.63 15.59
C5 NAG LB . 32.39 -12.53 15.90
C6 NAG LB . 31.87 -13.72 16.68
C7 NAG LB . 35.11 -7.96 15.79
C8 NAG LB . 35.48 -6.75 14.98
N2 NAG LB . 34.45 -8.93 15.14
O3 NAG LB . 35.72 -11.40 14.62
O4 NAG LB . 34.11 -13.76 14.76
O5 NAG LB . 32.14 -11.37 16.71
O6 NAG LB . 30.46 -13.66 16.84
O7 NAG LB . 35.40 -8.05 16.98
C1 NAG MB . 33.60 -2.04 28.89
C2 NAG MB . 32.94 -1.76 30.24
C3 NAG MB . 33.36 -2.82 31.24
C4 NAG MB . 32.97 -4.19 30.70
C5 NAG MB . 33.63 -4.41 29.34
C6 NAG MB . 33.24 -5.71 28.69
C7 NAG MB . 32.47 0.32 31.47
C8 NAG MB . 33.00 1.66 31.88
N2 NAG MB . 33.29 -0.43 30.73
O3 NAG MB . 32.72 -2.58 32.49
O4 NAG MB . 33.40 -5.20 31.61
O5 NAG MB . 33.22 -3.36 28.45
O6 NAG MB . 33.97 -5.94 27.49
O7 NAG MB . 31.35 -0.06 31.79
C1 NAG NB . 47.78 6.34 18.20
C2 NAG NB . 48.18 5.37 17.08
C3 NAG NB . 49.55 4.75 17.39
C4 NAG NB . 50.57 5.84 17.69
C5 NAG NB . 50.05 6.73 18.82
C6 NAG NB . 50.97 7.87 19.14
C7 NAG NB . 46.99 3.31 17.73
C8 NAG NB . 47.17 1.94 17.14
N2 NAG NB . 47.18 4.34 16.89
O3 NAG NB . 49.96 3.97 16.28
O4 NAG NB . 51.80 5.24 18.11
O5 NAG NB . 48.79 7.31 18.41
O6 NAG NB . 51.43 8.53 17.96
O7 NAG NB . 46.67 3.47 18.90
#